data_7MIT
#
_entry.id   7MIT
#
_cell.length_a   1.00
_cell.length_b   1.00
_cell.length_c   1.00
_cell.angle_alpha   90.00
_cell.angle_beta   90.00
_cell.angle_gamma   90.00
#
_symmetry.space_group_name_H-M   'P 1'
#
loop_
_entity.id
_entity.type
_entity.pdbx_description
1 polymer 'ATP-sensitive inward rectifier potassium channel 8'
2 polymer 'Isoform SUR2B of ATP-binding cassette sub-family C member 9'
3 branched 2-acetamido-2-deoxy-beta-D-glucopyranose-(1-4)-2-acetamido-2-deoxy-beta-D-glucopyranose
4 non-polymer 'POTASSIUM ION'
5 non-polymer "ADENOSINE-5'-TRIPHOSPHATE"
6 non-polymer '(2S)-3-(hexadecanoyloxy)-2-[(9Z)-octadec-9-enoyloxy]propyl 2-(trimethylammonio)ethyl phosphate'
7 non-polymer PHOSPHATIDYLETHANOLAMINE
8 non-polymer O-[(R)-{[(2R)-2,3-bis(octadecanoyloxy)propyl]oxy}(hydroxy)phosphoryl]-L-serine
9 non-polymer 5-chloro-N-(2-{4-[(cyclohexylcarbamoyl)sulfamoyl]phenyl}ethyl)-2-methoxybenzamide
#
loop_
_entity_poly.entity_id
_entity_poly.type
_entity_poly.pdbx_seq_one_letter_code
_entity_poly.pdbx_strand_id
1 'polypeptide(L)'
;MLARKSIIPEEYVLARIAAENLRKPRIRDRLPKARFIAKSGACNLAHKNIREQGRFLQDIFTTLVDLKWRHTLVIFTMSF
LCSWLLFAIMWWLVAFAHGDIYAYMEKGITEKSGLESAVCVTNVRSFTSAFLFSIEVQVTIGFGGRMMTEECPLAITVLI
LQNIVGLIINAVMLGCIFMKTAQAHRRAETLIFSRHAVIAVRNGKLCFMFRVGDLRKSMIISASVRIQVVKKTTTPEGEV
VPIHQQDIPVDNPIESNNIFLVAPLIICHVIDKRSPLYDISATDLVNQDLEVIVILEGVVETTGITTQARTSYIAEEIQW
GHRFVSIVTEEEGVYSVDYSKFGNTVRVAAPRCSARELDEKPSILIQTLQKSELSHQNSLRKRNSMRRNNSMRRSNSIRR
NNSSLMVPKVQFMTPEGNQCPSES
;
A,B,C,D
2 'polypeptide(L)'
;MSLSFCGNNISSYNIYHGVLQNPCFVDALNLVPHVFLLFITFPILFIGWGSQSSKVQIHHNTWLHFPGHNLRWILTFALL
FVHVCEIAEGIVSDSQRASRHLHLFMPAVMGFVATTTSIVYYHNIETSNFPKLLLALFLYWVMAFITKTIKLVKYWQLGW
GMSDLRFCITGVMVILNGLLMAVEINVIRVRRYVFFMNPQKVKPPEDLQDLGVRFLQPFVNLLSKATYWWMNTLIISAHR
KPIDLKAIGKLPIAMRAVTNYVCLKEAYEEQKKKAADHPNRTPSIWLAMYRAFGRPILLSSTFRYLADLLGFAGPLCISG
IVQRVNEPKNNTTRFSETLSSKEFLENAHVLAVLLFLALILQRTFLQASYYVTIETGINLRGALLAMIYNKILRLSTSNL
SMGEMTLGQINNLVAIETNQLMWFLFLCPNLWAMPVQIIMGVILLYNLLGSSALVGAAVIVLLAPIQYFIATKLAEAQKS
TLDYSTERLKKTNEILKGIKLLKLYAWEHIFCKSVEETRMKELSSLKTFALYTSLSIFMNAAIPIAAVLATFVTHAYASG
NNLKPAEAFASLSLFHILVTPLFLLSTVVRFAVKAIISVQKLNEFLLSDEIGEDSWRTGEGTLPFESCKKHTGVQSKPIN
RKQPGRYHLDNYEQARRLRPAETEDVAIKVTNGYFSWGSGLATLSNIDIRIPTGQLTMIVGQVGCGKSSLLLAILGEMQT
LEGKVYWNNVNESEPSFEATRSRSRYSVAYAAQKPWLLNATVEENITFGSSFNRQRYKAVTDACSLQPDIDLLPFGDQTE
IGERGINLSGGQRQRICVARALYQNTNIVFLDDPFSALDIHLSDHLMQEGILKFLQDDKRTVVLVTHKLQYLTHADWIIA
MKDGSVLREGTLKDIQTKDVELYEHWKTLMNRQDQELEKDMEADQTTLERKTLRRAMYSREAKAQMEDEDEEEEEEEDED
DNMSTVMRLRTKMPWKTCWWYLTSGGFFLLFLMIFSKLLKHSVIVAIDYWLATWTSEYSINDPGKADQTFYVAGFSILCG
AGIFLCLVTSLTVEWMGLTAAKNLHHNLLNKIILGPIRFFDTTPLGLILNRFSADTNIIDQHIPPTLESLTRSTLLCLSA
IGMISYATPVFLIALAPLGVAFYFIQKYFRVASKDLQELDDSTQLPLLCHFSETAEGLTTIRAFRHETRFKQRMLELTDT
NNIAYLFLSAANRWLEVRTDYLGACIVLTASIASISGSSNSGLVGLGLLYALTITNYLNWVVRNLADLEVQMGAVKKVNS
FLTMESENYEGTMDPSQVPEHWPQEGEIKIHDLCVRYENNLKPVLKHVKAYIKPGQKVGICGRTGSGKSSLSLAFFRMVD
IFDGKIVIDGIDISKLPLHTLRSRLSIILQDPILFSGSIRFNLDPECKCTDDRLWEALEIAQLKNMVKSLPGGLDATVTE
GGENFSVGQRQLFCLARAFVRKSSILIMDEATASIDMATENILQKVVMTAFADRTVVTIAHRVHTILTADLVIVMKRGNI
LEYDTPESLLAQEDGVFASFVRADM
;
E
#
loop_
_chem_comp.id
_chem_comp.type
_chem_comp.name
_chem_comp.formula
ATP non-polymer ADENOSINE-5'-TRIPHOSPHATE 'C10 H16 N5 O13 P3'
GBM non-polymer 5-chloro-N-(2-{4-[(cyclohexylcarbamoyl)sulfamoyl]phenyl}ethyl)-2-methoxybenzamide 'C23 H28 Cl N3 O5 S'
K non-polymer 'POTASSIUM ION' 'K 1'
NAG D-saccharide, beta linking 2-acetamido-2-deoxy-beta-D-glucopyranose 'C8 H15 N O6'
P5S non-polymer O-[(R)-{[(2R)-2,3-bis(octadecanoyloxy)propyl]oxy}(hydroxy)phosphoryl]-L-serine 'C42 H82 N O10 P'
POV non-polymer '(2S)-3-(hexadecanoyloxy)-2-[(9Z)-octadec-9-enoyloxy]propyl 2-(trimethylammonio)ethyl phosphate' 'C42 H82 N O8 P'
PTY non-polymer PHOSPHATIDYLETHANOLAMINE 'C40 H80 N O8 P'
#
# COMPACT_ATOMS: atom_id res chain seq x y z
N MET A 1 -13.55 -15.38 30.13
CA MET A 1 -12.60 -16.48 30.24
C MET A 1 -13.20 -17.79 29.74
N LEU A 2 -12.67 -18.31 28.62
CA LEU A 2 -13.07 -19.60 28.07
C LEU A 2 -14.56 -19.62 27.72
N ALA A 3 -14.89 -18.81 26.71
CA ALA A 3 -16.29 -18.53 26.38
C ALA A 3 -17.05 -19.79 26.00
N ARG A 4 -16.67 -20.43 24.89
CA ARG A 4 -17.43 -21.55 24.35
C ARG A 4 -16.61 -22.82 24.28
N LYS A 5 -15.91 -23.15 25.36
CA LYS A 5 -15.11 -24.38 25.38
C LYS A 5 -16.00 -25.60 25.11
N SER A 6 -17.15 -25.67 25.76
CA SER A 6 -18.11 -26.74 25.49
C SER A 6 -18.72 -26.54 24.10
N ILE A 7 -18.58 -27.54 23.23
CA ILE A 7 -18.76 -27.32 21.80
C ILE A 7 -19.74 -28.31 21.17
N ILE A 8 -20.65 -28.85 21.96
CA ILE A 8 -21.61 -29.84 21.46
C ILE A 8 -22.59 -29.28 20.43
N PRO A 9 -23.27 -28.13 20.68
CA PRO A 9 -24.44 -27.79 19.85
C PRO A 9 -24.14 -27.19 18.48
N GLU A 10 -23.90 -28.04 17.48
CA GLU A 10 -23.71 -27.60 16.11
C GLU A 10 -23.99 -28.78 15.19
N GLU A 11 -23.77 -28.56 13.89
CA GLU A 11 -23.99 -29.47 12.77
C GLU A 11 -25.47 -29.59 12.40
N TYR A 12 -26.37 -28.93 13.12
CA TYR A 12 -27.79 -28.95 12.77
C TYR A 12 -28.40 -27.55 12.73
N VAL A 13 -27.58 -26.51 12.73
CA VAL A 13 -28.09 -25.15 12.58
C VAL A 13 -28.65 -25.01 11.17
N LEU A 14 -29.97 -24.92 11.05
CA LEU A 14 -30.62 -24.98 9.76
C LEU A 14 -30.16 -23.84 8.86
N ALA A 15 -30.35 -24.03 7.56
CA ALA A 15 -29.92 -23.05 6.58
C ALA A 15 -30.72 -21.76 6.71
N ARG A 16 -30.03 -20.64 6.58
CA ARG A 16 -30.70 -19.34 6.63
C ARG A 16 -31.56 -19.16 5.39
N ILE A 17 -32.39 -18.11 5.42
CA ILE A 17 -33.26 -17.81 4.28
C ILE A 17 -32.43 -17.56 3.03
N ALA A 18 -31.37 -16.75 3.17
CA ALA A 18 -30.47 -16.49 2.06
C ALA A 18 -29.68 -17.73 1.65
N ALA A 19 -29.61 -18.73 2.52
CA ALA A 19 -28.88 -19.96 2.19
C ALA A 19 -29.73 -20.89 1.33
N GLU A 20 -30.87 -21.33 1.84
CA GLU A 20 -31.70 -22.28 1.10
C GLU A 20 -32.31 -21.64 -0.14
N ASN A 21 -32.89 -20.44 0.02
CA ASN A 21 -33.51 -19.77 -1.11
C ASN A 21 -32.51 -19.22 -2.11
N LEU A 22 -31.22 -19.23 -1.77
CA LEU A 22 -30.15 -18.76 -2.67
C LEU A 22 -30.31 -17.28 -3.01
N ARG A 23 -30.44 -16.46 -1.97
CA ARG A 23 -30.38 -15.01 -2.10
C ARG A 23 -29.00 -14.45 -1.78
N LYS A 24 -28.29 -15.06 -0.84
CA LYS A 24 -26.90 -14.69 -0.57
C LYS A 24 -25.97 -14.94 -1.75
N PRO A 25 -26.01 -16.07 -2.45
CA PRO A 25 -25.03 -16.31 -3.53
C PRO A 25 -25.05 -15.27 -4.64
N ARG A 26 -26.04 -14.38 -4.67
CA ARG A 26 -26.02 -13.28 -5.64
C ARG A 26 -25.01 -12.24 -5.19
N ILE A 27 -23.72 -12.53 -5.36
CA ILE A 27 -22.67 -11.70 -4.80
C ILE A 27 -22.67 -10.32 -5.45
N ARG A 28 -22.41 -10.26 -6.75
CA ARG A 28 -22.32 -9.01 -7.49
C ARG A 28 -21.35 -8.04 -6.81
N ASP A 29 -20.21 -8.58 -6.39
CA ASP A 29 -19.17 -7.81 -5.70
C ASP A 29 -17.84 -7.96 -6.42
N ARG A 30 -17.87 -7.84 -7.74
CA ARG A 30 -16.65 -7.96 -8.52
C ARG A 30 -15.71 -6.79 -8.24
N LEU A 31 -14.42 -7.10 -8.19
CA LEU A 31 -13.41 -6.05 -8.05
C LEU A 31 -13.36 -5.21 -9.32
N PRO A 32 -13.04 -3.92 -9.19
CA PRO A 32 -12.96 -3.07 -10.38
C PRO A 32 -11.82 -3.49 -11.29
N LYS A 33 -11.99 -3.20 -12.58
CA LYS A 33 -10.95 -3.51 -13.56
C LYS A 33 -9.67 -2.78 -13.19
N ALA A 34 -8.54 -3.49 -13.30
CA ALA A 34 -7.26 -2.92 -12.93
C ALA A 34 -6.80 -1.92 -13.98
N ARG A 35 -6.64 -0.67 -13.56
CA ARG A 35 -6.12 0.36 -14.44
C ARG A 35 -4.62 0.18 -14.65
N PHE A 36 -4.12 0.75 -15.74
CA PHE A 36 -2.68 0.79 -16.00
C PHE A 36 -2.06 2.12 -15.60
N ILE A 37 -2.74 3.23 -15.88
CA ILE A 37 -2.34 4.56 -15.44
C ILE A 37 -3.56 5.21 -14.82
N ALA A 38 -3.38 5.77 -13.62
CA ALA A 38 -4.51 6.29 -12.87
C ALA A 38 -5.07 7.54 -13.54
N LYS A 39 -6.26 7.95 -13.07
CA LYS A 39 -6.84 9.20 -13.58
C LYS A 39 -6.03 10.41 -13.14
N SER A 40 -5.33 10.30 -12.02
CA SER A 40 -4.51 11.39 -11.51
C SER A 40 -3.16 11.47 -12.19
N GLY A 41 -3.00 10.78 -13.32
CA GLY A 41 -1.75 10.81 -14.06
C GLY A 41 -0.58 10.21 -13.30
N ALA A 42 -0.81 9.12 -12.58
CA ALA A 42 0.25 8.43 -11.86
C ALA A 42 0.16 6.95 -12.19
N CYS A 43 1.22 6.40 -12.75
CA CYS A 43 1.24 4.98 -13.06
C CYS A 43 1.29 4.18 -11.78
N ASN A 44 0.45 3.13 -11.70
CA ASN A 44 0.32 2.33 -10.49
C ASN A 44 0.36 0.86 -10.86
N LEU A 45 1.57 0.31 -10.92
CA LEU A 45 1.79 -1.12 -11.04
C LEU A 45 2.48 -1.61 -9.78
N ALA A 46 2.87 -2.88 -9.77
CA ALA A 46 3.55 -3.46 -8.62
C ALA A 46 4.69 -4.33 -9.13
N HIS A 47 5.87 -3.74 -9.24
CA HIS A 47 7.05 -4.50 -9.63
C HIS A 47 7.56 -5.29 -8.43
N LYS A 48 7.85 -6.57 -8.63
CA LYS A 48 8.30 -7.40 -7.53
C LYS A 48 9.45 -8.30 -7.97
N ASN A 49 10.18 -8.80 -6.97
CA ASN A 49 11.36 -9.63 -7.17
C ASN A 49 12.47 -8.86 -7.89
N ILE A 50 12.58 -7.58 -7.57
CA ILE A 50 13.65 -6.74 -8.10
C ILE A 50 14.84 -6.87 -7.16
N ARG A 51 16.00 -7.27 -7.72
CA ARG A 51 17.19 -7.42 -6.90
C ARG A 51 17.56 -6.11 -6.24
N GLU A 52 17.46 -6.07 -4.91
CA GLU A 52 17.77 -4.86 -4.17
C GLU A 52 19.24 -4.51 -4.35
N GLN A 53 19.50 -3.30 -4.83
CA GLN A 53 20.87 -2.81 -5.02
C GLN A 53 21.42 -2.14 -3.77
N GLY A 54 20.89 -2.49 -2.60
CA GLY A 54 21.34 -1.90 -1.37
C GLY A 54 21.01 -0.41 -1.33
N ARG A 55 21.74 0.30 -0.46
CA ARG A 55 21.67 1.74 -0.38
C ARG A 55 23.07 2.30 -0.50
N PHE A 56 23.16 3.62 -0.63
CA PHE A 56 24.42 4.34 -0.64
C PHE A 56 24.33 5.51 0.32
N LEU A 57 25.44 5.84 0.97
CA LEU A 57 25.45 7.00 1.84
C LEU A 57 25.12 8.28 1.09
N GLN A 58 25.31 8.29 -0.23
CA GLN A 58 24.92 9.42 -1.05
C GLN A 58 23.42 9.66 -0.99
N ASP A 59 22.62 8.66 -0.65
CA ASP A 59 21.17 8.85 -0.63
C ASP A 59 20.75 9.77 0.50
N ILE A 60 21.44 9.71 1.65
CA ILE A 60 21.11 10.62 2.74
C ILE A 60 21.35 12.06 2.32
N PHE A 61 22.47 12.32 1.64
CA PHE A 61 22.75 13.67 1.15
C PHE A 61 21.75 14.09 0.10
N THR A 62 21.42 13.21 -0.83
CA THR A 62 20.45 13.51 -1.87
C THR A 62 19.11 13.89 -1.24
N THR A 63 18.73 13.21 -0.15
CA THR A 63 17.53 13.60 0.57
C THR A 63 17.70 14.95 1.25
N LEU A 64 18.87 15.18 1.85
CA LEU A 64 19.09 16.43 2.59
C LEU A 64 18.93 17.64 1.70
N VAL A 65 19.39 17.55 0.45
CA VAL A 65 19.31 18.72 -0.42
C VAL A 65 17.87 18.95 -0.89
N ASP A 66 17.06 17.90 -0.95
CA ASP A 66 15.68 18.00 -1.40
C ASP A 66 14.77 17.79 -0.21
N LEU A 67 14.39 18.88 0.44
CA LEU A 67 13.54 18.82 1.62
C LEU A 67 12.63 20.02 1.66
N LYS A 68 11.52 19.88 2.37
CA LYS A 68 10.61 21.00 2.55
C LYS A 68 11.29 22.10 3.36
N TRP A 69 10.87 23.34 3.10
CA TRP A 69 11.41 24.45 3.87
C TRP A 69 11.08 24.34 5.35
N ARG A 70 10.07 23.57 5.72
CA ARG A 70 9.79 23.37 7.13
C ARG A 70 10.65 22.28 7.74
N HIS A 71 11.49 21.62 6.96
CA HIS A 71 12.48 20.68 7.47
C HIS A 71 13.91 21.17 7.28
N THR A 72 14.15 22.00 6.28
CA THR A 72 15.48 22.58 6.11
C THR A 72 15.84 23.46 7.30
N LEU A 73 14.90 24.28 7.77
CA LEU A 73 15.18 25.11 8.93
C LEU A 73 15.45 24.26 10.17
N VAL A 74 14.69 23.18 10.34
CA VAL A 74 14.87 22.34 11.52
C VAL A 74 16.23 21.66 11.49
N ILE A 75 16.62 21.10 10.34
CA ILE A 75 17.92 20.42 10.30
C ILE A 75 19.05 21.43 10.43
N PHE A 76 18.91 22.61 9.81
CA PHE A 76 19.83 23.72 10.03
C PHE A 76 20.10 23.95 11.52
N THR A 77 19.02 24.27 12.24
CA THR A 77 19.13 24.61 13.65
C THR A 77 19.68 23.45 14.47
N MET A 78 19.20 22.22 14.20
CA MET A 78 19.66 21.08 14.97
C MET A 78 21.14 20.83 14.75
N SER A 79 21.62 20.94 13.51
CA SER A 79 23.03 20.72 13.26
C SER A 79 23.89 21.72 14.02
N PHE A 80 23.52 23.00 13.97
CA PHE A 80 24.35 23.97 14.66
C PHE A 80 24.31 23.79 16.17
N LEU A 81 23.12 23.52 16.72
CA LEU A 81 23.00 23.34 18.17
C LEU A 81 23.79 22.12 18.63
N CYS A 82 23.70 21.01 17.89
CA CYS A 82 24.43 19.81 18.26
C CYS A 82 25.93 20.04 18.18
N SER A 83 26.41 20.78 17.19
CA SER A 83 27.84 21.02 17.10
C SER A 83 28.34 21.84 18.28
N TRP A 84 27.63 22.93 18.60
CA TRP A 84 28.02 23.73 19.76
C TRP A 84 28.05 22.88 21.02
N LEU A 85 27.06 21.99 21.19
CA LEU A 85 27.00 21.18 22.40
C LEU A 85 28.14 20.17 22.47
N LEU A 86 28.40 19.47 21.36
CA LEU A 86 29.47 18.48 21.36
C LEU A 86 30.81 19.12 21.71
N PHE A 87 31.12 20.24 21.06
CA PHE A 87 32.41 20.83 21.38
C PHE A 87 32.41 21.52 22.73
N ALA A 88 31.26 21.92 23.24
CA ALA A 88 31.20 22.39 24.63
C ALA A 88 31.58 21.29 25.59
N ILE A 89 31.09 20.07 25.35
CA ILE A 89 31.45 18.95 26.21
C ILE A 89 32.94 18.68 26.12
N MET A 90 33.51 18.76 24.92
CA MET A 90 34.94 18.57 24.79
C MET A 90 35.73 19.63 25.56
N TRP A 91 35.31 20.89 25.48
CA TRP A 91 36.04 21.94 26.20
C TRP A 91 35.91 21.79 27.70
N TRP A 92 34.72 21.40 28.17
CA TRP A 92 34.56 21.19 29.60
C TRP A 92 35.41 20.04 30.10
N LEU A 93 35.51 18.96 29.32
CA LEU A 93 36.37 17.85 29.71
C LEU A 93 37.84 18.27 29.73
N VAL A 94 38.27 19.06 28.75
CA VAL A 94 39.65 19.53 28.75
C VAL A 94 39.93 20.35 30.00
N ALA A 95 39.00 21.24 30.34
CA ALA A 95 39.17 22.08 31.53
C ALA A 95 39.22 21.23 32.79
N PHE A 96 38.35 20.23 32.89
CA PHE A 96 38.37 19.33 34.05
C PHE A 96 39.71 18.63 34.14
N ALA A 97 40.14 17.99 33.06
CA ALA A 97 41.31 17.13 33.10
C ALA A 97 42.58 17.90 33.37
N HIS A 98 42.70 19.11 32.81
CA HIS A 98 43.94 19.85 33.02
C HIS A 98 44.09 20.37 34.44
N GLY A 99 43.02 20.38 35.23
CA GLY A 99 43.09 21.01 36.53
C GLY A 99 42.78 22.48 36.54
N ASP A 100 42.01 22.96 35.57
CA ASP A 100 41.64 24.36 35.49
C ASP A 100 40.37 24.66 36.30
N ILE A 101 39.41 23.74 36.31
CA ILE A 101 38.21 23.93 37.13
C ILE A 101 38.61 24.06 38.60
N TYR A 102 39.43 23.14 39.08
CA TYR A 102 39.87 23.17 40.46
C TYR A 102 40.68 24.42 40.75
N ALA A 103 41.56 24.81 39.83
CA ALA A 103 42.38 25.99 40.05
C ALA A 103 41.52 27.23 40.18
N TYR A 104 40.56 27.40 39.29
CA TYR A 104 39.69 28.58 39.36
C TYR A 104 38.87 28.57 40.63
N MET A 105 38.38 27.41 41.05
CA MET A 105 37.59 27.36 42.28
C MET A 105 38.44 27.75 43.48
N GLU A 106 39.67 27.24 43.57
CA GLU A 106 40.51 27.52 44.73
C GLU A 106 40.98 28.97 44.75
N LYS A 107 41.29 29.52 43.57
CA LYS A 107 41.74 30.91 43.49
C LYS A 107 40.59 31.90 43.35
N GLY A 108 39.35 31.43 43.34
CA GLY A 108 38.22 32.33 43.45
C GLY A 108 37.56 32.25 44.81
N ILE A 109 37.88 31.19 45.56
CA ILE A 109 37.49 31.16 46.97
C ILE A 109 38.13 32.33 47.70
N THR A 110 39.43 32.46 47.56
CA THR A 110 40.15 33.69 47.90
C THR A 110 40.49 34.36 46.57
N GLU A 111 39.51 35.09 46.04
CA GLU A 111 39.62 35.64 44.69
C GLU A 111 40.74 36.66 44.56
N LYS A 112 41.30 37.14 45.68
CA LYS A 112 42.42 38.07 45.62
C LYS A 112 43.66 37.45 45.02
N SER A 113 43.72 36.11 44.91
CA SER A 113 44.86 35.47 44.28
C SER A 113 44.98 35.87 42.81
N GLY A 114 43.89 35.71 42.06
CA GLY A 114 43.84 36.16 40.68
C GLY A 114 44.91 35.60 39.77
N LEU A 115 45.19 34.30 39.86
CA LEU A 115 46.25 33.66 39.10
C LEU A 115 45.66 32.82 37.99
N GLU A 116 46.05 33.11 36.75
CA GLU A 116 45.62 32.35 35.57
C GLU A 116 46.79 32.15 34.62
N SER A 117 47.96 31.82 35.16
CA SER A 117 49.16 31.67 34.35
C SER A 117 49.17 30.34 33.59
N ALA A 118 48.65 29.28 34.19
CA ALA A 118 48.74 27.94 33.61
C ALA A 118 47.34 27.34 33.50
N VAL A 119 46.67 27.61 32.37
CA VAL A 119 45.34 27.08 32.11
C VAL A 119 45.21 26.83 30.62
N CYS A 120 44.53 25.74 30.26
CA CYS A 120 44.37 25.42 28.84
C CYS A 120 43.62 26.52 28.13
N VAL A 121 42.54 27.02 28.72
CA VAL A 121 41.72 28.09 28.17
C VAL A 121 41.32 29.00 29.32
N THR A 122 41.61 30.29 29.19
CA THR A 122 41.43 31.18 30.32
C THR A 122 39.95 31.39 30.63
N ASN A 123 39.65 31.58 31.91
CA ASN A 123 38.34 31.99 32.39
C ASN A 123 37.25 30.99 32.07
N VAL A 124 37.58 29.75 31.74
CA VAL A 124 36.61 28.67 31.65
C VAL A 124 36.66 27.91 32.96
N ARG A 125 35.55 27.93 33.70
CA ARG A 125 35.51 27.38 35.04
C ARG A 125 34.32 26.48 35.31
N SER A 126 33.31 26.45 34.45
CA SER A 126 32.17 25.59 34.61
C SER A 126 31.80 25.04 33.24
N PHE A 127 30.62 24.45 33.13
CA PHE A 127 30.16 24.00 31.83
C PHE A 127 29.45 25.08 31.05
N THR A 128 28.82 26.04 31.75
CA THR A 128 28.27 27.19 31.06
C THR A 128 29.36 27.92 30.29
N SER A 129 30.51 28.12 30.92
CA SER A 129 31.62 28.80 30.26
C SER A 129 32.12 28.01 29.06
N ALA A 130 32.18 26.69 29.19
CA ALA A 130 32.59 25.86 28.05
C ALA A 130 31.61 26.00 26.91
N PHE A 131 30.31 26.05 27.21
CA PHE A 131 29.32 26.22 26.16
C PHE A 131 29.47 27.56 25.48
N LEU A 132 29.70 28.62 26.25
CA LEU A 132 29.85 29.94 25.64
C LEU A 132 31.12 30.02 24.80
N PHE A 133 32.20 29.39 25.26
CA PHE A 133 33.43 29.36 24.47
C PHE A 133 33.24 28.59 23.17
N SER A 134 32.53 27.46 23.21
CA SER A 134 32.31 26.74 21.97
C SER A 134 31.41 27.53 21.02
N ILE A 135 30.46 28.29 21.55
CA ILE A 135 29.67 29.16 20.69
C ILE A 135 30.55 30.22 20.04
N GLU A 136 31.46 30.80 20.80
CA GLU A 136 32.31 31.86 20.25
C GLU A 136 33.38 31.33 19.32
N VAL A 137 33.69 30.05 19.36
CA VAL A 137 34.65 29.52 18.41
C VAL A 137 33.97 28.97 17.16
N GLN A 138 32.79 28.39 17.27
CA GLN A 138 32.13 27.85 16.09
C GLN A 138 31.54 28.95 15.23
N VAL A 139 30.92 29.96 15.86
CA VAL A 139 30.33 31.08 15.12
C VAL A 139 31.35 32.18 14.84
N THR A 140 32.57 32.05 15.39
CA THR A 140 33.66 33.00 15.17
C THR A 140 33.29 34.40 15.64
N ILE A 141 32.55 34.49 16.74
CA ILE A 141 32.39 35.77 17.42
C ILE A 141 33.70 36.16 18.08
N GLY A 142 34.14 35.36 19.05
CA GLY A 142 35.41 35.62 19.70
C GLY A 142 35.38 36.87 20.53
N PHE A 143 34.60 36.88 21.62
CA PHE A 143 34.61 38.05 22.49
C PHE A 143 35.98 38.28 23.06
N GLY A 144 36.66 37.23 23.48
CA GLY A 144 38.00 37.36 24.02
C GLY A 144 38.08 37.40 25.53
N GLY A 145 36.99 37.14 26.23
CA GLY A 145 37.08 36.95 27.66
C GLY A 145 37.48 35.55 28.06
N ARG A 146 37.50 34.63 27.11
CA ARG A 146 37.93 33.25 27.32
C ARG A 146 38.86 32.93 26.15
N MET A 147 40.15 33.21 26.34
CA MET A 147 41.14 33.07 25.29
C MET A 147 41.59 31.62 25.16
N MET A 148 42.32 31.36 24.10
CA MET A 148 43.05 30.12 23.92
C MET A 148 44.52 30.41 24.16
N THR A 149 45.07 29.88 25.25
CA THR A 149 46.47 30.12 25.55
C THR A 149 47.35 29.12 24.80
N GLU A 150 48.66 29.32 24.91
CA GLU A 150 49.65 28.45 24.29
C GLU A 150 50.18 27.41 25.26
N GLU A 151 49.34 26.92 26.16
CA GLU A 151 49.79 26.09 27.27
C GLU A 151 49.67 24.60 27.00
N CYS A 152 48.51 24.12 26.58
CA CYS A 152 48.31 22.69 26.45
C CYS A 152 47.91 22.35 25.02
N PRO A 153 48.62 21.43 24.35
CA PRO A 153 48.37 21.19 22.91
C PRO A 153 47.11 20.39 22.61
N LEU A 154 46.54 19.69 23.58
CA LEU A 154 45.26 19.04 23.35
C LEU A 154 44.19 20.08 23.05
N ALA A 155 44.23 21.22 23.74
CA ALA A 155 43.30 22.29 23.44
C ALA A 155 43.46 22.77 22.01
N ILE A 156 44.70 22.90 21.55
CA ILE A 156 44.92 23.37 20.18
C ILE A 156 44.39 22.36 19.17
N THR A 157 44.55 21.07 19.47
CA THR A 157 43.97 20.05 18.61
C THR A 157 42.46 20.19 18.52
N VAL A 158 41.80 20.38 19.67
CA VAL A 158 40.35 20.52 19.65
C VAL A 158 39.94 21.79 18.90
N LEU A 159 40.71 22.87 19.04
CA LEU A 159 40.41 24.09 18.32
C LEU A 159 40.48 23.90 16.82
N ILE A 160 41.51 23.20 16.36
CA ILE A 160 41.63 22.93 14.92
C ILE A 160 40.45 22.10 14.44
N LEU A 161 40.11 21.06 15.20
CA LEU A 161 38.96 20.24 14.85
C LEU A 161 37.70 21.08 14.75
N GLN A 162 37.51 22.00 15.69
CA GLN A 162 36.27 22.77 15.74
C GLN A 162 36.19 23.75 14.59
N ASN A 163 37.30 24.41 14.25
CA ASN A 163 37.28 25.31 13.12
C ASN A 163 36.94 24.57 11.83
N ILE A 164 37.54 23.40 11.64
CA ILE A 164 37.29 22.68 10.38
C ILE A 164 35.87 22.16 10.33
N VAL A 165 35.36 21.64 11.44
CA VAL A 165 34.00 21.10 11.42
C VAL A 165 32.99 22.23 11.25
N GLY A 166 33.23 23.38 11.88
CA GLY A 166 32.35 24.51 11.67
C GLY A 166 32.33 24.97 10.23
N LEU A 167 33.51 25.00 9.59
CA LEU A 167 33.56 25.37 8.18
C LEU A 167 32.80 24.37 7.32
N ILE A 168 32.97 23.08 7.60
CA ILE A 168 32.27 22.05 6.82
C ILE A 168 30.77 22.23 6.93
N ILE A 169 30.27 22.38 8.15
CA ILE A 169 28.83 22.51 8.36
C ILE A 169 28.30 23.78 7.71
N ASN A 170 29.02 24.89 7.87
CA ASN A 170 28.56 26.14 7.30
C ASN A 170 28.48 26.04 5.78
N ALA A 171 29.51 25.45 5.15
CA ALA A 171 29.51 25.31 3.70
C ALA A 171 28.36 24.45 3.23
N VAL A 172 28.11 23.33 3.92
CA VAL A 172 27.05 22.43 3.50
C VAL A 172 25.69 23.11 3.62
N MET A 173 25.45 23.84 4.72
CA MET A 173 24.14 24.45 4.91
C MET A 173 23.91 25.59 3.93
N LEU A 174 24.93 26.40 3.66
CA LEU A 174 24.79 27.41 2.62
C LEU A 174 24.51 26.77 1.27
N GLY A 175 25.18 25.66 0.96
CA GLY A 175 24.89 24.98 -0.29
C GLY A 175 23.45 24.53 -0.39
N CYS A 176 22.91 23.97 0.69
CA CYS A 176 21.53 23.53 0.69
C CYS A 176 20.58 24.72 0.48
N ILE A 177 20.82 25.81 1.20
CA ILE A 177 19.94 26.97 1.10
C ILE A 177 20.01 27.55 -0.31
N PHE A 178 21.21 27.64 -0.88
CA PHE A 178 21.36 28.18 -2.23
C PHE A 178 20.66 27.31 -3.24
N MET A 179 20.78 25.98 -3.09
CA MET A 179 20.09 25.09 -4.02
C MET A 179 18.58 25.29 -3.94
N LYS A 180 18.05 25.40 -2.73
CA LYS A 180 16.62 25.65 -2.58
C LYS A 180 16.22 27.03 -3.09
N THR A 181 17.15 27.98 -3.12
CA THR A 181 16.85 29.29 -3.69
C THR A 181 16.88 29.26 -5.21
N ALA A 182 17.75 28.45 -5.80
CA ALA A 182 17.80 28.36 -7.26
C ALA A 182 16.55 27.71 -7.83
N GLN A 183 16.01 26.71 -7.11
CA GLN A 183 14.77 26.06 -7.52
C GLN A 183 13.60 26.74 -6.81
N ALA A 184 13.29 27.95 -7.27
CA ALA A 184 12.25 28.76 -6.67
C ALA A 184 10.98 28.84 -7.49
N HIS A 185 11.03 28.57 -8.79
CA HIS A 185 9.85 28.55 -9.62
C HIS A 185 9.38 27.14 -9.93
N ARG A 186 10.00 26.14 -9.30
CA ARG A 186 9.88 24.74 -9.72
C ARG A 186 8.69 24.03 -9.09
N ARG A 187 7.64 24.77 -8.73
CA ARG A 187 6.63 24.27 -7.81
C ARG A 187 5.89 23.02 -8.28
N ALA A 188 5.08 23.12 -9.33
CA ALA A 188 4.12 22.04 -9.60
C ALA A 188 3.75 22.05 -11.08
N GLU A 189 2.76 21.22 -11.42
CA GLU A 189 2.25 21.08 -12.77
C GLU A 189 0.80 21.50 -12.82
N THR A 190 0.42 22.26 -13.85
CA THR A 190 -0.89 22.87 -13.94
C THR A 190 -1.53 22.64 -15.30
N LEU A 191 -1.46 21.42 -15.81
CA LEU A 191 -2.12 21.08 -17.07
C LEU A 191 -3.44 20.39 -16.77
N ILE A 192 -4.51 20.94 -17.32
CA ILE A 192 -5.88 20.56 -16.99
C ILE A 192 -6.41 19.64 -18.08
N PHE A 193 -6.92 18.48 -17.67
CA PHE A 193 -7.42 17.46 -18.58
C PHE A 193 -8.93 17.34 -18.44
N SER A 194 -9.63 17.30 -19.56
CA SER A 194 -11.05 17.00 -19.54
C SER A 194 -11.29 15.64 -18.89
N ARG A 195 -12.50 15.46 -18.38
CA ARG A 195 -12.85 14.28 -17.60
C ARG A 195 -13.45 13.19 -18.48
N HIS A 196 -14.30 13.55 -19.41
CA HIS A 196 -14.93 12.61 -20.32
C HIS A 196 -14.50 12.92 -21.75
N ALA A 197 -14.21 11.87 -22.52
CA ALA A 197 -13.76 11.99 -23.89
C ALA A 197 -14.86 11.54 -24.82
N VAL A 198 -15.36 12.44 -25.65
CA VAL A 198 -16.49 12.13 -26.52
C VAL A 198 -16.00 11.40 -27.75
N ILE A 199 -16.92 10.79 -28.50
CA ILE A 199 -16.63 10.19 -29.79
C ILE A 199 -17.66 10.74 -30.78
N ALA A 200 -17.34 11.89 -31.37
CA ALA A 200 -18.30 12.64 -32.16
C ALA A 200 -18.20 12.24 -33.63
N VAL A 201 -18.81 13.05 -34.50
CA VAL A 201 -18.65 12.93 -35.93
C VAL A 201 -18.22 14.29 -36.47
N ARG A 202 -17.20 14.29 -37.33
CA ARG A 202 -16.63 15.54 -37.85
C ARG A 202 -16.21 15.32 -39.29
N ASN A 203 -16.84 16.06 -40.21
CA ASN A 203 -16.57 15.96 -41.64
C ASN A 203 -16.88 14.58 -42.18
N GLY A 204 -17.89 13.92 -41.63
CA GLY A 204 -18.34 12.64 -42.12
C GLY A 204 -17.63 11.43 -41.54
N LYS A 205 -16.60 11.64 -40.72
CA LYS A 205 -15.92 10.56 -40.05
C LYS A 205 -16.00 10.75 -38.55
N LEU A 206 -15.90 9.65 -37.82
CA LEU A 206 -15.92 9.73 -36.37
C LEU A 206 -14.62 10.33 -35.87
N CYS A 207 -14.49 10.40 -34.56
CA CYS A 207 -13.30 10.97 -33.93
C CYS A 207 -13.15 10.37 -32.54
N PHE A 208 -12.18 10.86 -31.79
CA PHE A 208 -12.05 10.58 -30.38
C PHE A 208 -11.41 11.82 -29.78
N MET A 209 -12.22 12.73 -29.28
CA MET A 209 -11.76 14.05 -28.91
C MET A 209 -11.78 14.20 -27.40
N PHE A 210 -10.75 14.87 -26.88
CA PHE A 210 -10.77 15.30 -25.49
C PHE A 210 -10.29 16.73 -25.45
N ARG A 211 -10.25 17.33 -24.27
CA ARG A 211 -9.89 18.73 -24.13
C ARG A 211 -8.71 18.85 -23.20
N VAL A 212 -7.78 19.74 -23.54
CA VAL A 212 -6.60 19.96 -22.71
C VAL A 212 -6.35 21.46 -22.62
N GLY A 213 -5.92 21.93 -21.44
CA GLY A 213 -5.70 23.33 -21.23
C GLY A 213 -4.63 23.59 -20.19
N ASP A 214 -4.32 24.87 -19.99
CA ASP A 214 -3.26 25.30 -19.09
C ASP A 214 -3.83 26.09 -17.92
N LEU A 215 -3.03 26.19 -16.87
CA LEU A 215 -3.31 27.13 -15.80
C LEU A 215 -2.15 28.08 -15.51
N ARG A 216 -0.92 27.58 -15.58
CA ARG A 216 0.23 28.44 -15.36
C ARG A 216 0.31 29.53 -16.43
N LYS A 217 0.76 30.71 -16.03
CA LYS A 217 0.91 31.80 -16.99
C LYS A 217 2.09 31.56 -17.91
N SER A 218 3.11 30.83 -17.44
CA SER A 218 4.28 30.57 -18.26
C SER A 218 3.94 29.70 -19.44
N MET A 219 4.45 30.06 -20.61
CA MET A 219 4.21 29.30 -21.82
C MET A 219 4.93 27.96 -21.76
N ILE A 220 4.57 27.07 -22.68
CA ILE A 220 5.20 25.77 -22.82
C ILE A 220 5.78 25.69 -24.22
N ILE A 221 7.07 25.41 -24.31
CA ILE A 221 7.82 25.49 -25.55
C ILE A 221 7.94 24.11 -26.16
N SER A 222 7.59 23.98 -27.44
CA SER A 222 7.60 22.72 -28.15
C SER A 222 6.80 21.65 -27.41
N ALA A 223 5.50 21.90 -27.32
CA ALA A 223 4.60 20.92 -26.73
C ALA A 223 4.42 19.74 -27.68
N SER A 224 4.21 18.55 -27.09
CA SER A 224 4.11 17.33 -27.85
C SER A 224 3.01 16.47 -27.27
N VAL A 225 2.29 15.78 -28.15
CA VAL A 225 1.11 14.99 -27.81
C VAL A 225 1.33 13.55 -28.24
N ARG A 226 1.17 12.61 -27.32
CA ARG A 226 1.21 11.19 -27.64
C ARG A 226 -0.03 10.52 -27.06
N ILE A 227 -0.63 9.62 -27.84
CA ILE A 227 -1.84 8.91 -27.43
C ILE A 227 -1.63 7.43 -27.69
N GLN A 228 -1.96 6.59 -26.71
CA GLN A 228 -1.75 5.16 -26.83
C GLN A 228 -2.98 4.40 -26.36
N VAL A 229 -3.11 3.18 -26.87
CA VAL A 229 -4.18 2.27 -26.47
C VAL A 229 -3.54 1.07 -25.79
N VAL A 230 -4.03 0.73 -24.62
CA VAL A 230 -3.50 -0.39 -23.84
C VAL A 230 -4.52 -1.52 -23.88
N LYS A 231 -4.12 -2.66 -24.42
CA LYS A 231 -4.99 -3.82 -24.41
C LYS A 231 -4.13 -5.07 -24.58
N LYS A 232 -4.70 -6.21 -24.21
CA LYS A 232 -4.02 -7.49 -24.43
C LYS A 232 -4.30 -7.96 -25.84
N THR A 233 -3.24 -8.26 -26.59
CA THR A 233 -3.37 -8.65 -27.98
C THR A 233 -2.60 -9.95 -28.22
N THR A 234 -3.03 -10.69 -29.23
CA THR A 234 -2.44 -11.97 -29.59
C THR A 234 -2.06 -11.96 -31.05
N THR A 235 -0.83 -12.36 -31.35
CA THR A 235 -0.41 -12.53 -32.72
C THR A 235 -1.07 -13.78 -33.31
N PRO A 236 -1.21 -13.85 -34.63
CA PRO A 236 -1.76 -15.07 -35.23
C PRO A 236 -1.01 -16.33 -34.84
N GLU A 237 0.30 -16.24 -34.63
CA GLU A 237 1.06 -17.37 -34.11
C GLU A 237 0.74 -17.65 -32.64
N GLY A 238 0.00 -16.76 -31.97
CA GLY A 238 -0.42 -17.03 -30.61
C GLY A 238 0.59 -16.77 -29.52
N GLU A 239 0.98 -15.50 -29.35
CA GLU A 239 1.72 -15.04 -28.18
C GLU A 239 0.94 -13.91 -27.54
N VAL A 240 0.60 -14.08 -26.27
CA VAL A 240 -0.26 -13.15 -25.56
C VAL A 240 0.59 -12.24 -24.70
N VAL A 241 0.55 -10.94 -24.99
CA VAL A 241 1.19 -9.92 -24.18
C VAL A 241 0.11 -9.27 -23.31
N PRO A 242 0.22 -9.33 -21.99
CA PRO A 242 -0.89 -8.87 -21.14
C PRO A 242 -1.25 -7.42 -21.32
N ILE A 243 -0.26 -6.55 -21.52
CA ILE A 243 -0.47 -5.12 -21.66
C ILE A 243 0.34 -4.68 -22.87
N HIS A 244 -0.31 -4.61 -24.02
CA HIS A 244 0.33 -4.06 -25.22
C HIS A 244 -0.11 -2.63 -25.40
N GLN A 245 0.87 -1.75 -25.62
CA GLN A 245 0.65 -0.34 -25.87
C GLN A 245 0.82 -0.10 -27.36
N GLN A 246 -0.24 0.38 -28.01
CA GLN A 246 -0.19 0.67 -29.43
C GLN A 246 -0.43 2.15 -29.65
N ASP A 247 0.41 2.77 -30.47
CA ASP A 247 0.35 4.20 -30.71
C ASP A 247 -0.67 4.53 -31.80
N ILE A 248 -1.49 5.54 -31.54
CA ILE A 248 -2.54 5.97 -32.45
C ILE A 248 -2.20 7.38 -32.91
N PRO A 249 -2.18 7.66 -34.21
CA PRO A 249 -1.82 8.99 -34.68
C PRO A 249 -2.82 10.04 -34.20
N VAL A 250 -2.37 11.28 -34.21
CA VAL A 250 -3.20 12.43 -33.85
C VAL A 250 -3.48 13.25 -35.09
N ASP A 251 -4.72 13.70 -35.23
CA ASP A 251 -5.11 14.49 -36.39
C ASP A 251 -4.40 15.83 -36.37
N ASN A 252 -3.82 16.21 -37.50
CA ASN A 252 -3.08 17.44 -37.66
C ASN A 252 -2.84 17.67 -39.15
N PRO A 253 -3.06 18.88 -39.66
CA PRO A 253 -2.97 19.07 -41.12
C PRO A 253 -1.60 18.80 -41.71
N ILE A 254 -0.53 18.85 -40.92
CA ILE A 254 0.81 18.59 -41.42
C ILE A 254 1.45 17.38 -40.73
N GLU A 255 0.64 16.53 -40.13
CA GLU A 255 1.10 15.27 -39.56
C GLU A 255 2.23 15.48 -38.56
N SER A 256 1.91 16.16 -37.47
CA SER A 256 2.90 16.45 -36.44
C SER A 256 2.23 16.42 -35.08
N ASN A 257 3.05 16.35 -34.04
CA ASN A 257 2.58 16.30 -32.66
C ASN A 257 2.73 17.63 -31.94
N ASN A 258 3.07 18.69 -32.65
CA ASN A 258 3.34 19.97 -32.01
C ASN A 258 2.03 20.72 -31.80
N ILE A 259 1.70 20.99 -30.55
CA ILE A 259 0.51 21.74 -30.16
C ILE A 259 0.96 23.07 -29.59
N PHE A 260 0.25 24.14 -29.96
CA PHE A 260 0.50 25.47 -29.42
C PHE A 260 -0.63 25.79 -28.47
N LEU A 261 -0.35 25.79 -27.17
CA LEU A 261 -1.37 25.76 -26.14
C LEU A 261 -1.36 27.07 -25.37
N VAL A 262 -2.25 27.99 -25.74
CA VAL A 262 -2.54 29.16 -24.93
C VAL A 262 -4.00 29.08 -24.48
N ALA A 263 -4.92 29.09 -25.43
CA ALA A 263 -6.30 28.79 -25.14
C ALA A 263 -6.51 27.27 -25.15
N PRO A 264 -7.52 26.77 -24.44
CA PRO A 264 -7.73 25.32 -24.40
C PRO A 264 -7.99 24.77 -25.79
N LEU A 265 -7.56 23.53 -26.00
CA LEU A 265 -7.64 22.90 -27.31
C LEU A 265 -8.35 21.57 -27.22
N ILE A 266 -8.89 21.15 -28.35
CA ILE A 266 -9.55 19.86 -28.50
C ILE A 266 -8.60 18.99 -29.29
N ILE A 267 -8.32 17.80 -28.78
CA ILE A 267 -7.39 16.86 -29.38
C ILE A 267 -8.21 15.71 -29.94
N CYS A 268 -8.23 15.59 -31.25
CA CYS A 268 -9.01 14.55 -31.92
C CYS A 268 -8.10 13.54 -32.61
N HIS A 269 -8.52 12.27 -32.58
CA HIS A 269 -7.94 11.21 -33.36
C HIS A 269 -9.07 10.58 -34.17
N VAL A 270 -8.88 10.46 -35.48
CA VAL A 270 -9.93 10.05 -36.39
C VAL A 270 -9.85 8.54 -36.60
N ILE A 271 -11.01 7.88 -36.57
CA ILE A 271 -11.09 6.42 -36.54
C ILE A 271 -11.01 5.84 -37.95
N ASP A 272 -9.79 5.64 -38.43
CA ASP A 272 -9.57 5.05 -39.75
C ASP A 272 -9.31 3.55 -39.63
N LYS A 273 -8.92 2.93 -40.74
CA LYS A 273 -8.84 1.47 -40.79
C LYS A 273 -7.89 0.92 -39.73
N ARG A 274 -6.67 1.43 -39.69
CA ARG A 274 -5.67 0.89 -38.79
C ARG A 274 -5.88 1.30 -37.35
N SER A 275 -6.87 2.15 -37.08
CA SER A 275 -7.09 2.60 -35.73
C SER A 275 -7.48 1.43 -34.83
N PRO A 276 -6.91 1.35 -33.63
CA PRO A 276 -7.34 0.30 -32.69
C PRO A 276 -8.84 0.32 -32.43
N LEU A 277 -9.44 1.51 -32.40
CA LEU A 277 -10.88 1.65 -32.18
C LEU A 277 -11.67 1.63 -33.48
N TYR A 278 -11.21 0.92 -34.51
CA TYR A 278 -12.00 0.82 -35.72
C TYR A 278 -13.28 0.01 -35.52
N ASP A 279 -13.25 -1.00 -34.66
CA ASP A 279 -14.30 -2.00 -34.58
C ASP A 279 -15.04 -1.95 -33.25
N ILE A 280 -15.38 -0.75 -32.79
CA ILE A 280 -16.07 -0.57 -31.52
C ILE A 280 -17.33 0.24 -31.75
N SER A 281 -18.46 -0.24 -31.24
CA SER A 281 -19.75 0.41 -31.37
C SER A 281 -20.25 0.86 -30.00
N ALA A 282 -21.20 1.78 -30.03
CA ALA A 282 -21.67 2.40 -28.79
C ALA A 282 -22.21 1.37 -27.80
N THR A 283 -22.83 0.31 -28.31
CA THR A 283 -23.34 -0.74 -27.45
C THR A 283 -22.22 -1.63 -26.90
N ASP A 284 -21.08 -1.69 -27.58
CA ASP A 284 -19.92 -2.41 -27.04
C ASP A 284 -19.24 -1.62 -25.94
N LEU A 285 -19.32 -0.29 -25.98
CA LEU A 285 -18.65 0.57 -25.01
C LEU A 285 -19.46 0.65 -23.71
N VAL A 286 -19.73 -0.52 -23.15
CA VAL A 286 -20.23 -0.65 -21.78
C VAL A 286 -19.32 -1.53 -20.95
N ASN A 287 -18.97 -2.70 -21.46
CA ASN A 287 -17.93 -3.56 -20.90
C ASN A 287 -16.94 -3.84 -22.02
N GLN A 288 -15.69 -3.43 -21.83
CA GLN A 288 -14.70 -3.51 -22.89
C GLN A 288 -13.30 -3.34 -22.31
N ASP A 289 -12.36 -4.12 -22.82
CA ASP A 289 -10.95 -3.98 -22.45
C ASP A 289 -10.38 -2.83 -23.27
N LEU A 290 -10.25 -1.67 -22.64
CA LEU A 290 -9.87 -0.46 -23.36
C LEU A 290 -9.38 0.56 -22.37
N GLU A 291 -8.15 1.04 -22.55
CA GLU A 291 -7.61 2.13 -21.75
C GLU A 291 -6.77 3.00 -22.66
N VAL A 292 -7.18 4.25 -22.84
CA VAL A 292 -6.50 5.17 -23.73
C VAL A 292 -5.71 6.16 -22.90
N ILE A 293 -4.39 6.19 -23.11
CA ILE A 293 -3.49 7.05 -22.36
C ILE A 293 -3.14 8.26 -23.22
N VAL A 294 -2.97 9.41 -22.56
CA VAL A 294 -2.58 10.65 -23.21
C VAL A 294 -1.40 11.24 -22.45
N ILE A 295 -0.35 11.62 -23.18
CA ILE A 295 0.90 12.13 -22.62
C ILE A 295 1.26 13.42 -23.34
N LEU A 296 1.30 14.53 -22.61
CA LEU A 296 1.73 15.81 -23.16
C LEU A 296 3.02 16.28 -22.49
N GLU A 297 3.98 16.68 -23.31
CA GLU A 297 5.32 17.01 -22.83
C GLU A 297 5.77 18.35 -23.36
N GLY A 298 6.61 19.02 -22.59
CA GLY A 298 7.12 20.30 -23.03
C GLY A 298 8.14 20.83 -22.04
N VAL A 299 8.46 22.10 -22.19
CA VAL A 299 9.33 22.80 -21.25
C VAL A 299 8.69 24.12 -20.87
N VAL A 300 8.57 24.36 -19.57
CA VAL A 300 8.09 25.65 -19.09
C VAL A 300 9.15 26.70 -19.36
N GLU A 301 8.77 27.81 -19.99
CA GLU A 301 9.77 28.77 -20.43
C GLU A 301 10.48 29.44 -19.26
N THR A 302 9.81 29.57 -18.12
CA THR A 302 10.45 30.20 -16.96
C THR A 302 11.63 29.38 -16.47
N THR A 303 11.37 28.17 -15.98
CA THR A 303 12.41 27.36 -15.38
C THR A 303 13.23 26.58 -16.39
N GLY A 304 12.67 26.32 -17.57
CA GLY A 304 13.35 25.48 -18.53
C GLY A 304 13.50 24.05 -18.08
N ILE A 305 12.52 23.53 -17.33
CA ILE A 305 12.51 22.15 -16.87
C ILE A 305 11.45 21.40 -17.66
N THR A 306 11.82 20.25 -18.21
CA THR A 306 10.88 19.44 -18.96
C THR A 306 9.78 18.92 -18.05
N THR A 307 8.54 18.97 -18.55
CA THR A 307 7.38 18.47 -17.84
C THR A 307 6.65 17.48 -18.72
N GLN A 308 6.16 16.41 -18.09
CA GLN A 308 5.36 15.38 -18.75
C GLN A 308 4.11 15.13 -17.93
N ALA A 309 2.95 15.31 -18.55
CA ALA A 309 1.66 15.13 -17.89
C ALA A 309 0.89 14.01 -18.56
N ARG A 310 0.42 13.05 -17.78
CA ARG A 310 -0.25 11.86 -18.29
C ARG A 310 -1.68 11.78 -17.77
N THR A 311 -2.52 11.06 -18.51
CA THR A 311 -3.86 10.71 -18.06
C THR A 311 -4.31 9.46 -18.79
N SER A 312 -5.39 8.86 -18.30
CA SER A 312 -5.90 7.64 -18.89
C SER A 312 -7.42 7.61 -18.80
N TYR A 313 -8.04 7.04 -19.83
CA TYR A 313 -9.48 6.93 -19.95
C TYR A 313 -9.87 5.47 -20.12
N ILE A 314 -11.01 5.09 -19.53
CA ILE A 314 -11.51 3.72 -19.66
C ILE A 314 -12.89 3.74 -20.28
N ALA A 315 -13.52 2.57 -20.38
CA ALA A 315 -14.81 2.48 -21.08
C ALA A 315 -15.90 3.30 -20.39
N GLU A 316 -15.78 3.51 -19.09
CA GLU A 316 -16.83 4.24 -18.37
C GLU A 316 -16.76 5.74 -18.62
N GLU A 317 -15.56 6.29 -18.81
CA GLU A 317 -15.42 7.73 -18.96
C GLU A 317 -15.85 8.21 -20.34
N ILE A 318 -15.69 7.38 -21.36
CA ILE A 318 -15.96 7.79 -22.73
C ILE A 318 -17.45 8.05 -22.89
N GLN A 319 -17.79 9.18 -23.51
CA GLN A 319 -19.17 9.57 -23.75
C GLN A 319 -19.46 9.50 -25.25
N TRP A 320 -19.84 8.31 -25.70
CA TRP A 320 -20.11 8.10 -27.12
C TRP A 320 -21.31 8.93 -27.57
N GLY A 321 -21.10 9.76 -28.58
CA GLY A 321 -22.19 10.51 -29.16
C GLY A 321 -22.35 11.93 -28.65
N HIS A 322 -21.39 12.47 -27.93
CA HIS A 322 -21.47 13.82 -27.40
C HIS A 322 -20.48 14.72 -28.14
N ARG A 323 -20.36 15.96 -27.67
CA ARG A 323 -19.29 16.85 -28.10
C ARG A 323 -19.06 17.89 -27.01
N PHE A 324 -18.14 18.81 -27.26
CA PHE A 324 -17.73 19.80 -26.28
C PHE A 324 -18.31 21.16 -26.62
N VAL A 325 -18.91 21.82 -25.62
CA VAL A 325 -19.44 23.15 -25.81
C VAL A 325 -18.29 24.14 -25.97
N SER A 326 -18.55 25.21 -26.71
CA SER A 326 -17.51 26.20 -27.00
C SER A 326 -17.22 27.00 -25.74
N ILE A 327 -16.05 26.78 -25.15
CA ILE A 327 -15.65 27.53 -23.97
C ILE A 327 -15.37 28.98 -24.31
N VAL A 328 -14.75 29.23 -25.47
CA VAL A 328 -14.30 30.56 -25.85
C VAL A 328 -15.44 31.33 -26.50
N THR A 329 -15.70 32.54 -26.01
CA THR A 329 -16.67 33.43 -26.61
C THR A 329 -16.16 34.85 -26.43
N GLU A 330 -16.32 35.67 -27.46
CA GLU A 330 -15.75 37.00 -27.45
C GLU A 330 -16.41 37.89 -26.38
N GLU A 331 -15.59 38.68 -25.71
CA GLU A 331 -16.06 39.73 -24.80
C GLU A 331 -16.23 41.02 -25.60
N GLU A 332 -16.35 42.16 -24.92
CA GLU A 332 -16.63 43.42 -25.62
C GLU A 332 -15.59 43.70 -26.69
N GLY A 333 -14.31 43.57 -26.37
CA GLY A 333 -13.28 43.85 -27.34
C GLY A 333 -12.08 42.94 -27.24
N VAL A 334 -12.27 41.77 -26.62
CA VAL A 334 -11.17 40.88 -26.32
C VAL A 334 -11.71 39.46 -26.23
N TYR A 335 -10.93 38.50 -26.70
CA TYR A 335 -11.31 37.10 -26.59
C TYR A 335 -11.36 36.68 -25.12
N SER A 336 -12.30 35.81 -24.79
CA SER A 336 -12.49 35.39 -23.40
C SER A 336 -12.71 33.89 -23.33
N VAL A 337 -12.31 33.30 -22.21
CA VAL A 337 -12.39 31.87 -21.99
C VAL A 337 -13.13 31.64 -20.68
N ASP A 338 -14.29 30.99 -20.75
CA ASP A 338 -15.06 30.68 -19.56
C ASP A 338 -14.63 29.29 -19.08
N TYR A 339 -13.63 29.27 -18.20
CA TYR A 339 -13.05 28.00 -17.76
C TYR A 339 -14.00 27.15 -16.94
N SER A 340 -15.14 27.71 -16.50
CA SER A 340 -16.12 26.89 -15.79
C SER A 340 -16.81 25.91 -16.73
N LYS A 341 -16.83 26.19 -18.03
CA LYS A 341 -17.39 25.30 -19.04
C LYS A 341 -16.34 24.41 -19.67
N PHE A 342 -15.28 24.07 -18.95
CA PHE A 342 -14.16 23.35 -19.53
C PHE A 342 -14.56 21.92 -19.88
N GLY A 343 -14.92 21.13 -18.88
CA GLY A 343 -15.28 19.75 -19.08
C GLY A 343 -16.73 19.50 -19.42
N ASN A 344 -17.54 20.55 -19.50
CA ASN A 344 -18.94 20.38 -19.81
C ASN A 344 -19.12 19.86 -21.23
N THR A 345 -20.01 18.90 -21.38
CA THR A 345 -20.29 18.27 -22.67
C THR A 345 -21.74 18.52 -23.05
N VAL A 346 -21.97 18.60 -24.36
CA VAL A 346 -23.31 18.68 -24.91
C VAL A 346 -23.60 17.38 -25.65
N ARG A 347 -24.89 17.11 -25.83
CA ARG A 347 -25.34 15.90 -26.50
C ARG A 347 -25.81 16.23 -27.92
N VAL A 348 -25.46 15.37 -28.87
CA VAL A 348 -25.83 15.52 -30.27
C VAL A 348 -26.09 14.13 -30.83
N ALA A 349 -26.52 14.07 -32.08
CA ALA A 349 -26.95 12.82 -32.71
C ALA A 349 -25.83 12.28 -33.59
N ALA A 350 -25.44 11.03 -33.32
CA ALA A 350 -24.39 10.35 -34.05
C ALA A 350 -24.79 8.90 -34.29
N PRO A 351 -24.28 8.28 -35.35
CA PRO A 351 -24.63 6.88 -35.60
C PRO A 351 -24.24 5.99 -34.43
N ARG A 352 -25.05 4.96 -34.19
CA ARG A 352 -24.81 4.06 -33.09
C ARG A 352 -23.91 2.89 -33.44
N CYS A 353 -23.63 2.67 -34.73
CA CYS A 353 -22.82 1.55 -35.16
C CYS A 353 -21.34 1.84 -34.91
N SER A 354 -20.47 0.97 -35.39
CA SER A 354 -19.04 1.19 -35.37
C SER A 354 -18.57 1.73 -36.71
N ALA A 355 -17.46 2.46 -36.69
CA ALA A 355 -16.84 2.86 -37.94
C ALA A 355 -16.44 1.65 -38.78
N ARG A 356 -16.26 0.49 -38.14
CA ARG A 356 -16.07 -0.74 -38.89
C ARG A 356 -17.24 -0.99 -39.83
N GLU A 357 -18.45 -0.65 -39.39
CA GLU A 357 -19.66 -0.81 -40.17
C GLU A 357 -20.16 0.48 -40.81
N LEU A 358 -19.69 1.63 -40.34
CA LEU A 358 -20.18 2.91 -40.84
C LEU A 358 -19.58 3.29 -42.19
N ASP A 359 -18.65 2.51 -42.74
CA ASP A 359 -18.15 2.79 -44.08
C ASP A 359 -18.24 1.58 -44.99
N GLU A 360 -19.00 0.56 -44.60
CA GLU A 360 -19.36 -0.51 -45.51
C GLU A 360 -20.69 -0.25 -46.20
N LYS A 361 -21.57 0.52 -45.54
CA LYS A 361 -22.80 1.04 -46.15
C LYS A 361 -22.81 2.55 -45.91
N PRO A 362 -21.96 3.29 -46.63
CA PRO A 362 -21.71 4.70 -46.25
C PRO A 362 -22.95 5.58 -46.23
N SER A 363 -23.87 5.40 -47.17
CA SER A 363 -25.00 6.31 -47.29
C SER A 363 -26.01 6.08 -46.18
N ILE A 364 -25.63 6.39 -44.95
CA ILE A 364 -26.51 6.20 -43.80
C ILE A 364 -26.65 7.51 -43.03
N ARG B 30 40.32 -19.36 -29.57
CA ARG B 30 41.43 -18.42 -29.45
C ARG B 30 40.98 -17.13 -28.77
N LEU B 31 41.57 -16.01 -29.18
CA LEU B 31 41.21 -14.72 -28.60
C LEU B 31 39.78 -14.35 -28.98
N PRO B 32 39.04 -13.80 -28.02
CA PRO B 32 37.67 -13.38 -28.28
C PRO B 32 37.65 -12.32 -29.39
N LYS B 33 36.70 -12.48 -30.31
CA LYS B 33 36.64 -11.58 -31.46
C LYS B 33 36.39 -10.15 -31.00
N ALA B 34 37.04 -9.21 -31.70
CA ALA B 34 36.93 -7.80 -31.34
C ALA B 34 35.50 -7.34 -31.38
N ARG B 35 35.12 -6.55 -30.38
CA ARG B 35 33.79 -5.98 -30.28
C ARG B 35 33.82 -4.49 -30.56
N PHE B 36 32.64 -3.92 -30.75
CA PHE B 36 32.48 -2.47 -30.89
C PHE B 36 32.02 -1.85 -29.58
N ILE B 37 30.90 -2.33 -29.04
CA ILE B 37 30.40 -1.86 -27.76
C ILE B 37 30.16 -3.08 -26.88
N ALA B 38 30.70 -3.06 -25.67
CA ALA B 38 30.61 -4.20 -24.78
C ALA B 38 29.19 -4.35 -24.24
N LYS B 39 28.98 -5.36 -23.39
CA LYS B 39 27.66 -5.60 -22.84
C LYS B 39 27.22 -4.53 -21.85
N SER B 40 28.01 -3.48 -21.64
CA SER B 40 27.63 -2.40 -20.74
C SER B 40 28.00 -1.06 -21.35
N GLY B 41 27.81 -0.93 -22.65
CA GLY B 41 28.27 0.28 -23.32
C GLY B 41 29.78 0.34 -23.33
N ALA B 42 30.32 1.54 -23.17
CA ALA B 42 31.76 1.75 -23.02
C ALA B 42 32.53 1.18 -24.22
N CYS B 43 32.32 1.85 -25.36
CA CYS B 43 32.93 1.45 -26.62
C CYS B 43 34.38 1.06 -26.43
N ASN B 44 34.72 -0.14 -26.90
CA ASN B 44 36.01 -0.77 -26.65
C ASN B 44 37.05 -0.41 -27.71
N LEU B 45 36.91 0.75 -28.37
CA LEU B 45 37.87 1.15 -29.37
C LEU B 45 39.18 1.57 -28.71
N ALA B 46 40.18 1.87 -29.52
CA ALA B 46 41.48 2.33 -29.04
C ALA B 46 41.99 3.41 -29.99
N HIS B 47 41.68 4.66 -29.69
CA HIS B 47 42.18 5.76 -30.52
C HIS B 47 43.66 5.96 -30.24
N LYS B 48 44.46 6.05 -31.30
CA LYS B 48 45.89 6.25 -31.14
C LYS B 48 46.37 7.30 -32.13
N ASN B 49 47.62 7.73 -31.91
CA ASN B 49 48.33 8.70 -32.75
C ASN B 49 47.70 10.10 -32.68
N ILE B 50 46.74 10.31 -31.79
CA ILE B 50 46.11 11.62 -31.65
C ILE B 50 47.17 12.68 -31.40
N ARG B 51 47.04 13.82 -32.06
CA ARG B 51 47.96 14.93 -31.89
C ARG B 51 47.74 15.56 -30.53
N GLU B 52 48.49 15.11 -29.53
CA GLU B 52 48.20 15.50 -28.15
C GLU B 52 48.49 16.98 -27.93
N GLN B 53 47.61 17.61 -27.15
CA GLN B 53 47.68 19.04 -26.91
C GLN B 53 48.52 19.34 -25.67
N GLY B 54 48.45 20.57 -25.19
CA GLY B 54 49.13 20.95 -23.97
C GLY B 54 48.27 20.72 -22.74
N ARG B 55 48.94 20.51 -21.61
CA ARG B 55 48.27 20.26 -20.34
C ARG B 55 48.16 21.58 -19.60
N PHE B 56 46.92 21.97 -19.27
CA PHE B 56 46.65 23.29 -18.72
C PHE B 56 46.26 23.21 -17.25
N LEU B 57 46.50 24.33 -16.54
CA LEU B 57 46.09 24.40 -15.14
C LEU B 57 44.59 24.29 -15.00
N GLN B 58 43.85 24.71 -16.03
CA GLN B 58 42.40 24.52 -16.02
C GLN B 58 42.04 23.07 -15.80
N ASP B 59 42.88 22.14 -16.29
CA ASP B 59 42.65 20.73 -16.02
C ASP B 59 42.76 20.43 -14.53
N ILE B 60 43.75 21.04 -13.86
CA ILE B 60 43.88 20.85 -12.42
C ILE B 60 42.64 21.36 -11.70
N PHE B 61 42.18 22.56 -12.07
CA PHE B 61 41.01 23.11 -11.40
C PHE B 61 39.78 22.26 -11.67
N THR B 62 39.62 21.79 -12.91
CA THR B 62 38.47 20.96 -13.26
C THR B 62 38.49 19.65 -12.47
N THR B 63 39.66 19.04 -12.34
CA THR B 63 39.78 17.86 -11.49
C THR B 63 39.41 18.18 -10.05
N LEU B 64 39.80 19.36 -9.57
CA LEU B 64 39.45 19.74 -8.21
C LEU B 64 37.95 19.86 -8.04
N VAL B 65 37.25 20.40 -9.04
CA VAL B 65 35.83 20.70 -8.85
C VAL B 65 34.97 19.45 -8.96
N ASP B 66 35.44 18.41 -9.63
CA ASP B 66 34.73 17.13 -9.71
C ASP B 66 35.59 16.09 -9.00
N LEU B 67 35.13 15.59 -7.87
CA LEU B 67 35.92 14.70 -7.04
C LEU B 67 34.98 13.84 -6.21
N LYS B 68 35.56 12.97 -5.40
CA LYS B 68 34.81 12.13 -4.49
C LYS B 68 34.90 12.72 -3.09
N TRP B 69 33.81 12.61 -2.32
CA TRP B 69 33.77 13.23 -1.00
C TRP B 69 34.97 12.82 -0.15
N ARG B 70 35.39 11.55 -0.29
CA ARG B 70 36.56 11.08 0.44
C ARG B 70 37.79 11.92 0.15
N HIS B 71 37.87 12.50 -1.05
CA HIS B 71 38.98 13.36 -1.43
C HIS B 71 38.65 14.84 -1.33
N THR B 72 37.39 15.21 -1.54
CA THR B 72 36.98 16.59 -1.31
C THR B 72 37.27 17.02 0.11
N LEU B 73 36.92 16.17 1.08
CA LEU B 73 37.17 16.53 2.48
C LEU B 73 38.65 16.69 2.75
N VAL B 74 39.48 15.82 2.17
CA VAL B 74 40.91 15.87 2.44
C VAL B 74 41.52 17.14 1.88
N ILE B 75 41.16 17.50 0.64
CA ILE B 75 41.73 18.72 0.08
C ILE B 75 41.22 19.93 0.83
N PHE B 76 39.96 19.90 1.24
CA PHE B 76 39.38 20.98 2.04
C PHE B 76 40.16 21.18 3.32
N THR B 77 40.43 20.09 4.06
CA THR B 77 41.16 20.21 5.31
C THR B 77 42.59 20.67 5.08
N MET B 78 43.25 20.11 4.07
CA MET B 78 44.67 20.42 3.89
C MET B 78 44.88 21.86 3.46
N SER B 79 43.95 22.43 2.70
CA SER B 79 44.11 23.82 2.30
C SER B 79 44.20 24.72 3.52
N PHE B 80 43.27 24.54 4.46
CA PHE B 80 43.26 25.39 5.64
C PHE B 80 44.44 25.12 6.55
N LEU B 81 44.81 23.85 6.75
CA LEU B 81 45.97 23.58 7.59
C LEU B 81 47.24 24.19 7.00
N CYS B 82 47.45 24.01 5.69
CA CYS B 82 48.65 24.55 5.07
C CYS B 82 48.67 26.07 5.15
N SER B 83 47.52 26.73 4.95
CA SER B 83 47.50 28.19 5.01
C SER B 83 47.77 28.70 6.42
N TRP B 84 47.12 28.10 7.42
CA TRP B 84 47.40 28.50 8.80
C TRP B 84 48.87 28.32 9.13
N LEU B 85 49.47 27.19 8.72
CA LEU B 85 50.86 26.94 9.05
C LEU B 85 51.80 27.90 8.34
N LEU B 86 51.54 28.16 7.06
CA LEU B 86 52.40 29.07 6.30
C LEU B 86 52.39 30.46 6.92
N PHE B 87 51.21 30.97 7.24
CA PHE B 87 51.19 32.30 7.82
C PHE B 87 51.63 32.30 9.28
N ALA B 88 51.57 31.16 9.96
CA ALA B 88 52.20 31.05 11.27
C ALA B 88 53.71 31.22 11.15
N ILE B 89 54.30 30.62 10.13
CA ILE B 89 55.73 30.78 9.91
C ILE B 89 56.06 32.24 9.61
N MET B 90 55.24 32.89 8.78
CA MET B 90 55.49 34.30 8.46
C MET B 90 55.40 35.17 9.72
N TRP B 91 54.38 34.96 10.54
CA TRP B 91 54.23 35.79 11.73
C TRP B 91 55.35 35.53 12.72
N TRP B 92 55.78 34.28 12.85
CA TRP B 92 56.90 33.99 13.74
C TRP B 92 58.17 34.64 13.25
N LEU B 93 58.41 34.63 11.94
CA LEU B 93 59.58 35.30 11.40
C LEU B 93 59.52 36.81 11.66
N VAL B 94 58.36 37.42 11.49
CA VAL B 94 58.32 38.87 11.73
C VAL B 94 58.40 39.20 13.21
N ALA B 95 58.03 38.27 14.08
CA ALA B 95 58.26 38.48 15.50
C ALA B 95 59.70 38.23 15.89
N PHE B 96 60.43 37.47 15.08
CA PHE B 96 61.86 37.23 15.29
C PHE B 96 62.70 38.39 14.79
N ALA B 97 62.44 38.85 13.57
CA ALA B 97 63.24 39.90 12.98
C ALA B 97 63.13 41.19 13.79
N HIS B 98 61.93 41.56 14.18
CA HIS B 98 61.76 42.68 15.08
C HIS B 98 62.37 42.29 16.42
N GLY B 99 62.41 43.21 17.38
CA GLY B 99 62.93 42.85 18.68
C GLY B 99 61.89 42.26 19.60
N ASP B 100 60.98 41.46 19.05
CA ASP B 100 59.80 41.05 19.81
C ASP B 100 60.11 39.90 20.76
N ILE B 101 60.63 38.80 20.22
CA ILE B 101 60.87 37.63 21.07
C ILE B 101 61.85 37.98 22.18
N TYR B 102 62.91 38.73 21.86
CA TYR B 102 63.85 39.15 22.89
C TYR B 102 63.18 40.00 23.95
N ALA B 103 62.33 40.94 23.53
CA ALA B 103 61.68 41.82 24.49
C ALA B 103 60.78 41.03 25.43
N TYR B 104 59.99 40.10 24.90
CA TYR B 104 59.10 39.31 25.73
C TYR B 104 59.84 38.24 26.53
N MET B 105 61.09 37.95 26.19
CA MET B 105 61.88 37.02 26.99
C MET B 105 62.62 37.73 28.10
N GLU B 106 62.98 38.99 27.89
CA GLU B 106 63.64 39.77 28.92
C GLU B 106 62.66 40.42 29.88
N LYS B 107 61.40 40.63 29.46
CA LYS B 107 60.42 41.21 30.36
C LYS B 107 60.16 40.31 31.56
N GLY B 108 60.08 38.99 31.33
CA GLY B 108 59.91 38.08 32.44
C GLY B 108 61.03 38.17 33.47
N ILE B 109 62.26 38.35 32.99
CA ILE B 109 63.39 38.52 33.91
C ILE B 109 63.28 39.86 34.64
N THR B 110 62.99 40.93 33.90
CA THR B 110 62.97 42.27 34.50
C THR B 110 61.74 42.50 35.37
N GLU B 111 60.69 41.68 35.21
CA GLU B 111 59.45 41.82 35.96
C GLU B 111 58.82 43.20 35.78
N LYS B 112 58.84 43.69 34.55
CA LYS B 112 58.21 44.95 34.21
C LYS B 112 57.90 44.97 32.73
N SER B 113 56.76 45.55 32.37
CA SER B 113 56.25 45.52 31.00
C SER B 113 57.01 46.54 30.14
N GLY B 114 58.26 46.20 29.86
CA GLY B 114 59.07 47.01 28.96
C GLY B 114 58.88 46.70 27.50
N LEU B 115 57.86 45.90 27.15
CA LEU B 115 57.65 45.46 25.78
C LEU B 115 56.20 45.62 25.33
N GLU B 116 55.45 46.54 25.94
CA GLU B 116 54.04 46.68 25.59
C GLU B 116 53.85 47.30 24.21
N SER B 117 54.58 48.38 23.93
CA SER B 117 54.36 49.16 22.71
C SER B 117 55.42 48.93 21.65
N ALA B 118 56.61 48.46 22.02
CA ALA B 118 57.65 48.19 21.04
C ALA B 118 57.34 47.00 20.16
N VAL B 119 56.34 46.19 20.53
CA VAL B 119 56.14 44.89 19.89
C VAL B 119 55.44 45.08 18.56
N CYS B 120 55.86 44.28 17.57
CA CYS B 120 55.24 44.30 16.26
C CYS B 120 53.79 43.83 16.33
N VAL B 121 53.53 42.78 17.09
CA VAL B 121 52.20 42.25 17.34
C VAL B 121 52.16 41.78 18.79
N THR B 122 51.24 42.32 19.58
CA THR B 122 51.31 42.15 21.03
C THR B 122 51.16 40.69 21.43
N ASN B 123 51.90 40.31 22.47
CA ASN B 123 51.76 39.02 23.14
C ASN B 123 52.05 37.82 22.23
N VAL B 124 52.71 38.03 21.10
CA VAL B 124 53.19 36.93 20.27
C VAL B 124 54.67 36.74 20.60
N ARG B 125 54.99 35.66 21.30
CA ARG B 125 56.32 35.49 21.86
C ARG B 125 56.91 34.12 21.57
N SER B 126 56.35 33.38 20.63
CA SER B 126 56.77 32.00 20.37
C SER B 126 56.21 31.59 19.02
N PHE B 127 56.39 30.33 18.66
CA PHE B 127 55.74 29.82 17.46
C PHE B 127 54.33 29.33 17.74
N THR B 128 54.08 28.76 18.92
CA THR B 128 52.72 28.38 19.24
C THR B 128 51.80 29.59 19.23
N SER B 129 52.25 30.71 19.80
CA SER B 129 51.44 31.91 19.80
C SER B 129 51.28 32.47 18.40
N ALA B 130 52.32 32.36 17.56
CA ALA B 130 52.19 32.80 16.18
C ALA B 130 51.14 31.98 15.45
N PHE B 131 51.14 30.67 15.70
CA PHE B 131 50.14 29.80 15.09
C PHE B 131 48.73 30.16 15.55
N LEU B 132 48.59 30.44 16.85
CA LEU B 132 47.28 30.84 17.35
C LEU B 132 46.82 32.15 16.73
N PHE B 133 47.73 33.10 16.56
CA PHE B 133 47.38 34.38 15.95
C PHE B 133 47.00 34.21 14.49
N SER B 134 47.70 33.34 13.76
CA SER B 134 47.33 33.11 12.38
C SER B 134 45.95 32.48 12.28
N ILE B 135 45.64 31.54 13.18
CA ILE B 135 44.31 30.95 13.17
C ILE B 135 43.25 32.02 13.43
N GLU B 136 43.49 32.88 14.42
CA GLU B 136 42.51 33.91 14.74
C GLU B 136 42.31 34.88 13.58
N VAL B 137 43.39 35.27 12.90
CA VAL B 137 43.25 36.22 11.81
C VAL B 137 42.55 35.58 10.61
N GLN B 138 42.83 34.31 10.33
CA GLN B 138 42.34 33.74 9.09
C GLN B 138 40.94 33.15 9.22
N VAL B 139 40.57 32.63 10.39
CA VAL B 139 39.19 32.22 10.62
C VAL B 139 38.34 33.37 11.12
N THR B 140 38.94 34.54 11.34
CA THR B 140 38.23 35.73 11.78
C THR B 140 37.59 35.54 13.15
N ILE B 141 38.32 34.92 14.07
CA ILE B 141 37.90 34.90 15.46
C ILE B 141 38.34 36.19 16.15
N GLY B 142 39.62 36.47 16.12
CA GLY B 142 40.14 37.67 16.74
C GLY B 142 39.86 37.71 18.21
N PHE B 143 40.42 36.76 18.97
CA PHE B 143 40.20 36.75 20.40
C PHE B 143 40.60 38.08 21.01
N GLY B 144 41.76 38.59 20.64
CA GLY B 144 42.20 39.88 21.10
C GLY B 144 43.24 39.86 22.19
N GLY B 145 43.74 38.69 22.57
CA GLY B 145 44.91 38.65 23.41
C GLY B 145 46.20 38.89 22.66
N ARG B 146 46.17 38.69 21.34
CA ARG B 146 47.31 38.94 20.46
C ARG B 146 46.86 39.99 19.45
N MET B 147 46.98 41.25 19.83
CA MET B 147 46.42 42.35 19.06
C MET B 147 47.40 42.81 18.00
N MET B 148 46.88 43.52 17.01
CA MET B 148 47.67 44.00 15.88
C MET B 148 48.11 45.43 16.16
N THR B 149 49.37 45.60 16.54
CA THR B 149 49.86 46.94 16.84
C THR B 149 50.07 47.71 15.54
N GLU B 150 50.28 49.02 15.68
CA GLU B 150 50.40 49.93 14.55
C GLU B 150 51.80 50.53 14.45
N GLU B 151 52.83 49.71 14.61
CA GLU B 151 54.20 50.17 14.52
C GLU B 151 54.91 49.65 13.27
N CYS B 152 54.96 48.33 13.09
CA CYS B 152 55.75 47.75 12.01
C CYS B 152 54.89 47.66 10.75
N PRO B 153 55.22 48.39 9.67
CA PRO B 153 54.42 48.27 8.45
C PRO B 153 54.47 46.90 7.82
N LEU B 154 55.58 46.18 7.98
CA LEU B 154 55.68 44.84 7.38
C LEU B 154 54.60 43.93 7.92
N ALA B 155 54.28 44.04 9.21
CA ALA B 155 53.21 43.23 9.76
C ALA B 155 51.88 43.59 9.13
N ILE B 156 51.63 44.87 8.89
CA ILE B 156 50.37 45.27 8.26
C ILE B 156 50.28 44.69 6.86
N THR B 157 51.40 44.66 6.15
CA THR B 157 51.43 44.03 4.84
C THR B 157 51.09 42.54 4.94
N VAL B 158 51.68 41.85 5.92
CA VAL B 158 51.40 40.42 6.06
C VAL B 158 49.94 40.20 6.41
N LEU B 159 49.36 41.09 7.21
CA LEU B 159 47.97 40.95 7.61
C LEU B 159 47.02 41.15 6.43
N ILE B 160 47.28 42.16 5.60
CA ILE B 160 46.47 42.34 4.40
C ILE B 160 46.59 41.13 3.50
N LEU B 161 47.81 40.64 3.31
CA LEU B 161 48.02 39.48 2.45
C LEU B 161 47.26 38.27 2.99
N GLN B 162 47.31 38.05 4.30
CA GLN B 162 46.63 36.90 4.88
C GLN B 162 45.13 37.01 4.72
N ASN B 163 44.56 38.20 4.93
CA ASN B 163 43.12 38.35 4.77
C ASN B 163 42.69 38.08 3.34
N ILE B 164 43.42 38.60 2.35
CA ILE B 164 43.04 38.36 0.97
C ILE B 164 43.12 36.88 0.63
N VAL B 165 44.21 36.23 1.04
CA VAL B 165 44.37 34.81 0.72
C VAL B 165 43.30 33.97 1.39
N GLY B 166 42.98 34.27 2.64
CA GLY B 166 41.94 33.53 3.32
C GLY B 166 40.59 33.70 2.66
N LEU B 167 40.27 34.92 2.23
CA LEU B 167 39.01 35.14 1.53
C LEU B 167 38.95 34.34 0.24
N ILE B 168 40.05 34.33 -0.52
CA ILE B 168 40.04 33.60 -1.79
C ILE B 168 39.83 32.12 -1.55
N ILE B 169 40.57 31.55 -0.59
CA ILE B 169 40.47 30.11 -0.33
C ILE B 169 39.07 29.76 0.16
N ASN B 170 38.52 30.59 1.03
CA ASN B 170 37.18 30.33 1.55
C ASN B 170 36.16 30.33 0.43
N ALA B 171 36.26 31.30 -0.49
CA ALA B 171 35.32 31.34 -1.60
C ALA B 171 35.47 30.13 -2.51
N VAL B 172 36.71 29.71 -2.76
CA VAL B 172 36.93 28.55 -3.63
C VAL B 172 36.31 27.31 -3.01
N MET B 173 36.54 27.09 -1.72
CA MET B 173 36.04 25.86 -1.11
C MET B 173 34.51 25.86 -1.02
N LEU B 174 33.91 27.00 -0.71
CA LEU B 174 32.45 27.08 -0.79
C LEU B 174 31.96 26.78 -2.20
N GLY B 175 32.67 27.26 -3.22
CA GLY B 175 32.25 26.96 -4.59
C GLY B 175 32.30 25.48 -4.89
N CYS B 176 33.35 24.81 -4.40
CA CYS B 176 33.42 23.36 -4.59
C CYS B 176 32.28 22.64 -3.90
N ILE B 177 31.95 23.05 -2.67
CA ILE B 177 30.85 22.40 -1.96
C ILE B 177 29.52 22.70 -2.66
N PHE B 178 29.35 23.91 -3.19
CA PHE B 178 28.14 24.24 -3.92
C PHE B 178 27.99 23.37 -5.15
N MET B 179 29.08 23.14 -5.88
CA MET B 179 29.01 22.27 -7.04
C MET B 179 28.68 20.84 -6.65
N LYS B 180 29.26 20.35 -5.55
CA LYS B 180 28.92 19.02 -5.05
C LYS B 180 27.43 18.94 -4.76
N THR B 181 26.89 19.93 -4.04
CA THR B 181 25.48 19.92 -3.70
C THR B 181 24.62 19.96 -4.95
N ALA B 182 25.00 20.76 -5.94
CA ALA B 182 24.22 20.89 -7.15
C ALA B 182 24.16 19.56 -7.90
N GLN B 183 25.33 19.02 -8.29
CA GLN B 183 25.36 17.74 -8.99
C GLN B 183 25.17 16.54 -8.04
N ALA B 184 24.70 16.78 -6.81
CA ALA B 184 24.48 15.68 -5.88
C ALA B 184 23.37 14.76 -6.35
N HIS B 185 22.30 15.33 -6.89
CA HIS B 185 21.09 14.55 -7.13
C HIS B 185 21.32 13.44 -8.14
N ARG B 186 22.11 13.69 -9.17
CA ARG B 186 22.32 12.71 -10.21
C ARG B 186 23.02 11.47 -9.65
N ARG B 187 22.70 10.31 -10.22
CA ARG B 187 23.25 9.04 -9.77
C ARG B 187 23.55 8.18 -10.99
N ALA B 188 23.76 6.89 -10.76
CA ALA B 188 24.20 5.95 -11.79
C ALA B 188 23.03 5.49 -12.67
N GLU B 189 23.38 4.80 -13.74
CA GLU B 189 22.41 4.31 -14.72
C GLU B 189 21.46 3.29 -14.10
N THR B 190 20.23 3.24 -14.64
CA THR B 190 19.22 2.34 -14.11
C THR B 190 18.39 1.64 -15.19
N LEU B 191 18.88 1.54 -16.43
CA LEU B 191 18.15 0.87 -17.48
C LEU B 191 18.64 -0.56 -17.63
N ILE B 192 17.72 -1.52 -17.53
CA ILE B 192 18.03 -2.94 -17.59
C ILE B 192 17.74 -3.47 -18.98
N PHE B 193 18.73 -4.15 -19.59
CA PHE B 193 18.58 -4.78 -20.89
C PHE B 193 18.71 -6.29 -20.74
N SER B 194 17.91 -7.04 -21.49
CA SER B 194 17.99 -8.49 -21.46
C SER B 194 19.32 -8.97 -22.02
N ARG B 195 19.78 -10.13 -21.55
CA ARG B 195 21.13 -10.57 -21.88
C ARG B 195 21.28 -10.89 -23.36
N HIS B 196 20.30 -11.57 -23.94
CA HIS B 196 20.35 -11.91 -25.35
C HIS B 196 18.97 -11.82 -25.97
N ALA B 197 18.96 -11.68 -27.29
CA ALA B 197 17.76 -11.36 -28.03
C ALA B 197 17.09 -12.62 -28.54
N VAL B 198 16.07 -12.47 -29.39
CA VAL B 198 15.39 -13.58 -30.05
C VAL B 198 15.09 -13.20 -31.48
N ILE B 199 14.77 -14.20 -32.29
CA ILE B 199 14.31 -14.01 -33.66
C ILE B 199 13.07 -14.88 -33.82
N ALA B 200 11.90 -14.28 -33.66
CA ALA B 200 10.66 -15.02 -33.70
C ALA B 200 9.92 -14.74 -35.00
N VAL B 201 8.72 -15.29 -35.11
CA VAL B 201 7.79 -14.91 -36.17
C VAL B 201 6.59 -14.26 -35.52
N ARG B 202 6.32 -13.02 -35.89
CA ARG B 202 5.28 -12.21 -35.27
C ARG B 202 4.48 -11.55 -36.37
N ASN B 203 3.20 -11.94 -36.49
CA ASN B 203 2.31 -11.48 -37.56
C ASN B 203 2.87 -11.84 -38.93
N GLY B 204 3.33 -13.09 -39.06
CA GLY B 204 3.70 -13.65 -40.34
C GLY B 204 5.03 -13.19 -40.92
N LYS B 205 5.93 -12.67 -40.11
CA LYS B 205 7.26 -12.31 -40.59
C LYS B 205 8.25 -12.47 -39.44
N LEU B 206 9.51 -12.71 -39.79
CA LEU B 206 10.56 -12.79 -38.79
C LEU B 206 10.81 -11.43 -38.18
N CYS B 207 11.02 -11.41 -36.88
CA CYS B 207 11.35 -10.18 -36.19
C CYS B 207 12.44 -10.44 -35.18
N PHE B 208 13.40 -9.54 -35.14
CA PHE B 208 14.47 -9.54 -34.16
C PHE B 208 14.01 -8.72 -32.97
N MET B 209 13.95 -9.34 -31.80
CA MET B 209 13.35 -8.71 -30.64
C MET B 209 14.29 -8.80 -29.44
N PHE B 210 14.22 -7.76 -28.60
CA PHE B 210 14.87 -7.78 -27.30
C PHE B 210 13.94 -7.07 -26.33
N ARG B 211 14.26 -7.14 -25.05
CA ARG B 211 13.39 -6.57 -24.02
C ARG B 211 14.18 -5.54 -23.24
N VAL B 212 13.56 -4.38 -23.02
CA VAL B 212 14.17 -3.31 -22.26
C VAL B 212 13.24 -2.97 -21.10
N GLY B 213 13.80 -2.85 -19.90
CA GLY B 213 13.03 -2.49 -18.74
C GLY B 213 13.77 -1.43 -17.94
N ASP B 214 13.05 -0.85 -16.99
CA ASP B 214 13.60 0.18 -16.13
C ASP B 214 13.42 -0.21 -14.68
N LEU B 215 14.45 0.02 -13.88
CA LEU B 215 14.35 -0.14 -12.44
C LEU B 215 14.17 1.17 -11.70
N ARG B 216 14.35 2.29 -12.38
CA ARG B 216 14.21 3.59 -11.75
C ARG B 216 12.75 3.84 -11.37
N LYS B 217 12.57 4.71 -10.37
CA LYS B 217 11.22 5.07 -9.94
C LYS B 217 10.60 6.14 -10.81
N SER B 218 11.42 6.96 -11.47
CA SER B 218 10.95 8.13 -12.17
C SER B 218 10.55 7.77 -13.61
N MET B 219 10.26 8.80 -14.41
CA MET B 219 9.80 8.64 -15.78
C MET B 219 10.80 9.25 -16.74
N ILE B 220 11.23 8.45 -17.72
CA ILE B 220 12.14 8.94 -18.76
C ILE B 220 11.30 9.75 -19.73
N ILE B 221 11.28 11.07 -19.57
CA ILE B 221 10.50 11.91 -20.46
C ILE B 221 11.14 11.95 -21.83
N SER B 222 10.34 11.74 -22.87
CA SER B 222 10.78 11.90 -24.26
C SER B 222 11.81 10.85 -24.67
N ALA B 223 11.58 9.59 -24.29
CA ALA B 223 12.53 8.54 -24.58
C ALA B 223 12.57 8.25 -26.08
N SER B 224 13.55 7.45 -26.48
CA SER B 224 13.77 7.18 -27.90
C SER B 224 14.68 5.98 -28.04
N VAL B 225 14.47 5.21 -29.10
CA VAL B 225 15.19 3.96 -29.35
C VAL B 225 15.78 3.98 -30.75
N ARG B 226 17.05 3.63 -30.87
CA ARG B 226 17.71 3.53 -32.16
C ARG B 226 18.53 2.25 -32.23
N ILE B 227 18.52 1.61 -33.40
CA ILE B 227 19.14 0.31 -33.60
C ILE B 227 20.09 0.39 -34.79
N GLN B 228 21.29 -0.16 -34.63
CA GLN B 228 22.28 -0.12 -35.70
C GLN B 228 22.95 -1.46 -35.84
N VAL B 229 23.43 -1.73 -37.05
CA VAL B 229 24.16 -2.95 -37.37
C VAL B 229 25.57 -2.56 -37.75
N VAL B 230 26.53 -3.03 -36.97
CA VAL B 230 27.94 -2.75 -37.23
C VAL B 230 28.50 -3.93 -38.01
N LYS B 231 29.03 -3.65 -39.19
CA LYS B 231 29.48 -4.73 -40.06
C LYS B 231 30.46 -4.15 -41.08
N LYS B 232 31.40 -4.99 -41.50
CA LYS B 232 32.38 -4.57 -42.49
C LYS B 232 31.78 -4.70 -43.88
N THR B 233 31.62 -3.58 -44.57
CA THR B 233 30.97 -3.56 -45.87
C THR B 233 31.95 -3.17 -46.96
N THR B 234 31.69 -3.67 -48.16
CA THR B 234 32.46 -3.36 -49.35
C THR B 234 31.54 -2.77 -50.40
N THR B 235 32.04 -1.81 -51.12
CA THR B 235 31.27 -1.15 -52.17
C THR B 235 31.66 -1.66 -53.53
N PRO B 236 30.79 -1.55 -54.52
CA PRO B 236 31.16 -2.01 -55.87
C PRO B 236 32.37 -1.31 -56.44
N GLU B 237 32.65 -0.08 -56.00
CA GLU B 237 33.77 0.69 -56.52
C GLU B 237 35.05 0.45 -55.74
N GLY B 238 35.01 -0.34 -54.68
CA GLY B 238 36.20 -0.69 -53.95
C GLY B 238 36.45 0.06 -52.66
N GLU B 239 35.52 0.89 -52.22
CA GLU B 239 35.69 1.60 -50.96
C GLU B 239 35.27 0.66 -49.82
N VAL B 240 36.23 0.20 -49.05
CA VAL B 240 36.00 -0.75 -47.97
C VAL B 240 35.95 0.01 -46.66
N VAL B 241 34.89 -0.19 -45.90
CA VAL B 241 34.68 0.50 -44.63
C VAL B 241 34.88 -0.50 -43.50
N PRO B 242 35.79 -0.26 -42.57
CA PRO B 242 36.11 -1.28 -41.56
C PRO B 242 34.92 -1.69 -40.72
N ILE B 243 34.31 -0.75 -40.00
CA ILE B 243 33.13 -1.03 -39.18
C ILE B 243 32.05 -0.02 -39.59
N HIS B 244 31.23 -0.40 -40.55
CA HIS B 244 30.16 0.46 -41.01
C HIS B 244 28.94 0.30 -40.12
N GLN B 245 28.33 1.42 -39.76
CA GLN B 245 27.14 1.42 -38.93
C GLN B 245 25.93 1.68 -39.82
N GLN B 246 25.00 0.73 -39.85
CA GLN B 246 23.80 0.83 -40.67
C GLN B 246 22.60 1.05 -39.77
N ASP B 247 21.67 1.89 -40.22
CA ASP B 247 20.53 2.27 -39.41
C ASP B 247 19.38 1.31 -39.66
N ILE B 248 18.74 0.85 -38.59
CA ILE B 248 17.68 -0.15 -38.67
C ILE B 248 16.37 0.53 -38.30
N PRO B 249 15.36 0.48 -39.15
CA PRO B 249 14.07 1.06 -38.75
C PRO B 249 13.34 0.20 -37.73
N VAL B 250 13.31 0.65 -36.48
CA VAL B 250 12.53 -0.02 -35.47
C VAL B 250 11.06 0.04 -35.86
N ASP B 251 10.31 -1.00 -35.47
CA ASP B 251 8.93 -1.15 -35.91
C ASP B 251 7.99 -0.48 -34.92
N ASN B 252 7.29 0.55 -35.40
CA ASN B 252 6.26 1.25 -34.64
C ASN B 252 5.08 1.48 -35.57
N PRO B 253 3.85 1.45 -35.03
CA PRO B 253 2.68 1.57 -35.90
C PRO B 253 2.46 2.96 -36.48
N ILE B 254 3.20 3.97 -36.03
CA ILE B 254 3.12 5.30 -36.61
C ILE B 254 4.47 5.79 -37.11
N GLU B 255 5.46 4.90 -37.21
CA GLU B 255 6.78 5.22 -37.74
C GLU B 255 7.45 6.33 -36.94
N SER B 256 7.74 6.02 -35.68
CA SER B 256 8.46 6.94 -34.82
C SER B 256 9.24 6.15 -33.79
N ASN B 257 10.19 6.82 -33.14
CA ASN B 257 11.02 6.19 -32.13
C ASN B 257 10.39 6.24 -30.74
N ASN B 258 9.71 7.33 -30.42
CA ASN B 258 9.32 7.62 -29.05
C ASN B 258 8.66 6.44 -28.37
N ILE B 259 9.24 6.00 -27.27
CA ILE B 259 8.78 4.85 -26.50
C ILE B 259 8.40 5.31 -25.10
N PHE B 260 7.26 4.85 -24.62
CA PHE B 260 6.80 5.15 -23.28
C PHE B 260 7.06 3.93 -22.41
N LEU B 261 7.81 4.12 -21.33
CA LEU B 261 8.40 3.01 -20.57
C LEU B 261 7.92 3.04 -19.13
N VAL B 262 6.91 2.23 -18.82
CA VAL B 262 6.49 1.98 -17.44
C VAL B 262 6.58 0.49 -17.11
N ALA B 263 6.04 -0.35 -17.96
CA ALA B 263 6.26 -1.78 -17.91
C ALA B 263 7.24 -2.19 -18.99
N PRO B 264 8.10 -3.18 -18.75
CA PRO B 264 9.15 -3.50 -19.72
C PRO B 264 8.59 -3.80 -21.10
N LEU B 265 9.24 -3.25 -22.11
CA LEU B 265 8.79 -3.36 -23.49
C LEU B 265 9.64 -4.37 -24.23
N ILE B 266 9.10 -4.86 -25.33
CA ILE B 266 9.84 -5.73 -26.25
C ILE B 266 10.04 -4.95 -27.54
N ILE B 267 11.23 -4.40 -27.71
CA ILE B 267 11.58 -3.71 -28.94
C ILE B 267 11.74 -4.74 -30.05
N CYS B 268 11.14 -4.47 -31.20
CA CYS B 268 11.13 -5.41 -32.31
C CYS B 268 11.53 -4.72 -33.60
N HIS B 269 12.10 -5.50 -34.52
CA HIS B 269 12.43 -5.04 -35.85
C HIS B 269 12.07 -6.11 -36.86
N VAL B 270 11.36 -5.73 -37.92
CA VAL B 270 10.82 -6.68 -38.89
C VAL B 270 11.73 -6.70 -40.12
N ILE B 271 12.18 -7.89 -40.51
CA ILE B 271 13.25 -8.05 -41.48
C ILE B 271 12.65 -7.99 -42.88
N ASP B 272 12.80 -6.84 -43.53
CA ASP B 272 12.25 -6.58 -44.85
C ASP B 272 13.37 -6.51 -45.89
N LYS B 273 13.01 -6.09 -47.11
CA LYS B 273 13.88 -6.22 -48.26
C LYS B 273 15.21 -5.49 -48.11
N ARG B 274 15.31 -4.51 -47.21
CA ARG B 274 16.52 -3.72 -47.08
C ARG B 274 17.21 -3.90 -45.74
N SER B 275 16.74 -4.80 -44.90
CA SER B 275 17.45 -5.01 -43.64
C SER B 275 18.70 -5.85 -43.88
N PRO B 276 19.81 -5.51 -43.23
CA PRO B 276 21.02 -6.33 -43.39
C PRO B 276 20.88 -7.74 -42.85
N LEU B 277 19.89 -8.01 -42.00
CA LEU B 277 19.64 -9.37 -41.51
C LEU B 277 18.77 -10.17 -42.45
N TYR B 278 18.67 -9.76 -43.71
CA TYR B 278 17.79 -10.43 -44.66
C TYR B 278 18.31 -11.81 -45.01
N ASP B 279 19.59 -11.91 -45.36
CA ASP B 279 20.16 -13.12 -45.93
C ASP B 279 20.79 -14.04 -44.89
N ILE B 280 20.77 -13.68 -43.61
CA ILE B 280 21.42 -14.50 -42.60
C ILE B 280 20.46 -15.61 -42.17
N SER B 281 20.86 -16.86 -42.38
CA SER B 281 20.00 -18.00 -42.13
C SER B 281 20.04 -18.37 -40.66
N ALA B 282 19.46 -19.53 -40.32
CA ALA B 282 19.46 -20.00 -38.96
C ALA B 282 20.71 -20.81 -38.63
N THR B 283 21.17 -21.63 -39.57
CA THR B 283 22.34 -22.46 -39.32
C THR B 283 23.60 -21.61 -39.22
N ASP B 284 23.76 -20.63 -40.11
CA ASP B 284 24.98 -19.85 -40.22
C ASP B 284 24.88 -18.51 -39.51
N LEU B 285 24.03 -18.43 -38.48
CA LEU B 285 24.11 -17.31 -37.55
C LEU B 285 25.25 -17.48 -36.55
N VAL B 286 25.75 -18.70 -36.37
CA VAL B 286 26.84 -18.92 -35.43
C VAL B 286 28.11 -18.20 -35.91
N ASN B 287 28.41 -18.31 -37.20
CA ASN B 287 29.61 -17.71 -37.77
C ASN B 287 29.17 -16.69 -38.83
N GLN B 288 28.92 -15.47 -38.39
CA GLN B 288 28.56 -14.38 -39.28
C GLN B 288 28.97 -13.07 -38.63
N ASP B 289 29.64 -12.21 -39.39
CA ASP B 289 30.12 -10.96 -38.82
C ASP B 289 28.95 -10.02 -38.57
N LEU B 290 28.39 -10.07 -37.37
CA LEU B 290 27.27 -9.22 -37.00
C LEU B 290 27.57 -8.52 -35.69
N GLU B 291 26.87 -7.41 -35.47
CA GLU B 291 26.73 -6.82 -34.15
C GLU B 291 25.61 -5.80 -34.17
N VAL B 292 24.64 -5.95 -33.28
CA VAL B 292 23.49 -5.06 -33.22
C VAL B 292 23.66 -4.18 -32.00
N ILE B 293 23.83 -2.88 -32.23
CA ILE B 293 23.96 -1.90 -31.16
C ILE B 293 22.60 -1.27 -30.91
N VAL B 294 22.23 -1.14 -29.66
CA VAL B 294 20.98 -0.48 -29.28
C VAL B 294 21.32 0.71 -28.41
N ILE B 295 20.82 1.87 -28.82
CA ILE B 295 21.04 3.13 -28.11
C ILE B 295 19.69 3.69 -27.70
N LEU B 296 19.50 3.93 -26.42
CA LEU B 296 18.21 4.37 -25.91
C LEU B 296 18.43 5.65 -25.12
N GLU B 297 17.81 6.73 -25.56
CA GLU B 297 18.03 8.04 -24.96
C GLU B 297 16.76 8.55 -24.30
N GLY B 298 16.93 9.54 -23.44
CA GLY B 298 15.77 10.13 -22.82
C GLY B 298 16.19 11.24 -21.87
N VAL B 299 15.18 11.81 -21.21
CA VAL B 299 15.36 12.91 -20.27
C VAL B 299 14.65 12.55 -18.98
N VAL B 300 15.39 12.44 -17.89
CA VAL B 300 14.80 12.08 -16.62
C VAL B 300 13.98 13.25 -16.09
N GLU B 301 12.99 12.95 -15.25
CA GLU B 301 12.06 13.97 -14.80
C GLU B 301 12.55 14.71 -13.57
N THR B 302 13.24 14.01 -12.66
CA THR B 302 13.62 14.62 -11.39
C THR B 302 14.59 15.77 -11.62
N THR B 303 15.68 15.52 -12.33
CA THR B 303 16.73 16.52 -12.49
C THR B 303 16.84 17.06 -13.90
N GLY B 304 16.17 16.47 -14.88
CA GLY B 304 16.24 16.98 -16.23
C GLY B 304 17.63 16.87 -16.83
N ILE B 305 18.32 15.77 -16.58
CA ILE B 305 19.64 15.51 -17.14
C ILE B 305 19.47 14.41 -18.18
N THR B 306 19.71 14.74 -19.44
CA THR B 306 19.54 13.78 -20.51
C THR B 306 20.50 12.61 -20.35
N THR B 307 19.99 11.40 -20.56
CA THR B 307 20.76 10.18 -20.39
C THR B 307 20.70 9.34 -21.66
N GLN B 308 21.75 8.53 -21.86
CA GLN B 308 21.85 7.61 -22.97
C GLN B 308 22.39 6.28 -22.46
N ALA B 309 21.68 5.20 -22.76
CA ALA B 309 22.09 3.85 -22.36
C ALA B 309 22.30 3.00 -23.59
N ARG B 310 23.38 2.23 -23.59
CA ARG B 310 23.79 1.49 -24.78
C ARG B 310 23.94 0.02 -24.45
N THR B 311 23.82 -0.81 -25.48
CA THR B 311 24.13 -2.22 -25.35
C THR B 311 24.39 -2.80 -26.73
N SER B 312 24.87 -4.03 -26.77
CA SER B 312 25.14 -4.67 -28.05
C SER B 312 24.93 -6.17 -27.95
N TYR B 313 24.54 -6.76 -29.07
CA TYR B 313 24.36 -8.20 -29.19
C TYR B 313 25.21 -8.70 -30.34
N ILE B 314 25.85 -9.85 -30.14
CA ILE B 314 26.67 -10.45 -31.18
C ILE B 314 26.06 -11.79 -31.57
N ALA B 315 26.69 -12.49 -32.50
CA ALA B 315 26.11 -13.70 -33.05
C ALA B 315 25.85 -14.74 -31.97
N GLU B 316 26.79 -14.91 -31.03
CA GLU B 316 26.64 -15.94 -30.02
C GLU B 316 25.42 -15.73 -29.13
N GLU B 317 24.91 -14.50 -29.01
CA GLU B 317 23.84 -14.18 -28.09
C GLU B 317 22.55 -13.80 -28.81
N ILE B 318 22.21 -14.51 -29.88
CA ILE B 318 20.93 -14.38 -30.55
C ILE B 318 20.34 -15.77 -30.71
N GLN B 319 19.20 -16.00 -30.07
CA GLN B 319 18.58 -17.32 -30.01
C GLN B 319 17.47 -17.42 -31.04
N TRP B 320 17.72 -18.16 -32.11
CA TRP B 320 16.75 -18.27 -33.19
C TRP B 320 15.56 -19.10 -32.74
N GLY B 321 14.36 -18.60 -33.04
CA GLY B 321 13.16 -19.37 -32.79
C GLY B 321 12.68 -19.38 -31.37
N HIS B 322 13.13 -18.46 -30.53
CA HIS B 322 12.61 -18.35 -29.18
C HIS B 322 11.61 -17.21 -29.10
N ARG B 323 11.06 -17.00 -27.91
CA ARG B 323 10.25 -15.82 -27.66
C ARG B 323 10.22 -15.57 -26.16
N PHE B 324 10.12 -14.30 -25.78
CA PHE B 324 10.13 -13.94 -24.38
C PHE B 324 8.82 -14.34 -23.73
N VAL B 325 8.89 -14.82 -22.50
CA VAL B 325 7.70 -15.19 -21.77
C VAL B 325 7.04 -13.94 -21.21
N SER B 326 5.73 -13.99 -21.02
CA SER B 326 5.02 -12.86 -20.46
C SER B 326 5.43 -12.64 -19.00
N ILE B 327 5.32 -11.40 -18.54
CA ILE B 327 5.86 -11.04 -17.24
C ILE B 327 4.79 -10.44 -16.34
N VAL B 328 3.77 -9.83 -16.93
CA VAL B 328 2.77 -9.09 -16.16
C VAL B 328 1.53 -9.95 -15.98
N THR B 329 1.11 -10.09 -14.73
CA THR B 329 -0.10 -10.82 -14.38
C THR B 329 -0.99 -9.90 -13.56
N GLU B 330 -2.30 -10.08 -13.70
CA GLU B 330 -3.28 -9.21 -13.05
C GLU B 330 -3.70 -9.84 -11.73
N GLU B 331 -3.48 -9.13 -10.63
CA GLU B 331 -3.83 -9.61 -9.30
C GLU B 331 -5.23 -9.17 -8.87
N GLU B 332 -6.08 -8.83 -9.83
CA GLU B 332 -7.50 -8.51 -9.65
C GLU B 332 -7.69 -7.17 -8.96
N GLY B 333 -6.62 -6.61 -8.40
CA GLY B 333 -6.64 -5.23 -7.97
C GLY B 333 -5.69 -4.40 -8.79
N VAL B 334 -4.54 -4.99 -9.12
CA VAL B 334 -3.47 -4.31 -9.83
C VAL B 334 -2.80 -5.30 -10.78
N TYR B 335 -2.10 -4.75 -11.76
CA TYR B 335 -1.11 -5.52 -12.50
C TYR B 335 0.15 -5.66 -11.66
N SER B 336 0.94 -6.70 -11.95
CA SER B 336 2.12 -6.95 -11.12
C SER B 336 3.23 -7.55 -11.98
N VAL B 337 4.15 -6.69 -12.43
CA VAL B 337 5.32 -7.17 -13.15
C VAL B 337 6.16 -8.03 -12.23
N ASP B 338 6.78 -9.07 -12.79
CA ASP B 338 7.58 -10.03 -12.03
C ASP B 338 8.97 -10.08 -12.64
N TYR B 339 9.87 -9.22 -12.15
CA TYR B 339 11.17 -9.03 -12.78
C TYR B 339 12.07 -10.25 -12.68
N SER B 340 11.71 -11.25 -11.86
CA SER B 340 12.53 -12.45 -11.79
C SER B 340 12.61 -13.17 -13.13
N LYS B 341 11.57 -13.04 -13.96
CA LYS B 341 11.53 -13.67 -15.26
C LYS B 341 11.88 -12.71 -16.39
N PHE B 342 12.60 -11.63 -16.08
CA PHE B 342 12.88 -10.60 -17.07
C PHE B 342 13.62 -11.17 -18.28
N GLY B 343 14.71 -11.89 -18.04
CA GLY B 343 15.50 -12.45 -19.11
C GLY B 343 15.13 -13.84 -19.55
N ASN B 344 14.08 -14.42 -18.98
CA ASN B 344 13.65 -15.75 -19.41
C ASN B 344 13.17 -15.70 -20.86
N THR B 345 13.38 -16.80 -21.57
CA THR B 345 12.98 -16.90 -22.97
C THR B 345 12.73 -18.35 -23.30
N VAL B 346 11.53 -18.66 -23.80
CA VAL B 346 11.09 -20.03 -24.02
C VAL B 346 11.14 -20.34 -25.50
N ARG B 347 11.42 -21.60 -25.81
CA ARG B 347 11.63 -22.02 -27.19
C ARG B 347 10.33 -22.38 -27.86
N VAL B 348 10.18 -21.97 -29.12
CA VAL B 348 8.99 -22.21 -29.92
C VAL B 348 9.42 -22.57 -31.34
N ALA B 349 8.43 -22.76 -32.20
CA ALA B 349 8.68 -23.12 -33.60
C ALA B 349 8.94 -21.88 -34.44
N ALA B 350 9.71 -22.07 -35.51
CA ALA B 350 10.04 -21.00 -36.45
C ALA B 350 10.68 -21.58 -37.70
N PRO B 351 10.43 -21.01 -38.87
CA PRO B 351 11.03 -21.55 -40.09
C PRO B 351 12.54 -21.48 -40.08
N ARG B 352 13.18 -22.65 -40.04
CA ARG B 352 14.62 -22.76 -39.85
C ARG B 352 15.36 -22.45 -41.16
N CYS B 353 15.14 -21.24 -41.66
CA CYS B 353 15.80 -20.81 -42.89
C CYS B 353 15.90 -19.30 -42.90
N SER B 354 16.69 -18.79 -43.85
CA SER B 354 16.92 -17.37 -43.96
C SER B 354 15.64 -16.64 -44.36
N ALA B 355 15.62 -15.34 -44.08
CA ALA B 355 14.43 -14.53 -44.32
C ALA B 355 14.20 -14.27 -45.80
N ARG B 356 15.19 -14.52 -46.65
CA ARG B 356 14.96 -14.39 -48.09
C ARG B 356 14.11 -15.54 -48.60
N GLU B 357 14.38 -16.76 -48.14
CA GLU B 357 13.70 -17.94 -48.66
C GLU B 357 12.23 -17.98 -48.28
N LEU B 358 11.83 -17.25 -47.25
CA LEU B 358 10.44 -17.28 -46.84
C LEU B 358 9.53 -16.45 -47.73
N ASP B 359 10.07 -15.67 -48.64
CA ASP B 359 9.27 -14.92 -49.58
C ASP B 359 9.63 -15.19 -51.03
N GLU B 360 10.91 -15.36 -51.33
CA GLU B 360 11.28 -15.83 -52.67
C GLU B 360 10.83 -17.26 -52.90
N LYS B 361 10.78 -18.07 -51.83
CA LYS B 361 10.20 -19.41 -51.85
C LYS B 361 9.00 -19.39 -50.93
N PRO B 362 7.90 -18.79 -51.37
CA PRO B 362 6.76 -18.53 -50.47
C PRO B 362 6.15 -19.78 -49.85
N SER B 363 6.21 -20.92 -50.54
CA SER B 363 5.53 -22.12 -50.06
C SER B 363 5.94 -22.49 -48.65
N ILE B 364 7.22 -22.30 -48.31
CA ILE B 364 7.66 -22.61 -46.95
C ILE B 364 6.93 -21.73 -45.94
N LEU B 365 6.80 -20.43 -46.25
CA LEU B 365 6.06 -19.54 -45.36
C LEU B 365 4.57 -19.89 -45.33
N ILE B 366 3.99 -20.19 -46.49
CA ILE B 366 2.57 -20.51 -46.58
C ILE B 366 2.28 -21.18 -47.93
N ARG C 30 44.68 36.80 -55.34
CA ARG C 30 43.84 38.00 -55.38
C ARG C 30 43.21 38.25 -54.01
N LEU C 31 42.45 39.34 -53.91
CA LEU C 31 41.73 39.62 -52.67
C LEU C 31 40.77 38.48 -52.36
N PRO C 32 40.82 38.02 -51.11
CA PRO C 32 40.08 36.82 -50.74
C PRO C 32 38.59 36.99 -51.02
N LYS C 33 37.94 35.88 -51.36
CA LYS C 33 36.53 35.92 -51.71
C LYS C 33 35.69 36.23 -50.47
N ALA C 34 34.39 36.28 -50.67
CA ALA C 34 33.44 36.45 -49.57
C ALA C 34 33.08 35.08 -49.04
N ARG C 35 33.57 34.76 -47.85
CA ARG C 35 33.37 33.45 -47.25
C ARG C 35 32.28 33.57 -46.20
N PHE C 36 31.23 32.75 -46.32
CA PHE C 36 30.08 32.89 -45.44
C PHE C 36 30.45 32.53 -44.01
N ILE C 37 31.11 31.41 -43.80
CA ILE C 37 31.66 31.05 -42.49
C ILE C 37 33.06 30.50 -42.70
N ALA C 38 33.98 30.89 -41.82
CA ALA C 38 35.38 30.52 -41.95
C ALA C 38 35.55 29.01 -41.73
N LYS C 39 36.78 28.54 -41.90
CA LYS C 39 37.05 27.12 -41.75
C LYS C 39 36.91 26.61 -40.33
N SER C 40 36.55 27.48 -39.37
CA SER C 40 36.31 27.07 -38.00
C SER C 40 35.08 27.74 -37.44
N GLY C 41 34.03 27.84 -38.26
CA GLY C 41 32.87 28.59 -37.85
C GLY C 41 33.15 30.08 -37.89
N ALA C 42 32.50 30.81 -37.00
CA ALA C 42 32.74 32.25 -36.83
C ALA C 42 32.50 33.00 -38.14
N CYS C 43 31.22 33.01 -38.53
CA CYS C 43 30.80 33.61 -39.79
C CYS C 43 31.42 34.98 -39.99
N ASN C 44 32.06 35.18 -41.14
CA ASN C 44 32.68 36.45 -41.49
C ASN C 44 31.63 37.38 -42.11
N LEU C 45 30.71 37.83 -41.26
CA LEU C 45 29.65 38.74 -41.67
C LEU C 45 29.87 40.10 -41.04
N ALA C 46 29.20 41.10 -41.60
CA ALA C 46 29.16 42.44 -41.02
C ALA C 46 27.73 42.82 -40.76
N HIS C 47 27.47 43.39 -39.59
CA HIS C 47 26.13 43.78 -39.17
C HIS C 47 26.14 45.28 -38.86
N LYS C 48 25.91 46.09 -39.87
CA LYS C 48 25.97 47.54 -39.73
C LYS C 48 24.57 48.14 -39.66
N ASN C 49 24.53 49.45 -39.39
CA ASN C 49 23.31 50.25 -39.35
C ASN C 49 22.30 49.74 -38.32
N ILE C 50 22.72 48.88 -37.40
CA ILE C 50 21.83 48.45 -36.33
C ILE C 50 21.56 49.63 -35.40
N ARG C 51 20.30 49.86 -35.09
CA ARG C 51 19.95 50.96 -34.20
C ARG C 51 20.64 50.80 -32.86
N GLU C 52 21.22 51.88 -32.36
CA GLU C 52 21.99 51.86 -31.13
C GLU C 52 21.04 51.82 -29.94
N GLN C 53 21.00 50.67 -29.27
CA GLN C 53 20.15 50.54 -28.09
C GLN C 53 20.71 51.32 -26.90
N GLY C 54 21.99 51.63 -26.93
CA GLY C 54 22.62 52.43 -25.89
C GLY C 54 23.38 51.59 -24.89
N ARG C 55 24.46 52.16 -24.36
CA ARG C 55 25.22 51.49 -23.33
C ARG C 55 24.40 51.37 -22.06
N PHE C 56 24.53 50.24 -21.38
CA PHE C 56 23.75 49.94 -20.19
C PHE C 56 24.66 49.81 -18.98
N LEU C 57 24.03 49.74 -17.80
CA LEU C 57 24.74 49.45 -16.58
C LEU C 57 24.91 47.94 -16.35
N GLN C 58 24.16 47.12 -17.09
CA GLN C 58 24.33 45.68 -17.03
C GLN C 58 25.51 45.18 -17.84
N ASP C 59 26.09 46.01 -18.71
CA ASP C 59 27.30 45.63 -19.41
C ASP C 59 28.44 45.42 -18.42
N ILE C 60 28.59 46.34 -17.46
CA ILE C 60 29.67 46.22 -16.48
C ILE C 60 29.51 44.95 -15.67
N PHE C 61 28.31 44.68 -15.16
CA PHE C 61 28.11 43.51 -14.33
C PHE C 61 28.31 42.23 -15.13
N THR C 62 27.71 42.16 -16.32
CA THR C 62 27.85 40.95 -17.12
C THR C 62 29.29 40.71 -17.52
N THR C 63 30.07 41.76 -17.73
CA THR C 63 31.50 41.59 -17.94
C THR C 63 32.18 41.07 -16.68
N LEU C 64 31.78 41.59 -15.52
CA LEU C 64 32.41 41.19 -14.27
C LEU C 64 32.19 39.71 -14.00
N VAL C 65 30.99 39.21 -14.29
CA VAL C 65 30.70 37.81 -14.02
C VAL C 65 31.46 36.90 -14.96
N ASP C 66 31.60 37.31 -16.22
CA ASP C 66 32.31 36.52 -17.22
C ASP C 66 33.63 37.22 -17.54
N LEU C 67 34.66 36.90 -16.76
CA LEU C 67 35.99 37.45 -16.94
C LEU C 67 36.98 36.31 -17.05
N LYS C 68 38.27 36.62 -17.00
CA LYS C 68 39.31 35.61 -16.89
C LYS C 68 39.83 35.61 -15.45
N TRP C 69 40.30 34.45 -15.01
CA TRP C 69 40.83 34.33 -13.65
C TRP C 69 41.89 35.39 -13.39
N ARG C 70 42.78 35.61 -14.35
CA ARG C 70 43.88 36.54 -14.17
C ARG C 70 43.40 37.96 -13.91
N HIS C 71 42.16 38.29 -14.26
CA HIS C 71 41.59 39.60 -13.97
C HIS C 71 40.53 39.56 -12.88
N THR C 72 39.85 38.43 -12.72
CA THR C 72 38.94 38.27 -11.59
C THR C 72 39.68 38.37 -10.28
N LEU C 73 40.82 37.70 -10.17
CA LEU C 73 41.62 37.75 -8.95
C LEU C 73 42.33 39.03 -8.78
N VAL C 74 42.07 40.02 -9.63
CA VAL C 74 42.58 41.36 -9.45
C VAL C 74 41.46 42.32 -9.05
N ILE C 75 40.30 42.20 -9.69
CA ILE C 75 39.18 43.01 -9.23
C ILE C 75 38.76 42.59 -7.84
N PHE C 76 38.87 41.30 -7.54
CA PHE C 76 38.55 40.79 -6.20
C PHE C 76 39.42 41.43 -5.14
N THR C 77 40.72 41.55 -5.43
CA THR C 77 41.64 42.14 -4.45
C THR C 77 41.44 43.65 -4.34
N MET C 78 41.24 44.33 -5.47
CA MET C 78 41.14 45.78 -5.41
C MET C 78 39.83 46.23 -4.78
N SER C 79 38.77 45.44 -4.88
CA SER C 79 37.52 45.80 -4.23
C SER C 79 37.72 45.95 -2.72
N PHE C 80 38.28 44.92 -2.09
CA PHE C 80 38.62 45.02 -0.68
C PHE C 80 39.61 46.15 -0.44
N LEU C 81 40.80 46.04 -1.02
CA LEU C 81 41.85 47.01 -0.75
C LEU C 81 41.41 48.45 -0.97
N CYS C 82 40.30 48.68 -1.67
CA CYS C 82 39.77 50.02 -1.77
C CYS C 82 38.68 50.32 -0.74
N SER C 83 37.84 49.34 -0.40
CA SER C 83 36.83 49.61 0.62
C SER C 83 37.46 49.84 1.98
N TRP C 84 38.49 49.06 2.30
CA TRP C 84 39.21 49.27 3.55
C TRP C 84 39.75 50.69 3.62
N LEU C 85 40.37 51.16 2.53
CA LEU C 85 40.93 52.50 2.52
C LEU C 85 39.85 53.57 2.61
N LEU C 86 38.73 53.38 1.90
CA LEU C 86 37.67 54.38 1.92
C LEU C 86 37.12 54.56 3.33
N PHE C 87 36.75 53.45 3.97
CA PHE C 87 36.22 53.60 5.31
C PHE C 87 37.30 53.98 6.30
N ALA C 88 38.57 53.71 5.99
CA ALA C 88 39.65 54.20 6.83
C ALA C 88 39.72 55.72 6.80
N ILE C 89 39.60 56.31 5.62
CA ILE C 89 39.55 57.77 5.52
C ILE C 89 38.36 58.29 6.30
N MET C 90 37.22 57.62 6.20
CA MET C 90 36.05 58.08 6.93
C MET C 90 36.27 58.05 8.43
N TRP C 91 36.86 56.97 8.96
CA TRP C 91 37.09 56.90 10.39
C TRP C 91 38.12 57.93 10.84
N TRP C 92 39.15 58.14 10.03
CA TRP C 92 40.15 59.15 10.37
C TRP C 92 39.51 60.52 10.46
N LEU C 93 38.61 60.85 9.54
CA LEU C 93 37.87 62.10 9.65
C LEU C 93 37.05 62.14 10.92
N VAL C 94 36.12 61.19 11.08
CA VAL C 94 35.21 61.24 12.22
C VAL C 94 35.94 61.16 13.56
N ALA C 95 37.22 60.83 13.57
CA ALA C 95 38.03 60.93 14.77
C ALA C 95 38.86 62.19 14.82
N PHE C 96 39.00 62.89 13.68
CA PHE C 96 39.59 64.22 13.67
C PHE C 96 38.59 65.26 14.14
N ALA C 97 37.35 65.18 13.64
CA ALA C 97 36.35 66.18 13.98
C ALA C 97 36.05 66.20 15.46
N HIS C 98 35.86 65.03 16.07
CA HIS C 98 35.50 64.96 17.48
C HIS C 98 36.63 65.39 18.39
N GLY C 99 37.84 65.56 17.88
CA GLY C 99 38.98 65.90 18.71
C GLY C 99 39.69 64.73 19.32
N ASP C 100 39.38 63.50 18.88
CA ASP C 100 39.98 62.32 19.49
C ASP C 100 41.49 62.30 19.31
N ILE C 101 41.97 62.68 18.14
CA ILE C 101 43.42 62.67 17.89
C ILE C 101 44.11 63.66 18.81
N TYR C 102 43.47 64.80 19.08
CA TYR C 102 44.05 65.76 20.01
C TYR C 102 44.11 65.21 21.43
N ALA C 103 43.05 64.52 21.87
CA ALA C 103 43.09 63.94 23.21
C ALA C 103 44.19 62.90 23.31
N TYR C 104 44.22 61.95 22.38
CA TYR C 104 45.22 60.91 22.43
C TYR C 104 46.62 61.42 22.15
N MET C 105 46.76 62.66 21.68
CA MET C 105 48.08 63.26 21.51
C MET C 105 48.54 64.03 22.73
N GLU C 106 47.63 64.67 23.45
CA GLU C 106 48.01 65.46 24.63
C GLU C 106 47.93 64.64 25.90
N LYS C 107 46.75 64.11 26.23
CA LYS C 107 46.58 63.36 27.47
C LYS C 107 47.33 62.04 27.45
N GLY C 108 47.60 61.48 26.27
CA GLY C 108 48.45 60.32 26.20
C GLY C 108 49.86 60.58 26.70
N ILE C 109 50.30 61.84 26.63
CA ILE C 109 51.58 62.23 27.20
C ILE C 109 51.43 62.67 28.65
N THR C 110 50.46 63.53 28.94
CA THR C 110 50.37 64.14 30.26
C THR C 110 49.67 63.23 31.27
N GLU C 111 48.40 62.93 31.05
CA GLU C 111 47.58 62.26 32.06
C GLU C 111 46.68 61.23 31.39
N LYS C 112 46.82 59.98 31.79
CA LYS C 112 46.05 58.89 31.19
C LYS C 112 44.61 58.84 31.67
N SER C 113 44.23 59.62 32.67
CA SER C 113 42.89 59.58 33.20
C SER C 113 41.92 60.32 32.29
N GLY C 114 40.64 60.23 32.62
CA GLY C 114 39.59 60.86 31.85
C GLY C 114 39.07 60.06 30.68
N LEU C 115 39.60 58.86 30.45
CA LEU C 115 39.19 58.00 29.35
C LEU C 115 39.37 58.69 28.00
N GLU C 116 40.36 59.58 27.91
CA GLU C 116 40.64 60.34 26.70
C GLU C 116 39.47 61.22 26.28
N SER C 117 38.63 61.61 27.25
CA SER C 117 37.51 62.53 27.04
C SER C 117 36.44 61.93 26.12
N ALA C 118 36.09 60.68 26.40
CA ALA C 118 34.94 60.01 25.79
C ALA C 118 34.98 60.09 24.26
N VAL C 119 36.02 59.48 23.69
CA VAL C 119 36.22 59.51 22.25
C VAL C 119 35.17 58.66 21.54
N CYS C 120 34.99 58.94 20.25
CA CYS C 120 34.03 58.17 19.47
C CYS C 120 34.42 56.70 19.40
N VAL C 121 35.69 56.43 19.09
CA VAL C 121 36.22 55.08 19.00
C VAL C 121 37.53 55.01 19.79
N THR C 122 37.64 54.04 20.68
CA THR C 122 38.79 53.96 21.57
C THR C 122 40.06 53.66 20.80
N ASN C 123 41.14 54.33 21.19
CA ASN C 123 42.48 54.04 20.70
C ASN C 123 42.60 54.13 19.18
N VAL C 124 41.85 55.04 18.57
CA VAL C 124 42.10 55.46 17.19
C VAL C 124 42.77 56.82 17.27
N ARG C 125 44.07 56.87 16.99
CA ARG C 125 44.85 58.07 17.22
C ARG C 125 45.75 58.44 16.06
N SER C 126 45.55 57.84 14.89
CA SER C 126 46.42 58.07 13.75
C SER C 126 45.65 57.69 12.50
N PHE C 127 46.34 57.52 11.39
CA PHE C 127 45.72 56.92 10.23
C PHE C 127 45.98 55.43 10.14
N THR C 128 47.10 54.94 10.68
CA THR C 128 47.26 53.49 10.79
C THR C 128 46.21 52.91 11.70
N SER C 129 45.90 53.58 12.81
CA SER C 129 44.83 53.11 13.67
C SER C 129 43.51 53.06 12.92
N ALA C 130 43.19 54.10 12.16
CA ALA C 130 41.94 54.12 11.42
C ALA C 130 41.91 53.02 10.37
N PHE C 131 43.04 52.79 9.70
CA PHE C 131 43.10 51.72 8.71
C PHE C 131 42.87 50.36 9.35
N LEU C 132 43.51 50.11 10.49
CA LEU C 132 43.34 48.82 11.15
C LEU C 132 41.92 48.64 11.67
N PHE C 133 41.32 49.72 12.18
CA PHE C 133 39.93 49.65 12.64
C PHE C 133 38.99 49.32 11.48
N SER C 134 39.22 49.94 10.33
CA SER C 134 38.38 49.61 9.17
C SER C 134 38.58 48.16 8.74
N ILE C 135 39.83 47.69 8.78
CA ILE C 135 40.08 46.28 8.42
C ILE C 135 39.32 45.35 9.34
N GLU C 136 39.35 45.63 10.65
CA GLU C 136 38.60 44.79 11.60
C GLU C 136 37.11 44.82 11.31
N VAL C 137 36.52 46.02 11.23
CA VAL C 137 35.07 46.10 11.07
C VAL C 137 34.62 45.52 9.74
N GLN C 138 35.47 45.51 8.73
CA GLN C 138 35.05 45.02 7.43
C GLN C 138 35.26 43.51 7.29
N VAL C 139 36.39 42.99 7.76
CA VAL C 139 36.61 41.55 7.72
C VAL C 139 35.87 40.85 8.85
N THR C 140 35.44 41.58 9.87
CA THR C 140 34.81 41.05 11.07
C THR C 140 35.79 40.26 11.91
N ILE C 141 37.04 40.71 11.96
CA ILE C 141 37.98 40.18 12.94
C ILE C 141 37.65 40.74 14.32
N GLY C 142 37.72 42.04 14.46
CA GLY C 142 37.37 42.68 15.72
C GLY C 142 38.25 42.27 16.87
N PHE C 143 39.51 42.70 16.87
CA PHE C 143 40.40 42.34 17.96
C PHE C 143 39.87 42.85 19.29
N GLY C 144 39.40 44.10 19.33
CA GLY C 144 38.85 44.67 20.53
C GLY C 144 39.70 45.72 21.19
N GLY C 145 40.93 45.94 20.72
CA GLY C 145 41.70 47.06 21.22
C GLY C 145 41.10 48.39 20.83
N ARG C 146 40.57 48.47 19.62
CA ARG C 146 39.93 49.67 19.10
C ARG C 146 38.43 49.39 19.07
N MET C 147 37.77 49.68 20.19
CA MET C 147 36.38 49.33 20.38
C MET C 147 35.49 50.54 20.16
N MET C 148 34.33 50.30 19.54
CA MET C 148 33.36 51.36 19.33
C MET C 148 32.68 51.72 20.64
N THR C 149 32.65 53.01 20.97
CA THR C 149 31.93 53.48 22.14
C THR C 149 30.52 53.91 21.73
N GLU C 150 29.81 54.55 22.64
CA GLU C 150 28.45 55.01 22.39
C GLU C 150 28.33 56.52 22.50
N GLU C 151 29.44 57.24 22.43
CA GLU C 151 29.45 58.66 22.75
C GLU C 151 29.20 59.56 21.54
N CYS C 152 28.96 58.99 20.36
CA CYS C 152 28.66 59.84 19.22
C CYS C 152 27.90 59.06 18.16
N PRO C 153 26.72 59.52 17.75
CA PRO C 153 25.93 58.75 16.78
C PRO C 153 26.51 58.73 15.38
N LEU C 154 27.38 59.68 15.04
CA LEU C 154 27.99 59.67 13.71
C LEU C 154 28.80 58.40 13.49
N ALA C 155 29.54 57.97 14.52
CA ALA C 155 30.29 56.74 14.40
C ALA C 155 29.38 55.55 14.20
N ILE C 156 28.23 55.54 14.87
CA ILE C 156 27.27 54.45 14.70
C ILE C 156 26.76 54.43 13.27
N THR C 157 26.51 55.61 12.71
CA THR C 157 26.10 55.69 11.31
C THR C 157 27.14 55.09 10.39
N VAL C 158 28.41 55.45 10.61
CA VAL C 158 29.45 54.95 9.71
C VAL C 158 29.63 53.45 9.89
N LEU C 159 29.47 52.95 11.11
CA LEU C 159 29.60 51.51 11.36
C LEU C 159 28.51 50.73 10.65
N ILE C 160 27.27 51.21 10.70
CA ILE C 160 26.18 50.57 9.96
C ILE C 160 26.48 50.57 8.46
N LEU C 161 26.92 51.73 7.95
CA LEU C 161 27.23 51.81 6.53
C LEU C 161 28.31 50.81 6.14
N GLN C 162 29.36 50.70 6.94
CA GLN C 162 30.46 49.82 6.58
C GLN C 162 30.05 48.36 6.66
N ASN C 163 29.24 47.98 7.65
CA ASN C 163 28.78 46.60 7.72
C ASN C 163 27.97 46.24 6.48
N ILE C 164 27.05 47.12 6.08
CA ILE C 164 26.21 46.79 4.93
C ILE C 164 27.04 46.73 3.66
N VAL C 165 27.94 47.69 3.47
CA VAL C 165 28.80 47.69 2.29
C VAL C 165 29.63 46.42 2.24
N GLY C 166 30.22 46.03 3.37
CA GLY C 166 31.03 44.83 3.39
C GLY C 166 30.23 43.58 3.07
N LEU C 167 29.02 43.48 3.61
CA LEU C 167 28.20 42.31 3.32
C LEU C 167 27.87 42.23 1.83
N ILE C 168 27.53 43.37 1.22
CA ILE C 168 27.19 43.37 -0.20
C ILE C 168 28.40 42.96 -1.04
N ILE C 169 29.56 43.57 -0.76
CA ILE C 169 30.76 43.26 -1.53
C ILE C 169 31.09 41.77 -1.40
N ASN C 170 31.02 41.25 -0.18
CA ASN C 170 31.38 39.87 0.05
C ASN C 170 30.44 38.92 -0.68
N ALA C 171 29.13 39.20 -0.65
CA ALA C 171 28.19 38.36 -1.37
C ALA C 171 28.48 38.37 -2.86
N VAL C 172 28.78 39.54 -3.41
CA VAL C 172 29.03 39.63 -4.84
C VAL C 172 30.28 38.86 -5.24
N MET C 173 31.36 38.99 -4.45
CA MET C 173 32.58 38.28 -4.79
C MET C 173 32.43 36.76 -4.66
N LEU C 174 31.74 36.30 -3.62
CA LEU C 174 31.44 34.87 -3.56
C LEU C 174 30.63 34.42 -4.76
N GLY C 175 29.67 35.23 -5.20
CA GLY C 175 28.92 34.85 -6.39
C GLY C 175 29.79 34.73 -7.62
N CYS C 176 30.72 35.68 -7.80
CA CYS C 176 31.61 35.62 -8.95
C CYS C 176 32.46 34.35 -8.91
N ILE C 177 33.01 34.03 -7.74
CA ILE C 177 33.87 32.84 -7.68
C ILE C 177 33.05 31.58 -7.88
N PHE C 178 31.79 31.55 -7.41
CA PHE C 178 30.96 30.38 -7.65
C PHE C 178 30.65 30.22 -9.13
N MET C 179 30.42 31.33 -9.82
CA MET C 179 30.21 31.26 -11.25
C MET C 179 31.44 30.72 -11.97
N LYS C 180 32.63 31.23 -11.59
CA LYS C 180 33.86 30.72 -12.19
C LYS C 180 34.06 29.25 -11.89
N THR C 181 33.55 28.77 -10.76
CA THR C 181 33.64 27.35 -10.43
C THR C 181 32.66 26.52 -11.26
N ALA C 182 31.47 27.07 -11.54
CA ALA C 182 30.47 26.31 -12.28
C ALA C 182 30.83 26.16 -13.76
N GLN C 183 31.71 27.01 -14.27
CA GLN C 183 32.15 26.95 -15.66
C GLN C 183 33.56 26.38 -15.77
N ALA C 184 33.88 25.38 -14.97
CA ALA C 184 35.24 24.85 -14.93
C ALA C 184 35.45 23.70 -15.91
N HIS C 185 34.39 23.04 -16.35
CA HIS C 185 34.52 21.96 -17.31
C HIS C 185 34.44 22.44 -18.75
N ARG C 186 34.27 23.73 -18.96
CA ARG C 186 34.18 24.27 -20.32
C ARG C 186 35.52 24.09 -21.05
N ARG C 187 35.42 23.73 -22.32
CA ARG C 187 36.58 23.58 -23.18
C ARG C 187 36.23 24.17 -24.54
N ALA C 188 37.12 23.98 -25.51
CA ALA C 188 36.86 24.40 -26.87
C ALA C 188 35.96 23.38 -27.54
N GLU C 189 35.80 23.49 -28.86
CA GLU C 189 35.00 22.53 -29.61
C GLU C 189 35.90 21.38 -30.01
N THR C 190 35.73 20.24 -29.33
CA THR C 190 36.53 19.07 -29.58
C THR C 190 36.05 18.27 -30.78
N LEU C 191 35.15 18.82 -31.60
CA LEU C 191 34.74 18.17 -32.83
C LEU C 191 35.66 18.61 -33.96
N ILE C 192 36.17 17.65 -34.72
CA ILE C 192 37.13 17.94 -35.78
C ILE C 192 36.55 17.49 -37.11
N PHE C 193 36.93 18.20 -38.16
CA PHE C 193 36.49 17.95 -39.53
C PHE C 193 37.71 17.63 -40.38
N SER C 194 37.52 17.59 -41.69
CA SER C 194 38.62 17.38 -42.62
C SER C 194 38.71 18.60 -43.53
N ARG C 195 39.93 19.04 -43.84
CA ARG C 195 40.07 20.24 -44.65
C ARG C 195 39.56 20.02 -46.05
N HIS C 196 39.61 18.79 -46.55
CA HIS C 196 39.17 18.48 -47.89
C HIS C 196 37.86 17.71 -47.85
N ALA C 197 36.97 18.03 -48.78
CA ALA C 197 35.74 17.30 -49.01
C ALA C 197 35.78 16.73 -50.42
N VAL C 198 35.38 15.48 -50.57
CA VAL C 198 35.70 14.71 -51.77
C VAL C 198 34.43 14.34 -52.50
N ILE C 199 34.47 14.40 -53.83
CA ILE C 199 33.40 13.90 -54.68
C ILE C 199 33.86 12.59 -55.28
N ALA C 200 33.06 11.54 -55.12
CA ALA C 200 33.47 10.23 -55.59
C ALA C 200 32.22 9.48 -56.03
N VAL C 201 32.37 8.17 -56.23
CA VAL C 201 31.27 7.31 -56.64
C VAL C 201 31.01 6.29 -55.55
N ARG C 202 29.78 6.31 -55.03
CA ARG C 202 29.33 5.35 -54.04
C ARG C 202 28.08 4.65 -54.55
N ASN C 203 28.08 3.32 -54.45
CA ASN C 203 26.92 2.48 -54.74
C ASN C 203 26.24 2.88 -56.05
N GLY C 204 27.02 3.33 -57.02
CA GLY C 204 26.56 3.55 -58.36
C GLY C 204 26.47 5.01 -58.79
N LYS C 205 26.45 5.95 -57.85
CA LYS C 205 26.20 7.32 -58.20
C LYS C 205 27.30 8.21 -57.64
N LEU C 206 27.21 9.50 -57.93
CA LEU C 206 28.13 10.46 -57.37
C LEU C 206 27.77 10.74 -55.91
N CYS C 207 28.73 11.25 -55.17
CA CYS C 207 28.52 11.55 -53.77
C CYS C 207 29.53 12.61 -53.33
N PHE C 208 29.05 13.60 -52.58
CA PHE C 208 29.89 14.59 -51.93
C PHE C 208 30.02 14.16 -50.47
N MET C 209 31.25 14.00 -50.00
CA MET C 209 31.48 13.39 -48.70
C MET C 209 32.54 14.16 -47.93
N PHE C 210 32.48 14.03 -46.61
CA PHE C 210 33.51 14.57 -45.73
C PHE C 210 33.59 13.68 -44.50
N ARG C 211 34.57 13.92 -43.65
CA ARG C 211 34.79 13.11 -42.46
C ARG C 211 34.60 13.97 -41.22
N VAL C 212 34.21 13.33 -40.12
CA VAL C 212 34.01 14.04 -38.87
C VAL C 212 34.42 13.13 -37.73
N GLY C 213 35.02 13.71 -36.69
CA GLY C 213 35.54 12.92 -35.59
C GLY C 213 35.44 13.64 -34.26
N ASP C 214 35.42 12.84 -33.21
CA ASP C 214 35.19 13.32 -31.85
C ASP C 214 36.43 13.08 -31.01
N LEU C 215 36.88 14.12 -30.33
CA LEU C 215 38.04 14.02 -29.45
C LEU C 215 37.67 13.86 -27.98
N ARG C 216 36.56 14.44 -27.55
CA ARG C 216 36.18 14.37 -26.14
C ARG C 216 35.89 12.94 -25.72
N LYS C 217 36.09 12.65 -24.43
CA LYS C 217 35.88 11.30 -23.96
C LYS C 217 34.41 10.92 -23.94
N SER C 218 33.51 11.88 -23.71
CA SER C 218 32.11 11.59 -23.58
C SER C 218 31.42 11.59 -24.93
N MET C 219 30.40 10.75 -25.05
CA MET C 219 29.65 10.60 -26.30
C MET C 219 28.49 11.58 -26.29
N ILE C 220 28.48 12.49 -27.27
CA ILE C 220 27.40 13.45 -27.34
C ILE C 220 26.08 12.73 -27.57
N ILE C 221 25.01 13.31 -27.05
CA ILE C 221 23.68 12.70 -27.06
C ILE C 221 22.83 13.44 -28.08
N SER C 222 22.09 12.68 -28.88
CA SER C 222 21.16 13.24 -29.86
C SER C 222 21.89 14.13 -30.86
N ALA C 223 23.00 13.61 -31.38
CA ALA C 223 23.75 14.36 -32.38
C ALA C 223 22.95 14.46 -33.68
N SER C 224 23.26 15.48 -34.46
CA SER C 224 22.51 15.73 -35.68
C SER C 224 23.37 16.53 -36.63
N VAL C 225 23.11 16.36 -37.93
CA VAL C 225 23.90 16.95 -38.99
C VAL C 225 22.98 17.68 -39.96
N ARG C 226 23.41 18.85 -40.44
CA ARG C 226 22.72 19.53 -41.51
C ARG C 226 23.74 20.12 -42.47
N ILE C 227 23.33 20.23 -43.74
CA ILE C 227 24.20 20.65 -44.84
C ILE C 227 23.45 21.67 -45.67
N GLN C 228 24.12 22.75 -46.03
CA GLN C 228 23.46 23.84 -46.75
C GLN C 228 24.37 24.41 -47.84
N VAL C 229 23.85 24.50 -49.05
CA VAL C 229 24.58 25.12 -50.16
C VAL C 229 24.22 26.60 -50.21
N VAL C 230 25.23 27.46 -50.21
CA VAL C 230 25.02 28.90 -50.30
C VAL C 230 25.26 29.34 -51.74
N LYS C 231 24.33 30.10 -52.30
CA LYS C 231 24.48 30.57 -53.67
C LYS C 231 23.85 31.96 -53.78
N LYS C 232 23.68 32.41 -55.02
CA LYS C 232 23.00 33.66 -55.34
C LYS C 232 21.88 33.32 -56.31
N THR C 233 20.71 32.97 -55.77
CA THR C 233 19.64 32.48 -56.62
C THR C 233 18.98 33.63 -57.37
N THR C 234 18.23 33.27 -58.40
CA THR C 234 17.51 34.23 -59.23
C THR C 234 16.21 33.57 -59.67
N THR C 235 15.11 33.92 -59.01
CA THR C 235 13.82 33.40 -59.40
C THR C 235 13.47 33.92 -60.79
N PRO C 236 12.58 33.22 -61.52
CA PRO C 236 12.18 33.72 -62.84
C PRO C 236 11.54 35.09 -62.81
N GLU C 237 10.88 35.45 -61.71
CA GLU C 237 10.11 36.67 -61.64
C GLU C 237 10.87 37.85 -61.06
N GLY C 238 12.17 37.70 -60.77
CA GLY C 238 12.97 38.88 -60.47
C GLY C 238 13.81 38.88 -59.21
N GLU C 239 13.37 38.19 -58.16
CA GLU C 239 14.10 38.25 -56.90
C GLU C 239 15.52 37.77 -57.08
N VAL C 240 16.43 38.38 -56.32
CA VAL C 240 17.82 37.93 -56.27
C VAL C 240 18.21 37.88 -54.81
N VAL C 241 18.10 36.71 -54.20
CA VAL C 241 18.53 36.51 -52.82
C VAL C 241 20.05 36.35 -52.85
N PRO C 242 20.81 37.24 -52.23
CA PRO C 242 22.26 37.25 -52.42
C PRO C 242 22.97 36.00 -51.88
N ILE C 243 22.69 35.61 -50.65
CA ILE C 243 23.25 34.39 -50.09
C ILE C 243 22.07 33.51 -49.70
N HIS C 244 21.61 32.71 -50.64
CA HIS C 244 20.49 31.82 -50.42
C HIS C 244 21.04 30.48 -49.96
N GLN C 245 20.56 30.00 -48.81
CA GLN C 245 21.06 28.78 -48.19
C GLN C 245 20.05 27.66 -48.47
N GLN C 246 20.21 27.03 -49.62
CA GLN C 246 19.41 25.84 -49.88
C GLN C 246 19.86 24.74 -48.96
N ASP C 247 18.93 23.88 -48.56
CA ASP C 247 19.25 22.79 -47.66
C ASP C 247 19.44 21.50 -48.45
N ILE C 248 20.23 20.60 -47.89
CA ILE C 248 20.63 19.39 -48.59
C ILE C 248 20.37 18.19 -47.70
N PRO C 249 19.81 17.10 -48.22
CA PRO C 249 19.54 15.95 -47.36
C PRO C 249 20.74 15.04 -47.21
N VAL C 250 21.09 14.74 -45.96
CA VAL C 250 22.19 13.83 -45.67
C VAL C 250 21.80 12.41 -46.02
N ASP C 251 22.67 11.70 -46.72
CA ASP C 251 22.36 10.34 -47.14
C ASP C 251 22.35 9.40 -45.94
N ASN C 252 21.29 8.62 -45.83
CA ASN C 252 21.06 7.79 -44.65
C ASN C 252 20.02 6.74 -45.01
N PRO C 253 20.08 5.55 -44.40
CA PRO C 253 19.11 4.50 -44.77
C PRO C 253 17.66 4.84 -44.46
N ILE C 254 17.35 5.25 -43.24
CA ILE C 254 15.98 5.47 -42.83
C ILE C 254 15.59 6.95 -42.89
N GLU C 255 16.33 7.74 -43.64
CA GLU C 255 16.01 9.14 -43.88
C GLU C 255 15.82 9.90 -42.57
N SER C 256 16.90 10.00 -41.81
CA SER C 256 16.96 10.82 -40.61
C SER C 256 18.24 11.62 -40.62
N ASN C 257 18.41 12.44 -39.58
CA ASN C 257 19.63 13.20 -39.37
C ASN C 257 20.52 12.62 -38.29
N ASN C 258 19.93 11.90 -37.34
CA ASN C 258 20.68 11.42 -36.18
C ASN C 258 21.83 10.53 -36.62
N ILE C 259 22.99 10.77 -36.00
CA ILE C 259 24.20 9.99 -36.23
C ILE C 259 24.75 9.59 -34.88
N PHE C 260 25.54 8.52 -34.87
CA PHE C 260 26.15 8.00 -33.66
C PHE C 260 27.66 8.16 -33.78
N LEU C 261 28.21 9.19 -33.17
CA LEU C 261 29.63 9.51 -33.27
C LEU C 261 30.38 8.81 -32.15
N VAL C 262 31.10 7.74 -32.49
CA VAL C 262 32.06 7.09 -31.60
C VAL C 262 33.45 7.08 -32.21
N ALA C 263 33.57 6.54 -33.42
CA ALA C 263 34.75 6.56 -34.24
C ALA C 263 34.55 7.54 -35.39
N PRO C 264 35.62 8.14 -35.90
CA PRO C 264 35.47 9.06 -37.03
C PRO C 264 34.76 8.40 -38.20
N LEU C 265 33.81 9.13 -38.79
CA LEU C 265 32.95 8.55 -39.80
C LEU C 265 32.69 9.54 -40.90
N ILE C 266 32.18 9.03 -42.02
CA ILE C 266 32.06 9.76 -43.27
C ILE C 266 30.61 10.15 -43.50
N ILE C 267 30.33 11.44 -43.53
CA ILE C 267 29.03 11.97 -43.86
C ILE C 267 28.97 12.20 -45.36
N CYS C 268 27.90 11.74 -45.99
CA CYS C 268 27.79 11.72 -47.44
C CYS C 268 26.54 12.47 -47.89
N HIS C 269 26.46 12.70 -49.20
CA HIS C 269 25.31 13.35 -49.81
C HIS C 269 25.27 12.96 -51.27
N VAL C 270 24.21 12.26 -51.67
CA VAL C 270 24.14 11.64 -53.00
C VAL C 270 23.60 12.67 -53.98
N ILE C 271 24.44 13.13 -54.88
CA ILE C 271 24.04 14.18 -55.81
C ILE C 271 23.10 13.60 -56.85
N ASP C 272 21.79 13.75 -56.62
CA ASP C 272 20.77 13.33 -57.56
C ASP C 272 20.17 14.54 -58.25
N LYS C 273 19.09 14.31 -59.01
CA LYS C 273 18.47 15.35 -59.82
C LYS C 273 17.86 16.48 -59.00
N ARG C 274 17.92 16.40 -57.67
CA ARG C 274 17.33 17.41 -56.80
C ARG C 274 18.37 18.16 -55.99
N SER C 275 19.65 17.97 -56.27
CA SER C 275 20.65 18.67 -55.51
C SER C 275 21.31 19.76 -56.35
N PRO C 276 21.59 20.92 -55.77
CA PRO C 276 22.15 22.03 -56.56
C PRO C 276 23.54 21.75 -57.11
N LEU C 277 24.10 20.57 -56.82
CA LEU C 277 25.34 20.13 -57.44
C LEU C 277 25.09 19.18 -58.59
N TYR C 278 23.83 19.02 -59.00
CA TYR C 278 23.52 18.11 -60.10
C TYR C 278 24.10 18.57 -61.42
N ASP C 279 24.47 19.84 -61.54
CA ASP C 279 25.03 20.38 -62.77
C ASP C 279 26.43 20.93 -62.51
N ILE C 280 27.24 20.19 -61.77
CA ILE C 280 28.61 20.57 -61.45
C ILE C 280 29.53 19.52 -62.03
N SER C 281 30.46 19.95 -62.89
CA SER C 281 31.43 19.05 -63.50
C SER C 281 32.82 19.35 -62.98
N ALA C 282 33.78 18.52 -63.39
CA ALA C 282 35.13 18.63 -62.87
C ALA C 282 35.83 19.88 -63.38
N THR C 283 35.63 20.21 -64.66
CA THR C 283 36.25 21.41 -65.21
C THR C 283 35.66 22.67 -64.59
N ASP C 284 34.35 22.65 -64.30
CA ASP C 284 33.72 23.82 -63.70
C ASP C 284 34.20 24.07 -62.29
N LEU C 285 34.64 23.03 -61.57
CA LEU C 285 35.02 23.17 -60.18
C LEU C 285 36.41 23.79 -60.07
N VAL C 286 36.61 24.93 -60.70
CA VAL C 286 37.82 25.71 -60.50
C VAL C 286 37.40 27.12 -60.11
N ASN C 287 36.44 27.67 -60.84
CA ASN C 287 35.76 28.90 -60.46
C ASN C 287 34.27 28.59 -60.40
N GLN C 288 33.72 28.58 -59.20
CA GLN C 288 32.34 28.17 -59.03
C GLN C 288 31.77 28.85 -57.80
N ASP C 289 30.49 29.23 -57.89
CA ASP C 289 29.80 29.86 -56.77
C ASP C 289 29.22 28.79 -55.85
N LEU C 290 30.11 27.97 -55.30
CA LEU C 290 29.72 26.92 -54.36
C LEU C 290 30.30 27.23 -53.00
N GLU C 291 29.51 26.95 -51.96
CA GLU C 291 29.99 26.98 -50.60
C GLU C 291 29.08 26.10 -49.77
N VAL C 292 29.62 25.01 -49.25
CA VAL C 292 28.82 24.04 -48.51
C VAL C 292 29.09 24.24 -47.03
N ILE C 293 28.03 24.59 -46.31
CA ILE C 293 28.05 24.82 -44.87
C ILE C 293 27.64 23.53 -44.19
N VAL C 294 28.41 23.12 -43.19
CA VAL C 294 28.10 21.91 -42.42
C VAL C 294 27.91 22.31 -40.97
N ILE C 295 26.77 21.92 -40.40
CA ILE C 295 26.38 22.29 -39.04
C ILE C 295 26.05 21.03 -38.28
N LEU C 296 26.82 20.74 -37.24
CA LEU C 296 26.68 19.51 -36.46
C LEU C 296 26.44 19.89 -35.01
N GLU C 297 25.35 19.41 -34.43
CA GLU C 297 25.03 19.84 -33.09
C GLU C 297 24.50 18.70 -32.24
N GLY C 298 24.60 18.86 -30.93
CA GLY C 298 24.09 17.85 -30.03
C GLY C 298 24.42 18.19 -28.59
N VAL C 299 23.82 17.43 -27.70
CA VAL C 299 24.00 17.60 -26.26
C VAL C 299 25.12 16.70 -25.80
N VAL C 300 25.98 17.22 -24.94
CA VAL C 300 27.08 16.44 -24.38
C VAL C 300 26.57 15.69 -23.17
N GLU C 301 27.08 14.47 -22.97
CA GLU C 301 26.50 13.59 -21.97
C GLU C 301 26.74 14.09 -20.55
N THR C 302 27.99 14.45 -20.24
CA THR C 302 28.35 14.72 -18.85
C THR C 302 27.97 16.14 -18.44
N THR C 303 28.54 17.13 -19.12
CA THR C 303 28.25 18.52 -18.77
C THR C 303 26.77 18.82 -18.93
N GLY C 304 26.20 18.46 -20.07
CA GLY C 304 24.78 18.63 -20.32
C GLY C 304 24.40 19.86 -21.11
N ILE C 305 25.37 20.63 -21.58
CA ILE C 305 25.11 21.86 -22.31
C ILE C 305 25.27 21.59 -23.80
N THR C 306 24.25 21.97 -24.56
CA THR C 306 24.25 21.69 -25.99
C THR C 306 25.37 22.45 -26.69
N THR C 307 25.93 21.82 -27.72
CA THR C 307 27.01 22.40 -28.50
C THR C 307 26.64 22.35 -29.97
N GLN C 308 27.28 23.23 -30.73
CA GLN C 308 27.13 23.30 -32.17
C GLN C 308 28.47 23.64 -32.80
N ALA C 309 28.88 22.82 -33.78
CA ALA C 309 30.12 23.02 -34.51
C ALA C 309 29.80 23.25 -35.98
N ARG C 310 30.66 23.99 -36.66
CA ARG C 310 30.40 24.38 -38.03
C ARG C 310 31.68 24.29 -38.84
N THR C 311 31.51 24.17 -40.15
CA THR C 311 32.63 24.24 -41.07
C THR C 311 32.09 24.59 -42.45
N SER C 312 32.99 24.90 -43.38
CA SER C 312 32.58 25.26 -44.72
C SER C 312 33.59 24.77 -45.72
N TYR C 313 33.13 24.48 -46.93
CA TYR C 313 34.01 24.10 -48.02
C TYR C 313 33.67 24.94 -49.26
N ILE C 314 34.69 25.51 -49.88
CA ILE C 314 34.53 26.25 -51.12
C ILE C 314 35.16 25.45 -52.25
N ALA C 315 34.94 25.91 -53.48
CA ALA C 315 35.35 25.16 -54.66
C ALA C 315 36.84 24.84 -54.68
N GLU C 316 37.64 25.44 -53.80
CA GLU C 316 39.06 25.12 -53.73
C GLU C 316 39.30 23.79 -53.04
N GLU C 317 38.54 23.48 -52.01
CA GLU C 317 38.78 22.31 -51.16
C GLU C 317 37.94 21.11 -51.54
N ILE C 318 37.13 21.20 -52.59
CA ILE C 318 36.45 20.04 -53.15
C ILE C 318 37.33 19.49 -54.24
N GLN C 319 37.78 18.25 -54.07
CA GLN C 319 38.65 17.60 -55.04
C GLN C 319 37.89 16.48 -55.72
N TRP C 320 37.83 16.54 -57.05
CA TRP C 320 36.98 15.66 -57.85
C TRP C 320 37.76 14.40 -58.19
N GLY C 321 37.30 13.27 -57.67
CA GLY C 321 37.91 12.00 -57.99
C GLY C 321 38.80 11.40 -56.93
N HIS C 322 38.66 11.82 -55.68
CA HIS C 322 39.40 11.23 -54.57
C HIS C 322 38.44 10.45 -53.68
N ARG C 323 38.99 9.89 -52.61
CA ARG C 323 38.16 9.23 -51.60
C ARG C 323 38.99 9.13 -50.33
N PHE C 324 38.30 8.88 -49.22
CA PHE C 324 38.97 8.78 -47.93
C PHE C 324 39.46 7.35 -47.71
N VAL C 325 40.56 7.23 -46.99
CA VAL C 325 41.14 5.92 -46.72
C VAL C 325 40.40 5.26 -45.57
N SER C 326 40.50 3.93 -45.50
CA SER C 326 40.07 3.22 -44.32
C SER C 326 41.04 3.47 -43.19
N ILE C 327 40.53 3.51 -41.96
CA ILE C 327 41.31 3.89 -40.79
C ILE C 327 41.26 2.81 -39.72
N VAL C 328 40.06 2.35 -39.36
CA VAL C 328 39.93 1.38 -38.29
C VAL C 328 40.52 0.05 -38.73
N THR C 329 41.12 -0.66 -37.77
CA THR C 329 41.70 -1.98 -37.97
C THR C 329 41.97 -2.60 -36.61
N GLU C 330 41.79 -3.91 -36.49
CA GLU C 330 42.00 -4.61 -35.23
C GLU C 330 43.32 -5.37 -35.31
N GLU C 331 44.38 -4.76 -34.76
CA GLU C 331 45.68 -5.39 -34.78
C GLU C 331 45.69 -6.68 -33.95
N GLU C 332 45.08 -6.64 -32.77
CA GLU C 332 44.95 -7.83 -31.93
C GLU C 332 43.82 -7.57 -30.95
N GLY C 333 42.73 -8.29 -31.09
CA GLY C 333 41.57 -7.99 -30.27
C GLY C 333 40.99 -6.65 -30.63
N VAL C 334 40.83 -5.78 -29.63
CA VAL C 334 40.09 -4.53 -29.74
C VAL C 334 40.52 -3.73 -30.95
N TYR C 335 39.57 -3.02 -31.56
CA TYR C 335 39.84 -2.21 -32.74
C TYR C 335 40.66 -0.98 -32.35
N SER C 336 41.18 -0.31 -33.37
CA SER C 336 42.00 0.88 -33.14
C SER C 336 41.79 1.87 -34.29
N VAL C 337 41.56 3.12 -33.94
CA VAL C 337 41.38 4.18 -34.92
C VAL C 337 42.70 4.92 -35.04
N ASP C 338 43.34 4.83 -36.19
CA ASP C 338 44.62 5.49 -36.43
C ASP C 338 44.33 6.92 -36.86
N TYR C 339 44.33 7.84 -35.90
CA TYR C 339 44.01 9.23 -36.19
C TYR C 339 45.09 9.95 -37.00
N SER C 340 46.25 9.34 -37.20
CA SER C 340 47.31 10.01 -37.95
C SER C 340 46.92 10.25 -39.40
N LYS C 341 45.96 9.51 -39.94
CA LYS C 341 45.52 9.63 -41.32
C LYS C 341 44.07 10.08 -41.40
N PHE C 342 43.72 11.05 -40.57
CA PHE C 342 42.32 11.46 -40.45
C PHE C 342 41.83 12.14 -41.72
N GLY C 343 42.60 13.08 -42.24
CA GLY C 343 42.16 13.85 -43.38
C GLY C 343 42.77 13.40 -44.69
N ASN C 344 43.31 12.19 -44.72
CA ASN C 344 43.98 11.70 -45.91
C ASN C 344 43.02 11.59 -47.08
N THR C 345 43.56 11.31 -48.25
CA THR C 345 42.77 11.23 -49.47
C THR C 345 43.58 10.49 -50.53
N VAL C 346 43.03 9.40 -51.06
CA VAL C 346 43.73 8.54 -52.00
C VAL C 346 43.12 8.76 -53.39
N ARG C 347 43.94 9.20 -54.32
CA ARG C 347 43.46 9.43 -55.69
C ARG C 347 42.86 8.16 -56.26
N VAL C 348 41.70 8.30 -56.91
CA VAL C 348 40.98 7.18 -57.49
C VAL C 348 40.44 7.61 -58.86
N ALA C 349 39.98 6.63 -59.63
CA ALA C 349 39.49 6.88 -60.98
C ALA C 349 37.99 7.10 -60.95
N ALA C 350 37.54 8.15 -61.62
CA ALA C 350 36.15 8.56 -61.57
C ALA C 350 35.85 9.39 -62.83
N PRO C 351 34.58 9.56 -63.17
CA PRO C 351 34.26 10.34 -64.38
C PRO C 351 34.70 11.79 -64.26
N ARG C 352 34.52 12.56 -65.34
CA ARG C 352 34.94 13.96 -65.36
C ARG C 352 33.84 14.84 -65.93
N CYS C 353 32.59 14.44 -65.76
CA CYS C 353 31.45 15.18 -66.29
C CYS C 353 30.47 15.46 -65.15
N SER C 354 29.63 16.47 -65.37
CA SER C 354 28.62 16.80 -64.37
C SER C 354 27.69 15.62 -64.16
N ALA C 355 27.11 15.55 -62.96
CA ALA C 355 26.26 14.41 -62.64
C ALA C 355 25.07 14.30 -63.57
N ARG C 356 24.66 15.40 -64.20
CA ARG C 356 23.60 15.33 -65.20
C ARG C 356 24.00 14.48 -66.39
N GLU C 357 25.25 14.65 -66.85
CA GLU C 357 25.73 13.84 -67.97
C GLU C 357 25.73 12.36 -67.61
N LEU C 358 26.16 12.02 -66.40
CA LEU C 358 26.34 10.63 -66.03
C LEU C 358 25.07 9.82 -66.14
N ASP C 359 23.90 10.46 -66.10
CA ASP C 359 22.65 9.79 -66.39
C ASP C 359 22.08 10.13 -67.76
N GLU C 360 22.56 11.20 -68.39
CA GLU C 360 22.19 11.44 -69.77
C GLU C 360 22.75 10.37 -70.69
N LYS C 361 23.93 9.83 -70.36
CA LYS C 361 24.60 8.83 -71.19
C LYS C 361 24.99 7.63 -70.32
N PRO C 362 24.02 6.90 -69.80
CA PRO C 362 24.34 5.81 -68.87
C PRO C 362 25.06 4.67 -69.58
N SER C 363 25.70 3.83 -68.77
CA SER C 363 26.50 2.67 -69.16
C SER C 363 27.78 3.05 -69.88
N ILE C 364 28.02 4.34 -70.15
CA ILE C 364 29.30 4.76 -70.72
C ILE C 364 30.38 4.75 -69.65
N LEU C 365 30.04 5.17 -68.44
CA LEU C 365 30.99 5.21 -67.32
C LEU C 365 31.48 3.80 -66.99
N ARG D 30 -14.79 51.50 -35.21
CA ARG D 30 -14.83 51.43 -33.75
C ARG D 30 -13.61 50.69 -33.22
N LEU D 31 -13.83 49.83 -32.24
CA LEU D 31 -12.74 49.04 -31.68
C LEU D 31 -12.19 48.08 -32.73
N PRO D 32 -10.87 47.96 -32.77
CA PRO D 32 -10.23 47.04 -33.71
C PRO D 32 -10.61 45.61 -33.38
N LYS D 33 -10.64 44.77 -34.42
CA LYS D 33 -10.99 43.38 -34.25
C LYS D 33 -10.08 42.72 -33.22
N ALA D 34 -10.66 41.92 -32.34
CA ALA D 34 -9.92 41.34 -31.23
C ALA D 34 -8.80 40.44 -31.73
N ARG D 35 -7.55 40.84 -31.51
CA ARG D 35 -6.41 40.06 -31.94
C ARG D 35 -6.31 38.79 -31.12
N PHE D 36 -5.34 37.95 -31.46
CA PHE D 36 -5.02 36.76 -30.69
C PHE D 36 -3.72 36.92 -29.92
N ILE D 37 -2.64 37.29 -30.60
CA ILE D 37 -1.42 37.70 -29.94
C ILE D 37 -1.00 39.04 -30.53
N ALA D 38 -0.68 39.99 -29.66
CA ALA D 38 -0.31 41.32 -30.12
C ALA D 38 0.91 41.25 -31.02
N LYS D 39 1.11 42.29 -31.81
CA LYS D 39 2.30 42.34 -32.65
C LYS D 39 3.58 42.37 -31.82
N SER D 40 3.50 42.86 -30.59
CA SER D 40 4.63 42.75 -29.67
C SER D 40 4.94 41.29 -29.37
N GLY D 41 3.90 40.48 -29.17
CA GLY D 41 4.09 39.06 -28.97
C GLY D 41 3.31 38.48 -27.81
N ALA D 42 2.69 39.33 -27.00
CA ALA D 42 2.00 38.88 -25.81
C ALA D 42 0.55 38.53 -26.12
N CYS D 43 0.06 37.46 -25.48
CA CYS D 43 -1.31 37.03 -25.67
C CYS D 43 -2.29 38.06 -25.10
N ASN D 44 -3.46 38.15 -25.72
CA ASN D 44 -4.49 39.07 -25.29
C ASN D 44 -5.69 38.39 -24.66
N LEU D 45 -5.74 37.07 -24.65
CA LEU D 45 -6.89 36.37 -24.09
C LEU D 45 -7.01 36.63 -22.60
N ALA D 46 -8.24 36.56 -22.10
CA ALA D 46 -8.52 36.72 -20.68
C ALA D 46 -9.02 35.39 -20.13
N HIS D 47 -8.34 34.88 -19.12
CA HIS D 47 -8.70 33.61 -18.49
C HIS D 47 -9.53 33.93 -17.26
N LYS D 48 -10.85 33.87 -17.40
CA LYS D 48 -11.78 34.18 -16.32
C LYS D 48 -12.48 32.93 -15.84
N ASN D 49 -12.93 32.97 -14.60
CA ASN D 49 -13.62 31.87 -13.94
C ASN D 49 -12.74 30.61 -13.89
N ILE D 50 -11.63 30.74 -13.19
CA ILE D 50 -10.76 29.61 -12.86
C ILE D 50 -10.88 29.37 -11.37
N ARG D 51 -11.12 28.12 -10.99
CA ARG D 51 -11.21 27.75 -9.57
C ARG D 51 -9.97 28.20 -8.83
N GLU D 52 -10.15 29.11 -7.89
CA GLU D 52 -9.02 29.74 -7.22
C GLU D 52 -8.29 28.74 -6.33
N GLN D 53 -6.96 28.69 -6.45
CA GLN D 53 -6.14 27.92 -5.55
C GLN D 53 -5.60 28.73 -4.38
N GLY D 54 -5.77 30.06 -4.40
CA GLY D 54 -5.22 30.92 -3.40
C GLY D 54 -3.76 31.25 -3.66
N ARG D 55 -3.23 32.14 -2.82
CA ARG D 55 -1.83 32.53 -2.86
C ARG D 55 -1.11 31.86 -1.70
N PHE D 56 -0.06 31.10 -2.00
CA PHE D 56 0.65 30.32 -0.99
C PHE D 56 1.61 31.23 -0.21
N LEU D 57 2.50 30.63 0.55
CA LEU D 57 3.64 31.35 1.11
C LEU D 57 4.85 31.30 0.19
N GLN D 58 4.93 30.30 -0.69
CA GLN D 58 6.03 30.19 -1.62
C GLN D 58 6.06 31.34 -2.62
N ASP D 59 4.93 32.00 -2.85
CA ASP D 59 4.93 33.16 -3.73
C ASP D 59 5.78 34.29 -3.15
N ILE D 60 5.72 34.47 -1.83
CA ILE D 60 6.46 35.55 -1.18
C ILE D 60 7.96 35.32 -1.25
N PHE D 61 8.40 34.09 -1.49
CA PHE D 61 9.82 33.81 -1.64
C PHE D 61 10.23 33.85 -3.10
N THR D 62 9.40 33.29 -3.98
CA THR D 62 9.69 33.36 -5.41
C THR D 62 9.76 34.82 -5.88
N THR D 63 8.88 35.67 -5.36
CA THR D 63 8.96 37.09 -5.69
C THR D 63 10.21 37.72 -5.12
N LEU D 64 10.72 37.19 -4.00
CA LEU D 64 11.94 37.75 -3.42
C LEU D 64 13.16 37.39 -4.25
N VAL D 65 13.22 36.16 -4.76
CA VAL D 65 14.38 35.76 -5.56
C VAL D 65 14.42 36.49 -6.90
N ASP D 66 13.34 37.16 -7.28
CA ASP D 66 13.26 37.86 -8.56
C ASP D 66 12.80 39.29 -8.31
N LEU D 67 13.76 40.17 -8.05
CA LEU D 67 13.47 41.58 -7.88
C LEU D 67 14.52 42.39 -8.62
N LYS D 68 14.15 43.60 -9.00
CA LYS D 68 15.12 44.53 -9.56
C LYS D 68 16.11 44.95 -8.48
N TRP D 69 17.36 45.18 -8.88
CA TRP D 69 18.38 45.55 -7.91
C TRP D 69 17.98 46.77 -7.10
N ARG D 70 17.21 47.69 -7.70
CA ARG D 70 16.72 48.84 -6.96
C ARG D 70 15.97 48.41 -5.72
N HIS D 71 15.37 47.23 -5.75
CA HIS D 71 14.66 46.69 -4.59
C HIS D 71 15.41 45.57 -3.89
N THR D 72 16.24 44.82 -4.61
CA THR D 72 17.06 43.81 -3.94
C THR D 72 17.98 44.45 -2.91
N LEU D 73 18.62 45.56 -3.27
CA LEU D 73 19.49 46.24 -2.32
C LEU D 73 18.70 46.79 -1.14
N VAL D 74 17.49 47.28 -1.40
CA VAL D 74 16.67 47.85 -0.33
C VAL D 74 16.30 46.78 0.68
N ILE D 75 15.82 45.63 0.20
CA ILE D 75 15.43 44.59 1.15
C ILE D 75 16.67 43.98 1.81
N PHE D 76 17.79 43.93 1.08
CA PHE D 76 19.05 43.46 1.67
C PHE D 76 19.43 44.32 2.85
N THR D 77 19.29 45.64 2.74
CA THR D 77 19.62 46.53 3.85
C THR D 77 18.61 46.38 4.98
N MET D 78 17.32 46.39 4.64
CA MET D 78 16.29 46.46 5.67
C MET D 78 16.23 45.18 6.49
N SER D 79 16.49 44.01 5.90
CA SER D 79 16.48 42.78 6.67
C SER D 79 17.46 42.88 7.84
N PHE D 80 18.71 43.23 7.54
CA PHE D 80 19.72 43.32 8.59
C PHE D 80 19.41 44.43 9.58
N LEU D 81 18.96 45.59 9.09
CA LEU D 81 18.69 46.69 10.00
C LEU D 81 17.59 46.32 10.99
N CYS D 82 16.50 45.73 10.49
CA CYS D 82 15.39 45.38 11.36
C CYS D 82 15.78 44.26 12.32
N SER D 83 16.57 43.29 11.87
CA SER D 83 16.99 42.23 12.78
C SER D 83 17.85 42.77 13.91
N TRP D 84 18.80 43.65 13.57
CA TRP D 84 19.64 44.26 14.60
C TRP D 84 18.78 45.03 15.60
N LEU D 85 17.82 45.81 15.11
CA LEU D 85 16.99 46.59 16.02
C LEU D 85 16.15 45.71 16.92
N LEU D 86 15.57 44.63 16.37
CA LEU D 86 14.73 43.75 17.18
C LEU D 86 15.52 43.10 18.29
N PHE D 87 16.67 42.52 17.96
CA PHE D 87 17.42 41.87 19.02
C PHE D 87 18.07 42.87 19.96
N ALA D 88 18.30 44.11 19.51
CA ALA D 88 18.71 45.14 20.45
C ALA D 88 17.62 45.43 21.46
N ILE D 89 16.38 45.45 21.01
CA ILE D 89 15.27 45.62 21.95
C ILE D 89 15.27 44.49 22.96
N MET D 90 15.46 43.26 22.50
CA MET D 90 15.46 42.13 23.42
C MET D 90 16.60 42.22 24.43
N TRP D 91 17.80 42.60 23.97
CA TRP D 91 18.93 42.72 24.90
C TRP D 91 18.69 43.81 25.91
N TRP D 92 18.14 44.94 25.48
CA TRP D 92 17.85 46.03 26.40
C TRP D 92 16.82 45.61 27.44
N LEU D 93 15.79 44.87 27.02
CA LEU D 93 14.80 44.38 27.97
C LEU D 93 15.41 43.43 28.98
N VAL D 94 16.25 42.49 28.54
CA VAL D 94 16.81 41.55 29.50
C VAL D 94 17.90 42.18 30.34
N ALA D 95 18.47 43.31 29.90
CA ALA D 95 19.37 44.05 30.76
C ALA D 95 18.63 44.99 31.69
N PHE D 96 17.35 45.24 31.42
CA PHE D 96 16.52 45.96 32.38
C PHE D 96 15.99 45.02 33.46
N ALA D 97 15.26 43.99 33.05
CA ALA D 97 14.54 43.14 34.01
C ALA D 97 15.48 42.56 35.06
N HIS D 98 16.69 42.22 34.65
CA HIS D 98 17.62 41.64 35.61
C HIS D 98 18.19 42.66 36.56
N GLY D 99 17.73 43.90 36.50
CA GLY D 99 18.27 44.94 37.35
C GLY D 99 19.73 45.21 37.08
N ASP D 100 20.11 45.29 35.80
CA ASP D 100 21.49 45.56 35.42
C ASP D 100 21.72 47.00 35.02
N ILE D 101 20.70 47.69 34.52
CA ILE D 101 20.85 49.11 34.23
C ILE D 101 20.95 49.91 35.52
N TYR D 102 20.15 49.55 36.53
CA TYR D 102 20.19 50.26 37.79
C TYR D 102 21.55 50.15 38.44
N ALA D 103 22.16 48.96 38.39
CA ALA D 103 23.46 48.77 39.02
C ALA D 103 24.52 49.66 38.37
N TYR D 104 24.54 49.73 37.04
CA TYR D 104 25.52 50.57 36.37
C TYR D 104 25.27 52.04 36.64
N MET D 105 24.00 52.45 36.63
CA MET D 105 23.69 53.84 36.91
C MET D 105 24.10 54.23 38.32
N GLU D 106 23.89 53.34 39.29
CA GLU D 106 24.28 53.63 40.65
C GLU D 106 25.79 53.62 40.82
N LYS D 107 26.48 52.70 40.15
CA LYS D 107 27.95 52.66 40.22
C LYS D 107 28.56 53.93 39.64
N GLY D 108 27.95 54.46 38.57
CA GLY D 108 28.31 55.80 38.13
C GLY D 108 27.97 56.85 39.18
N ILE D 109 26.83 56.68 39.85
CA ILE D 109 26.48 57.57 40.96
C ILE D 109 27.38 57.31 42.15
N THR D 110 27.69 56.05 42.43
CA THR D 110 28.58 55.71 43.53
C THR D 110 30.03 55.90 43.09
N GLU D 111 30.97 55.38 43.88
CA GLU D 111 32.38 55.51 43.57
C GLU D 111 32.92 54.31 42.79
N LYS D 112 32.65 53.10 43.29
CA LYS D 112 33.22 51.89 42.70
C LYS D 112 32.11 51.01 42.15
N SER D 113 32.44 50.27 41.08
CA SER D 113 31.45 49.47 40.38
C SER D 113 31.11 48.18 41.12
N GLY D 114 32.06 47.61 41.85
CA GLY D 114 31.81 46.33 42.49
C GLY D 114 31.52 45.23 41.50
N LEU D 115 32.30 45.16 40.41
CA LEU D 115 32.13 44.18 39.35
C LEU D 115 30.71 44.16 38.79
N GLU D 116 30.01 45.28 38.93
CA GLU D 116 28.61 45.42 38.52
C GLU D 116 27.71 44.36 39.15
N SER D 117 28.21 43.67 40.18
CA SER D 117 27.45 42.66 40.92
C SER D 117 26.89 41.57 39.99
N ALA D 118 27.76 41.04 39.13
CA ALA D 118 27.46 39.88 38.30
C ALA D 118 26.24 40.12 37.42
N VAL D 119 26.41 41.05 36.48
CA VAL D 119 25.38 41.41 35.52
C VAL D 119 25.14 40.28 34.53
N CYS D 120 24.07 40.38 33.75
CA CYS D 120 23.81 39.38 32.70
C CYS D 120 24.82 39.50 31.57
N VAL D 121 25.05 40.72 31.10
CA VAL D 121 25.92 41.00 29.97
C VAL D 121 26.68 42.28 30.29
N THR D 122 28.01 42.20 30.33
CA THR D 122 28.79 43.31 30.83
C THR D 122 28.66 44.53 29.94
N ASN D 123 28.75 45.70 30.56
CA ASN D 123 28.86 46.97 29.85
C ASN D 123 27.73 47.21 28.87
N VAL D 124 26.53 46.75 29.19
CA VAL D 124 25.32 47.10 28.45
C VAL D 124 24.43 47.84 29.43
N ARG D 125 24.50 49.17 29.41
CA ARG D 125 23.86 49.99 30.42
C ARG D 125 22.81 50.93 29.84
N SER D 126 22.59 50.91 28.53
CA SER D 126 21.61 51.76 27.88
C SER D 126 21.11 51.07 26.62
N PHE D 127 20.18 51.71 25.92
CA PHE D 127 19.70 51.11 24.68
C PHE D 127 20.79 51.15 23.61
N THR D 128 21.53 52.26 23.54
CA THR D 128 22.61 52.35 22.57
C THR D 128 23.57 51.18 22.68
N SER D 129 24.19 51.01 23.86
CA SER D 129 25.03 49.85 24.12
C SER D 129 24.37 48.55 23.70
N ALA D 130 23.07 48.42 23.90
CA ALA D 130 22.38 47.21 23.45
C ALA D 130 22.41 47.09 21.93
N PHE D 131 22.25 48.20 21.23
CA PHE D 131 22.32 48.15 19.77
C PHE D 131 23.72 47.76 19.31
N LEU D 132 24.74 48.31 19.96
CA LEU D 132 26.11 47.95 19.60
C LEU D 132 26.37 46.47 19.86
N PHE D 133 25.91 45.96 20.99
CA PHE D 133 26.11 44.55 21.30
C PHE D 133 25.39 43.66 20.28
N SER D 134 24.20 44.06 19.87
CA SER D 134 23.50 43.28 18.84
C SER D 134 24.23 43.30 17.52
N ILE D 135 24.74 44.48 17.11
CA ILE D 135 25.52 44.55 15.88
C ILE D 135 26.71 43.62 15.95
N GLU D 136 27.43 43.64 17.08
CA GLU D 136 28.60 42.79 17.21
C GLU D 136 28.26 41.31 17.23
N VAL D 137 27.10 40.95 17.78
CA VAL D 137 26.76 39.53 17.86
C VAL D 137 26.21 39.01 16.53
N GLN D 138 25.61 39.86 15.70
CA GLN D 138 24.99 39.36 14.50
C GLN D 138 25.87 39.51 13.26
N VAL D 139 26.79 40.47 13.26
CA VAL D 139 27.81 40.53 12.21
C VAL D 139 29.05 39.74 12.60
N THR D 140 29.09 39.19 13.81
CA THR D 140 30.20 38.40 14.33
C THR D 140 31.47 39.23 14.44
N ILE D 141 31.34 40.54 14.61
CA ILE D 141 32.52 41.35 14.90
C ILE D 141 33.05 41.00 16.28
N GLY D 142 32.17 40.97 17.27
CA GLY D 142 32.56 40.64 18.61
C GLY D 142 33.77 41.40 19.11
N PHE D 143 33.62 42.71 19.31
CA PHE D 143 34.75 43.50 19.79
C PHE D 143 35.26 42.96 21.12
N GLY D 144 34.34 42.68 22.04
CA GLY D 144 34.72 42.08 23.29
C GLY D 144 34.81 43.02 24.47
N GLY D 145 34.34 44.24 24.34
CA GLY D 145 34.22 45.11 25.50
C GLY D 145 32.90 44.85 26.19
N ARG D 146 31.91 44.40 25.43
CA ARG D 146 30.60 44.04 25.97
C ARG D 146 30.48 42.52 25.87
N MET D 147 30.98 41.84 26.88
CA MET D 147 31.11 40.39 26.85
C MET D 147 29.76 39.76 27.19
N MET D 148 29.76 38.45 27.41
CA MET D 148 28.56 37.71 27.77
C MET D 148 28.94 36.75 28.88
N THR D 149 28.30 36.89 30.03
CA THR D 149 28.72 36.18 31.22
C THR D 149 27.91 34.91 31.42
N GLU D 150 28.26 34.17 32.47
CA GLU D 150 27.63 32.91 32.81
C GLU D 150 26.49 33.07 33.80
N GLU D 151 26.00 34.29 33.98
CA GLU D 151 25.08 34.53 35.08
C GLU D 151 23.66 34.08 34.75
N CYS D 152 23.04 34.69 33.75
CA CYS D 152 21.62 34.46 33.59
C CYS D 152 21.34 33.72 32.29
N PRO D 153 20.60 32.60 32.35
CA PRO D 153 20.42 31.78 31.14
C PRO D 153 19.46 32.35 30.12
N LEU D 154 18.61 33.30 30.49
CA LEU D 154 17.79 33.95 29.46
C LEU D 154 18.66 34.69 28.47
N ALA D 155 19.78 35.23 28.93
CA ALA D 155 20.73 35.86 28.00
C ALA D 155 21.27 34.83 27.02
N ILE D 156 21.60 33.63 27.52
CA ILE D 156 22.12 32.59 26.64
C ILE D 156 21.07 32.16 25.63
N THR D 157 19.81 32.10 26.05
CA THR D 157 18.73 31.78 25.11
C THR D 157 18.62 32.83 24.02
N VAL D 158 18.68 34.11 24.39
CA VAL D 158 18.60 35.17 23.39
C VAL D 158 19.81 35.11 22.46
N LEU D 159 20.98 34.78 23.00
CA LEU D 159 22.18 34.69 22.16
C LEU D 159 22.03 33.58 21.12
N ILE D 160 21.50 32.43 21.53
CA ILE D 160 21.30 31.35 20.58
C ILE D 160 20.30 31.76 19.50
N LEU D 161 19.19 32.39 19.91
CA LEU D 161 18.21 32.86 18.94
C LEU D 161 18.83 33.80 17.93
N GLN D 162 19.61 34.77 18.41
CA GLN D 162 20.19 35.75 17.50
C GLN D 162 21.19 35.10 16.55
N ASN D 163 21.99 34.15 17.05
CA ASN D 163 22.93 33.46 16.18
C ASN D 163 22.21 32.74 15.06
N ILE D 164 21.17 31.98 15.40
CA ILE D 164 20.49 31.19 14.38
C ILE D 164 19.78 32.11 13.38
N VAL D 165 19.14 33.17 13.85
CA VAL D 165 18.45 34.07 12.94
C VAL D 165 19.44 34.76 12.02
N GLY D 166 20.57 35.21 12.55
CA GLY D 166 21.57 35.82 11.71
C GLY D 166 22.08 34.88 10.65
N LEU D 167 22.32 33.62 11.00
CA LEU D 167 22.80 32.66 10.02
C LEU D 167 21.76 32.42 8.93
N ILE D 168 20.49 32.30 9.30
CA ILE D 168 19.46 32.04 8.29
C ILE D 168 19.34 33.22 7.34
N ILE D 169 19.29 34.44 7.88
CA ILE D 169 19.17 35.61 7.02
C ILE D 169 20.37 35.75 6.11
N ASN D 170 21.56 35.54 6.67
CA ASN D 170 22.79 35.61 5.89
C ASN D 170 22.75 34.62 4.73
N ALA D 171 22.40 33.37 5.02
CA ALA D 171 22.34 32.35 3.97
C ALA D 171 21.36 32.74 2.88
N VAL D 172 20.18 33.24 3.26
CA VAL D 172 19.17 33.60 2.26
C VAL D 172 19.68 34.72 1.37
N MET D 173 20.29 35.75 1.96
CA MET D 173 20.77 36.86 1.14
C MET D 173 21.89 36.43 0.20
N LEU D 174 22.83 35.61 0.69
CA LEU D 174 23.87 35.11 -0.21
C LEU D 174 23.28 34.28 -1.34
N GLY D 175 22.25 33.48 -1.05
CA GLY D 175 21.61 32.72 -2.11
C GLY D 175 20.98 33.60 -3.17
N CYS D 176 20.30 34.66 -2.74
CA CYS D 176 19.68 35.57 -3.71
C CYS D 176 20.75 36.26 -4.56
N ILE D 177 21.86 36.66 -3.96
CA ILE D 177 22.89 37.32 -4.75
C ILE D 177 23.57 36.34 -5.70
N PHE D 178 23.70 35.07 -5.31
CA PHE D 178 24.21 34.08 -6.25
C PHE D 178 23.25 33.91 -7.42
N MET D 179 21.95 33.96 -7.14
CA MET D 179 20.97 33.87 -8.23
C MET D 179 21.13 35.03 -9.19
N LYS D 180 21.32 36.24 -8.67
CA LYS D 180 21.54 37.39 -9.55
C LYS D 180 22.81 37.20 -10.39
N THR D 181 23.90 36.79 -9.75
CA THR D 181 25.14 36.61 -10.48
C THR D 181 25.07 35.48 -11.49
N ALA D 182 24.12 34.56 -11.34
CA ALA D 182 23.92 33.55 -12.38
C ALA D 182 23.02 34.06 -13.49
N GLN D 183 22.00 34.83 -13.15
CA GLN D 183 21.09 35.42 -14.12
C GLN D 183 21.65 36.68 -14.76
N ALA D 184 22.93 36.98 -14.53
CA ALA D 184 23.56 38.14 -15.16
C ALA D 184 23.33 38.19 -16.66
N HIS D 185 23.47 37.06 -17.36
CA HIS D 185 23.37 37.09 -18.82
C HIS D 185 21.94 37.26 -19.33
N ARG D 186 20.93 37.15 -18.48
CA ARG D 186 19.56 37.09 -18.95
C ARG D 186 19.10 38.44 -19.45
N ARG D 187 18.56 38.48 -20.67
CA ARG D 187 18.03 39.68 -21.27
C ARG D 187 16.65 39.44 -21.86
N ALA D 188 16.12 40.41 -22.59
CA ALA D 188 14.84 40.26 -23.25
C ALA D 188 15.03 39.48 -24.55
N GLU D 189 14.01 39.48 -25.40
CA GLU D 189 14.13 38.84 -26.70
C GLU D 189 14.87 39.76 -27.66
N THR D 190 15.84 39.21 -28.37
CA THR D 190 16.59 39.94 -29.38
C THR D 190 16.25 39.50 -30.79
N LEU D 191 15.21 38.68 -30.95
CA LEU D 191 14.74 38.31 -32.28
C LEU D 191 13.87 39.41 -32.85
N ILE D 192 13.82 39.48 -34.17
CA ILE D 192 13.18 40.59 -34.86
C ILE D 192 12.32 40.05 -35.98
N PHE D 193 11.06 40.45 -36.01
CA PHE D 193 10.17 40.16 -37.13
C PHE D 193 9.80 41.48 -37.80
N SER D 194 9.61 41.43 -39.11
CA SER D 194 9.32 42.65 -39.85
C SER D 194 8.00 43.25 -39.39
N ARG D 195 7.76 44.49 -39.81
CA ARG D 195 6.54 45.18 -39.42
C ARG D 195 5.32 44.53 -40.05
N HIS D 196 5.41 44.14 -41.32
CA HIS D 196 4.25 43.61 -42.01
C HIS D 196 4.67 42.64 -43.11
N ALA D 197 4.02 41.48 -43.13
CA ALA D 197 4.31 40.44 -44.10
C ALA D 197 3.94 40.89 -45.51
N VAL D 198 4.26 40.05 -46.50
CA VAL D 198 3.93 40.33 -47.88
C VAL D 198 3.43 39.06 -48.56
N ILE D 199 2.84 39.24 -49.74
CA ILE D 199 2.29 38.15 -50.53
C ILE D 199 2.73 38.38 -51.97
N ALA D 200 3.65 37.55 -52.46
CA ALA D 200 4.24 37.79 -53.76
C ALA D 200 4.15 36.57 -54.65
N VAL D 201 4.84 36.60 -55.80
CA VAL D 201 4.81 35.53 -56.78
C VAL D 201 6.21 34.93 -56.87
N ARG D 202 6.32 33.65 -56.56
CA ARG D 202 7.58 32.92 -56.63
C ARG D 202 7.37 31.69 -57.50
N ASN D 203 8.11 31.62 -58.62
CA ASN D 203 8.09 30.48 -59.53
C ASN D 203 6.68 30.15 -60.00
N GLY D 204 5.90 31.19 -60.31
CA GLY D 204 4.55 30.98 -60.78
C GLY D 204 3.56 30.58 -59.71
N LYS D 205 3.95 30.63 -58.44
CA LYS D 205 3.07 30.30 -57.32
C LYS D 205 2.91 31.52 -56.41
N LEU D 206 1.68 31.78 -56.00
CA LEU D 206 1.37 32.92 -55.15
C LEU D 206 1.63 32.52 -53.71
N CYS D 207 2.67 33.09 -53.09
CA CYS D 207 3.13 32.63 -51.79
C CYS D 207 3.31 33.80 -50.82
N PHE D 208 3.12 33.48 -49.54
CA PHE D 208 3.08 34.46 -48.45
C PHE D 208 4.40 34.40 -47.69
N MET D 209 5.09 35.53 -47.60
CA MET D 209 6.44 35.51 -47.05
C MET D 209 6.72 36.76 -46.24
N PHE D 210 7.58 36.60 -45.24
CA PHE D 210 7.98 37.69 -44.36
C PHE D 210 9.45 37.53 -44.02
N ARG D 211 9.96 38.39 -43.14
CA ARG D 211 11.38 38.45 -42.84
C ARG D 211 11.61 38.32 -41.35
N VAL D 212 12.63 37.55 -40.98
CA VAL D 212 13.00 37.33 -39.59
C VAL D 212 14.51 37.50 -39.46
N GLY D 213 14.94 38.11 -38.38
CA GLY D 213 16.35 38.40 -38.19
C GLY D 213 16.68 38.44 -36.72
N ASP D 214 17.94 38.72 -36.41
CA ASP D 214 18.37 38.63 -35.02
C ASP D 214 19.41 39.70 -34.71
N LEU D 215 19.31 40.27 -33.51
CA LEU D 215 20.29 41.22 -32.99
C LEU D 215 21.16 40.61 -31.92
N ARG D 216 21.11 39.29 -31.74
CA ARG D 216 21.92 38.60 -30.76
C ARG D 216 23.35 38.45 -31.30
N LYS D 217 24.15 37.64 -30.64
CA LYS D 217 25.52 37.38 -31.08
C LYS D 217 25.76 35.90 -31.25
N SER D 218 25.06 35.09 -30.46
CA SER D 218 25.22 33.64 -30.49
C SER D 218 24.11 33.02 -31.33
N MET D 219 24.49 32.14 -32.25
CA MET D 219 23.52 31.49 -33.11
C MET D 219 22.54 30.68 -32.27
N ILE D 220 21.25 30.83 -32.58
CA ILE D 220 20.24 30.05 -31.88
C ILE D 220 20.33 28.60 -32.32
N ILE D 221 20.68 27.72 -31.40
CA ILE D 221 20.90 26.32 -31.73
C ILE D 221 19.56 25.65 -31.99
N SER D 222 19.43 25.02 -33.16
CA SER D 222 18.24 24.27 -33.52
C SER D 222 17.00 25.16 -33.46
N ALA D 223 16.97 26.16 -34.32
CA ALA D 223 15.78 26.97 -34.46
C ALA D 223 14.69 26.17 -35.15
N SER D 224 13.45 26.59 -34.95
CA SER D 224 12.33 25.96 -35.61
C SER D 224 11.23 27.00 -35.77
N VAL D 225 10.70 27.11 -36.98
CA VAL D 225 9.73 28.12 -37.34
C VAL D 225 8.39 27.45 -37.61
N ARG D 226 7.41 27.75 -36.77
CA ARG D 226 6.07 27.19 -36.89
C ARG D 226 5.10 28.32 -37.22
N ILE D 227 4.16 28.05 -38.12
CA ILE D 227 3.23 29.05 -38.60
C ILE D 227 1.82 28.50 -38.51
N GLN D 228 0.88 29.34 -38.09
CA GLN D 228 -0.51 28.91 -37.95
C GLN D 228 -1.43 30.01 -38.44
N VAL D 229 -2.64 29.62 -38.78
CA VAL D 229 -3.72 30.55 -39.11
C VAL D 229 -4.78 30.41 -38.04
N VAL D 230 -5.11 31.52 -37.38
CA VAL D 230 -6.15 31.54 -36.36
C VAL D 230 -7.39 32.12 -36.99
N LYS D 231 -8.39 31.27 -37.18
CA LYS D 231 -9.59 31.67 -37.89
C LYS D 231 -10.76 30.85 -37.36
N LYS D 232 -11.96 31.38 -37.58
CA LYS D 232 -13.18 30.78 -37.02
C LYS D 232 -13.71 29.73 -37.99
N THR D 233 -13.63 28.47 -37.58
CA THR D 233 -14.01 27.36 -38.44
C THR D 233 -15.51 27.11 -38.36
N THR D 234 -16.00 26.20 -39.21
CA THR D 234 -17.40 25.85 -39.23
C THR D 234 -17.52 24.42 -39.76
N THR D 235 -17.64 23.46 -38.84
CA THR D 235 -17.85 22.08 -39.23
C THR D 235 -19.26 21.91 -39.82
N PRO D 236 -19.42 21.02 -40.80
CA PRO D 236 -20.77 20.76 -41.31
C PRO D 236 -21.78 20.37 -40.25
N GLU D 237 -21.38 19.57 -39.26
CA GLU D 237 -22.28 19.17 -38.17
C GLU D 237 -22.30 20.17 -37.03
N GLY D 238 -21.98 21.44 -37.31
CA GLY D 238 -22.14 22.50 -36.33
C GLY D 238 -21.24 22.43 -35.12
N GLU D 239 -19.97 22.12 -35.30
CA GLU D 239 -18.99 22.22 -34.22
C GLU D 239 -18.19 23.51 -34.34
N VAL D 240 -18.89 24.63 -34.19
CA VAL D 240 -18.27 25.93 -34.42
C VAL D 240 -17.17 26.16 -33.39
N VAL D 241 -16.00 26.60 -33.86
CA VAL D 241 -14.87 26.93 -33.01
C VAL D 241 -14.46 28.37 -33.30
N PRO D 242 -14.36 29.23 -32.30
CA PRO D 242 -14.19 30.67 -32.58
C PRO D 242 -12.77 31.07 -32.92
N ILE D 243 -11.79 30.47 -32.27
CA ILE D 243 -10.37 30.77 -32.52
C ILE D 243 -9.71 29.43 -32.84
N HIS D 244 -9.68 29.08 -34.13
CA HIS D 244 -9.16 27.80 -34.57
C HIS D 244 -7.73 27.98 -35.05
N GLN D 245 -6.82 27.23 -34.42
CA GLN D 245 -5.40 27.26 -34.76
C GLN D 245 -5.14 26.17 -35.78
N GLN D 246 -4.79 26.56 -37.00
CA GLN D 246 -4.56 25.61 -38.08
C GLN D 246 -3.11 25.70 -38.51
N ASP D 247 -2.38 24.60 -38.40
CA ASP D 247 -0.97 24.60 -38.74
C ASP D 247 -0.77 24.75 -40.25
N ILE D 248 0.30 25.42 -40.62
CA ILE D 248 0.60 25.67 -42.02
C ILE D 248 2.04 25.24 -42.26
N PRO D 249 2.36 24.62 -43.39
CA PRO D 249 3.72 24.12 -43.58
C PRO D 249 4.65 25.13 -44.22
N VAL D 250 5.82 25.34 -43.62
CA VAL D 250 6.80 26.27 -44.16
C VAL D 250 7.52 25.61 -45.34
N ASP D 251 7.86 26.43 -46.32
CA ASP D 251 8.51 25.92 -47.52
C ASP D 251 9.94 25.51 -47.20
N ASN D 252 10.31 24.30 -47.60
CA ASN D 252 11.65 23.80 -47.34
C ASN D 252 11.99 22.67 -48.30
N PRO D 253 13.15 22.71 -48.95
CA PRO D 253 13.49 21.66 -49.92
C PRO D 253 13.67 20.28 -49.33
N ILE D 254 13.65 20.12 -48.01
CA ILE D 254 13.81 18.80 -47.41
C ILE D 254 12.68 18.54 -46.42
N GLU D 255 11.70 19.44 -46.39
CA GLU D 255 10.50 19.31 -45.57
C GLU D 255 10.84 19.18 -44.08
N SER D 256 11.43 20.26 -43.54
CA SER D 256 11.58 20.39 -42.11
C SER D 256 11.54 21.87 -41.76
N ASN D 257 11.19 22.16 -40.51
CA ASN D 257 11.05 23.55 -40.10
C ASN D 257 12.39 24.21 -39.83
N ASN D 258 13.38 23.46 -39.34
CA ASN D 258 14.62 24.04 -38.83
C ASN D 258 15.24 25.02 -39.81
N ILE D 259 15.84 26.07 -39.27
CA ILE D 259 16.56 27.06 -40.06
C ILE D 259 17.85 27.41 -39.35
N PHE D 260 18.88 27.69 -40.13
CA PHE D 260 20.12 28.26 -39.61
C PHE D 260 20.05 29.76 -39.79
N LEU D 261 20.12 30.50 -38.69
CA LEU D 261 19.86 31.93 -38.70
C LEU D 261 21.14 32.69 -38.35
N VAL D 262 21.81 33.25 -39.36
CA VAL D 262 22.95 34.13 -39.14
C VAL D 262 22.60 35.51 -39.69
N ALA D 263 22.36 35.59 -40.97
CA ALA D 263 21.85 36.78 -41.62
C ALA D 263 20.34 36.72 -41.69
N PRO D 264 19.67 37.85 -41.90
CA PRO D 264 18.20 37.82 -41.97
C PRO D 264 17.69 36.89 -43.05
N LEU D 265 16.61 36.18 -42.73
CA LEU D 265 16.02 35.18 -43.61
C LEU D 265 14.62 35.60 -44.02
N ILE D 266 14.19 35.11 -45.17
CA ILE D 266 12.82 35.27 -45.63
C ILE D 266 12.11 33.95 -45.42
N ILE D 267 11.18 33.94 -44.47
CA ILE D 267 10.32 32.78 -44.26
C ILE D 267 9.18 32.84 -45.26
N CYS D 268 8.74 31.69 -45.76
CA CYS D 268 7.79 31.68 -46.86
C CYS D 268 6.85 30.50 -46.73
N HIS D 269 5.69 30.64 -47.38
CA HIS D 269 4.63 29.64 -47.35
C HIS D 269 3.97 29.61 -48.72
N VAL D 270 4.01 28.47 -49.38
CA VAL D 270 3.50 28.33 -50.73
C VAL D 270 2.01 28.02 -50.64
N ILE D 271 1.18 28.91 -51.18
CA ILE D 271 -0.27 28.73 -51.12
C ILE D 271 -0.68 27.74 -52.18
N ASP D 272 -1.27 26.62 -51.76
CA ASP D 272 -1.70 25.58 -52.68
C ASP D 272 -3.00 24.98 -52.17
N LYS D 273 -3.38 23.83 -52.74
CA LYS D 273 -4.71 23.27 -52.52
C LYS D 273 -5.03 23.08 -51.05
N ARG D 274 -4.03 22.75 -50.24
CA ARG D 274 -4.26 22.57 -48.82
C ARG D 274 -4.17 23.85 -48.02
N SER D 275 -3.68 24.92 -48.62
CA SER D 275 -3.44 26.15 -47.89
C SER D 275 -4.76 26.86 -47.59
N PRO D 276 -5.01 27.25 -46.35
CA PRO D 276 -6.26 27.99 -46.06
C PRO D 276 -6.37 29.28 -46.84
N LEU D 277 -5.24 29.86 -47.22
CA LEU D 277 -5.21 31.09 -47.99
C LEU D 277 -5.50 30.86 -49.47
N TYR D 278 -5.97 29.67 -49.84
CA TYR D 278 -6.19 29.33 -51.25
C TYR D 278 -7.34 30.08 -51.89
N ASP D 279 -8.18 30.76 -51.12
CA ASP D 279 -9.32 31.49 -51.66
C ASP D 279 -9.16 33.00 -51.64
N ILE D 280 -8.16 33.51 -50.95
CA ILE D 280 -8.10 34.94 -50.66
C ILE D 280 -7.57 35.70 -51.87
N SER D 281 -8.29 36.75 -52.24
CA SER D 281 -7.92 37.64 -53.34
C SER D 281 -7.43 38.97 -52.77
N ALA D 282 -6.90 39.80 -53.67
CA ALA D 282 -6.35 41.09 -53.24
C ALA D 282 -7.44 41.99 -52.68
N THR D 283 -8.54 42.14 -53.42
CA THR D 283 -9.62 43.01 -52.98
C THR D 283 -10.34 42.46 -51.76
N ASP D 284 -10.44 41.14 -51.64
CA ASP D 284 -11.06 40.52 -50.48
C ASP D 284 -10.11 40.38 -49.30
N LEU D 285 -8.85 40.80 -49.43
CA LEU D 285 -7.95 40.76 -48.30
C LEU D 285 -8.39 41.74 -47.21
N VAL D 286 -8.79 42.94 -47.59
CA VAL D 286 -9.05 44.00 -46.61
C VAL D 286 -10.19 43.63 -45.68
N ASN D 287 -11.13 42.80 -46.15
CA ASN D 287 -12.35 42.47 -45.41
C ASN D 287 -12.32 41.03 -44.95
N GLN D 288 -11.17 40.55 -44.51
CA GLN D 288 -11.00 39.17 -44.11
C GLN D 288 -10.75 39.09 -42.61
N ASP D 289 -11.23 38.01 -41.99
CA ASP D 289 -10.90 37.71 -40.61
C ASP D 289 -9.65 36.85 -40.52
N LEU D 290 -8.59 37.29 -41.18
CA LEU D 290 -7.34 36.58 -41.16
C LEU D 290 -6.59 36.86 -39.88
N GLU D 291 -5.71 35.94 -39.51
CA GLU D 291 -4.63 36.22 -38.58
C GLU D 291 -3.63 35.09 -38.70
N VAL D 292 -2.38 35.44 -38.94
CA VAL D 292 -1.31 34.46 -39.09
C VAL D 292 -0.36 34.63 -37.92
N ILE D 293 -0.12 33.53 -37.21
CA ILE D 293 0.67 33.51 -35.99
C ILE D 293 1.99 32.84 -36.31
N VAL D 294 3.09 33.49 -35.94
CA VAL D 294 4.43 32.97 -36.19
C VAL D 294 5.09 32.72 -34.85
N ILE D 295 5.58 31.49 -34.65
CA ILE D 295 6.28 31.06 -33.44
C ILE D 295 7.66 30.58 -33.84
N LEU D 296 8.67 30.94 -33.07
CA LEU D 296 10.05 30.62 -33.44
C LEU D 296 10.80 30.21 -32.19
N GLU D 297 11.20 28.95 -32.13
CA GLU D 297 11.82 28.41 -30.92
C GLU D 297 13.27 28.03 -31.18
N GLY D 298 14.02 27.90 -30.11
CA GLY D 298 15.42 27.52 -30.23
C GLY D 298 16.09 27.54 -28.88
N VAL D 299 17.39 27.30 -28.91
CA VAL D 299 18.23 27.30 -27.72
C VAL D 299 19.37 28.27 -27.94
N VAL D 300 19.68 29.07 -26.93
CA VAL D 300 20.77 30.03 -27.04
C VAL D 300 22.08 29.33 -26.70
N GLU D 301 23.05 29.42 -27.60
CA GLU D 301 24.28 28.64 -27.43
C GLU D 301 25.03 29.04 -26.18
N THR D 302 25.14 30.35 -25.91
CA THR D 302 25.90 30.79 -24.75
C THR D 302 25.18 30.46 -23.46
N THR D 303 23.98 31.02 -23.27
CA THR D 303 23.28 30.88 -22.01
C THR D 303 22.63 29.51 -21.83
N GLY D 304 22.41 28.78 -22.93
CA GLY D 304 21.92 27.43 -22.81
C GLY D 304 20.48 27.30 -22.34
N ILE D 305 19.67 28.35 -22.50
CA ILE D 305 18.29 28.34 -22.05
C ILE D 305 17.39 28.54 -23.27
N THR D 306 16.41 27.66 -23.43
CA THR D 306 15.52 27.71 -24.58
C THR D 306 14.71 29.00 -24.56
N THR D 307 14.44 29.53 -25.75
CA THR D 307 13.67 30.75 -25.91
C THR D 307 12.44 30.49 -26.76
N GLN D 308 11.68 31.55 -27.03
CA GLN D 308 10.55 31.49 -27.93
C GLN D 308 10.08 32.89 -28.30
N ALA D 309 10.01 33.19 -29.58
CA ALA D 309 9.51 34.47 -30.04
C ALA D 309 8.20 34.27 -30.78
N ARG D 310 7.32 35.26 -30.71
CA ARG D 310 6.02 35.18 -31.34
C ARG D 310 5.70 36.50 -32.02
N THR D 311 4.87 36.41 -33.06
CA THR D 311 4.39 37.62 -33.72
C THR D 311 3.11 37.27 -34.47
N SER D 312 2.41 38.31 -34.91
CA SER D 312 1.11 38.12 -35.53
C SER D 312 0.94 39.07 -36.71
N TYR D 313 0.16 38.64 -37.68
CA TYR D 313 -0.19 39.47 -38.82
C TYR D 313 -1.70 39.42 -39.03
N ILE D 314 -2.29 40.56 -39.33
CA ILE D 314 -3.72 40.67 -39.61
C ILE D 314 -3.89 41.32 -40.96
N ALA D 315 -5.12 41.21 -41.49
CA ALA D 315 -5.40 41.57 -42.87
C ALA D 315 -5.02 43.00 -43.22
N GLU D 316 -4.67 43.84 -42.23
CA GLU D 316 -4.17 45.16 -42.56
C GLU D 316 -2.67 45.14 -42.88
N GLU D 317 -1.91 44.33 -42.15
CA GLU D 317 -0.45 44.30 -42.31
C GLU D 317 -0.02 43.58 -43.59
N ILE D 318 -0.78 42.59 -44.03
CA ILE D 318 -0.39 41.76 -45.17
C ILE D 318 -0.44 42.58 -46.45
N GLN D 319 0.70 42.98 -46.96
CA GLN D 319 0.77 43.83 -48.15
C GLN D 319 0.80 42.96 -49.40
N TRP D 320 -0.32 42.93 -50.12
CA TRP D 320 -0.47 42.05 -51.27
C TRP D 320 0.23 42.64 -52.49
N GLY D 321 1.15 41.88 -53.06
CA GLY D 321 1.84 42.27 -54.27
C GLY D 321 3.23 42.82 -54.07
N HIS D 322 3.58 43.20 -52.85
CA HIS D 322 4.92 43.70 -52.58
C HIS D 322 5.87 42.56 -52.25
N ARG D 323 7.15 42.76 -52.56
CA ARG D 323 8.17 41.82 -52.13
C ARG D 323 9.32 42.63 -51.54
N PHE D 324 10.13 41.95 -50.73
CA PHE D 324 11.15 42.65 -49.96
C PHE D 324 12.31 43.07 -50.87
N VAL D 325 13.29 43.73 -50.27
CA VAL D 325 14.49 44.19 -50.96
C VAL D 325 15.67 43.36 -50.47
N SER D 326 16.69 43.26 -51.30
CA SER D 326 17.85 42.44 -50.99
C SER D 326 18.81 43.22 -50.08
N ILE D 327 19.05 42.70 -48.89
CA ILE D 327 19.86 43.43 -47.91
C ILE D 327 21.34 43.21 -48.18
N VAL D 328 21.77 41.94 -48.15
CA VAL D 328 23.19 41.62 -48.18
C VAL D 328 23.84 42.14 -49.46
N THR D 329 25.03 42.73 -49.30
CA THR D 329 25.84 43.17 -50.43
C THR D 329 27.27 42.71 -50.23
N GLU D 330 27.93 42.40 -51.34
CA GLU D 330 29.31 41.90 -51.33
C GLU D 330 30.25 43.05 -51.65
N GLU D 331 31.20 43.31 -50.76
CA GLU D 331 32.08 44.47 -50.88
C GLU D 331 33.27 44.27 -49.96
N GLU D 332 34.41 44.80 -50.36
CA GLU D 332 35.65 44.65 -49.61
C GLU D 332 36.01 43.19 -49.41
N GLY D 333 35.60 42.34 -50.36
CA GLY D 333 35.84 40.91 -50.23
C GLY D 333 35.09 40.25 -49.10
N VAL D 334 34.05 40.89 -48.56
CA VAL D 334 33.29 40.36 -47.44
C VAL D 334 31.82 40.69 -47.66
N TYR D 335 30.94 39.92 -47.04
CA TYR D 335 29.53 40.19 -47.10
C TYR D 335 29.14 41.22 -46.04
N SER D 336 28.05 41.93 -46.29
CA SER D 336 27.61 42.93 -45.33
C SER D 336 26.10 43.04 -45.37
N VAL D 337 25.50 43.28 -44.21
CA VAL D 337 24.06 43.34 -44.05
C VAL D 337 23.70 44.75 -43.62
N ASP D 338 22.81 45.38 -44.38
CA ASP D 338 22.42 46.77 -44.11
C ASP D 338 21.07 46.76 -43.40
N TYR D 339 21.11 46.67 -42.08
CA TYR D 339 19.89 46.55 -41.27
C TYR D 339 18.99 47.77 -41.34
N SER D 340 19.35 48.81 -42.08
CA SER D 340 18.45 49.93 -42.27
C SER D 340 17.31 49.58 -43.21
N LYS D 341 17.55 48.68 -44.16
CA LYS D 341 16.55 48.25 -45.13
C LYS D 341 15.79 47.01 -44.67
N PHE D 342 15.72 46.78 -43.36
CA PHE D 342 15.19 45.52 -42.85
C PHE D 342 13.73 45.32 -43.26
N GLY D 343 12.92 46.36 -43.16
CA GLY D 343 11.52 46.26 -43.51
C GLY D 343 11.13 46.81 -44.86
N ASN D 344 12.07 47.30 -45.65
CA ASN D 344 11.73 47.92 -46.92
C ASN D 344 11.10 46.90 -47.85
N THR D 345 10.09 47.33 -48.60
CA THR D 345 9.36 46.45 -49.50
C THR D 345 8.94 47.23 -50.74
N VAL D 346 9.25 46.68 -51.91
CA VAL D 346 8.92 47.33 -53.16
C VAL D 346 7.65 46.71 -53.71
N ARG D 347 7.00 47.45 -54.60
CA ARG D 347 5.78 46.99 -55.26
C ARG D 347 6.15 46.46 -56.64
N VAL D 348 5.77 45.21 -56.91
CA VAL D 348 6.11 44.54 -58.16
C VAL D 348 4.84 43.96 -58.75
N ALA D 349 4.80 43.89 -60.08
CA ALA D 349 3.57 43.57 -60.80
C ALA D 349 3.26 42.09 -60.67
N ALA D 350 2.12 41.77 -60.07
CA ALA D 350 1.72 40.41 -59.80
C ALA D 350 0.24 40.25 -60.12
N PRO D 351 -0.22 39.03 -60.35
CA PRO D 351 -1.66 38.80 -60.59
C PRO D 351 -2.50 39.29 -59.42
N ARG D 352 -3.56 40.02 -59.74
CA ARG D 352 -4.51 40.47 -58.72
C ARG D 352 -5.77 39.62 -58.73
N CYS D 353 -5.59 38.33 -58.40
CA CYS D 353 -6.70 37.39 -58.39
C CYS D 353 -6.45 36.35 -57.32
N SER D 354 -7.53 35.76 -56.84
CA SER D 354 -7.42 34.75 -55.79
C SER D 354 -6.58 33.58 -56.27
N ALA D 355 -5.91 32.93 -55.33
CA ALA D 355 -5.01 31.83 -55.69
C ALA D 355 -5.74 30.76 -56.47
N ARG D 356 -6.99 30.47 -56.10
CA ARG D 356 -7.75 29.46 -56.82
C ARG D 356 -7.99 29.88 -58.26
N GLU D 357 -8.18 31.18 -58.50
CA GLU D 357 -8.42 31.64 -59.86
C GLU D 357 -7.23 31.34 -60.76
N LEU D 358 -6.04 31.78 -60.34
CA LEU D 358 -4.85 31.52 -61.13
C LEU D 358 -4.60 30.03 -61.27
N ASP D 359 -4.76 29.27 -60.18
CA ASP D 359 -4.36 27.87 -60.22
C ASP D 359 -5.30 27.03 -61.07
N GLU D 360 -6.61 27.28 -60.98
CA GLU D 360 -7.56 26.52 -61.76
C GLU D 360 -7.38 26.74 -63.26
N LYS D 361 -7.33 28.00 -63.67
CA LYS D 361 -7.25 28.38 -65.09
C LYS D 361 -6.12 29.38 -65.27
N PRO D 362 -4.86 28.91 -65.32
CA PRO D 362 -3.74 29.84 -65.56
C PRO D 362 -3.87 30.61 -66.86
N SER D 363 -4.41 29.99 -67.90
CA SER D 363 -4.68 30.69 -69.15
C SER D 363 -6.04 30.36 -69.76
N ILE D 364 -6.73 29.31 -69.31
CA ILE D 364 -8.00 28.94 -69.92
C ILE D 364 -9.06 30.00 -69.63
N LEU D 365 -9.15 30.45 -68.38
CA LEU D 365 -10.12 31.45 -67.97
C LEU D 365 -9.39 32.56 -67.22
N ILE D 366 -9.74 33.79 -67.52
CA ILE D 366 -9.11 34.94 -66.88
C ILE D 366 -10.11 36.09 -66.72
N MET E 1 23.77 25.89 46.56
CA MET E 1 23.75 27.11 45.76
C MET E 1 23.64 26.77 44.27
N SER E 2 24.73 26.93 43.55
CA SER E 2 24.74 26.65 42.13
C SER E 2 24.53 25.16 41.87
N LEU E 3 24.45 24.79 40.61
CA LEU E 3 24.14 23.42 40.19
C LEU E 3 25.39 22.82 39.57
N SER E 4 26.21 22.20 40.41
CA SER E 4 27.45 21.62 39.96
C SER E 4 27.22 20.21 39.44
N PHE E 5 28.31 19.50 39.13
CA PHE E 5 28.23 18.15 38.59
C PHE E 5 28.85 17.14 39.54
N CYS E 6 30.10 17.33 39.92
CA CYS E 6 30.78 16.47 40.89
C CYS E 6 30.47 16.87 42.33
N GLY E 7 29.43 17.66 42.56
CA GLY E 7 29.07 18.11 43.88
C GLY E 7 29.58 19.49 44.17
N ASN E 8 29.35 19.92 45.41
CA ASN E 8 29.71 21.27 45.85
C ASN E 8 31.02 21.32 46.61
N ASN E 9 31.77 20.22 46.64
CA ASN E 9 33.00 20.12 47.41
C ASN E 9 34.19 20.34 46.48
N ILE E 10 35.05 21.30 46.84
CA ILE E 10 36.16 21.66 45.96
C ILE E 10 37.08 20.47 45.75
N SER E 11 37.43 19.77 46.82
CA SER E 11 38.42 18.71 46.70
C SER E 11 37.95 17.55 45.85
N SER E 12 36.72 17.60 45.33
CA SER E 12 36.22 16.58 44.43
C SER E 12 36.58 16.86 42.98
N TYR E 13 37.21 17.99 42.69
CA TYR E 13 37.68 18.30 41.35
C TYR E 13 39.18 18.14 41.20
N ASN E 14 39.87 17.68 42.23
CA ASN E 14 41.31 17.55 42.14
C ASN E 14 41.69 16.46 41.15
N ILE E 15 42.70 16.74 40.34
CA ILE E 15 43.18 15.80 39.34
C ILE E 15 44.68 15.61 39.55
N TYR E 16 45.11 15.76 40.80
CA TYR E 16 46.54 15.65 41.11
C TYR E 16 47.05 14.26 40.77
N HIS E 17 46.53 13.24 41.46
CA HIS E 17 47.10 11.91 41.36
C HIS E 17 46.87 11.31 39.98
N GLY E 18 45.69 11.49 39.42
CA GLY E 18 45.45 11.07 38.06
C GLY E 18 44.01 11.37 37.71
N VAL E 19 43.75 11.45 36.40
CA VAL E 19 42.37 11.68 35.97
C VAL E 19 41.54 10.44 36.25
N LEU E 20 42.08 9.25 36.00
CA LEU E 20 41.31 8.04 36.22
C LEU E 20 41.04 7.81 37.71
N GLN E 21 41.98 8.18 38.57
CA GLN E 21 41.83 8.02 40.00
C GLN E 21 40.88 9.03 40.60
N ASN E 22 40.19 9.81 39.78
CA ASN E 22 39.14 10.71 40.24
C ASN E 22 37.80 10.20 39.74
N PRO E 23 36.94 9.66 40.62
CA PRO E 23 35.73 8.98 40.12
C PRO E 23 34.84 9.84 39.25
N CYS E 24 34.70 11.13 39.58
CA CYS E 24 33.84 12.00 38.78
C CYS E 24 34.31 12.09 37.34
N PHE E 25 35.61 12.03 37.10
CA PHE E 25 36.08 12.07 35.73
C PHE E 25 35.70 10.79 35.00
N VAL E 26 35.72 9.65 35.69
CA VAL E 26 35.29 8.42 35.05
C VAL E 26 33.80 8.48 34.74
N ASP E 27 33.02 9.10 35.63
CA ASP E 27 31.60 9.29 35.34
C ASP E 27 31.38 10.16 34.11
N ALA E 28 32.15 11.24 33.98
CA ALA E 28 32.05 12.07 32.79
C ALA E 28 32.42 11.30 31.54
N LEU E 29 33.50 10.53 31.60
CA LEU E 29 33.90 9.73 30.46
C LEU E 29 32.83 8.70 30.10
N ASN E 30 32.08 8.22 31.09
CA ASN E 30 30.94 7.36 30.80
C ASN E 30 29.80 8.13 30.15
N LEU E 31 29.61 9.38 30.56
CA LEU E 31 28.56 10.21 29.99
C LEU E 31 28.83 10.56 28.54
N VAL E 32 30.09 10.57 28.11
CA VAL E 32 30.46 11.02 26.76
C VAL E 32 29.92 10.15 25.62
N PRO E 33 30.09 8.82 25.63
CA PRO E 33 29.68 8.04 24.45
C PRO E 33 28.21 8.15 24.14
N HIS E 34 27.38 8.30 25.16
CA HIS E 34 25.94 8.43 24.94
C HIS E 34 25.61 9.68 24.13
N VAL E 35 26.21 10.81 24.49
CA VAL E 35 25.94 12.03 23.74
C VAL E 35 26.54 11.95 22.35
N PHE E 36 27.69 11.28 22.19
CA PHE E 36 28.22 11.10 20.84
C PHE E 36 27.25 10.33 19.97
N LEU E 37 26.69 9.24 20.51
CA LEU E 37 25.71 8.47 19.76
C LEU E 37 24.50 9.32 19.42
N LEU E 38 24.00 10.10 20.37
CA LEU E 38 22.82 10.89 20.11
C LEU E 38 23.07 11.90 18.99
N PHE E 39 24.21 12.56 19.01
CA PHE E 39 24.48 13.58 18.00
C PHE E 39 24.76 12.97 16.64
N ILE E 40 25.31 11.75 16.61
CA ILE E 40 25.48 11.08 15.32
C ILE E 40 24.13 10.65 14.75
N THR E 41 23.22 10.18 15.60
CA THR E 41 22.04 9.48 15.10
C THR E 41 20.78 10.32 14.98
N PHE E 42 20.65 11.41 15.73
CA PHE E 42 19.45 12.24 15.58
C PHE E 42 19.36 12.89 14.20
N PRO E 43 20.40 13.52 13.66
CA PRO E 43 20.29 14.04 12.29
C PRO E 43 20.00 12.96 11.26
N ILE E 44 20.63 11.79 11.38
CA ILE E 44 20.42 10.75 10.37
C ILE E 44 18.97 10.32 10.36
N LEU E 45 18.36 10.17 11.53
CA LEU E 45 16.97 9.76 11.57
C LEU E 45 16.06 10.87 11.08
N PHE E 46 16.35 12.13 11.44
CA PHE E 46 15.47 13.21 11.00
C PHE E 46 15.52 13.38 9.49
N ILE E 47 16.71 13.36 8.90
CA ILE E 47 16.83 13.57 7.46
C ILE E 47 16.12 12.47 6.70
N GLY E 48 16.33 11.23 7.11
CA GLY E 48 15.81 10.11 6.37
C GLY E 48 16.70 9.78 5.19
N TRP E 49 16.28 8.75 4.45
CA TRP E 49 16.94 8.33 3.23
C TRP E 49 15.88 7.98 2.19
N GLY E 50 14.89 8.86 2.05
CA GLY E 50 13.75 8.60 1.21
C GLY E 50 13.96 8.92 -0.26
N SER E 51 15.22 9.06 -0.67
CA SER E 51 15.55 9.32 -2.07
C SER E 51 15.07 8.17 -2.94
N GLN E 52 14.05 8.42 -3.77
CA GLN E 52 13.40 7.38 -4.56
C GLN E 52 14.29 7.00 -5.72
N SER E 53 15.28 6.15 -5.44
CA SER E 53 16.21 5.67 -6.44
C SER E 53 15.76 4.35 -7.07
N SER E 54 14.63 3.79 -6.65
CA SER E 54 14.14 2.54 -7.18
C SER E 54 12.64 2.48 -6.99
N LYS E 55 12.01 1.54 -7.68
CA LYS E 55 10.56 1.37 -7.58
C LYS E 55 10.20 0.85 -6.20
N VAL E 56 9.65 1.72 -5.35
CA VAL E 56 9.39 1.40 -3.96
C VAL E 56 7.91 1.23 -3.66
N GLN E 57 7.06 1.24 -4.69
CA GLN E 57 5.65 0.98 -4.48
C GLN E 57 5.38 -0.45 -4.02
N ILE E 58 6.29 -1.38 -4.32
CA ILE E 58 6.25 -2.74 -3.81
C ILE E 58 7.53 -3.11 -3.08
N HIS E 59 8.39 -2.13 -2.80
CA HIS E 59 9.52 -2.32 -1.91
C HIS E 59 9.21 -1.91 -0.48
N HIS E 60 8.25 -1.00 -0.30
CA HIS E 60 7.76 -0.70 1.04
C HIS E 60 6.87 -1.82 1.56
N ASN E 61 6.40 -2.70 0.69
CA ASN E 61 5.59 -3.84 1.12
C ASN E 61 6.43 -4.92 1.80
N THR E 62 7.73 -4.98 1.54
CA THR E 62 8.58 -6.04 2.04
C THR E 62 9.72 -5.47 2.86
N TRP E 63 10.21 -6.26 3.80
CA TRP E 63 11.32 -5.88 4.65
C TRP E 63 12.13 -7.15 4.96
N LEU E 64 12.98 -7.07 5.97
CA LEU E 64 14.01 -8.09 6.17
C LEU E 64 14.51 -8.02 7.60
N HIS E 65 15.25 -9.05 8.00
CA HIS E 65 15.86 -9.09 9.32
C HIS E 65 17.34 -9.43 9.21
N PHE E 66 18.13 -8.86 10.10
CA PHE E 66 19.56 -9.15 10.16
C PHE E 66 19.78 -10.39 11.01
N PRO E 67 21.00 -10.96 10.98
CA PRO E 67 21.23 -12.21 11.71
C PRO E 67 20.82 -12.20 13.17
N GLY E 68 21.38 -11.31 13.97
CA GLY E 68 20.97 -11.27 15.37
C GLY E 68 19.87 -10.27 15.60
N HIS E 69 18.62 -10.72 15.62
CA HIS E 69 17.48 -9.84 15.79
C HIS E 69 16.80 -10.00 17.13
N ASN E 70 16.42 -11.22 17.49
CA ASN E 70 15.76 -11.41 18.78
C ASN E 70 16.72 -11.20 19.93
N LEU E 71 17.95 -11.68 19.80
CA LEU E 71 18.94 -11.51 20.86
C LEU E 71 19.23 -10.04 21.09
N ARG E 72 19.29 -9.26 20.03
CA ARG E 72 19.50 -7.82 20.17
C ARG E 72 18.38 -7.16 20.96
N TRP E 73 17.13 -7.50 20.64
CA TRP E 73 16.01 -6.89 21.34
C TRP E 73 16.00 -7.29 22.81
N ILE E 74 16.27 -8.55 23.10
CA ILE E 74 16.26 -8.99 24.49
C ILE E 74 17.38 -8.31 25.28
N LEU E 75 18.56 -8.21 24.68
CA LEU E 75 19.67 -7.55 25.36
C LEU E 75 19.42 -6.06 25.57
N THR E 76 18.86 -5.38 24.57
CA THR E 76 18.59 -3.95 24.75
C THR E 76 17.53 -3.72 25.81
N PHE E 77 16.50 -4.56 25.89
CA PHE E 77 15.54 -4.39 26.96
C PHE E 77 16.17 -4.63 28.33
N ALA E 78 17.04 -5.63 28.43
CA ALA E 78 17.72 -5.86 29.70
C ALA E 78 18.58 -4.68 30.08
N LEU E 79 19.25 -4.09 29.11
CA LEU E 79 20.07 -2.91 29.38
C LEU E 79 19.22 -1.73 29.82
N LEU E 80 18.05 -1.56 29.20
CA LEU E 80 17.12 -0.53 29.68
C LEU E 80 16.78 -0.74 31.14
N PHE E 81 16.52 -1.99 31.53
CA PHE E 81 16.18 -2.26 32.91
C PHE E 81 17.33 -1.94 33.85
N VAL E 82 18.55 -2.33 33.46
CA VAL E 82 19.71 -2.05 34.32
C VAL E 82 19.90 -0.55 34.48
N HIS E 83 19.66 0.21 33.41
CA HIS E 83 19.79 1.66 33.52
C HIS E 83 18.70 2.25 34.40
N VAL E 84 17.49 1.70 34.36
CA VAL E 84 16.46 2.18 35.29
C VAL E 84 16.91 1.96 36.72
N CYS E 85 17.49 0.79 37.00
CA CYS E 85 17.99 0.52 38.35
C CYS E 85 19.07 1.52 38.74
N GLU E 86 19.98 1.84 37.81
CA GLU E 86 21.05 2.76 38.14
C GLU E 86 20.53 4.17 38.40
N ILE E 87 19.58 4.63 37.59
CA ILE E 87 18.92 5.91 37.85
C ILE E 87 18.35 5.93 39.24
N ALA E 88 17.61 4.87 39.59
CA ALA E 88 16.94 4.83 40.88
C ALA E 88 17.94 4.90 42.02
N GLU E 89 19.00 4.10 41.94
CA GLU E 89 19.99 4.10 43.01
C GLU E 89 20.68 5.45 43.12
N GLY E 90 21.01 6.07 41.99
CA GLY E 90 21.63 7.37 42.04
C GLY E 90 20.75 8.41 42.71
N ILE E 91 19.46 8.43 42.34
CA ILE E 91 18.55 9.40 42.94
C ILE E 91 18.43 9.17 44.43
N VAL E 92 18.27 7.92 44.85
CA VAL E 92 18.12 7.63 46.27
C VAL E 92 19.36 8.08 47.04
N SER E 93 20.54 7.73 46.52
CA SER E 93 21.78 8.11 47.21
C SER E 93 21.93 9.62 47.26
N ASP E 94 21.60 10.32 46.17
CA ASP E 94 21.76 11.77 46.14
C ASP E 94 20.83 12.46 47.12
N SER E 95 19.63 11.90 47.33
CA SER E 95 18.73 12.54 48.29
C SER E 95 19.20 12.44 49.73
N GLN E 96 20.19 11.59 50.02
CA GLN E 96 20.78 11.49 51.35
C GLN E 96 22.01 12.38 51.53
N ARG E 97 22.09 13.48 50.79
CA ARG E 97 23.28 14.33 50.85
C ARG E 97 22.91 15.78 51.13
N ALA E 98 23.90 16.67 51.01
CA ALA E 98 23.69 18.10 51.18
C ALA E 98 23.47 18.81 49.85
N SER E 99 24.35 18.58 48.88
CA SER E 99 24.28 19.19 47.57
C SER E 99 23.51 18.28 46.61
N ARG E 100 23.59 18.57 45.33
CA ARG E 100 23.06 17.71 44.29
C ARG E 100 24.23 17.15 43.49
N HIS E 101 24.48 15.85 43.64
CA HIS E 101 25.56 15.18 42.93
C HIS E 101 25.01 14.65 41.62
N LEU E 102 25.17 15.43 40.56
CA LEU E 102 24.68 15.02 39.26
C LEU E 102 25.50 13.90 38.64
N HIS E 103 26.62 13.53 39.22
CA HIS E 103 27.43 12.46 38.65
C HIS E 103 26.98 11.09 39.07
N LEU E 104 25.91 11.00 39.85
CA LEU E 104 25.36 9.71 40.26
C LEU E 104 24.32 9.20 39.28
N PHE E 105 23.53 10.08 38.69
CA PHE E 105 22.40 9.64 37.88
C PHE E 105 22.30 10.27 36.50
N MET E 106 22.90 11.45 36.27
CA MET E 106 22.85 12.00 34.91
C MET E 106 23.49 11.09 33.87
N PRO E 107 24.65 10.46 34.12
CA PRO E 107 25.13 9.47 33.15
C PRO E 107 24.13 8.37 32.89
N ALA E 108 23.39 7.93 33.91
CA ALA E 108 22.43 6.86 33.74
C ALA E 108 21.24 7.31 32.91
N VAL E 109 20.78 8.55 33.10
CA VAL E 109 19.67 9.05 32.29
C VAL E 109 20.09 9.21 30.84
N MET E 110 21.29 9.74 30.61
CA MET E 110 21.79 9.82 29.25
C MET E 110 21.92 8.43 28.64
N GLY E 111 22.36 7.45 29.42
CA GLY E 111 22.44 6.10 28.90
C GLY E 111 21.08 5.53 28.55
N PHE E 112 20.07 5.84 29.36
CA PHE E 112 18.72 5.37 29.07
C PHE E 112 18.23 5.91 27.74
N VAL E 113 18.33 7.23 27.54
CA VAL E 113 17.85 7.79 26.28
C VAL E 113 18.70 7.30 25.12
N ALA E 114 20.00 7.13 25.33
CA ALA E 114 20.87 6.70 24.25
C ALA E 114 20.57 5.26 23.83
N THR E 115 20.25 4.39 24.79
CA THR E 115 19.94 3.01 24.43
C THR E 115 18.60 2.94 23.70
N THR E 116 17.62 3.72 24.16
CA THR E 116 16.36 3.79 23.43
C THR E 116 16.58 4.22 21.99
N THR E 117 17.36 5.30 21.80
CA THR E 117 17.62 5.77 20.45
C THR E 117 18.43 4.76 19.65
N SER E 118 19.28 3.99 20.32
CA SER E 118 20.01 2.94 19.62
C SER E 118 19.08 1.91 19.03
N ILE E 119 18.07 1.47 19.79
CA ILE E 119 17.18 0.46 19.22
C ILE E 119 16.28 1.06 18.15
N VAL E 120 15.87 2.32 18.31
CA VAL E 120 15.10 2.97 17.25
C VAL E 120 15.91 3.05 15.98
N TYR E 121 17.17 3.46 16.10
CA TYR E 121 18.08 3.56 14.97
C TYR E 121 18.26 2.21 14.29
N TYR E 122 18.43 1.16 15.09
CA TYR E 122 18.61 -0.17 14.50
C TYR E 122 17.38 -0.61 13.74
N HIS E 123 16.20 -0.41 14.31
CA HIS E 123 14.98 -0.80 13.60
C HIS E 123 14.87 -0.05 12.28
N ASN E 124 15.03 1.28 12.32
CA ASN E 124 14.85 2.07 11.11
C ASN E 124 15.91 1.76 10.07
N ILE E 125 17.08 1.29 10.49
CA ILE E 125 18.06 0.78 9.53
C ILE E 125 17.56 -0.51 8.92
N GLU E 126 17.12 -1.45 9.76
CA GLU E 126 16.81 -2.79 9.27
C GLU E 126 15.62 -2.79 8.32
N THR E 127 14.60 -1.97 8.62
CA THR E 127 13.41 -1.97 7.78
C THR E 127 13.74 -1.64 6.33
N SER E 128 14.76 -0.81 6.10
CA SER E 128 15.20 -0.47 4.75
C SER E 128 16.64 -0.94 4.64
N ASN E 129 16.83 -2.13 4.05
CA ASN E 129 18.10 -2.85 4.12
C ASN E 129 19.28 -1.95 3.82
N PHE E 130 20.11 -1.71 4.81
CA PHE E 130 21.15 -0.69 4.74
C PHE E 130 22.24 -1.00 5.74
N PRO E 131 22.90 -2.16 5.65
CA PRO E 131 23.77 -2.59 6.75
C PRO E 131 24.93 -1.65 7.01
N LYS E 132 25.45 -0.98 5.99
CA LYS E 132 26.63 -0.13 6.17
C LYS E 132 26.45 0.83 7.33
N LEU E 133 25.28 1.45 7.42
CA LEU E 133 25.04 2.46 8.44
C LEU E 133 25.24 1.91 9.84
N LEU E 134 24.93 0.63 10.07
CA LEU E 134 25.01 0.17 11.44
C LEU E 134 26.45 0.13 11.94
N LEU E 135 27.43 0.36 11.07
CA LEU E 135 28.79 0.53 11.55
C LEU E 135 28.84 1.56 12.67
N ALA E 136 28.03 2.62 12.56
CA ALA E 136 27.98 3.62 13.61
C ALA E 136 27.69 2.95 14.94
N LEU E 137 26.63 2.13 15.00
CA LEU E 137 26.30 1.44 16.23
C LEU E 137 27.51 0.68 16.75
N PHE E 138 28.21 -0.01 15.86
CA PHE E 138 29.41 -0.74 16.24
C PHE E 138 30.29 0.14 17.11
N LEU E 139 30.71 1.28 16.56
CA LEU E 139 31.62 2.16 17.30
C LEU E 139 31.07 2.45 18.68
N TYR E 140 29.80 2.86 18.74
CA TYR E 140 29.15 3.16 20.01
C TYR E 140 29.47 2.07 21.02
N TRP E 141 29.07 0.84 20.70
CA TRP E 141 29.17 -0.22 21.71
C TRP E 141 30.59 -0.36 22.19
N VAL E 142 31.56 -0.37 21.26
CA VAL E 142 32.95 -0.55 21.66
C VAL E 142 33.33 0.52 22.66
N MET E 143 33.07 1.78 22.30
CA MET E 143 33.43 2.87 23.19
C MET E 143 32.81 2.65 24.55
N ALA E 144 31.50 2.37 24.58
CA ALA E 144 30.82 2.19 25.85
C ALA E 144 31.53 1.14 26.68
N PHE E 145 31.79 -0.02 26.05
CA PHE E 145 32.48 -1.10 26.74
C PHE E 145 33.71 -0.57 27.45
N ILE E 146 34.63 0.04 26.68
CA ILE E 146 35.87 0.53 27.25
C ILE E 146 35.59 1.34 28.49
N THR E 147 34.74 2.35 28.35
CA THR E 147 34.52 3.28 29.45
C THR E 147 34.03 2.54 30.68
N LYS E 148 33.01 1.70 30.50
CA LYS E 148 32.48 0.99 31.65
C LYS E 148 33.54 0.13 32.29
N THR E 149 34.33 -0.57 31.46
CA THR E 149 35.38 -1.41 31.98
C THR E 149 36.27 -0.62 32.93
N ILE E 150 36.64 0.60 32.54
CA ILE E 150 37.54 1.39 33.37
C ILE E 150 36.92 1.60 34.74
N LYS E 151 35.64 2.00 34.77
CA LYS E 151 34.97 2.18 36.04
C LYS E 151 35.14 0.94 36.90
N LEU E 152 34.87 -0.22 36.32
CA LEU E 152 34.95 -1.46 37.07
C LEU E 152 36.31 -1.63 37.70
N VAL E 153 37.38 -1.49 36.90
CA VAL E 153 38.68 -1.80 37.48
C VAL E 153 38.98 -0.83 38.61
N LYS E 154 38.53 0.41 38.47
CA LYS E 154 38.81 1.38 39.51
C LYS E 154 38.02 1.08 40.78
N TYR E 155 36.81 0.53 40.63
CA TYR E 155 36.14 -0.03 41.80
C TYR E 155 36.91 -1.21 42.35
N TRP E 156 37.37 -2.09 41.46
CA TRP E 156 38.08 -3.29 41.89
C TRP E 156 39.40 -2.98 42.56
N GLN E 157 40.00 -1.83 42.27
CA GLN E 157 41.22 -1.46 42.97
C GLN E 157 40.95 -1.08 44.40
N LEU E 158 39.73 -0.66 44.73
CA LEU E 158 39.34 -0.43 46.11
C LEU E 158 38.72 -1.66 46.75
N GLY E 159 38.61 -2.75 46.00
CA GLY E 159 38.07 -4.00 46.54
C GLY E 159 36.62 -3.91 46.95
N TRP E 160 35.79 -3.23 46.16
CA TRP E 160 34.41 -3.00 46.58
C TRP E 160 33.58 -4.26 46.59
N GLY E 161 33.97 -5.29 45.83
CA GLY E 161 33.28 -6.56 45.88
C GLY E 161 31.85 -6.52 45.38
N MET E 162 31.21 -7.69 45.31
CA MET E 162 29.83 -7.77 44.89
C MET E 162 28.84 -7.43 46.01
N SER E 163 29.32 -7.23 47.23
CA SER E 163 28.42 -6.81 48.30
C SER E 163 27.90 -5.40 48.11
N ASP E 164 28.56 -4.59 47.28
CA ASP E 164 28.15 -3.22 47.01
C ASP E 164 27.41 -3.16 45.69
N LEU E 165 26.24 -2.50 45.70
CA LEU E 165 25.32 -2.59 44.57
C LEU E 165 25.93 -2.03 43.29
N ARG E 166 26.61 -0.89 43.39
CA ARG E 166 27.12 -0.23 42.20
C ARG E 166 28.07 -1.14 41.43
N PHE E 167 28.88 -1.91 42.15
CA PHE E 167 29.80 -2.82 41.50
C PHE E 167 29.04 -3.85 40.67
N CYS E 168 27.97 -4.41 41.24
CA CYS E 168 27.18 -5.40 40.53
C CYS E 168 26.52 -4.79 39.28
N ILE E 169 25.94 -3.61 39.43
CA ILE E 169 25.27 -2.98 38.30
C ILE E 169 26.25 -2.70 37.18
N THR E 170 27.43 -2.17 37.54
CA THR E 170 28.43 -1.85 36.53
C THR E 170 28.93 -3.12 35.83
N GLY E 171 29.10 -4.21 36.58
CA GLY E 171 29.52 -5.44 35.94
C GLY E 171 28.49 -5.99 34.97
N VAL E 172 27.23 -5.95 35.38
CA VAL E 172 26.16 -6.38 34.48
C VAL E 172 26.19 -5.54 33.21
N MET E 173 26.36 -4.22 33.34
CA MET E 173 26.39 -3.36 32.17
C MET E 173 27.58 -3.68 31.28
N VAL E 174 28.73 -3.98 31.89
CA VAL E 174 29.91 -4.34 31.10
C VAL E 174 29.62 -5.57 30.25
N ILE E 175 29.06 -6.62 30.86
CA ILE E 175 28.88 -7.84 30.07
C ILE E 175 27.78 -7.66 29.02
N LEU E 176 26.74 -6.86 29.32
CA LEU E 176 25.72 -6.63 28.29
C LEU E 176 26.29 -5.84 27.12
N ASN E 177 27.12 -4.85 27.39
CA ASN E 177 27.76 -4.12 26.29
C ASN E 177 28.66 -5.04 25.48
N GLY E 178 29.38 -5.94 26.14
CA GLY E 178 30.19 -6.90 25.42
C GLY E 178 29.36 -7.80 24.52
N LEU E 179 28.24 -8.30 25.04
CA LEU E 179 27.37 -9.16 24.24
C LEU E 179 26.82 -8.42 23.03
N LEU E 180 26.42 -7.15 23.21
CA LEU E 180 25.89 -6.39 22.09
C LEU E 180 26.97 -6.14 21.03
N MET E 181 28.20 -5.89 21.46
CA MET E 181 29.29 -5.75 20.50
C MET E 181 29.51 -7.05 19.73
N ALA E 182 29.40 -8.19 20.43
CA ALA E 182 29.52 -9.47 19.76
C ALA E 182 28.43 -9.66 18.71
N VAL E 183 27.20 -9.24 19.03
CA VAL E 183 26.12 -9.34 18.06
C VAL E 183 26.44 -8.53 16.82
N GLU E 184 26.93 -7.30 17.01
CA GLU E 184 27.29 -6.48 15.84
C GLU E 184 28.39 -7.14 15.02
N ILE E 185 29.40 -7.70 15.69
CA ILE E 185 30.48 -8.37 14.98
C ILE E 185 29.95 -9.53 14.15
N ASN E 186 29.03 -10.33 14.73
CA ASN E 186 28.49 -11.45 13.98
C ASN E 186 27.67 -10.98 12.80
N VAL E 187 26.95 -9.87 12.94
CA VAL E 187 26.22 -9.32 11.81
C VAL E 187 27.18 -8.97 10.69
N ILE E 188 28.31 -8.35 11.05
CA ILE E 188 29.32 -8.02 10.04
C ILE E 188 29.86 -9.29 9.39
N ARG E 189 30.01 -10.35 10.18
CA ARG E 189 30.54 -11.60 9.66
C ARG E 189 29.60 -12.24 8.66
N VAL E 190 28.29 -12.22 8.95
CA VAL E 190 27.36 -12.97 8.13
C VAL E 190 26.93 -12.18 6.90
N ARG E 191 26.79 -10.88 7.01
CA ARG E 191 26.33 -10.12 5.86
C ARG E 191 27.46 -9.68 4.93
N ARG E 192 28.67 -9.50 5.46
CA ARG E 192 29.84 -9.15 4.66
C ARG E 192 29.60 -7.90 3.81
N TYR E 193 29.38 -6.78 4.51
CA TYR E 193 29.01 -5.53 3.86
C TYR E 193 30.06 -4.45 3.99
N VAL E 194 31.17 -4.70 4.66
CA VAL E 194 32.17 -3.65 4.82
C VAL E 194 33.56 -4.09 4.34
N PHE E 195 34.11 -5.11 4.99
CA PHE E 195 35.50 -5.50 4.79
C PHE E 195 35.65 -6.68 3.84
N PHE E 196 34.59 -7.06 3.14
CA PHE E 196 34.63 -8.16 2.20
C PHE E 196 34.41 -7.63 0.79
N MET E 197 34.72 -8.48 -0.18
CA MET E 197 34.63 -8.11 -1.58
C MET E 197 33.28 -8.48 -2.20
N ASN E 198 32.67 -9.56 -1.70
CA ASN E 198 31.39 -10.03 -2.23
C ASN E 198 30.35 -10.06 -1.13
N PRO E 199 29.45 -9.08 -1.07
CA PRO E 199 28.38 -9.10 -0.07
C PRO E 199 27.43 -10.27 -0.26
N GLN E 200 26.46 -10.42 0.62
CA GLN E 200 25.53 -11.54 0.53
C GLN E 200 24.39 -11.24 -0.42
N LYS E 201 23.64 -12.30 -0.75
CA LYS E 201 22.47 -12.19 -1.63
C LYS E 201 21.25 -12.57 -0.79
N VAL E 202 20.48 -11.58 -0.38
CA VAL E 202 19.40 -11.76 0.58
C VAL E 202 18.10 -11.21 0.00
N LYS E 203 17.03 -11.96 0.13
CA LYS E 203 15.72 -11.55 -0.35
C LYS E 203 14.69 -11.76 0.75
N PRO E 204 13.63 -10.94 0.77
CA PRO E 204 12.61 -11.06 1.81
C PRO E 204 11.95 -12.43 1.76
N PRO E 205 11.22 -12.81 2.82
CA PRO E 205 10.50 -14.08 2.78
C PRO E 205 9.49 -14.10 1.65
N GLU E 206 9.29 -15.29 1.08
CA GLU E 206 8.41 -15.43 -0.08
C GLU E 206 6.98 -14.99 0.22
N ASP E 207 6.58 -14.96 1.49
CA ASP E 207 5.19 -14.69 1.82
C ASP E 207 4.84 -13.23 1.63
N LEU E 208 5.75 -12.32 1.99
CA LEU E 208 5.49 -10.91 1.78
C LEU E 208 5.47 -10.52 0.31
N GLN E 209 6.03 -11.36 -0.56
CA GLN E 209 5.94 -11.10 -1.99
C GLN E 209 4.50 -11.12 -2.46
N ASP E 210 3.72 -12.10 -2.01
CA ASP E 210 2.30 -12.10 -2.28
C ASP E 210 1.62 -10.95 -1.55
N LEU E 211 0.63 -10.35 -2.20
CA LEU E 211 -0.07 -9.21 -1.64
C LEU E 211 -1.31 -9.59 -0.85
N GLY E 212 -1.58 -10.88 -0.68
CA GLY E 212 -2.77 -11.31 0.01
C GLY E 212 -2.53 -11.75 1.43
N VAL E 213 -1.26 -11.91 1.82
CA VAL E 213 -0.92 -12.33 3.17
C VAL E 213 -1.08 -11.13 4.10
N ARG E 214 -2.10 -11.17 4.96
CA ARG E 214 -2.38 -10.07 5.87
C ARG E 214 -2.16 -10.44 7.33
N PHE E 215 -1.76 -11.67 7.62
CA PHE E 215 -1.40 -12.07 8.98
C PHE E 215 0.10 -11.89 9.11
N LEU E 216 0.52 -10.82 9.77
CA LEU E 216 1.92 -10.41 9.79
C LEU E 216 2.62 -10.75 11.10
N GLN E 217 2.10 -11.70 11.87
CA GLN E 217 2.76 -12.03 13.13
C GLN E 217 4.15 -12.61 12.95
N PRO E 218 4.39 -13.61 12.08
CA PRO E 218 5.73 -14.19 12.00
C PRO E 218 6.77 -13.28 11.36
N PHE E 219 6.40 -12.12 10.83
CA PHE E 219 7.28 -11.34 9.97
C PHE E 219 7.70 -10.00 10.57
N VAL E 220 7.47 -9.78 11.86
CA VAL E 220 7.58 -8.46 12.44
C VAL E 220 8.50 -8.51 13.64
N ASN E 221 9.01 -7.34 14.06
CA ASN E 221 10.05 -7.31 15.06
C ASN E 221 9.51 -7.71 16.43
N LEU E 222 10.43 -8.10 17.32
CA LEU E 222 10.03 -8.77 18.55
C LEU E 222 9.18 -7.88 19.44
N LEU E 223 9.34 -6.57 19.38
CA LEU E 223 8.49 -5.72 20.21
C LEU E 223 7.08 -5.58 19.66
N SER E 224 6.89 -5.84 18.37
CA SER E 224 5.56 -5.89 17.81
C SER E 224 4.97 -7.28 17.85
N LYS E 225 5.81 -8.31 17.77
CA LYS E 225 5.34 -9.66 18.04
C LYS E 225 4.81 -9.80 19.45
N ALA E 226 5.34 -9.02 20.38
CA ALA E 226 5.02 -9.15 21.79
C ALA E 226 3.88 -8.25 22.24
N THR E 227 3.46 -7.31 21.43
CA THR E 227 2.35 -6.44 21.79
C THR E 227 1.22 -6.49 20.77
N TYR E 228 1.36 -7.30 19.72
CA TYR E 228 0.33 -7.41 18.68
C TYR E 228 0.04 -6.06 18.07
N TRP E 229 1.08 -5.23 18.00
CA TRP E 229 0.93 -3.88 17.45
C TRP E 229 0.49 -3.93 16.00
N TRP E 230 1.06 -4.83 15.22
CA TRP E 230 0.73 -4.95 13.81
C TRP E 230 -0.76 -5.09 13.57
N MET E 231 -1.52 -5.45 14.59
CA MET E 231 -2.95 -5.67 14.40
C MET E 231 -3.71 -4.36 14.27
N ASN E 232 -3.18 -3.28 14.85
CA ASN E 232 -3.91 -2.03 15.01
C ASN E 232 -4.72 -1.66 13.77
N THR E 233 -4.04 -1.49 12.65
CA THR E 233 -4.67 -1.12 11.40
C THR E 233 -5.97 -1.91 11.16
N LEU E 234 -5.89 -3.24 11.11
CA LEU E 234 -7.07 -4.03 10.81
C LEU E 234 -8.21 -3.69 11.76
N ILE E 235 -7.91 -3.64 13.06
CA ILE E 235 -8.96 -3.35 14.03
C ILE E 235 -9.50 -1.94 13.83
N ILE E 236 -8.61 -0.97 13.58
CA ILE E 236 -9.11 0.38 13.35
C ILE E 236 -9.79 0.51 12.01
N SER E 237 -9.66 -0.49 11.14
CA SER E 237 -10.43 -0.54 9.91
C SER E 237 -11.81 -1.09 10.11
N ALA E 238 -12.22 -1.35 11.35
CA ALA E 238 -13.54 -1.87 11.61
C ALA E 238 -14.61 -0.79 11.56
N HIS E 239 -14.22 0.47 11.47
CA HIS E 239 -15.17 1.56 11.35
C HIS E 239 -15.42 1.95 9.90
N ARG E 240 -14.34 2.15 9.13
CA ARG E 240 -14.51 2.58 7.75
C ARG E 240 -15.27 1.55 6.93
N LYS E 241 -14.85 0.28 6.98
CA LYS E 241 -15.55 -0.75 6.24
C LYS E 241 -15.58 -2.01 7.09
N PRO E 242 -16.75 -2.57 7.35
CA PRO E 242 -16.82 -3.79 8.16
C PRO E 242 -15.99 -4.91 7.54
N ILE E 243 -15.37 -5.71 8.40
CA ILE E 243 -14.48 -6.75 7.92
C ILE E 243 -15.24 -7.72 7.04
N ASP E 244 -14.61 -8.13 5.95
CA ASP E 244 -15.12 -9.17 5.08
C ASP E 244 -14.10 -10.31 5.07
N LEU E 245 -14.36 -11.30 4.23
CA LEU E 245 -13.40 -12.39 4.09
C LEU E 245 -12.12 -11.94 3.43
N LYS E 246 -12.15 -10.80 2.73
CA LYS E 246 -10.99 -10.33 1.99
C LYS E 246 -9.95 -9.69 2.90
N ALA E 247 -10.39 -9.04 3.98
CA ALA E 247 -9.44 -8.36 4.85
C ALA E 247 -8.50 -9.35 5.53
N ILE E 248 -9.02 -10.48 5.97
CA ILE E 248 -8.17 -11.53 6.56
C ILE E 248 -7.69 -12.37 5.38
N GLY E 249 -6.66 -11.86 4.71
CA GLY E 249 -6.34 -12.31 3.37
C GLY E 249 -6.05 -13.78 3.18
N LYS E 250 -4.93 -14.25 3.70
CA LYS E 250 -4.48 -15.61 3.42
C LYS E 250 -3.53 -16.04 4.52
N LEU E 251 -3.04 -17.26 4.40
CA LEU E 251 -2.15 -17.79 5.41
C LEU E 251 -0.73 -17.87 4.87
N PRO E 252 0.26 -17.52 5.68
CA PRO E 252 1.65 -17.75 5.29
C PRO E 252 1.91 -19.24 5.11
N ILE E 253 2.81 -19.56 4.17
CA ILE E 253 3.03 -20.94 3.78
C ILE E 253 3.42 -21.83 4.95
N ALA E 254 3.85 -21.24 6.06
CA ALA E 254 4.23 -22.02 7.23
C ALA E 254 3.04 -22.46 8.06
N MET E 255 1.87 -21.85 7.88
CA MET E 255 0.71 -22.18 8.69
C MET E 255 -0.43 -22.75 7.87
N ARG E 256 -0.23 -23.01 6.57
CA ARG E 256 -1.28 -23.60 5.77
C ARG E 256 -1.48 -25.06 6.15
N ALA E 257 -2.66 -25.58 5.80
CA ALA E 257 -3.01 -26.93 6.21
C ALA E 257 -2.16 -27.99 5.53
N VAL E 258 -1.76 -27.75 4.28
CA VAL E 258 -1.03 -28.77 3.54
C VAL E 258 0.32 -29.06 4.21
N THR E 259 1.04 -28.02 4.63
CA THR E 259 2.36 -28.21 5.21
C THR E 259 2.28 -29.01 6.51
N ASN E 260 1.37 -28.62 7.40
CA ASN E 260 1.23 -29.34 8.66
C ASN E 260 0.71 -30.74 8.44
N TYR E 261 -0.14 -30.94 7.44
CA TYR E 261 -0.57 -32.30 7.12
C TYR E 261 0.62 -33.14 6.67
N VAL E 262 1.51 -32.57 5.88
CA VAL E 262 2.71 -33.29 5.47
C VAL E 262 3.54 -33.67 6.70
N CYS E 263 3.71 -32.73 7.62
CA CYS E 263 4.52 -33.00 8.81
C CYS E 263 3.89 -34.11 9.65
N LEU E 264 2.59 -34.03 9.89
CA LEU E 264 1.93 -35.03 10.73
C LEU E 264 1.90 -36.39 10.03
N LYS E 265 1.69 -36.40 8.72
CA LYS E 265 1.73 -37.66 7.98
C LYS E 265 3.09 -38.32 8.08
N GLU E 266 4.15 -37.54 7.88
CA GLU E 266 5.50 -38.11 7.95
C GLU E 266 5.80 -38.63 9.35
N ALA E 267 5.39 -37.90 10.38
CA ALA E 267 5.62 -38.37 11.74
C ALA E 267 4.86 -39.67 12.01
N TYR E 268 3.60 -39.74 11.57
CA TYR E 268 2.82 -40.94 11.77
C TYR E 268 3.41 -42.11 11.01
N GLU E 269 3.97 -41.85 9.82
CA GLU E 269 4.59 -42.91 9.05
C GLU E 269 5.86 -43.43 9.72
N GLU E 270 6.66 -42.53 10.29
CA GLU E 270 7.82 -42.98 11.05
C GLU E 270 7.37 -43.88 12.20
N GLN E 271 6.33 -43.46 12.92
CA GLN E 271 5.82 -44.26 14.03
C GLN E 271 5.34 -45.62 13.55
N LYS E 272 4.61 -45.65 12.43
CA LYS E 272 4.05 -46.92 11.96
C LYS E 272 5.11 -47.85 11.43
N LYS E 273 6.12 -47.31 10.75
CA LYS E 273 7.22 -48.14 10.28
C LYS E 273 8.01 -48.72 11.45
N LYS E 274 8.22 -47.92 12.50
CA LYS E 274 8.86 -48.45 13.70
C LYS E 274 8.01 -49.54 14.35
N ALA E 275 6.68 -49.34 14.38
CA ALA E 275 5.81 -50.26 15.07
C ALA E 275 5.59 -51.57 14.32
N ALA E 276 5.62 -51.54 12.98
CA ALA E 276 5.35 -52.74 12.20
C ALA E 276 6.39 -53.81 12.45
N ASP E 277 7.66 -53.42 12.53
CA ASP E 277 8.71 -54.37 12.88
C ASP E 277 8.51 -54.93 14.27
N HIS E 278 8.08 -54.09 15.21
CA HIS E 278 7.73 -54.58 16.53
C HIS E 278 6.57 -55.56 16.43
N PRO E 279 6.60 -56.67 17.17
CA PRO E 279 5.61 -57.73 16.96
C PRO E 279 4.16 -57.35 17.22
N ASN E 280 3.86 -56.89 18.43
CA ASN E 280 2.47 -56.71 18.87
C ASN E 280 2.26 -55.32 19.44
N ARG E 281 2.70 -54.30 18.71
CA ARG E 281 2.60 -52.92 19.15
C ARG E 281 1.51 -52.19 18.36
N THR E 282 0.64 -51.50 19.09
CA THR E 282 -0.48 -50.77 18.53
C THR E 282 -0.05 -49.36 18.10
N PRO E 283 -0.75 -48.77 17.13
CA PRO E 283 -0.43 -47.41 16.71
C PRO E 283 -0.75 -46.39 17.80
N SER E 284 -0.07 -45.25 17.73
CA SER E 284 -0.23 -44.19 18.71
C SER E 284 -0.26 -42.85 17.99
N ILE E 285 -1.31 -42.06 18.22
CA ILE E 285 -1.36 -40.72 17.68
C ILE E 285 -0.64 -39.74 18.59
N TRP E 286 -0.59 -40.04 19.89
CA TRP E 286 0.04 -39.14 20.85
C TRP E 286 1.48 -38.84 20.45
N LEU E 287 2.26 -39.88 20.17
CA LEU E 287 3.65 -39.66 19.80
C LEU E 287 3.79 -39.03 18.43
N ALA E 288 2.79 -39.18 17.56
CA ALA E 288 2.83 -38.50 16.28
C ALA E 288 2.67 -36.99 16.45
N MET E 289 1.78 -36.57 17.35
CA MET E 289 1.62 -35.15 17.62
C MET E 289 2.91 -34.56 18.19
N TYR E 290 3.43 -35.17 19.25
CA TYR E 290 4.78 -34.85 19.67
C TYR E 290 5.75 -35.17 18.55
N ARG E 291 6.95 -34.62 18.65
CA ARG E 291 7.99 -34.75 17.62
C ARG E 291 7.58 -34.05 16.34
N ALA E 292 6.37 -33.49 16.27
CA ALA E 292 5.94 -32.64 15.17
C ALA E 292 5.32 -31.33 15.61
N PHE E 293 4.82 -31.25 16.85
CA PHE E 293 4.32 -30.01 17.43
C PHE E 293 4.77 -29.91 18.88
N GLY E 294 6.00 -30.29 19.16
CA GLY E 294 6.46 -30.39 20.53
C GLY E 294 7.37 -29.25 20.97
N ARG E 295 8.09 -28.67 20.03
CA ARG E 295 8.90 -27.50 20.35
C ARG E 295 8.06 -26.33 20.83
N PRO E 296 7.02 -25.88 20.11
CA PRO E 296 6.27 -24.71 20.58
C PRO E 296 5.60 -24.93 21.91
N ILE E 297 5.27 -26.17 22.27
CA ILE E 297 4.70 -26.41 23.60
C ILE E 297 5.75 -26.17 24.67
N LEU E 298 6.99 -26.55 24.40
CA LEU E 298 8.07 -26.24 25.34
C LEU E 298 8.27 -24.73 25.46
N LEU E 299 8.20 -24.02 24.33
CA LEU E 299 8.33 -22.57 24.39
C LEU E 299 7.19 -21.94 25.19
N SER E 300 5.98 -22.44 25.01
CA SER E 300 4.85 -21.97 25.80
C SER E 300 5.06 -22.24 27.28
N SER E 301 5.57 -23.42 27.62
CA SER E 301 5.81 -23.72 29.03
C SER E 301 6.90 -22.84 29.62
N THR E 302 7.89 -22.48 28.82
CA THR E 302 8.94 -21.58 29.30
C THR E 302 8.38 -20.20 29.60
N PHE E 303 7.63 -19.63 28.66
CA PHE E 303 6.99 -18.35 28.91
C PHE E 303 6.05 -18.43 30.11
N ARG E 304 5.33 -19.53 30.24
CA ARG E 304 4.40 -19.69 31.34
C ARG E 304 5.11 -19.72 32.67
N TYR E 305 6.24 -20.43 32.76
CA TYR E 305 6.98 -20.46 34.00
C TYR E 305 7.54 -19.09 34.35
N LEU E 306 8.04 -18.36 33.35
CA LEU E 306 8.55 -17.02 33.63
C LEU E 306 7.45 -16.10 34.14
N ALA E 307 6.26 -16.18 33.53
CA ALA E 307 5.14 -15.37 33.98
C ALA E 307 4.73 -15.77 35.40
N ASP E 308 4.70 -17.07 35.69
CA ASP E 308 4.32 -17.52 37.02
C ASP E 308 5.33 -17.05 38.07
N LEU E 309 6.62 -17.07 37.74
CA LEU E 309 7.63 -16.57 38.67
C LEU E 309 7.46 -15.08 38.91
N LEU E 310 7.29 -14.31 37.83
CA LEU E 310 7.13 -12.86 38.00
C LEU E 310 5.82 -12.50 38.68
N GLY E 311 4.84 -13.40 38.68
CA GLY E 311 3.56 -13.07 39.29
C GLY E 311 3.63 -12.80 40.77
N PHE E 312 4.56 -13.43 41.47
CA PHE E 312 4.63 -13.26 42.91
C PHE E 312 5.17 -11.91 43.34
N ALA E 313 5.55 -11.04 42.40
CA ALA E 313 6.09 -9.75 42.78
C ALA E 313 5.05 -8.84 43.41
N GLY E 314 3.78 -9.18 43.32
CA GLY E 314 2.73 -8.40 43.94
C GLY E 314 2.78 -8.48 45.45
N PRO E 315 2.62 -9.68 46.00
CA PRO E 315 2.67 -9.83 47.46
C PRO E 315 3.97 -9.35 48.08
N LEU E 316 5.10 -9.63 47.45
CA LEU E 316 6.38 -9.26 48.05
C LEU E 316 6.55 -7.75 48.08
N CYS E 317 6.26 -7.07 46.96
CA CYS E 317 6.38 -5.63 46.94
C CYS E 317 5.38 -4.98 47.88
N ILE E 318 4.18 -5.56 48.01
CA ILE E 318 3.21 -5.03 48.94
C ILE E 318 3.74 -5.11 50.37
N SER E 319 4.28 -6.27 50.74
CA SER E 319 4.83 -6.43 52.08
C SER E 319 5.95 -5.44 52.33
N GLY E 320 6.86 -5.30 51.36
CA GLY E 320 7.95 -4.36 51.53
C GLY E 320 7.47 -2.93 51.72
N ILE E 321 6.54 -2.49 50.86
CA ILE E 321 6.07 -1.11 50.93
C ILE E 321 5.38 -0.85 52.26
N VAL E 322 4.54 -1.79 52.70
CA VAL E 322 3.82 -1.57 53.95
C VAL E 322 4.76 -1.58 55.14
N GLN E 323 5.66 -2.57 55.21
CA GLN E 323 6.55 -2.65 56.36
C GLN E 323 7.63 -1.58 56.32
N ARG E 324 7.73 -0.83 55.23
CA ARG E 324 8.56 0.38 55.26
C ARG E 324 7.77 1.62 55.66
N VAL E 325 6.53 1.75 55.17
CA VAL E 325 5.76 2.97 55.44
C VAL E 325 5.26 3.05 56.87
N ASN E 326 5.43 1.98 57.67
CA ASN E 326 4.95 1.99 59.05
C ASN E 326 5.66 3.04 59.89
N GLU E 327 7.00 3.02 59.88
CA GLU E 327 7.81 3.79 60.81
C GLU E 327 8.25 5.11 60.19
N PRO E 328 8.06 6.23 60.88
CA PRO E 328 8.62 7.50 60.39
C PRO E 328 10.14 7.49 60.40
N LYS E 329 10.71 8.20 59.44
CA LYS E 329 12.15 8.21 59.22
C LYS E 329 12.87 9.32 60.00
N ASN E 330 12.15 10.02 60.88
CA ASN E 330 12.79 11.05 61.69
C ASN E 330 13.79 10.47 62.67
N ASN E 331 13.48 9.30 63.24
CA ASN E 331 14.36 8.69 64.24
C ASN E 331 15.72 8.35 63.67
N THR E 332 15.77 7.79 62.46
CA THR E 332 17.00 7.25 61.91
C THR E 332 18.08 8.32 61.81
N THR E 333 19.33 7.92 62.08
CA THR E 333 20.46 8.82 62.02
C THR E 333 20.92 9.02 60.58
N ARG E 334 21.73 10.05 60.38
CA ARG E 334 22.28 10.33 59.06
C ARG E 334 23.29 9.27 58.67
N PHE E 335 23.20 8.78 57.43
CA PHE E 335 24.13 7.79 56.90
C PHE E 335 24.61 8.29 55.54
N SER E 336 25.90 8.55 55.42
CA SER E 336 26.47 9.11 54.20
C SER E 336 27.10 8.06 53.29
N GLU E 337 27.19 6.81 53.72
CA GLU E 337 27.73 5.77 52.86
C GLU E 337 26.72 5.40 51.77
N THR E 338 27.22 4.83 50.69
CA THR E 338 26.36 4.40 49.60
C THR E 338 25.44 3.28 50.06
N LEU E 339 24.22 3.28 49.52
CA LEU E 339 23.17 2.40 50.03
C LEU E 339 23.53 0.93 49.83
N SER E 340 23.20 0.12 50.83
CA SER E 340 23.55 -1.29 50.83
C SER E 340 22.73 -2.05 49.79
N SER E 341 23.34 -3.12 49.26
CA SER E 341 22.64 -3.96 48.29
C SER E 341 21.34 -4.54 48.84
N LYS E 342 21.18 -4.60 50.16
CA LYS E 342 19.91 -4.96 50.74
C LYS E 342 19.03 -3.73 51.02
N GLU E 343 19.65 -2.58 51.30
CA GLU E 343 18.91 -1.35 51.50
C GLU E 343 18.38 -0.76 50.20
N PHE E 344 18.80 -1.29 49.05
CA PHE E 344 18.18 -0.91 47.79
C PHE E 344 16.77 -1.50 47.69
N LEU E 345 16.64 -2.78 48.00
CA LEU E 345 15.35 -3.46 47.96
C LEU E 345 14.47 -3.13 49.13
N GLU E 346 14.98 -2.38 50.10
CA GLU E 346 14.24 -2.03 51.31
C GLU E 346 13.49 -0.71 51.17
N ASN E 347 13.64 -0.01 50.05
CA ASN E 347 13.06 1.30 49.91
C ASN E 347 11.55 1.22 49.70
N ALA E 348 10.90 2.38 49.76
CA ALA E 348 9.48 2.48 49.48
C ALA E 348 9.18 2.99 48.07
N HIS E 349 10.15 3.65 47.44
CA HIS E 349 9.96 4.16 46.09
C HIS E 349 10.61 3.29 45.02
N VAL E 350 11.64 2.53 45.39
CA VAL E 350 12.18 1.56 44.44
C VAL E 350 11.17 0.45 44.19
N LEU E 351 10.53 -0.03 45.26
CA LEU E 351 9.65 -1.19 45.13
C LEU E 351 8.42 -0.89 44.28
N ALA E 352 7.94 0.35 44.27
CA ALA E 352 6.84 0.68 43.37
C ALA E 352 7.25 0.50 41.92
N VAL E 353 8.45 0.98 41.57
CA VAL E 353 8.94 0.82 40.20
C VAL E 353 9.14 -0.65 39.87
N LEU E 354 9.67 -1.41 40.83
CA LEU E 354 9.88 -2.84 40.59
C LEU E 354 8.56 -3.55 40.35
N LEU E 355 7.53 -3.23 41.14
CA LEU E 355 6.22 -3.83 40.94
C LEU E 355 5.64 -3.46 39.59
N PHE E 356 5.78 -2.19 39.20
CA PHE E 356 5.30 -1.76 37.88
C PHE E 356 5.95 -2.56 36.76
N LEU E 357 7.29 -2.63 36.77
CA LEU E 357 7.99 -3.35 35.71
C LEU E 357 7.65 -4.84 35.75
N ALA E 358 7.53 -5.41 36.94
CA ALA E 358 7.19 -6.82 37.04
C ALA E 358 5.82 -7.11 36.44
N LEU E 359 4.84 -6.24 36.70
CA LEU E 359 3.52 -6.44 36.11
C LEU E 359 3.59 -6.37 34.58
N ILE E 360 4.21 -5.32 34.06
CA ILE E 360 4.20 -5.19 32.60
C ILE E 360 5.03 -6.25 31.93
N LEU E 361 5.92 -6.92 32.66
CA LEU E 361 6.66 -8.03 32.06
C LEU E 361 5.91 -9.35 32.17
N GLN E 362 5.27 -9.60 33.31
CA GLN E 362 4.52 -10.83 33.49
C GLN E 362 3.36 -10.91 32.52
N ARG E 363 2.65 -9.80 32.30
CA ARG E 363 1.52 -9.85 31.38
C ARG E 363 1.99 -10.19 29.97
N THR E 364 3.09 -9.59 29.54
CA THR E 364 3.62 -9.89 28.21
C THR E 364 4.00 -11.35 28.08
N PHE E 365 4.68 -11.89 29.10
CA PHE E 365 5.05 -13.30 29.02
C PHE E 365 3.82 -14.19 28.96
N LEU E 366 2.80 -13.87 29.76
CA LEU E 366 1.59 -14.70 29.78
C LEU E 366 0.90 -14.69 28.44
N GLN E 367 0.76 -13.50 27.83
CA GLN E 367 0.10 -13.44 26.53
C GLN E 367 0.91 -14.14 25.45
N ALA E 368 2.24 -14.08 25.53
CA ALA E 368 3.05 -14.83 24.60
C ALA E 368 2.80 -16.33 24.73
N SER E 369 2.70 -16.82 25.96
CA SER E 369 2.41 -18.24 26.17
C SER E 369 1.08 -18.61 25.55
N TYR E 370 0.05 -17.80 25.82
CA TYR E 370 -1.28 -18.09 25.31
C TYR E 370 -1.25 -18.14 23.80
N TYR E 371 -0.62 -17.15 23.17
CA TYR E 371 -0.65 -17.09 21.72
C TYR E 371 0.09 -18.26 21.09
N VAL E 372 1.25 -18.63 21.64
CA VAL E 372 2.01 -19.71 21.04
C VAL E 372 1.24 -21.01 21.12
N THR E 373 0.66 -21.30 22.29
CA THR E 373 -0.05 -22.57 22.39
C THR E 373 -1.35 -22.56 21.58
N ILE E 374 -2.00 -21.41 21.43
CA ILE E 374 -3.18 -21.32 20.59
C ILE E 374 -2.82 -21.61 19.14
N GLU E 375 -1.75 -20.98 18.63
CA GLU E 375 -1.36 -21.20 17.24
C GLU E 375 -0.99 -22.65 17.00
N THR E 376 -0.30 -23.27 17.95
CA THR E 376 0.01 -24.68 17.79
C THR E 376 -1.24 -25.54 17.74
N GLY E 377 -2.20 -25.27 18.63
CA GLY E 377 -3.43 -26.04 18.60
C GLY E 377 -4.19 -25.88 17.30
N ILE E 378 -4.21 -24.67 16.75
CA ILE E 378 -4.93 -24.45 15.50
C ILE E 378 -4.25 -25.18 14.34
N ASN E 379 -2.92 -25.12 14.28
CA ASN E 379 -2.23 -25.85 13.22
C ASN E 379 -2.48 -27.35 13.35
N LEU E 380 -2.45 -27.87 14.57
CA LEU E 380 -2.70 -29.29 14.75
C LEU E 380 -4.12 -29.64 14.32
N ARG E 381 -5.09 -28.78 14.60
CA ARG E 381 -6.45 -29.05 14.16
C ARG E 381 -6.56 -29.09 12.65
N GLY E 382 -5.88 -28.17 11.96
CA GLY E 382 -5.88 -28.21 10.51
C GLY E 382 -5.29 -29.49 9.97
N ALA E 383 -4.17 -29.93 10.55
CA ALA E 383 -3.55 -31.17 10.11
C ALA E 383 -4.46 -32.37 10.37
N LEU E 384 -5.13 -32.39 11.52
CA LEU E 384 -6.03 -33.49 11.82
C LEU E 384 -7.20 -33.55 10.84
N LEU E 385 -7.77 -32.40 10.51
CA LEU E 385 -8.86 -32.40 9.54
C LEU E 385 -8.39 -32.89 8.18
N ALA E 386 -7.21 -32.46 7.74
CA ALA E 386 -6.69 -32.95 6.47
C ALA E 386 -6.51 -34.46 6.50
N MET E 387 -5.96 -34.98 7.59
CA MET E 387 -5.74 -36.43 7.68
C MET E 387 -7.06 -37.19 7.67
N ILE E 388 -8.06 -36.70 8.39
CA ILE E 388 -9.34 -37.37 8.43
C ILE E 388 -9.99 -37.39 7.05
N TYR E 389 -9.90 -36.28 6.32
CA TYR E 389 -10.43 -36.28 4.96
C TYR E 389 -9.71 -37.29 4.09
N ASN E 390 -8.37 -37.30 4.11
CA ASN E 390 -7.66 -38.21 3.24
C ASN E 390 -7.94 -39.67 3.62
N LYS E 391 -8.30 -39.92 4.86
CA LYS E 391 -8.78 -41.26 5.20
C LYS E 391 -10.22 -41.48 4.74
N ILE E 392 -11.06 -40.45 4.72
CA ILE E 392 -12.44 -40.66 4.30
C ILE E 392 -12.50 -41.03 2.83
N LEU E 393 -11.63 -40.44 2.01
CA LEU E 393 -11.69 -40.72 0.58
C LEU E 393 -11.43 -42.20 0.30
N ARG E 394 -10.57 -42.84 1.09
CA ARG E 394 -10.19 -44.22 0.87
C ARG E 394 -10.98 -45.15 1.79
N LEU E 395 -12.28 -45.20 1.58
CA LEU E 395 -13.15 -46.01 2.44
C LEU E 395 -13.97 -46.98 1.60
N SER E 396 -14.33 -48.09 2.23
CA SER E 396 -15.12 -49.14 1.59
C SER E 396 -16.61 -48.91 1.82
N THR E 397 -17.40 -49.22 0.81
CA THR E 397 -18.85 -49.06 0.90
C THR E 397 -19.55 -50.35 1.33
N SER E 398 -18.79 -51.39 1.66
CA SER E 398 -19.38 -52.64 2.12
C SER E 398 -20.17 -52.43 3.41
N ASN E 399 -21.28 -53.16 3.53
CA ASN E 399 -22.12 -53.06 4.72
C ASN E 399 -21.51 -53.75 5.94
N LEU E 400 -20.44 -54.52 5.76
CA LEU E 400 -19.74 -55.08 6.92
C LEU E 400 -18.75 -54.10 7.53
N SER E 401 -18.43 -53.02 6.82
CA SER E 401 -17.61 -51.93 7.35
C SER E 401 -18.42 -50.66 7.55
N MET E 402 -19.24 -50.30 6.57
CA MET E 402 -20.22 -49.24 6.77
C MET E 402 -21.34 -49.76 7.68
N GLY E 403 -22.17 -48.84 8.17
CA GLY E 403 -23.22 -49.23 9.08
C GLY E 403 -24.35 -48.23 9.04
N GLU E 404 -25.46 -48.62 9.68
CA GLU E 404 -26.64 -47.77 9.72
C GLU E 404 -26.35 -46.42 10.36
N MET E 405 -25.33 -46.35 11.22
CA MET E 405 -24.88 -45.09 11.81
C MET E 405 -23.37 -45.01 11.63
N THR E 406 -22.95 -44.52 10.48
CA THR E 406 -21.53 -44.29 10.23
C THR E 406 -21.26 -42.85 9.79
N LEU E 407 -22.15 -42.25 9.02
CA LEU E 407 -22.03 -40.82 8.74
C LEU E 407 -22.23 -40.01 10.01
N GLY E 408 -23.01 -40.51 10.96
CA GLY E 408 -23.13 -39.82 12.24
C GLY E 408 -21.83 -39.83 13.01
N GLN E 409 -21.13 -40.97 13.02
CA GLN E 409 -19.84 -41.04 13.68
C GLN E 409 -18.84 -40.09 13.04
N ILE E 410 -18.86 -40.02 11.72
CA ILE E 410 -17.97 -39.11 10.99
C ILE E 410 -18.32 -37.66 11.31
N ASN E 411 -19.61 -37.34 11.34
CA ASN E 411 -20.03 -35.99 11.67
C ASN E 411 -19.56 -35.59 13.06
N ASN E 412 -19.69 -36.49 14.04
CA ASN E 412 -19.18 -36.19 15.37
C ASN E 412 -17.66 -36.04 15.35
N LEU E 413 -16.96 -36.94 14.66
CA LEU E 413 -15.51 -36.90 14.63
C LEU E 413 -14.98 -35.63 13.99
N VAL E 414 -15.76 -34.98 13.14
CA VAL E 414 -15.27 -33.75 12.52
C VAL E 414 -15.76 -32.53 13.30
N ALA E 415 -16.95 -32.61 13.88
CA ALA E 415 -17.55 -31.44 14.51
C ALA E 415 -17.31 -31.36 16.00
N ILE E 416 -16.95 -32.46 16.66
CA ILE E 416 -16.85 -32.46 18.11
C ILE E 416 -15.47 -32.92 18.57
N GLU E 417 -15.04 -34.09 18.11
CA GLU E 417 -13.80 -34.66 18.63
C GLU E 417 -12.59 -33.79 18.28
N THR E 418 -12.58 -33.22 17.07
CA THR E 418 -11.49 -32.32 16.71
C THR E 418 -11.46 -31.10 17.62
N ASN E 419 -12.62 -30.53 17.91
CA ASN E 419 -12.67 -29.35 18.78
C ASN E 419 -12.25 -29.69 20.20
N GLN E 420 -12.67 -30.84 20.72
CA GLN E 420 -12.26 -31.24 22.05
C GLN E 420 -10.76 -31.44 22.13
N LEU E 421 -10.20 -32.10 21.13
CA LEU E 421 -8.75 -32.31 21.13
C LEU E 421 -8.02 -30.98 21.03
N MET E 422 -8.50 -30.07 20.18
CA MET E 422 -7.86 -28.77 20.04
C MET E 422 -7.88 -28.01 21.35
N TRP E 423 -9.06 -27.92 21.98
CA TRP E 423 -9.17 -27.19 23.23
C TRP E 423 -8.47 -27.89 24.37
N PHE E 424 -8.08 -29.16 24.21
CA PHE E 424 -7.12 -29.71 25.16
C PHE E 424 -5.72 -29.23 24.86
N LEU E 425 -5.34 -29.22 23.59
CA LEU E 425 -3.99 -28.77 23.23
C LEU E 425 -3.76 -27.32 23.63
N PHE E 426 -4.82 -26.52 23.69
CA PHE E 426 -4.69 -25.15 24.22
C PHE E 426 -4.27 -25.17 25.68
N LEU E 427 -5.00 -25.92 26.50
CA LEU E 427 -4.81 -25.92 27.95
C LEU E 427 -3.81 -26.96 28.41
N CYS E 428 -3.03 -27.52 27.50
CA CYS E 428 -2.03 -28.51 27.88
C CYS E 428 -1.01 -27.96 28.88
N PRO E 429 -0.43 -26.77 28.67
CA PRO E 429 0.59 -26.30 29.63
C PRO E 429 0.11 -26.18 31.06
N ASN E 430 -1.19 -25.98 31.30
CA ASN E 430 -1.67 -25.89 32.66
C ASN E 430 -1.49 -27.18 33.43
N LEU E 431 -1.23 -28.28 32.75
CA LEU E 431 -1.07 -29.57 33.44
C LEU E 431 0.14 -29.55 34.36
N TRP E 432 1.26 -29.01 33.88
CA TRP E 432 2.51 -29.06 34.63
C TRP E 432 3.02 -27.66 34.97
N ALA E 433 2.12 -26.69 35.05
CA ALA E 433 2.51 -25.33 35.42
C ALA E 433 1.69 -24.85 36.59
N MET E 434 0.44 -25.29 36.68
CA MET E 434 -0.38 -24.99 37.86
C MET E 434 0.21 -25.55 39.14
N PRO E 435 0.64 -26.82 39.22
CA PRO E 435 1.21 -27.30 40.48
C PRO E 435 2.37 -26.48 40.99
N VAL E 436 3.25 -26.04 40.09
CA VAL E 436 4.39 -25.23 40.50
C VAL E 436 3.91 -23.95 41.18
N GLN E 437 2.96 -23.27 40.54
CA GLN E 437 2.49 -21.99 41.07
C GLN E 437 1.79 -22.19 42.40
N ILE E 438 0.98 -23.22 42.53
CA ILE E 438 0.24 -23.44 43.77
C ILE E 438 1.19 -23.81 44.91
N ILE E 439 2.17 -24.66 44.62
CA ILE E 439 3.14 -25.05 45.65
C ILE E 439 3.91 -23.83 46.12
N MET E 440 4.39 -23.00 45.18
CA MET E 440 5.16 -21.82 45.58
C MET E 440 4.30 -20.84 46.36
N GLY E 441 3.02 -20.69 45.97
CA GLY E 441 2.13 -19.85 46.75
C GLY E 441 1.96 -20.34 48.17
N VAL E 442 1.85 -21.65 48.35
CA VAL E 442 1.74 -22.19 49.70
C VAL E 442 3.03 -21.97 50.48
N ILE E 443 4.17 -22.09 49.81
CA ILE E 443 5.46 -21.84 50.46
C ILE E 443 5.51 -20.42 50.98
N LEU E 444 5.13 -19.45 50.14
CA LEU E 444 5.15 -18.06 50.57
C LEU E 444 4.14 -17.81 51.68
N LEU E 445 2.95 -18.41 51.60
CA LEU E 445 1.99 -18.28 52.68
C LEU E 445 2.56 -18.77 54.00
N TYR E 446 3.23 -19.92 53.97
CA TYR E 446 3.82 -20.44 55.20
C TYR E 446 4.88 -19.49 55.73
N ASN E 447 5.82 -19.11 54.87
CA ASN E 447 6.90 -18.23 55.31
C ASN E 447 6.42 -16.81 55.62
N LEU E 448 5.14 -16.51 55.39
CA LEU E 448 4.60 -15.21 55.77
C LEU E 448 3.67 -15.24 56.97
N LEU E 449 3.05 -16.38 57.27
CA LEU E 449 2.09 -16.42 58.37
C LEU E 449 2.20 -17.64 59.27
N GLY E 450 3.34 -18.34 59.26
CA GLY E 450 3.41 -19.48 60.16
C GLY E 450 2.59 -20.66 59.67
N SER E 451 2.03 -21.40 60.62
CA SER E 451 1.29 -22.62 60.33
C SER E 451 -0.21 -22.40 60.21
N SER E 452 -0.69 -21.16 60.34
CA SER E 452 -2.07 -20.85 60.01
C SER E 452 -2.28 -20.85 58.49
N ALA E 453 -1.22 -20.53 57.74
CA ALA E 453 -1.30 -20.58 56.29
C ALA E 453 -1.56 -22.00 55.80
N LEU E 454 -1.08 -23.01 56.52
CA LEU E 454 -1.40 -24.38 56.15
C LEU E 454 -2.89 -24.65 56.26
N VAL E 455 -3.53 -24.13 57.32
CA VAL E 455 -4.98 -24.28 57.44
C VAL E 455 -5.68 -23.55 56.31
N GLY E 456 -5.23 -22.33 56.00
CA GLY E 456 -5.85 -21.58 54.92
C GLY E 456 -5.73 -22.29 53.58
N ALA E 457 -4.55 -22.84 53.29
CA ALA E 457 -4.35 -23.57 52.05
C ALA E 457 -5.20 -24.84 52.01
N ALA E 458 -5.30 -25.54 53.13
CA ALA E 458 -6.16 -26.72 53.17
C ALA E 458 -7.61 -26.35 52.90
N VAL E 459 -8.06 -25.21 53.43
CA VAL E 459 -9.43 -24.78 53.17
C VAL E 459 -9.62 -24.46 51.69
N ILE E 460 -8.72 -23.66 51.12
CA ILE E 460 -8.96 -23.18 49.76
C ILE E 460 -8.81 -24.29 48.74
N VAL E 461 -7.82 -25.17 48.92
CA VAL E 461 -7.50 -26.16 47.89
C VAL E 461 -8.71 -27.00 47.49
N LEU E 462 -9.65 -27.18 48.42
CA LEU E 462 -10.83 -28.00 48.16
C LEU E 462 -11.70 -27.41 47.06
N LEU E 463 -11.32 -26.24 46.54
CA LEU E 463 -12.11 -25.58 45.50
C LEU E 463 -12.14 -26.41 44.22
N ALA E 464 -11.06 -27.13 43.92
CA ALA E 464 -11.03 -27.88 42.67
C ALA E 464 -11.95 -29.10 42.70
N PRO E 465 -11.87 -30.02 43.67
CA PRO E 465 -12.78 -31.18 43.63
C PRO E 465 -14.25 -30.81 43.66
N ILE E 466 -14.60 -29.79 44.42
CA ILE E 466 -15.99 -29.34 44.47
C ILE E 466 -16.45 -28.90 43.09
N GLN E 467 -15.61 -28.12 42.41
CA GLN E 467 -15.96 -27.67 41.07
C GLN E 467 -16.02 -28.82 40.09
N TYR E 468 -15.21 -29.85 40.28
CA TYR E 468 -15.28 -31.03 39.42
C TYR E 468 -16.62 -31.72 39.58
N PHE E 469 -17.05 -31.92 40.82
CA PHE E 469 -18.33 -32.57 41.07
C PHE E 469 -19.48 -31.76 40.47
N ILE E 470 -19.49 -30.45 40.72
CA ILE E 470 -20.53 -29.60 40.17
C ILE E 470 -20.51 -29.67 38.66
N ALA E 471 -19.32 -29.71 38.06
CA ALA E 471 -19.23 -29.75 36.60
C ALA E 471 -19.84 -31.02 36.05
N THR E 472 -19.59 -32.16 36.69
CA THR E 472 -20.15 -33.41 36.19
C THR E 472 -21.68 -33.39 36.28
N LYS E 473 -22.22 -32.97 37.43
CA LYS E 473 -23.68 -32.92 37.55
C LYS E 473 -24.27 -31.96 36.53
N LEU E 474 -23.62 -30.81 36.32
CA LEU E 474 -24.07 -29.82 35.37
C LEU E 474 -24.09 -30.38 33.95
N ALA E 475 -23.05 -31.16 33.61
CA ALA E 475 -22.98 -31.74 32.27
C ALA E 475 -24.11 -32.74 32.05
N GLU E 476 -24.42 -33.55 33.06
CA GLU E 476 -25.53 -34.49 32.90
C GLU E 476 -26.85 -33.74 32.72
N ALA E 477 -27.06 -32.69 33.50
CA ALA E 477 -28.28 -31.91 33.34
C ALA E 477 -28.36 -31.31 31.95
N GLN E 478 -27.23 -30.82 31.44
CA GLN E 478 -27.22 -30.22 30.10
C GLN E 478 -27.51 -31.26 29.03
N LYS E 479 -27.02 -32.48 29.22
CA LYS E 479 -27.32 -33.55 28.26
C LYS E 479 -28.82 -33.84 28.22
N SER E 480 -29.45 -33.95 29.40
CA SER E 480 -30.88 -34.20 29.41
C SER E 480 -31.65 -33.06 28.76
N THR E 481 -31.24 -31.82 29.06
CA THR E 481 -31.89 -30.66 28.44
C THR E 481 -31.75 -30.70 26.93
N LEU E 482 -30.58 -31.08 26.43
CA LEU E 482 -30.40 -31.15 24.97
C LEU E 482 -31.29 -32.21 24.36
N ASP E 483 -31.43 -33.36 25.03
CA ASP E 483 -32.32 -34.40 24.49
C ASP E 483 -33.75 -33.89 24.36
N TYR E 484 -34.28 -33.30 25.43
CA TYR E 484 -35.64 -32.79 25.34
C TYR E 484 -35.77 -31.63 24.36
N SER E 485 -34.72 -30.82 24.22
CA SER E 485 -34.74 -29.75 23.24
C SER E 485 -34.82 -30.29 21.83
N THR E 486 -34.07 -31.36 21.53
CA THR E 486 -34.13 -31.96 20.21
C THR E 486 -35.52 -32.53 19.93
N GLU E 487 -36.12 -33.18 20.93
CA GLU E 487 -37.49 -33.69 20.76
C GLU E 487 -38.45 -32.56 20.44
N ARG E 488 -38.37 -31.47 21.20
CA ARG E 488 -39.25 -30.33 20.96
C ARG E 488 -39.01 -29.72 19.58
N LEU E 489 -37.76 -29.69 19.14
CA LEU E 489 -37.46 -29.12 17.84
C LEU E 489 -38.03 -29.97 16.72
N LYS E 490 -37.94 -31.30 16.85
CA LYS E 490 -38.57 -32.16 15.85
C LYS E 490 -40.07 -31.91 15.79
N LYS E 491 -40.72 -31.81 16.95
CA LYS E 491 -42.16 -31.56 16.95
C LYS E 491 -42.49 -30.20 16.32
N THR E 492 -41.70 -29.18 16.62
CA THR E 492 -41.95 -27.86 16.06
C THR E 492 -41.75 -27.85 14.54
N ASN E 493 -40.73 -28.55 14.06
CA ASN E 493 -40.55 -28.63 12.61
C ASN E 493 -41.69 -29.40 11.96
N GLU E 494 -42.22 -30.41 12.64
CA GLU E 494 -43.34 -31.17 12.08
C GLU E 494 -44.61 -30.32 12.04
N ILE E 495 -44.81 -29.43 13.02
CA ILE E 495 -45.98 -28.57 13.00
C ILE E 495 -45.76 -27.28 12.21
N LEU E 496 -44.54 -27.01 11.77
CA LEU E 496 -44.27 -25.86 10.92
C LEU E 496 -44.21 -26.20 9.44
N LYS E 497 -43.65 -27.35 9.07
CA LYS E 497 -43.50 -27.69 7.66
C LYS E 497 -44.86 -27.92 7.00
N GLY E 498 -45.71 -28.72 7.62
CA GLY E 498 -47.06 -28.88 7.14
C GLY E 498 -48.01 -27.88 7.77
N ILE E 499 -47.90 -26.62 7.37
CA ILE E 499 -48.62 -25.56 8.07
C ILE E 499 -49.99 -25.28 7.43
N LYS E 500 -50.09 -25.38 6.11
CA LYS E 500 -51.29 -24.90 5.42
C LYS E 500 -52.52 -25.70 5.84
N LEU E 501 -52.45 -27.03 5.76
CA LEU E 501 -53.59 -27.85 6.15
C LEU E 501 -53.93 -27.63 7.61
N LEU E 502 -52.91 -27.44 8.44
CA LEU E 502 -53.16 -27.20 9.87
C LEU E 502 -53.99 -25.95 10.05
N LYS E 503 -53.57 -24.85 9.41
CA LYS E 503 -54.31 -23.59 9.56
C LYS E 503 -55.73 -23.74 9.04
N LEU E 504 -55.89 -24.34 7.86
CA LEU E 504 -57.22 -24.48 7.28
C LEU E 504 -58.10 -25.41 8.10
N TYR E 505 -57.56 -26.53 8.58
CA TYR E 505 -58.37 -27.55 9.21
C TYR E 505 -58.74 -27.23 10.65
N ALA E 506 -58.60 -25.98 11.08
CA ALA E 506 -58.92 -25.57 12.45
C ALA E 506 -58.10 -26.35 13.47
N TRP E 507 -56.85 -26.64 13.14
CA TRP E 507 -55.93 -27.36 14.02
C TRP E 507 -54.69 -26.54 14.30
N GLU E 508 -54.90 -25.25 14.60
CA GLU E 508 -53.79 -24.39 15.02
C GLU E 508 -53.34 -24.71 16.43
N HIS E 509 -54.29 -25.00 17.32
CA HIS E 509 -53.99 -25.22 18.73
C HIS E 509 -53.69 -26.68 19.02
N ILE E 510 -54.20 -27.62 18.22
CA ILE E 510 -54.01 -29.04 18.52
C ILE E 510 -52.54 -29.41 18.37
N PHE E 511 -51.84 -28.81 17.41
CA PHE E 511 -50.43 -29.10 17.24
C PHE E 511 -49.52 -28.04 17.86
N CYS E 512 -50.10 -27.10 18.62
CA CYS E 512 -49.33 -26.21 19.47
C CYS E 512 -49.23 -26.71 20.90
N LYS E 513 -50.26 -27.39 21.39
CA LYS E 513 -50.24 -27.89 22.76
C LYS E 513 -49.17 -28.95 22.97
N SER E 514 -48.90 -29.78 21.96
CA SER E 514 -47.84 -30.77 22.12
C SER E 514 -46.49 -30.09 22.32
N VAL E 515 -46.22 -29.05 21.54
CA VAL E 515 -44.97 -28.31 21.71
C VAL E 515 -44.95 -27.61 23.05
N GLU E 516 -46.11 -27.10 23.51
CA GLU E 516 -46.17 -26.47 24.81
C GLU E 516 -45.82 -27.44 25.92
N GLU E 517 -46.39 -28.65 25.87
CA GLU E 517 -46.08 -29.65 26.89
C GLU E 517 -44.62 -30.06 26.85
N THR E 518 -44.06 -30.25 25.64
CA THR E 518 -42.65 -30.59 25.55
C THR E 518 -41.77 -29.45 26.06
N ARG E 519 -42.20 -28.21 25.86
CA ARG E 519 -41.47 -27.07 26.39
C ARG E 519 -41.50 -27.04 27.91
N MET E 520 -42.65 -27.40 28.50
CA MET E 520 -42.71 -27.50 29.95
C MET E 520 -41.77 -28.58 30.45
N LYS E 521 -41.70 -29.70 29.74
CA LYS E 521 -40.72 -30.73 30.07
C LYS E 521 -39.30 -30.16 29.98
N GLU E 522 -39.03 -29.35 28.95
CA GLU E 522 -37.69 -28.79 28.80
C GLU E 522 -37.33 -27.91 29.98
N LEU E 523 -38.25 -27.07 30.44
CA LEU E 523 -37.94 -26.22 31.60
C LEU E 523 -37.79 -27.04 32.87
N SER E 524 -38.63 -28.06 33.06
CA SER E 524 -38.46 -28.88 34.24
C SER E 524 -37.19 -29.71 34.20
N SER E 525 -36.58 -29.84 33.02
CA SER E 525 -35.25 -30.44 32.92
C SER E 525 -34.13 -29.42 33.06
N LEU E 526 -34.38 -28.17 32.67
CA LEU E 526 -33.36 -27.12 32.73
C LEU E 526 -33.26 -26.47 34.10
N LYS E 527 -34.31 -26.57 34.91
CA LYS E 527 -34.26 -26.00 36.25
C LYS E 527 -33.10 -26.58 37.05
N THR E 528 -32.86 -27.89 36.92
CA THR E 528 -31.76 -28.52 37.64
C THR E 528 -30.42 -27.98 37.15
N PHE E 529 -30.29 -27.76 35.85
CA PHE E 529 -29.06 -27.16 35.33
C PHE E 529 -28.84 -25.78 35.92
N ALA E 530 -29.89 -24.96 35.98
CA ALA E 530 -29.74 -23.63 36.54
C ALA E 530 -29.36 -23.69 38.01
N LEU E 531 -29.98 -24.61 38.76
CA LEU E 531 -29.64 -24.77 40.17
C LEU E 531 -28.17 -25.10 40.34
N TYR E 532 -27.69 -26.10 39.59
CA TYR E 532 -26.30 -26.52 39.76
C TYR E 532 -25.33 -25.43 39.34
N THR E 533 -25.61 -24.71 38.25
CA THR E 533 -24.68 -23.66 37.84
C THR E 533 -24.65 -22.52 38.86
N SER E 534 -25.81 -22.19 39.45
CA SER E 534 -25.82 -21.19 40.52
C SER E 534 -25.00 -21.66 41.72
N LEU E 535 -25.09 -22.94 42.05
CA LEU E 535 -24.28 -23.49 43.12
C LEU E 535 -22.80 -23.35 42.82
N SER E 536 -22.41 -23.62 41.57
CA SER E 536 -21.01 -23.47 41.18
C SER E 536 -20.54 -22.03 41.36
N ILE E 537 -21.34 -21.08 40.89
CA ILE E 537 -20.98 -19.67 41.03
C ILE E 537 -20.83 -19.30 42.50
N PHE E 538 -21.79 -19.73 43.32
CA PHE E 538 -21.74 -19.44 44.75
C PHE E 538 -20.44 -19.96 45.36
N MET E 539 -20.11 -21.23 45.11
CA MET E 539 -18.91 -21.80 45.72
C MET E 539 -17.67 -21.07 45.26
N ASN E 540 -17.57 -20.79 43.95
CA ASN E 540 -16.40 -20.11 43.43
C ASN E 540 -16.25 -18.72 44.03
N ALA E 541 -17.36 -18.07 44.37
CA ALA E 541 -17.26 -16.74 44.98
C ALA E 541 -17.03 -16.81 46.49
N ALA E 542 -17.45 -17.89 47.14
CA ALA E 542 -17.48 -17.92 48.60
C ALA E 542 -16.32 -18.65 49.25
N ILE E 543 -15.79 -19.71 48.64
CA ILE E 543 -14.69 -20.46 49.28
C ILE E 543 -13.51 -19.56 49.62
N PRO E 544 -13.05 -18.64 48.76
CA PRO E 544 -11.90 -17.80 49.17
C PRO E 544 -12.14 -16.97 50.41
N ILE E 545 -13.34 -16.41 50.59
CA ILE E 545 -13.58 -15.56 51.75
C ILE E 545 -13.60 -16.40 53.03
N ALA E 546 -14.15 -17.62 52.95
CA ALA E 546 -14.10 -18.52 54.10
C ALA E 546 -12.66 -18.92 54.41
N ALA E 547 -11.85 -19.14 53.37
CA ALA E 547 -10.45 -19.45 53.58
C ALA E 547 -9.73 -18.32 54.28
N VAL E 548 -10.02 -17.08 53.87
CA VAL E 548 -9.43 -15.92 54.54
C VAL E 548 -9.85 -15.89 56.01
N LEU E 549 -11.14 -16.10 56.27
CA LEU E 549 -11.64 -16.07 57.64
C LEU E 549 -10.94 -17.12 58.50
N ALA E 550 -10.84 -18.34 58.00
CA ALA E 550 -10.18 -19.39 58.79
C ALA E 550 -8.71 -19.09 59.00
N THR E 551 -8.02 -18.64 57.95
CA THR E 551 -6.59 -18.40 58.05
C THR E 551 -6.27 -17.24 58.99
N PHE E 552 -7.20 -16.30 59.15
CA PHE E 552 -6.94 -15.20 60.09
C PHE E 552 -7.37 -15.54 61.51
N VAL E 553 -8.52 -16.17 61.69
CA VAL E 553 -8.93 -16.55 63.04
C VAL E 553 -7.96 -17.56 63.63
N THR E 554 -7.34 -18.38 62.78
CA THR E 554 -6.43 -19.40 63.28
C THR E 554 -5.23 -18.78 63.99
N HIS E 555 -4.70 -17.68 63.45
CA HIS E 555 -3.50 -17.06 64.01
C HIS E 555 -3.72 -16.62 65.45
N ALA E 556 -4.87 -16.00 65.73
CA ALA E 556 -5.16 -15.47 67.06
C ALA E 556 -4.92 -16.51 68.15
N TYR E 557 -5.70 -17.58 68.15
CA TYR E 557 -5.52 -18.63 69.15
C TYR E 557 -4.19 -19.35 68.96
N ALA E 558 -3.77 -19.58 67.72
CA ALA E 558 -2.55 -20.36 67.46
C ALA E 558 -1.31 -19.64 67.97
N SER E 559 -1.23 -18.33 67.77
CA SER E 559 -0.02 -17.58 68.03
C SER E 559 -0.17 -16.71 69.27
N GLY E 560 0.93 -16.10 69.68
CA GLY E 560 0.96 -15.26 70.86
C GLY E 560 0.91 -13.77 70.60
N ASN E 561 1.61 -13.31 69.56
CA ASN E 561 1.78 -11.89 69.30
C ASN E 561 0.76 -11.39 68.28
N ASN E 562 0.60 -10.07 68.24
CA ASN E 562 -0.36 -9.43 67.36
C ASN E 562 0.07 -9.57 65.90
N LEU E 563 -0.88 -9.35 65.00
CA LEU E 563 -0.67 -9.49 63.57
C LEU E 563 -0.51 -8.12 62.92
N LYS E 564 0.51 -8.00 62.04
CA LYS E 564 0.87 -6.75 61.38
C LYS E 564 0.39 -6.73 59.94
N PRO E 565 0.04 -5.55 59.42
CA PRO E 565 -0.54 -5.49 58.07
C PRO E 565 0.37 -6.02 56.98
N ALA E 566 1.69 -5.87 57.13
CA ALA E 566 2.62 -6.26 56.08
C ALA E 566 2.57 -7.75 55.79
N GLU E 567 1.99 -8.54 56.68
CA GLU E 567 1.74 -9.96 56.42
C GLU E 567 0.31 -10.21 55.97
N ALA E 568 -0.66 -9.57 56.62
CA ALA E 568 -2.06 -9.82 56.31
C ALA E 568 -2.37 -9.47 54.86
N PHE E 569 -1.93 -8.29 54.41
CA PHE E 569 -2.29 -7.84 53.07
C PHE E 569 -1.54 -8.62 52.01
N ALA E 570 -0.28 -8.96 52.30
CA ALA E 570 0.44 -9.85 51.41
C ALA E 570 -0.29 -11.18 51.26
N SER E 571 -0.84 -11.70 52.35
CA SER E 571 -1.51 -12.99 52.29
C SER E 571 -2.85 -12.89 51.57
N LEU E 572 -3.58 -11.79 51.72
CA LEU E 572 -4.79 -11.61 50.93
C LEU E 572 -4.47 -11.54 49.44
N SER E 573 -3.42 -10.80 49.07
CA SER E 573 -3.04 -10.77 47.66
C SER E 573 -2.64 -12.16 47.18
N LEU E 574 -1.95 -12.93 48.03
CA LEU E 574 -1.57 -14.28 47.65
C LEU E 574 -2.79 -15.16 47.44
N PHE E 575 -3.80 -15.03 48.30
CA PHE E 575 -5.02 -15.81 48.12
C PHE E 575 -5.72 -15.44 46.82
N HIS E 576 -5.79 -14.14 46.52
CA HIS E 576 -6.45 -13.74 45.27
C HIS E 576 -5.66 -14.20 44.06
N ILE E 577 -4.33 -14.33 44.20
CA ILE E 577 -3.53 -14.89 43.12
C ILE E 577 -3.79 -16.39 42.98
N LEU E 578 -3.93 -17.09 44.10
CA LEU E 578 -4.07 -18.54 44.07
C LEU E 578 -5.44 -19.00 43.62
N VAL E 579 -6.48 -18.19 43.80
CA VAL E 579 -7.84 -18.66 43.56
C VAL E 579 -8.02 -19.18 42.14
N THR E 580 -7.54 -18.42 41.15
CA THR E 580 -7.89 -18.71 39.76
C THR E 580 -7.39 -20.06 39.26
N PRO E 581 -6.11 -20.41 39.38
CA PRO E 581 -5.70 -21.73 38.89
C PRO E 581 -6.47 -22.88 39.52
N LEU E 582 -6.78 -22.76 40.82
CA LEU E 582 -7.56 -23.79 41.48
C LEU E 582 -8.93 -23.94 40.82
N PHE E 583 -9.55 -22.82 40.45
CA PHE E 583 -10.82 -22.89 39.77
C PHE E 583 -10.70 -23.57 38.41
N LEU E 584 -9.66 -23.22 37.64
CA LEU E 584 -9.56 -23.74 36.28
C LEU E 584 -9.04 -25.18 36.22
N LEU E 585 -8.48 -25.70 37.31
CA LEU E 585 -7.93 -27.04 37.29
C LEU E 585 -8.98 -28.08 36.91
N SER E 586 -10.21 -27.91 37.39
CA SER E 586 -11.26 -28.86 37.08
C SER E 586 -11.53 -28.92 35.58
N THR E 587 -11.65 -27.76 34.94
CA THR E 587 -11.88 -27.74 33.51
C THR E 587 -10.71 -28.35 32.76
N VAL E 588 -9.48 -28.09 33.22
CA VAL E 588 -8.33 -28.66 32.53
C VAL E 588 -8.38 -30.18 32.60
N VAL E 589 -8.66 -30.72 33.78
CA VAL E 589 -8.69 -32.17 33.92
C VAL E 589 -9.81 -32.80 33.09
N ARG E 590 -11.00 -32.18 33.11
CA ARG E 590 -12.10 -32.70 32.31
C ARG E 590 -11.74 -32.71 30.83
N PHE E 591 -11.13 -31.62 30.35
CA PHE E 591 -10.68 -31.60 28.97
C PHE E 591 -9.65 -32.68 28.69
N ALA E 592 -8.80 -32.99 29.67
CA ALA E 592 -7.84 -34.07 29.48
C ALA E 592 -8.55 -35.40 29.25
N VAL E 593 -9.57 -35.67 30.05
CA VAL E 593 -10.30 -36.94 29.91
C VAL E 593 -10.96 -37.02 28.53
N LYS E 594 -11.65 -35.94 28.15
CA LYS E 594 -12.34 -35.97 26.86
C LYS E 594 -11.35 -36.08 25.70
N ALA E 595 -10.17 -35.48 25.83
CA ALA E 595 -9.17 -35.60 24.78
C ALA E 595 -8.66 -37.03 24.67
N ILE E 596 -8.47 -37.70 25.81
CA ILE E 596 -8.06 -39.11 25.77
C ILE E 596 -9.09 -39.93 25.00
N ILE E 597 -10.37 -39.77 25.37
CA ILE E 597 -11.41 -40.52 24.68
C ILE E 597 -11.43 -40.18 23.19
N SER E 598 -11.21 -38.92 22.85
CA SER E 598 -11.23 -38.52 21.45
C SER E 598 -10.11 -39.17 20.67
N VAL E 599 -8.90 -39.25 21.25
CA VAL E 599 -7.82 -39.90 20.53
C VAL E 599 -8.11 -41.39 20.35
N GLN E 600 -8.74 -42.00 21.35
CA GLN E 600 -9.18 -43.39 21.19
C GLN E 600 -10.11 -43.54 19.99
N LYS E 601 -11.12 -42.67 19.89
CA LYS E 601 -12.04 -42.73 18.76
C LYS E 601 -11.30 -42.50 17.45
N LEU E 602 -10.32 -41.61 17.45
CA LEU E 602 -9.59 -41.33 16.22
C LEU E 602 -8.79 -42.54 15.77
N ASN E 603 -8.19 -43.26 16.72
CA ASN E 603 -7.48 -44.48 16.37
C ASN E 603 -8.45 -45.53 15.83
N GLU E 604 -9.63 -45.64 16.45
CA GLU E 604 -10.62 -46.61 15.97
C GLU E 604 -11.05 -46.30 14.55
N PHE E 605 -11.25 -45.01 14.22
CA PHE E 605 -11.62 -44.65 12.85
C PHE E 605 -10.49 -44.88 11.86
N LEU E 606 -9.25 -44.59 12.26
CA LEU E 606 -8.13 -44.77 11.35
C LEU E 606 -7.83 -46.23 11.04
N LEU E 607 -8.40 -47.16 11.82
CA LEU E 607 -8.24 -48.59 11.56
C LEU E 607 -9.56 -49.08 10.95
N SER E 608 -9.62 -49.04 9.62
CA SER E 608 -10.82 -49.44 8.91
C SER E 608 -10.44 -49.95 7.52
N ASP E 609 -11.36 -50.69 6.90
CA ASP E 609 -11.11 -51.26 5.59
C ASP E 609 -11.13 -50.18 4.52
N GLU E 610 -10.24 -50.32 3.53
CA GLU E 610 -10.04 -49.29 2.54
C GLU E 610 -9.94 -49.92 1.15
N ILE E 611 -10.22 -49.10 0.14
CA ILE E 611 -10.31 -49.54 -1.24
C ILE E 611 -9.00 -49.20 -1.95
N GLY E 612 -8.40 -50.21 -2.57
CA GLY E 612 -7.16 -50.00 -3.31
C GLY E 612 -6.52 -51.30 -3.72
N GLU E 613 -5.19 -51.25 -3.87
CA GLU E 613 -4.35 -52.42 -4.17
C GLU E 613 -4.60 -52.94 -5.58
N ASP E 614 -5.57 -52.36 -6.28
CA ASP E 614 -5.76 -52.59 -7.71
C ASP E 614 -5.45 -51.36 -8.54
N SER E 615 -5.64 -50.17 -7.97
CA SER E 615 -5.23 -48.91 -8.59
C SER E 615 -3.82 -48.49 -8.19
N TRP E 616 -3.17 -49.26 -7.31
CA TRP E 616 -1.82 -48.91 -6.86
C TRP E 616 -0.75 -49.21 -7.89
N ARG E 617 -1.04 -50.06 -8.88
CA ARG E 617 -0.08 -50.41 -9.92
C ARG E 617 -0.38 -49.59 -11.16
N THR E 618 0.48 -48.62 -11.46
CA THR E 618 0.30 -47.73 -12.60
C THR E 618 1.32 -48.03 -13.70
N GLU E 664 -10.54 -53.94 -29.60
CA GLU E 664 -11.26 -53.15 -30.59
C GLU E 664 -12.51 -52.51 -29.99
N ASP E 665 -13.67 -53.15 -30.24
CA ASP E 665 -14.91 -52.64 -29.68
C ASP E 665 -14.98 -52.87 -28.17
N VAL E 666 -14.40 -53.96 -27.68
CA VAL E 666 -14.46 -54.26 -26.26
C VAL E 666 -13.73 -53.16 -25.49
N ALA E 667 -14.46 -52.51 -24.59
CA ALA E 667 -13.90 -51.46 -23.75
C ALA E 667 -13.50 -51.94 -22.36
N ILE E 668 -13.99 -53.10 -21.94
CA ILE E 668 -13.59 -53.73 -20.69
C ILE E 668 -13.37 -55.21 -20.94
N LYS E 669 -12.64 -55.85 -20.03
CA LYS E 669 -12.35 -57.27 -20.17
C LYS E 669 -12.16 -57.88 -18.79
N VAL E 670 -12.89 -58.95 -18.51
CA VAL E 670 -12.78 -59.65 -17.24
C VAL E 670 -13.03 -61.13 -17.47
N THR E 671 -12.38 -61.95 -16.66
CA THR E 671 -12.57 -63.40 -16.67
C THR E 671 -12.62 -63.96 -15.25
N ASN E 672 -13.13 -63.17 -14.32
CA ASN E 672 -12.96 -63.44 -12.90
C ASN E 672 -13.65 -64.73 -12.47
N GLY E 673 -13.05 -65.38 -11.48
CA GLY E 673 -13.65 -66.53 -10.84
C GLY E 673 -14.47 -66.14 -9.64
N TYR E 674 -14.16 -64.98 -9.05
CA TYR E 674 -14.95 -64.40 -7.96
C TYR E 674 -14.55 -62.96 -7.67
N PHE E 675 -15.53 -62.05 -7.63
CA PHE E 675 -15.31 -60.65 -7.23
C PHE E 675 -16.43 -60.27 -6.27
N SER E 676 -16.24 -60.52 -4.98
CA SER E 676 -17.33 -60.45 -4.00
C SER E 676 -17.13 -59.37 -2.95
N TRP E 677 -18.25 -58.92 -2.38
CA TRP E 677 -18.25 -57.94 -1.31
C TRP E 677 -17.70 -58.56 -0.02
N GLY E 678 -17.15 -57.70 0.83
CA GLY E 678 -16.64 -58.15 2.11
C GLY E 678 -15.62 -59.26 1.95
N SER E 679 -15.77 -60.31 2.77
CA SER E 679 -14.92 -61.48 2.69
C SER E 679 -15.76 -62.71 2.94
N GLY E 680 -15.57 -63.74 2.12
CA GLY E 680 -16.33 -64.95 2.26
C GLY E 680 -16.81 -65.45 0.91
N LEU E 681 -17.96 -66.12 0.95
CA LEU E 681 -18.57 -66.70 -0.24
C LEU E 681 -18.83 -65.64 -1.30
N ALA E 682 -18.55 -65.99 -2.55
CA ALA E 682 -18.63 -65.04 -3.63
C ALA E 682 -20.08 -64.73 -4.00
N THR E 683 -20.25 -63.57 -4.63
CA THR E 683 -21.53 -63.14 -5.17
C THR E 683 -21.44 -62.81 -6.65
N LEU E 684 -20.23 -62.64 -7.19
CA LEU E 684 -20.00 -62.39 -8.60
C LEU E 684 -19.17 -63.50 -9.22
N SER E 685 -19.24 -64.71 -8.64
CA SER E 685 -18.38 -65.82 -9.03
C SER E 685 -18.52 -66.17 -10.50
N ASN E 686 -17.38 -66.46 -11.13
CA ASN E 686 -17.31 -67.13 -12.44
C ASN E 686 -18.05 -66.33 -13.51
N ILE E 687 -17.47 -65.18 -13.85
CA ILE E 687 -18.05 -64.31 -14.87
C ILE E 687 -16.99 -63.90 -15.88
N ASP E 688 -17.45 -63.65 -17.11
CA ASP E 688 -16.68 -63.06 -18.18
C ASP E 688 -17.58 -62.08 -18.90
N ILE E 689 -17.01 -60.98 -19.39
CA ILE E 689 -17.81 -59.90 -19.94
C ILE E 689 -16.95 -59.06 -20.88
N ARG E 690 -17.61 -58.27 -21.72
CA ARG E 690 -16.95 -57.36 -22.65
C ARG E 690 -17.99 -56.35 -23.08
N ILE E 691 -17.60 -55.07 -23.08
CA ILE E 691 -18.51 -53.97 -23.36
C ILE E 691 -18.12 -53.36 -24.69
N PRO E 692 -18.99 -53.34 -25.69
CA PRO E 692 -18.62 -52.80 -27.00
C PRO E 692 -18.43 -51.29 -26.95
N THR E 693 -17.55 -50.80 -27.82
CA THR E 693 -17.35 -49.36 -27.95
C THR E 693 -18.55 -48.74 -28.66
N GLY E 694 -18.98 -47.57 -28.19
CA GLY E 694 -20.17 -46.95 -28.74
C GLY E 694 -21.43 -47.75 -28.53
N GLN E 695 -21.44 -48.68 -27.58
CA GLN E 695 -22.55 -49.59 -27.38
C GLN E 695 -23.68 -48.92 -26.62
N LEU E 696 -24.73 -49.69 -26.38
CA LEU E 696 -25.83 -49.35 -25.49
C LEU E 696 -26.21 -50.55 -24.65
N THR E 697 -25.20 -51.27 -24.15
CA THR E 697 -25.40 -52.55 -23.48
C THR E 697 -26.47 -52.46 -22.41
N MET E 698 -27.56 -53.19 -22.61
CA MET E 698 -28.71 -53.15 -21.70
C MET E 698 -28.62 -54.36 -20.77
N ILE E 699 -27.82 -54.21 -19.72
CA ILE E 699 -27.70 -55.25 -18.71
C ILE E 699 -28.99 -55.29 -17.92
N VAL E 700 -29.82 -56.29 -18.19
CA VAL E 700 -31.12 -56.42 -17.53
C VAL E 700 -31.30 -57.86 -17.08
N GLY E 701 -31.84 -58.02 -15.88
CA GLY E 701 -32.11 -59.36 -15.36
C GLY E 701 -33.22 -59.31 -14.34
N GLN E 702 -33.41 -60.45 -13.68
CA GLN E 702 -34.35 -60.51 -12.57
C GLN E 702 -33.84 -59.67 -11.42
N VAL E 703 -34.75 -58.94 -10.78
CA VAL E 703 -34.37 -58.04 -9.69
C VAL E 703 -33.96 -58.88 -8.49
N GLY E 704 -32.75 -58.64 -7.99
CA GLY E 704 -32.32 -59.30 -6.76
C GLY E 704 -30.87 -59.72 -6.72
N CYS E 705 -30.23 -59.85 -7.88
CA CYS E 705 -28.86 -60.39 -7.89
C CYS E 705 -28.14 -59.95 -9.15
N GLY E 706 -26.96 -59.36 -8.97
CA GLY E 706 -25.98 -59.26 -10.03
C GLY E 706 -25.66 -57.89 -10.61
N LYS E 707 -26.68 -57.06 -10.86
CA LYS E 707 -26.49 -55.92 -11.75
C LYS E 707 -25.64 -54.83 -11.11
N SER E 708 -26.14 -54.23 -10.03
CA SER E 708 -25.43 -53.10 -9.43
C SER E 708 -24.06 -53.52 -8.93
N SER E 709 -23.97 -54.71 -8.35
CA SER E 709 -22.68 -55.20 -7.87
C SER E 709 -21.71 -55.38 -9.03
N LEU E 710 -22.20 -55.85 -10.18
CA LEU E 710 -21.33 -55.98 -11.35
C LEU E 710 -20.82 -54.63 -11.79
N LEU E 711 -21.71 -53.64 -11.88
CA LEU E 711 -21.28 -52.32 -12.31
C LEU E 711 -20.25 -51.74 -11.34
N LEU E 712 -20.49 -51.90 -10.04
CA LEU E 712 -19.55 -51.37 -9.05
C LEU E 712 -18.20 -52.07 -9.16
N ALA E 713 -18.20 -53.41 -9.13
CA ALA E 713 -16.94 -54.14 -9.19
C ALA E 713 -16.19 -53.84 -10.46
N ILE E 714 -16.90 -53.47 -11.53
CA ILE E 714 -16.22 -53.00 -12.73
C ILE E 714 -15.62 -51.62 -12.50
N LEU E 715 -16.33 -50.75 -11.78
CA LEU E 715 -15.74 -49.47 -11.42
C LEU E 715 -14.49 -49.65 -10.57
N GLY E 716 -14.49 -50.65 -9.70
CA GLY E 716 -13.32 -50.95 -8.90
C GLY E 716 -13.51 -50.81 -7.41
N GLU E 717 -14.73 -51.02 -6.93
CA GLU E 717 -15.07 -50.82 -5.53
C GLU E 717 -15.57 -52.10 -4.88
N MET E 718 -14.91 -53.22 -5.13
CA MET E 718 -15.28 -54.48 -4.53
C MET E 718 -14.04 -55.34 -4.35
N GLN E 719 -14.16 -56.36 -3.50
CA GLN E 719 -13.02 -57.20 -3.13
C GLN E 719 -12.85 -58.31 -4.15
N THR E 720 -12.18 -57.98 -5.25
CA THR E 720 -11.99 -58.93 -6.34
C THR E 720 -11.12 -60.09 -5.87
N LEU E 721 -11.68 -61.29 -5.89
CA LEU E 721 -11.02 -62.48 -5.36
C LEU E 721 -10.31 -63.31 -6.42
N GLU E 722 -10.86 -63.39 -7.63
CA GLU E 722 -10.23 -64.17 -8.69
C GLU E 722 -10.27 -63.43 -10.04
N GLY E 723 -10.18 -62.11 -10.03
CA GLY E 723 -10.19 -61.37 -11.25
C GLY E 723 -8.84 -61.27 -11.90
N LYS E 724 -8.85 -60.99 -13.21
CA LYS E 724 -7.64 -60.78 -13.99
C LYS E 724 -7.66 -59.36 -14.52
N VAL E 725 -6.54 -58.65 -14.39
CA VAL E 725 -6.50 -57.23 -14.70
C VAL E 725 -6.48 -57.05 -16.21
N TYR E 726 -7.50 -56.36 -16.72
CA TYR E 726 -7.57 -56.05 -18.15
C TYR E 726 -8.49 -54.85 -18.33
N TRP E 727 -7.90 -53.71 -18.69
CA TRP E 727 -8.66 -52.48 -18.94
C TRP E 727 -7.96 -51.76 -20.08
N ASN E 728 -8.42 -52.01 -21.31
CA ASN E 728 -7.78 -51.49 -22.52
C ASN E 728 -8.86 -50.94 -23.44
N ASN E 729 -9.15 -49.65 -23.30
CA ASN E 729 -10.11 -48.97 -24.16
C ASN E 729 -9.43 -48.62 -25.49
N VAL E 730 -10.09 -47.79 -26.29
CA VAL E 730 -9.50 -47.29 -27.52
C VAL E 730 -8.26 -46.49 -27.16
N ASN E 731 -7.08 -47.01 -27.54
CA ASN E 731 -5.79 -46.49 -27.08
C ASN E 731 -5.72 -46.49 -25.55
N GLU E 732 -6.28 -47.55 -24.95
CA GLU E 732 -6.28 -47.74 -23.50
C GLU E 732 -6.80 -46.51 -22.75
N ARG E 741 -2.06 -48.72 -19.63
CA ARG E 741 -3.19 -48.16 -18.88
C ARG E 741 -2.95 -48.30 -17.39
N SER E 742 -3.28 -47.23 -16.65
CA SER E 742 -3.01 -47.14 -15.21
C SER E 742 -4.32 -46.89 -14.47
N ARG E 743 -4.90 -47.96 -13.91
CA ARG E 743 -6.08 -47.87 -13.05
C ARG E 743 -7.23 -47.16 -13.75
N SER E 744 -7.69 -47.78 -14.84
CA SER E 744 -8.87 -47.38 -15.61
C SER E 744 -8.60 -46.11 -16.42
N ARG E 745 -7.49 -45.43 -16.12
CA ARG E 745 -6.89 -44.43 -17.00
C ARG E 745 -7.81 -43.27 -17.37
N TYR E 746 -9.04 -43.27 -16.87
CA TYR E 746 -10.03 -42.32 -17.37
C TYR E 746 -11.20 -42.22 -16.41
N SER E 747 -12.09 -41.28 -16.72
CA SER E 747 -13.22 -40.91 -15.87
C SER E 747 -14.50 -41.42 -16.53
N VAL E 748 -15.16 -42.37 -15.88
CA VAL E 748 -16.42 -42.92 -16.36
C VAL E 748 -17.54 -42.29 -15.54
N ALA E 749 -18.45 -41.58 -16.20
CA ALA E 749 -19.58 -41.00 -15.50
C ALA E 749 -20.45 -42.10 -14.89
N TYR E 750 -21.24 -41.73 -13.89
CA TYR E 750 -21.95 -42.75 -13.13
C TYR E 750 -23.17 -42.14 -12.44
N ALA E 751 -24.15 -43.00 -12.18
CA ALA E 751 -25.35 -42.63 -11.43
C ALA E 751 -25.98 -43.90 -10.92
N ALA E 752 -26.02 -44.07 -9.60
CA ALA E 752 -26.44 -45.33 -9.01
C ALA E 752 -27.95 -45.36 -8.83
N GLN E 753 -28.44 -46.43 -8.20
CA GLN E 753 -29.86 -46.57 -7.91
C GLN E 753 -30.34 -45.60 -6.84
N LYS E 754 -29.43 -44.90 -6.16
CA LYS E 754 -29.78 -43.82 -5.26
C LYS E 754 -29.01 -42.58 -5.69
N PRO E 755 -29.67 -41.45 -5.89
CA PRO E 755 -28.97 -40.26 -6.37
C PRO E 755 -28.14 -39.60 -5.28
N TRP E 756 -27.16 -38.82 -5.72
CA TRP E 756 -26.31 -38.04 -4.83
C TRP E 756 -26.19 -36.63 -5.38
N LEU E 757 -26.43 -35.63 -4.53
CA LEU E 757 -26.47 -34.24 -4.95
C LEU E 757 -25.57 -33.39 -4.07
N LEU E 758 -24.87 -32.45 -4.69
CA LEU E 758 -24.20 -31.40 -3.93
C LEU E 758 -25.25 -30.47 -3.32
N ASN E 759 -24.85 -29.79 -2.24
CA ASN E 759 -25.70 -28.77 -1.64
C ASN E 759 -25.44 -27.41 -2.26
N ALA E 760 -25.49 -27.35 -3.59
CA ALA E 760 -25.21 -26.12 -4.32
C ALA E 760 -26.32 -25.79 -5.30
N THR E 761 -26.10 -24.76 -6.12
CA THR E 761 -27.10 -24.39 -7.11
C THR E 761 -27.27 -25.51 -8.14
N VAL E 762 -28.45 -25.56 -8.76
CA VAL E 762 -28.73 -26.59 -9.75
C VAL E 762 -27.73 -26.52 -10.90
N GLU E 763 -27.37 -25.31 -11.32
CA GLU E 763 -26.37 -25.17 -12.37
C GLU E 763 -25.01 -25.69 -11.92
N GLU E 764 -24.60 -25.33 -10.70
CA GLU E 764 -23.34 -25.84 -10.17
C GLU E 764 -23.39 -27.35 -10.00
N ASN E 765 -24.53 -27.87 -9.51
CA ASN E 765 -24.69 -29.30 -9.39
C ASN E 765 -24.49 -29.99 -10.73
N ILE E 766 -25.19 -29.53 -11.77
CA ILE E 766 -25.11 -30.18 -13.08
C ILE E 766 -23.71 -30.07 -13.65
N THR E 767 -23.10 -28.88 -13.57
CA THR E 767 -21.80 -28.68 -14.20
C THR E 767 -20.75 -29.61 -13.60
N PHE E 768 -20.75 -29.75 -12.27
CA PHE E 768 -19.86 -30.67 -11.57
C PHE E 768 -18.40 -30.42 -11.92
N GLY E 769 -17.99 -29.15 -11.84
CA GLY E 769 -16.61 -28.80 -12.06
C GLY E 769 -16.16 -28.99 -13.48
N SER E 770 -16.68 -28.17 -14.39
CA SER E 770 -16.34 -28.27 -15.79
C SER E 770 -16.57 -26.91 -16.43
N SER E 771 -16.02 -26.72 -17.62
CA SER E 771 -16.20 -25.48 -18.34
C SER E 771 -17.67 -25.26 -18.68
N PHE E 772 -18.15 -24.04 -18.47
CA PHE E 772 -19.53 -23.72 -18.78
C PHE E 772 -19.75 -23.71 -20.29
N ASN E 773 -20.92 -24.17 -20.72
CA ASN E 773 -21.23 -24.30 -22.15
C ASN E 773 -22.75 -24.21 -22.29
N ARG E 774 -23.23 -23.04 -22.73
CA ARG E 774 -24.67 -22.86 -22.91
C ARG E 774 -25.23 -23.85 -23.92
N GLN E 775 -24.42 -24.28 -24.90
CA GLN E 775 -24.86 -25.28 -25.86
C GLN E 775 -25.09 -26.63 -25.18
N ARG E 776 -24.05 -27.16 -24.54
CA ARG E 776 -24.16 -28.45 -23.86
C ARG E 776 -25.23 -28.39 -22.78
N TYR E 777 -25.20 -27.35 -21.96
CA TYR E 777 -26.13 -27.24 -20.83
C TYR E 777 -27.57 -27.08 -21.32
N LYS E 778 -27.80 -26.26 -22.33
CA LYS E 778 -29.15 -26.08 -22.85
C LYS E 778 -29.66 -27.36 -23.50
N ALA E 779 -28.80 -28.04 -24.26
CA ALA E 779 -29.23 -29.28 -24.90
C ALA E 779 -29.58 -30.34 -23.86
N VAL E 780 -28.80 -30.41 -22.77
CA VAL E 780 -29.10 -31.40 -21.74
C VAL E 780 -30.36 -31.02 -20.96
N THR E 781 -30.56 -29.73 -20.70
CA THR E 781 -31.78 -29.31 -20.02
C THR E 781 -33.00 -29.64 -20.85
N ASP E 782 -32.94 -29.42 -22.16
CA ASP E 782 -34.04 -29.78 -23.04
C ASP E 782 -34.23 -31.30 -23.10
N ALA E 783 -33.13 -32.05 -23.16
CA ALA E 783 -33.22 -33.50 -23.25
C ALA E 783 -33.61 -34.15 -21.94
N CYS E 784 -33.63 -33.42 -20.83
CA CYS E 784 -33.97 -33.99 -19.54
C CYS E 784 -35.39 -33.65 -19.08
N SER E 785 -36.05 -32.70 -19.74
CA SER E 785 -37.46 -32.36 -19.50
C SER E 785 -37.71 -31.79 -18.11
N LEU E 786 -36.69 -31.22 -17.47
CA LEU E 786 -36.79 -30.67 -16.13
C LEU E 786 -37.13 -29.17 -16.13
N GLN E 787 -37.45 -28.61 -17.29
CA GLN E 787 -37.67 -27.17 -17.40
C GLN E 787 -38.80 -26.64 -16.53
N PRO E 788 -40.00 -27.24 -16.50
CA PRO E 788 -41.05 -26.70 -15.63
C PRO E 788 -40.67 -26.74 -14.16
N ASP E 789 -39.94 -27.75 -13.71
CA ASP E 789 -39.48 -27.78 -12.33
C ASP E 789 -38.56 -26.60 -12.03
N ILE E 790 -37.61 -26.33 -12.94
CA ILE E 790 -36.69 -25.21 -12.74
C ILE E 790 -37.44 -23.90 -12.74
N ASP E 791 -38.41 -23.74 -13.66
CA ASP E 791 -39.18 -22.51 -13.73
C ASP E 791 -40.01 -22.31 -12.47
N LEU E 792 -40.56 -23.39 -11.91
CA LEU E 792 -41.42 -23.29 -10.74
C LEU E 792 -40.63 -23.10 -9.45
N LEU E 793 -39.31 -23.28 -9.46
CA LEU E 793 -38.50 -22.96 -8.30
C LEU E 793 -38.30 -21.46 -8.18
N PRO E 794 -38.15 -20.94 -6.96
CA PRO E 794 -38.19 -19.48 -6.77
C PRO E 794 -37.08 -18.73 -7.49
N PHE E 795 -35.98 -19.39 -7.84
CA PHE E 795 -34.86 -18.70 -8.48
C PHE E 795 -34.33 -19.44 -9.71
N GLY E 796 -35.05 -20.44 -10.21
CA GLY E 796 -34.57 -21.13 -11.39
C GLY E 796 -33.35 -21.98 -11.08
N ASP E 797 -32.49 -22.12 -12.09
CA ASP E 797 -31.27 -22.90 -11.95
C ASP E 797 -30.28 -22.29 -10.98
N GLN E 798 -30.59 -21.13 -10.41
CA GLN E 798 -29.78 -20.52 -9.36
C GLN E 798 -30.22 -20.93 -7.96
N THR E 799 -31.23 -21.80 -7.85
CA THR E 799 -31.77 -22.19 -6.57
C THR E 799 -30.93 -23.30 -5.93
N GLU E 800 -30.68 -23.16 -4.63
CA GLU E 800 -29.95 -24.19 -3.91
C GLU E 800 -30.83 -25.42 -3.72
N ILE E 801 -30.25 -26.59 -4.01
CA ILE E 801 -31.01 -27.83 -3.99
C ILE E 801 -30.38 -28.81 -3.00
N GLY E 802 -30.94 -30.01 -2.91
CA GLY E 802 -30.38 -31.05 -2.08
C GLY E 802 -30.74 -30.88 -0.62
N GLU E 803 -30.27 -31.82 0.19
CA GLU E 803 -30.42 -31.70 1.63
C GLU E 803 -29.74 -30.42 2.11
N ARG E 804 -30.31 -29.83 3.16
CA ARG E 804 -29.96 -28.47 3.58
C ARG E 804 -30.37 -27.47 2.50
N GLY E 805 -31.52 -27.71 1.89
CA GLY E 805 -32.05 -26.82 0.90
C GLY E 805 -33.47 -27.20 0.56
N ILE E 806 -33.98 -26.62 -0.52
CA ILE E 806 -35.31 -26.97 -1.00
C ILE E 806 -35.33 -28.43 -1.38
N ASN E 807 -36.30 -29.17 -0.85
CA ASN E 807 -36.40 -30.61 -1.08
C ASN E 807 -37.39 -30.91 -2.18
N LEU E 808 -37.04 -31.85 -3.04
CA LEU E 808 -37.78 -32.17 -4.25
C LEU E 808 -38.28 -33.61 -4.19
N SER E 809 -38.84 -34.09 -5.29
CA SER E 809 -39.36 -35.44 -5.39
C SER E 809 -38.34 -36.35 -6.05
N GLY E 810 -38.60 -37.66 -5.94
CA GLY E 810 -37.62 -38.64 -6.38
C GLY E 810 -37.37 -38.60 -7.88
N GLY E 811 -38.42 -38.41 -8.67
CA GLY E 811 -38.24 -38.33 -10.11
C GLY E 811 -37.39 -37.15 -10.52
N GLN E 812 -37.63 -36.00 -9.90
CA GLN E 812 -36.81 -34.82 -10.17
C GLN E 812 -35.34 -35.09 -9.88
N ARG E 813 -35.06 -35.72 -8.72
CA ARG E 813 -33.68 -36.01 -8.36
C ARG E 813 -33.04 -36.99 -9.33
N GLN E 814 -33.79 -38.01 -9.75
CA GLN E 814 -33.28 -38.91 -10.78
C GLN E 814 -32.92 -38.13 -12.05
N ARG E 815 -33.78 -37.20 -12.45
CA ARG E 815 -33.52 -36.41 -13.65
C ARG E 815 -32.27 -35.57 -13.49
N ILE E 816 -32.10 -34.93 -12.34
CA ILE E 816 -30.92 -34.11 -12.13
C ILE E 816 -29.66 -34.96 -12.18
N CYS E 817 -29.70 -36.13 -11.54
CA CYS E 817 -28.52 -36.98 -11.51
C CYS E 817 -28.14 -37.45 -12.92
N VAL E 818 -29.13 -37.91 -13.68
CA VAL E 818 -28.81 -38.41 -15.02
C VAL E 818 -28.40 -37.26 -15.94
N ALA E 819 -28.94 -36.06 -15.73
CA ALA E 819 -28.49 -34.91 -16.51
C ALA E 819 -27.04 -34.57 -16.19
N ARG E 820 -26.67 -34.61 -14.91
CA ARG E 820 -25.27 -34.37 -14.55
C ARG E 820 -24.37 -35.42 -15.19
N ALA E 821 -24.78 -36.69 -15.15
CA ALA E 821 -23.99 -37.74 -15.78
C ALA E 821 -23.98 -37.63 -17.29
N LEU E 822 -24.93 -36.90 -17.87
CA LEU E 822 -24.97 -36.70 -19.32
C LEU E 822 -23.96 -35.65 -19.75
N TYR E 823 -24.11 -34.43 -19.24
CA TYR E 823 -23.20 -33.34 -19.58
C TYR E 823 -21.84 -33.58 -18.95
N GLN E 824 -20.92 -34.21 -19.69
CA GLN E 824 -19.59 -34.49 -19.20
C GLN E 824 -18.63 -34.41 -20.38
N ASN E 825 -17.44 -34.97 -20.21
CA ASN E 825 -16.46 -35.12 -21.26
C ASN E 825 -15.89 -36.53 -21.24
N THR E 826 -16.75 -37.50 -20.96
CA THR E 826 -16.34 -38.88 -20.77
C THR E 826 -16.92 -39.74 -21.88
N ASN E 827 -16.03 -40.42 -22.62
CA ASN E 827 -16.49 -41.32 -23.67
C ASN E 827 -17.26 -42.50 -23.07
N ILE E 828 -16.78 -43.06 -21.97
CA ILE E 828 -17.50 -44.14 -21.31
C ILE E 828 -18.60 -43.52 -20.44
N VAL E 829 -19.68 -44.28 -20.23
CA VAL E 829 -20.82 -43.83 -19.42
C VAL E 829 -21.40 -45.06 -18.72
N PHE E 830 -22.09 -44.81 -17.61
CA PHE E 830 -22.74 -45.85 -16.82
C PHE E 830 -24.07 -45.32 -16.31
N LEU E 831 -24.97 -46.25 -16.00
CA LEU E 831 -26.29 -45.94 -15.46
C LEU E 831 -26.75 -47.13 -14.63
N ASP E 832 -27.78 -46.91 -13.82
CA ASP E 832 -28.39 -48.01 -13.06
C ASP E 832 -29.81 -47.62 -12.68
N ASP E 833 -30.79 -48.22 -13.35
CA ASP E 833 -32.20 -47.93 -13.13
C ASP E 833 -32.53 -46.45 -13.14
N PRO E 834 -32.21 -45.73 -14.23
CA PRO E 834 -32.53 -44.30 -14.28
C PRO E 834 -34.02 -44.00 -14.46
N PHE E 835 -34.81 -44.95 -14.95
CA PHE E 835 -36.24 -44.73 -15.13
C PHE E 835 -37.09 -45.34 -14.04
N SER E 836 -36.49 -46.10 -13.13
CA SER E 836 -37.28 -46.84 -12.14
C SER E 836 -38.07 -45.89 -11.25
N ALA E 837 -37.47 -44.79 -10.84
CA ALA E 837 -38.12 -43.81 -9.98
C ALA E 837 -38.65 -42.62 -10.76
N LEU E 838 -38.71 -42.72 -12.09
CA LEU E 838 -39.19 -41.62 -12.91
C LEU E 838 -40.63 -41.27 -12.55
N ASP E 839 -41.05 -40.08 -12.98
CA ASP E 839 -42.39 -39.62 -12.65
C ASP E 839 -43.46 -40.54 -13.23
N ILE E 840 -43.26 -41.01 -14.47
CA ILE E 840 -44.23 -41.86 -15.14
C ILE E 840 -43.52 -42.55 -16.30
N HIS E 841 -44.13 -43.63 -16.80
CA HIS E 841 -43.59 -44.29 -17.99
C HIS E 841 -43.57 -43.36 -19.20
N LEU E 842 -44.44 -42.36 -19.22
CA LEU E 842 -44.34 -41.33 -20.24
C LEU E 842 -43.03 -40.56 -20.10
N SER E 843 -42.64 -40.24 -18.86
CA SER E 843 -41.32 -39.65 -18.64
C SER E 843 -40.21 -40.59 -19.04
N ASP E 844 -40.42 -41.91 -18.89
CA ASP E 844 -39.43 -42.87 -19.37
C ASP E 844 -39.28 -42.81 -20.88
N HIS E 845 -40.40 -42.68 -21.59
CA HIS E 845 -40.32 -42.49 -23.04
C HIS E 845 -39.61 -41.20 -23.38
N LEU E 846 -39.87 -40.13 -22.63
CA LEU E 846 -39.19 -38.86 -22.85
C LEU E 846 -37.68 -39.01 -22.67
N MET E 847 -37.27 -39.72 -21.60
CA MET E 847 -35.85 -39.91 -21.34
C MET E 847 -35.21 -40.81 -22.39
N GLN E 848 -35.95 -41.81 -22.89
CA GLN E 848 -35.46 -42.60 -24.00
C GLN E 848 -35.23 -41.71 -25.22
N GLU E 849 -36.17 -40.82 -25.51
CA GLU E 849 -36.03 -39.91 -26.64
C GLU E 849 -34.82 -39.00 -26.46
N GLY E 850 -34.63 -38.47 -25.26
CA GLY E 850 -33.49 -37.61 -25.01
C GLY E 850 -32.17 -38.34 -25.12
N ILE E 851 -32.11 -39.57 -24.60
CA ILE E 851 -30.89 -40.37 -24.72
C ILE E 851 -30.60 -40.68 -26.18
N LEU E 852 -31.64 -40.98 -26.97
CA LEU E 852 -31.44 -41.23 -28.39
C LEU E 852 -30.97 -39.97 -29.11
N LYS E 853 -31.51 -38.82 -28.73
CA LYS E 853 -31.21 -37.58 -29.46
C LYS E 853 -29.80 -37.08 -29.15
N PHE E 854 -29.38 -37.18 -27.89
CA PHE E 854 -28.11 -36.62 -27.44
C PHE E 854 -26.99 -37.65 -27.41
N LEU E 855 -27.23 -38.80 -26.77
CA LEU E 855 -26.19 -39.82 -26.66
C LEU E 855 -25.77 -40.34 -28.02
N GLN E 856 -26.73 -40.60 -28.91
CA GLN E 856 -26.41 -41.19 -30.21
C GLN E 856 -25.71 -40.19 -31.12
N ASP E 857 -25.95 -38.90 -30.92
CA ASP E 857 -25.26 -37.89 -31.71
C ASP E 857 -23.75 -37.97 -31.51
N ASP E 858 -23.31 -38.48 -30.36
CA ASP E 858 -21.91 -38.68 -30.08
C ASP E 858 -21.56 -40.16 -30.23
N LYS E 859 -20.34 -40.52 -29.85
CA LYS E 859 -19.88 -41.90 -29.87
C LYS E 859 -19.49 -42.33 -28.45
N ARG E 860 -20.35 -42.01 -27.48
CA ARG E 860 -20.04 -42.24 -26.08
C ARG E 860 -20.57 -43.61 -25.65
N THR E 861 -19.67 -44.46 -25.15
CA THR E 861 -20.04 -45.77 -24.67
C THR E 861 -21.03 -45.67 -23.53
N VAL E 862 -22.25 -46.15 -23.73
CA VAL E 862 -23.29 -46.11 -22.71
C VAL E 862 -23.64 -47.54 -22.35
N VAL E 863 -23.83 -47.78 -21.06
CA VAL E 863 -24.24 -49.09 -20.54
C VAL E 863 -25.49 -48.84 -19.68
N LEU E 864 -26.65 -48.92 -20.28
CA LEU E 864 -27.90 -48.62 -19.58
C LEU E 864 -28.42 -49.88 -18.91
N VAL E 865 -29.07 -49.68 -17.76
CA VAL E 865 -29.68 -50.77 -17.00
C VAL E 865 -31.05 -50.32 -16.53
N THR E 866 -32.07 -51.13 -16.78
CA THR E 866 -33.41 -50.84 -16.29
C THR E 866 -34.24 -52.12 -16.30
N HIS E 867 -35.04 -52.30 -15.25
CA HIS E 867 -35.84 -53.52 -15.09
C HIS E 867 -36.96 -53.62 -16.10
N LYS E 868 -37.26 -52.55 -16.85
CA LYS E 868 -38.27 -52.60 -17.90
C LYS E 868 -37.58 -53.00 -19.21
N LEU E 869 -38.08 -54.09 -19.82
CA LEU E 869 -37.47 -54.65 -21.01
C LEU E 869 -37.98 -54.03 -22.31
N GLN E 870 -39.03 -53.21 -22.25
CA GLN E 870 -39.62 -52.65 -23.47
C GLN E 870 -38.61 -51.78 -24.22
N TYR E 871 -37.90 -50.91 -23.50
CA TYR E 871 -36.95 -50.00 -24.11
C TYR E 871 -35.63 -50.73 -24.33
N LEU E 872 -35.43 -51.27 -25.54
CA LEU E 872 -34.15 -51.83 -25.92
C LEU E 872 -33.80 -51.45 -27.35
N THR E 873 -34.23 -50.27 -27.79
CA THR E 873 -33.99 -49.84 -29.16
C THR E 873 -32.49 -49.75 -29.44
N HIS E 874 -32.09 -50.18 -30.63
CA HIS E 874 -30.69 -50.21 -31.05
C HIS E 874 -29.82 -50.86 -29.99
N ALA E 875 -30.24 -52.04 -29.53
CA ALA E 875 -29.51 -52.77 -28.51
C ALA E 875 -28.23 -53.35 -29.08
N ASP E 876 -27.13 -52.61 -28.97
CA ASP E 876 -25.85 -53.08 -29.48
C ASP E 876 -25.30 -54.26 -28.69
N TRP E 877 -25.90 -54.58 -27.55
CA TRP E 877 -25.46 -55.69 -26.71
C TRP E 877 -26.52 -55.93 -25.65
N ILE E 878 -26.60 -57.18 -25.17
CA ILE E 878 -27.53 -57.51 -24.12
C ILE E 878 -26.88 -58.49 -23.14
N ILE E 879 -26.41 -57.99 -22.00
CA ILE E 879 -25.88 -58.83 -20.94
C ILE E 879 -27.04 -59.23 -20.03
N ALA E 880 -27.10 -60.51 -19.69
CA ALA E 880 -28.15 -61.05 -18.84
C ALA E 880 -27.54 -61.55 -17.53
N MET E 881 -28.33 -61.48 -16.46
CA MET E 881 -27.86 -61.87 -15.13
C MET E 881 -28.96 -62.63 -14.42
N LYS E 882 -28.64 -63.84 -13.96
CA LYS E 882 -29.52 -64.59 -13.06
C LYS E 882 -28.60 -65.43 -12.17
N ASP E 883 -28.23 -64.87 -11.01
CA ASP E 883 -27.22 -65.46 -10.13
C ASP E 883 -25.93 -65.73 -10.90
N GLY E 884 -25.59 -64.84 -11.82
CA GLY E 884 -24.45 -65.02 -12.70
C GLY E 884 -24.79 -64.72 -14.15
N SER E 885 -23.77 -64.45 -14.97
CA SER E 885 -24.02 -64.10 -16.36
C SER E 885 -24.60 -65.30 -17.12
N VAL E 886 -25.42 -65.00 -18.12
CA VAL E 886 -26.09 -66.04 -18.90
C VAL E 886 -25.29 -66.34 -20.17
N LEU E 887 -25.11 -65.33 -21.02
CA LEU E 887 -24.44 -65.53 -22.30
C LEU E 887 -23.80 -64.22 -22.73
N ARG E 888 -23.37 -64.16 -23.99
CA ARG E 888 -22.61 -63.03 -24.49
C ARG E 888 -23.49 -61.80 -24.66
N GLU E 889 -22.83 -60.64 -24.75
CA GLU E 889 -23.52 -59.38 -25.04
C GLU E 889 -23.74 -59.22 -26.53
N GLY E 890 -24.35 -60.23 -27.16
CA GLY E 890 -24.59 -60.22 -28.58
C GLY E 890 -25.85 -59.46 -28.96
N THR E 891 -26.08 -59.38 -30.26
CA THR E 891 -27.25 -58.67 -30.76
C THR E 891 -28.53 -59.37 -30.33
N LEU E 892 -29.65 -58.65 -30.46
CA LEU E 892 -30.94 -59.20 -30.05
C LEU E 892 -31.37 -60.34 -30.96
N LYS E 893 -31.06 -60.25 -32.26
CA LYS E 893 -31.51 -61.26 -33.22
C LYS E 893 -30.95 -62.63 -32.88
N ASP E 894 -29.64 -62.71 -32.65
CA ASP E 894 -29.06 -63.99 -32.27
C ASP E 894 -29.50 -64.40 -30.87
N ILE E 895 -29.78 -63.43 -30.00
CA ILE E 895 -30.17 -63.73 -28.63
C ILE E 895 -31.52 -64.43 -28.60
N GLN E 896 -32.48 -63.96 -29.40
CA GLN E 896 -33.86 -64.39 -29.26
C GLN E 896 -34.05 -65.88 -29.55
N THR E 897 -33.11 -66.51 -30.25
CA THR E 897 -33.23 -67.92 -30.59
C THR E 897 -31.90 -68.65 -30.37
N LYS E 898 -31.23 -68.35 -29.26
CA LYS E 898 -29.94 -68.94 -28.92
C LYS E 898 -30.11 -70.07 -27.91
N ASP E 899 -31.18 -70.85 -28.04
CA ASP E 899 -31.58 -71.96 -27.17
C ASP E 899 -32.21 -71.44 -25.88
N VAL E 900 -32.58 -70.17 -25.81
CA VAL E 900 -33.39 -69.62 -24.72
C VAL E 900 -34.58 -68.92 -25.38
N GLU E 901 -35.67 -69.67 -25.58
CA GLU E 901 -36.89 -69.10 -26.13
C GLU E 901 -37.78 -68.52 -25.05
N LEU E 902 -37.69 -69.03 -23.83
CA LEU E 902 -38.41 -68.45 -22.71
C LEU E 902 -38.05 -66.98 -22.52
N TYR E 903 -36.80 -66.61 -22.83
CA TYR E 903 -36.41 -65.21 -22.76
C TYR E 903 -37.21 -64.37 -23.75
N GLU E 904 -37.31 -64.84 -24.99
CA GLU E 904 -38.09 -64.12 -25.99
C GLU E 904 -39.54 -64.02 -25.58
N HIS E 905 -40.12 -65.12 -25.08
CA HIS E 905 -41.52 -65.11 -24.66
C HIS E 905 -41.75 -64.11 -23.54
N TRP E 906 -40.88 -64.12 -22.53
CA TRP E 906 -41.05 -63.21 -21.40
C TRP E 906 -40.90 -61.76 -21.82
N LYS E 907 -39.90 -61.46 -22.66
CA LYS E 907 -39.65 -60.07 -23.03
C LYS E 907 -40.71 -59.53 -23.97
N THR E 908 -41.14 -60.33 -24.94
CA THR E 908 -42.17 -59.85 -25.86
C THR E 908 -43.54 -59.81 -25.21
N LEU E 909 -43.82 -60.72 -24.28
CA LEU E 909 -45.16 -60.81 -23.69
C LEU E 909 -45.48 -59.57 -22.87
N MET E 910 -44.56 -59.16 -22.00
CA MET E 910 -44.82 -58.06 -21.07
C MET E 910 -44.85 -56.71 -21.78
N ASP E 961 -26.73 -4.05 5.61
CA ASP E 961 -26.04 -2.90 5.03
C ASP E 961 -25.84 -1.80 6.07
N ASN E 962 -24.59 -1.39 6.26
CA ASN E 962 -24.25 -0.39 7.27
C ASN E 962 -24.96 0.93 6.99
N MET E 963 -24.64 1.57 5.86
CA MET E 963 -25.26 2.84 5.46
C MET E 963 -25.20 3.87 6.58
N SER E 964 -24.19 3.76 7.45
CA SER E 964 -24.03 4.57 8.65
C SER E 964 -25.18 4.36 9.62
N THR E 965 -26.10 3.45 9.28
CA THR E 965 -27.22 3.10 10.14
C THR E 965 -26.96 1.80 10.88
N VAL E 966 -26.73 0.71 10.14
CA VAL E 966 -26.27 -0.52 10.78
C VAL E 966 -24.83 -0.36 11.24
N MET E 967 -24.09 0.59 10.67
CA MET E 967 -22.76 0.91 11.18
C MET E 967 -22.85 1.43 12.60
N ARG E 968 -23.70 2.43 12.84
CA ARG E 968 -23.86 2.97 14.19
C ARG E 968 -24.49 1.93 15.12
N LEU E 969 -25.44 1.15 14.62
CA LEU E 969 -26.02 0.06 15.39
C LEU E 969 -25.01 -1.05 15.68
N ARG E 970 -23.88 -1.07 14.98
CA ARG E 970 -22.79 -1.98 15.29
C ARG E 970 -21.78 -1.36 16.23
N THR E 971 -21.56 -0.05 16.15
CA THR E 971 -20.62 0.62 17.04
C THR E 971 -21.16 0.80 18.45
N LYS E 972 -22.48 0.72 18.64
CA LYS E 972 -23.09 0.87 19.95
C LYS E 972 -24.07 -0.26 20.20
N MET E 973 -24.33 -0.51 21.47
CA MET E 973 -25.21 -1.59 21.87
C MET E 973 -26.65 -1.30 21.47
N PRO E 974 -27.50 -2.32 21.39
CA PRO E 974 -28.92 -2.05 21.11
C PRO E 974 -29.61 -1.22 22.17
N TRP E 975 -29.41 -1.56 23.44
CA TRP E 975 -29.82 -0.76 24.59
C TRP E 975 -31.32 -0.73 24.81
N LYS E 976 -32.09 -1.28 23.87
CA LYS E 976 -33.53 -1.39 24.06
C LYS E 976 -34.01 -2.82 24.11
N THR E 977 -33.38 -3.72 23.36
CA THR E 977 -33.60 -5.14 23.59
C THR E 977 -33.10 -5.55 24.96
N CYS E 978 -31.97 -4.97 25.39
CA CYS E 978 -31.41 -5.30 26.70
C CYS E 978 -32.35 -4.91 27.82
N TRP E 979 -32.93 -3.70 27.75
CA TRP E 979 -33.86 -3.29 28.80
C TRP E 979 -35.09 -4.18 28.82
N TRP E 980 -35.61 -4.53 27.64
CA TRP E 980 -36.78 -5.40 27.59
C TRP E 980 -36.46 -6.76 28.17
N TYR E 981 -35.27 -7.32 27.88
CA TYR E 981 -34.91 -8.60 28.45
C TYR E 981 -34.76 -8.52 29.97
N LEU E 982 -34.11 -7.47 30.46
CA LEU E 982 -33.93 -7.32 31.89
C LEU E 982 -35.27 -7.27 32.61
N THR E 983 -36.21 -6.50 32.07
CA THR E 983 -37.57 -6.44 32.59
C THR E 983 -38.45 -7.34 31.73
N SER E 984 -38.30 -8.65 31.94
CA SER E 984 -39.16 -9.61 31.26
C SER E 984 -39.68 -10.63 32.27
N GLY E 985 -38.93 -10.87 33.32
CA GLY E 985 -39.37 -11.75 34.38
C GLY E 985 -40.22 -11.09 35.43
N GLY E 986 -40.43 -9.79 35.32
CA GLY E 986 -41.18 -9.03 36.28
C GLY E 986 -40.47 -7.72 36.55
N PHE E 987 -40.75 -7.14 37.72
CA PHE E 987 -40.07 -5.92 38.14
C PHE E 987 -39.50 -6.07 39.54
N PHE E 988 -40.10 -6.92 40.36
CA PHE E 988 -39.55 -7.19 41.68
C PHE E 988 -38.53 -8.31 41.67
N LEU E 989 -38.37 -9.01 40.54
CA LEU E 989 -37.27 -9.94 40.39
C LEU E 989 -36.03 -9.29 39.78
N LEU E 990 -36.12 -8.01 39.40
CA LEU E 990 -34.96 -7.28 38.91
C LEU E 990 -34.28 -6.49 40.03
N PHE E 991 -35.04 -5.61 40.70
CA PHE E 991 -34.45 -4.81 41.78
C PHE E 991 -33.92 -5.68 42.90
N LEU E 992 -34.48 -6.89 43.08
CA LEU E 992 -33.90 -7.81 44.04
C LEU E 992 -32.48 -8.19 43.67
N MET E 993 -32.25 -8.49 42.39
CA MET E 993 -30.91 -8.88 41.95
C MET E 993 -29.91 -7.75 42.15
N ILE E 994 -30.29 -6.53 41.75
CA ILE E 994 -29.40 -5.39 41.90
C ILE E 994 -29.13 -5.12 43.37
N PHE E 995 -30.18 -5.20 44.19
CA PHE E 995 -30.03 -4.96 45.62
C PHE E 995 -29.04 -5.94 46.23
N SER E 996 -29.22 -7.24 45.96
CA SER E 996 -28.33 -8.23 46.55
C SER E 996 -26.90 -8.08 46.03
N LYS E 997 -26.75 -7.82 44.73
CA LYS E 997 -25.42 -7.61 44.17
C LYS E 997 -24.71 -6.46 44.88
N LEU E 998 -25.37 -5.30 44.97
CA LEU E 998 -24.74 -4.14 45.55
C LEU E 998 -24.42 -4.35 47.04
N LEU E 999 -25.35 -4.96 47.77
CA LEU E 999 -25.09 -5.24 49.18
C LEU E 999 -23.89 -6.16 49.34
N LYS E 1000 -23.81 -7.23 48.53
CA LYS E 1000 -22.70 -8.16 48.65
C LYS E 1000 -21.38 -7.48 48.36
N HIS E 1001 -21.34 -6.64 47.31
CA HIS E 1001 -20.09 -5.97 46.98
C HIS E 1001 -19.68 -4.98 48.06
N SER E 1002 -20.64 -4.23 48.62
CA SER E 1002 -20.31 -3.31 49.69
C SER E 1002 -19.81 -4.05 50.92
N VAL E 1003 -20.41 -5.20 51.23
CA VAL E 1003 -19.94 -5.99 52.36
C VAL E 1003 -18.53 -6.51 52.12
N ILE E 1004 -18.25 -6.95 50.89
CA ILE E 1004 -16.92 -7.47 50.60
C ILE E 1004 -15.89 -6.34 50.68
N VAL E 1005 -16.29 -5.10 50.40
CA VAL E 1005 -15.40 -3.97 50.64
C VAL E 1005 -15.22 -3.72 52.14
N ALA E 1006 -16.33 -3.78 52.88
CA ALA E 1006 -16.29 -3.43 54.30
C ALA E 1006 -15.48 -4.43 55.10
N ILE E 1007 -15.47 -5.70 54.70
CA ILE E 1007 -14.67 -6.68 55.43
C ILE E 1007 -13.20 -6.35 55.31
N ASP E 1008 -12.75 -5.95 54.13
CA ASP E 1008 -11.36 -5.55 53.97
C ASP E 1008 -11.07 -4.26 54.75
N TYR E 1009 -12.03 -3.34 54.75
CA TYR E 1009 -11.90 -2.12 55.55
C TYR E 1009 -11.66 -2.46 57.02
N TRP E 1010 -12.49 -3.37 57.56
CA TRP E 1010 -12.36 -3.77 58.95
C TRP E 1010 -11.04 -4.48 59.20
N LEU E 1011 -10.62 -5.32 58.26
CA LEU E 1011 -9.33 -5.99 58.43
C LEU E 1011 -8.20 -4.99 58.47
N ALA E 1012 -8.27 -3.96 57.63
CA ALA E 1012 -7.25 -2.91 57.66
C ALA E 1012 -7.26 -2.17 58.98
N THR E 1013 -8.45 -1.85 59.49
CA THR E 1013 -8.55 -1.16 60.77
C THR E 1013 -7.94 -1.98 61.89
N TRP E 1014 -8.29 -3.27 61.95
CA TRP E 1014 -7.73 -4.15 62.97
C TRP E 1014 -6.21 -4.25 62.84
N THR E 1015 -5.71 -4.41 61.61
CA THR E 1015 -4.27 -4.58 61.41
C THR E 1015 -3.52 -3.32 61.80
N SER E 1016 -4.03 -2.15 61.44
CA SER E 1016 -3.32 -0.91 61.69
C SER E 1016 -3.43 -0.45 63.14
N GLU E 1017 -4.55 -0.76 63.81
CA GLU E 1017 -4.77 -0.22 65.14
C GLU E 1017 -3.82 -0.83 66.17
N TYR E 1018 -3.36 -2.05 65.96
CA TYR E 1018 -2.49 -2.72 66.92
C TYR E 1018 -1.13 -3.08 66.33
N SER E 1019 -0.70 -2.36 65.30
CA SER E 1019 0.61 -2.63 64.73
C SER E 1019 1.72 -2.24 65.69
N ILE E 1020 1.54 -1.15 66.43
CA ILE E 1020 2.62 -0.60 67.26
C ILE E 1020 2.72 -1.36 68.57
N ASN E 1021 1.60 -1.59 69.24
CA ASN E 1021 1.59 -2.19 70.58
C ASN E 1021 1.64 -3.72 70.49
N ASP E 1022 2.77 -4.22 69.95
CA ASP E 1022 2.98 -5.66 69.91
C ASP E 1022 3.03 -6.29 71.30
N PRO E 1023 3.75 -5.74 72.29
CA PRO E 1023 3.68 -6.34 73.63
C PRO E 1023 2.27 -6.35 74.21
N GLY E 1024 1.48 -5.31 73.95
CA GLY E 1024 0.13 -5.25 74.48
C GLY E 1024 -0.90 -5.93 73.61
N LYS E 1025 -1.24 -7.16 73.93
CA LYS E 1025 -2.21 -7.94 73.16
C LYS E 1025 -3.61 -7.76 73.74
N ALA E 1026 -4.03 -6.49 73.81
CA ALA E 1026 -5.33 -6.12 74.36
C ALA E 1026 -6.31 -5.80 73.25
N ASP E 1027 -7.59 -5.82 73.59
CA ASP E 1027 -8.69 -5.61 72.64
C ASP E 1027 -8.57 -6.58 71.47
N GLN E 1028 -8.26 -7.83 71.76
CA GLN E 1028 -8.09 -8.87 70.75
C GLN E 1028 -9.34 -9.69 70.52
N THR E 1029 -10.44 -9.38 71.21
CA THR E 1029 -11.68 -10.16 71.08
C THR E 1029 -12.78 -9.46 70.31
N PHE E 1030 -12.79 -8.12 70.30
CA PHE E 1030 -13.82 -7.40 69.55
C PHE E 1030 -13.56 -7.48 68.06
N TYR E 1031 -12.28 -7.33 67.66
CA TYR E 1031 -11.93 -7.34 66.25
C TYR E 1031 -12.29 -8.66 65.59
N VAL E 1032 -12.01 -9.78 66.26
CA VAL E 1032 -12.29 -11.09 65.69
C VAL E 1032 -13.79 -11.27 65.50
N ALA E 1033 -14.59 -10.85 66.48
CA ALA E 1033 -16.03 -10.96 66.36
C ALA E 1033 -16.54 -10.15 65.18
N GLY E 1034 -16.02 -8.93 65.01
CA GLY E 1034 -16.42 -8.14 63.85
C GLY E 1034 -16.06 -8.82 62.54
N PHE E 1035 -14.84 -9.33 62.45
CA PHE E 1035 -14.42 -10.00 61.22
C PHE E 1035 -15.30 -11.21 60.92
N SER E 1036 -15.61 -12.01 61.94
CA SER E 1036 -16.41 -13.21 61.71
C SER E 1036 -17.84 -12.87 61.30
N ILE E 1037 -18.44 -11.85 61.92
CA ILE E 1037 -19.81 -11.51 61.53
C ILE E 1037 -19.83 -10.98 60.10
N LEU E 1038 -18.82 -10.19 59.74
CA LEU E 1038 -18.76 -9.70 58.36
C LEU E 1038 -18.56 -10.85 57.38
N CYS E 1039 -17.73 -11.84 57.74
CA CYS E 1039 -17.54 -12.98 56.86
C CYS E 1039 -18.83 -13.76 56.67
N GLY E 1040 -19.58 -13.98 57.76
CA GLY E 1040 -20.84 -14.68 57.63
C GLY E 1040 -21.83 -13.94 56.74
N ALA E 1041 -21.94 -12.62 56.93
CA ALA E 1041 -22.85 -11.85 56.08
C ALA E 1041 -22.43 -11.91 54.62
N GLY E 1042 -21.13 -11.83 54.35
CA GLY E 1042 -20.66 -11.92 52.98
C GLY E 1042 -20.98 -13.27 52.34
N ILE E 1043 -20.76 -14.35 53.09
CA ILE E 1043 -21.06 -15.68 52.55
C ILE E 1043 -22.54 -15.81 52.25
N PHE E 1044 -23.39 -15.32 53.16
CA PHE E 1044 -24.83 -15.39 52.92
C PHE E 1044 -25.24 -14.60 51.67
N LEU E 1045 -24.69 -13.39 51.50
CA LEU E 1045 -25.06 -12.61 50.33
C LEU E 1045 -24.55 -13.25 49.04
N CYS E 1046 -23.36 -13.86 49.10
CA CYS E 1046 -22.88 -14.62 47.94
C CYS E 1046 -23.85 -15.74 47.59
N LEU E 1047 -24.34 -16.46 48.60
CA LEU E 1047 -25.30 -17.52 48.33
C LEU E 1047 -26.58 -16.96 47.72
N VAL E 1048 -26.98 -15.76 48.14
CA VAL E 1048 -28.23 -15.19 47.65
C VAL E 1048 -28.12 -14.81 46.17
N THR E 1049 -27.02 -14.14 45.81
CA THR E 1049 -26.97 -13.48 44.50
C THR E 1049 -27.10 -14.45 43.34
N SER E 1050 -26.39 -15.59 43.42
CA SER E 1050 -26.41 -16.54 42.30
C SER E 1050 -27.82 -17.08 42.08
N LEU E 1051 -28.51 -17.43 43.16
CA LEU E 1051 -29.87 -17.93 43.03
C LEU E 1051 -30.78 -16.87 42.43
N THR E 1052 -30.63 -15.61 42.85
CA THR E 1052 -31.47 -14.57 42.28
C THR E 1052 -31.25 -14.43 40.78
N VAL E 1053 -29.97 -14.45 40.36
CA VAL E 1053 -29.67 -14.28 38.94
C VAL E 1053 -30.27 -15.42 38.13
N GLU E 1054 -30.10 -16.65 38.60
CA GLU E 1054 -30.61 -17.78 37.82
C GLU E 1054 -32.13 -17.80 37.78
N TRP E 1055 -32.79 -17.43 38.89
CA TRP E 1055 -34.24 -17.35 38.87
C TRP E 1055 -34.71 -16.33 37.84
N MET E 1056 -34.07 -15.16 37.79
CA MET E 1056 -34.46 -14.17 36.81
C MET E 1056 -34.28 -14.69 35.39
N GLY E 1057 -33.15 -15.34 35.12
CA GLY E 1057 -32.93 -15.88 33.79
C GLY E 1057 -33.97 -16.91 33.40
N LEU E 1058 -34.32 -17.80 34.34
CA LEU E 1058 -35.30 -18.84 34.06
C LEU E 1058 -36.65 -18.25 33.71
N THR E 1059 -37.12 -17.30 34.53
CA THR E 1059 -38.43 -16.71 34.26
C THR E 1059 -38.43 -15.96 32.92
N ALA E 1060 -37.35 -15.23 32.63
CA ALA E 1060 -37.31 -14.49 31.37
C ALA E 1060 -37.37 -15.44 30.19
N ALA E 1061 -36.63 -16.54 30.25
CA ALA E 1061 -36.66 -17.52 29.15
C ALA E 1061 -38.05 -18.09 28.96
N LYS E 1062 -38.69 -18.48 30.07
CA LYS E 1062 -40.04 -19.03 29.99
C LYS E 1062 -40.99 -18.08 29.27
N ASN E 1063 -41.01 -16.82 29.72
CA ASN E 1063 -41.95 -15.86 29.16
C ASN E 1063 -41.66 -15.60 27.68
N LEU E 1064 -40.39 -15.44 27.32
CA LEU E 1064 -40.05 -15.18 25.93
C LEU E 1064 -40.53 -16.31 25.03
N HIS E 1065 -40.21 -17.56 25.38
CA HIS E 1065 -40.59 -18.65 24.49
C HIS E 1065 -42.11 -18.80 24.39
N HIS E 1066 -42.81 -18.69 25.53
CA HIS E 1066 -44.25 -18.86 25.46
C HIS E 1066 -44.89 -17.79 24.59
N ASN E 1067 -44.45 -16.53 24.73
CA ASN E 1067 -45.01 -15.46 23.92
C ASN E 1067 -44.73 -15.66 22.44
N LEU E 1068 -43.50 -16.09 22.10
CA LEU E 1068 -43.17 -16.31 20.70
C LEU E 1068 -44.05 -17.39 20.09
N LEU E 1069 -44.24 -18.50 20.81
CA LEU E 1069 -45.05 -19.58 20.26
C LEU E 1069 -46.53 -19.21 20.21
N ASN E 1070 -47.00 -18.39 21.16
CA ASN E 1070 -48.40 -17.99 21.16
C ASN E 1070 -48.71 -16.88 20.17
N LYS E 1071 -47.70 -16.18 19.67
CA LYS E 1071 -47.93 -15.18 18.63
C LYS E 1071 -47.61 -15.70 17.23
N ILE E 1072 -46.80 -16.75 17.11
CA ILE E 1072 -46.60 -17.37 15.81
C ILE E 1072 -47.84 -18.11 15.32
N ILE E 1073 -48.72 -18.53 16.23
CA ILE E 1073 -49.90 -19.29 15.83
C ILE E 1073 -50.84 -18.42 15.00
N LEU E 1074 -51.06 -17.17 15.42
CA LEU E 1074 -51.97 -16.27 14.72
C LEU E 1074 -51.24 -15.55 13.57
N GLY E 1075 -50.64 -16.35 12.70
CA GLY E 1075 -49.85 -15.83 11.61
C GLY E 1075 -50.53 -16.02 10.27
N PRO E 1076 -50.52 -14.98 9.44
CA PRO E 1076 -51.17 -15.07 8.13
C PRO E 1076 -50.46 -16.05 7.20
N ILE E 1077 -51.24 -16.62 6.28
CA ILE E 1077 -50.68 -17.58 5.33
C ILE E 1077 -49.59 -16.92 4.49
N ARG E 1078 -49.77 -15.65 4.15
CA ARG E 1078 -48.74 -14.96 3.38
C ARG E 1078 -47.42 -14.89 4.14
N PHE E 1079 -47.47 -14.82 5.47
CA PHE E 1079 -46.24 -14.81 6.26
C PHE E 1079 -45.50 -16.13 6.12
N PHE E 1080 -46.21 -17.25 6.25
CA PHE E 1080 -45.56 -18.56 6.16
C PHE E 1080 -45.06 -18.85 4.76
N ASP E 1081 -45.88 -18.54 3.74
CA ASP E 1081 -45.48 -18.85 2.37
C ASP E 1081 -44.30 -17.97 1.93
N THR E 1082 -44.36 -16.67 2.22
CA THR E 1082 -43.27 -15.79 1.80
C THR E 1082 -41.99 -16.08 2.57
N THR E 1083 -42.09 -16.31 3.87
CA THR E 1083 -40.89 -16.46 4.70
C THR E 1083 -40.33 -17.87 4.59
N PRO E 1084 -39.05 -18.03 4.28
CA PRO E 1084 -38.47 -19.38 4.21
C PRO E 1084 -38.56 -20.11 5.53
N LEU E 1085 -38.75 -21.43 5.44
CA LEU E 1085 -38.86 -22.27 6.63
C LEU E 1085 -37.57 -22.30 7.42
N GLY E 1086 -36.43 -22.28 6.73
CA GLY E 1086 -35.15 -22.35 7.42
C GLY E 1086 -34.94 -21.22 8.42
N LEU E 1087 -35.45 -20.03 8.10
CA LEU E 1087 -35.26 -18.88 8.99
C LEU E 1087 -35.98 -19.08 10.32
N ILE E 1088 -37.26 -19.47 10.27
CA ILE E 1088 -38.02 -19.68 11.50
C ILE E 1088 -37.34 -20.72 12.39
N LEU E 1089 -36.94 -21.85 11.81
CA LEU E 1089 -36.33 -22.91 12.61
C LEU E 1089 -35.03 -22.43 13.25
N ASN E 1090 -34.23 -21.66 12.50
CA ASN E 1090 -33.01 -21.11 13.08
C ASN E 1090 -33.33 -20.15 14.21
N ARG E 1091 -34.37 -19.35 14.05
CA ARG E 1091 -34.74 -18.42 15.11
C ARG E 1091 -35.09 -19.17 16.39
N PHE E 1092 -35.86 -20.25 16.28
CA PHE E 1092 -36.19 -20.99 17.49
C PHE E 1092 -34.98 -21.68 18.10
N SER E 1093 -34.17 -22.37 17.29
CA SER E 1093 -33.05 -23.11 17.89
C SER E 1093 -31.98 -22.18 18.45
N ALA E 1094 -31.58 -21.17 17.67
CA ALA E 1094 -30.52 -20.28 18.12
C ALA E 1094 -30.98 -19.38 19.25
N ASP E 1095 -32.16 -18.79 19.13
CA ASP E 1095 -32.56 -17.85 20.17
C ASP E 1095 -32.92 -18.58 21.44
N THR E 1096 -33.59 -19.74 21.34
CA THR E 1096 -33.90 -20.48 22.55
C THR E 1096 -32.64 -20.91 23.27
N ASN E 1097 -31.65 -21.43 22.54
CA ASN E 1097 -30.44 -21.86 23.22
C ASN E 1097 -29.69 -20.68 23.85
N ILE E 1098 -29.55 -19.58 23.12
CA ILE E 1098 -28.81 -18.44 23.63
C ILE E 1098 -29.51 -17.83 24.84
N ILE E 1099 -30.84 -17.70 24.77
CA ILE E 1099 -31.57 -17.05 25.85
C ILE E 1099 -31.77 -17.97 27.04
N ASP E 1100 -31.57 -19.27 26.87
CA ASP E 1100 -31.75 -20.14 28.02
C ASP E 1100 -30.45 -20.49 28.73
N GLN E 1101 -29.42 -20.91 27.99
CA GLN E 1101 -28.21 -21.39 28.64
C GLN E 1101 -27.02 -20.45 28.50
N HIS E 1102 -27.19 -19.24 27.97
CA HIS E 1102 -26.02 -18.42 27.70
C HIS E 1102 -26.08 -17.02 28.28
N ILE E 1103 -27.26 -16.41 28.30
CA ILE E 1103 -27.37 -15.02 28.75
C ILE E 1103 -27.23 -14.87 30.26
N PRO E 1104 -27.83 -15.73 31.08
CA PRO E 1104 -27.68 -15.58 32.53
C PRO E 1104 -26.23 -15.56 32.97
N PRO E 1105 -25.39 -16.53 32.57
CA PRO E 1105 -24.01 -16.51 33.05
C PRO E 1105 -23.24 -15.31 32.55
N THR E 1106 -23.45 -14.91 31.29
CA THR E 1106 -22.76 -13.74 30.76
C THR E 1106 -23.13 -12.49 31.54
N LEU E 1107 -24.42 -12.30 31.80
CA LEU E 1107 -24.86 -11.12 32.52
C LEU E 1107 -24.33 -11.11 33.94
N GLU E 1108 -24.36 -12.26 34.61
CA GLU E 1108 -23.84 -12.35 35.97
C GLU E 1108 -22.36 -12.02 36.00
N SER E 1109 -21.58 -12.59 35.06
CA SER E 1109 -20.15 -12.32 35.03
C SER E 1109 -19.88 -10.85 34.78
N LEU E 1110 -20.61 -10.24 33.84
CA LEU E 1110 -20.40 -8.83 33.53
C LEU E 1110 -20.65 -7.97 34.75
N THR E 1111 -21.78 -8.19 35.42
CA THR E 1111 -22.10 -7.38 36.59
C THR E 1111 -21.06 -7.58 37.69
N ARG E 1112 -20.65 -8.83 37.93
CA ARG E 1112 -19.68 -9.08 39.00
C ARG E 1112 -18.36 -8.36 38.72
N SER E 1113 -17.84 -8.51 37.51
CA SER E 1113 -16.57 -7.88 37.19
C SER E 1113 -16.66 -6.36 37.29
N THR E 1114 -17.73 -5.79 36.74
CA THR E 1114 -17.80 -4.33 36.73
C THR E 1114 -18.01 -3.77 38.14
N LEU E 1115 -18.76 -4.47 38.98
CA LEU E 1115 -18.93 -3.99 40.34
C LEU E 1115 -17.63 -4.08 41.13
N LEU E 1116 -16.87 -5.16 40.95
CA LEU E 1116 -15.57 -5.24 41.61
C LEU E 1116 -14.66 -4.12 41.17
N CYS E 1117 -14.61 -3.85 39.86
CA CYS E 1117 -13.76 -2.77 39.37
C CYS E 1117 -14.19 -1.43 39.94
N LEU E 1118 -15.50 -1.16 39.96
CA LEU E 1118 -15.99 0.12 40.45
C LEU E 1118 -15.67 0.31 41.93
N SER E 1119 -15.94 -0.71 42.75
CA SER E 1119 -15.65 -0.59 44.16
C SER E 1119 -14.15 -0.39 44.39
N ALA E 1120 -13.33 -1.10 43.63
CA ALA E 1120 -11.89 -0.96 43.79
C ALA E 1120 -11.43 0.46 43.52
N ILE E 1121 -11.82 1.03 42.37
CA ILE E 1121 -11.36 2.38 42.06
C ILE E 1121 -11.98 3.39 43.02
N GLY E 1122 -13.19 3.12 43.52
CA GLY E 1122 -13.77 4.02 44.50
C GLY E 1122 -12.96 4.07 45.77
N MET E 1123 -12.57 2.91 46.29
CA MET E 1123 -11.75 2.89 47.49
C MET E 1123 -10.37 3.48 47.22
N ILE E 1124 -9.83 3.28 46.03
CA ILE E 1124 -8.56 3.91 45.67
C ILE E 1124 -8.69 5.42 45.78
N SER E 1125 -9.75 5.98 45.20
CA SER E 1125 -9.92 7.43 45.21
C SER E 1125 -10.17 7.95 46.61
N TYR E 1126 -10.99 7.26 47.40
CA TYR E 1126 -11.30 7.72 48.75
C TYR E 1126 -10.08 7.66 49.66
N ALA E 1127 -9.31 6.58 49.58
CA ALA E 1127 -8.12 6.47 50.41
C ALA E 1127 -7.10 7.54 50.05
N THR E 1128 -6.90 7.78 48.76
CA THR E 1128 -5.95 8.79 48.29
C THR E 1128 -6.60 9.57 47.14
N PRO E 1129 -7.12 10.77 47.41
CA PRO E 1129 -7.79 11.53 46.36
C PRO E 1129 -6.91 11.84 45.16
N VAL E 1130 -5.60 12.04 45.36
CA VAL E 1130 -4.72 12.44 44.28
C VAL E 1130 -4.79 11.47 43.11
N PHE E 1131 -5.25 10.25 43.33
CA PHE E 1131 -5.36 9.27 42.25
C PHE E 1131 -6.38 9.70 41.20
N LEU E 1132 -7.53 10.24 41.63
CA LEU E 1132 -8.61 10.42 40.66
C LEU E 1132 -8.33 11.55 39.69
N ILE E 1133 -7.43 12.47 40.01
CA ILE E 1133 -6.98 13.44 39.02
C ILE E 1133 -6.25 12.72 37.89
N ALA E 1134 -5.50 11.67 38.23
CA ALA E 1134 -4.95 10.78 37.22
C ALA E 1134 -5.98 9.82 36.65
N LEU E 1135 -7.18 9.75 37.23
CA LEU E 1135 -8.21 8.87 36.68
C LEU E 1135 -8.65 9.32 35.30
N ALA E 1136 -8.78 10.64 35.11
CA ALA E 1136 -9.35 11.16 33.87
C ALA E 1136 -8.61 10.68 32.63
N PRO E 1137 -7.28 10.70 32.55
CA PRO E 1137 -6.63 10.16 31.34
C PRO E 1137 -6.90 8.69 31.14
N LEU E 1138 -6.65 7.87 32.18
CA LEU E 1138 -6.81 6.43 32.05
C LEU E 1138 -8.21 6.08 31.55
N GLY E 1139 -9.24 6.62 32.20
CA GLY E 1139 -10.60 6.36 31.75
C GLY E 1139 -10.76 6.64 30.28
N VAL E 1140 -10.24 7.79 29.82
CA VAL E 1140 -10.28 8.12 28.40
C VAL E 1140 -9.76 6.96 27.58
N ALA E 1141 -8.53 6.53 27.88
CA ALA E 1141 -7.93 5.42 27.16
C ALA E 1141 -8.88 4.22 27.15
N PHE E 1142 -9.40 3.86 28.33
CA PHE E 1142 -10.26 2.71 28.43
C PHE E 1142 -11.41 2.81 27.44
N TYR E 1143 -12.06 3.97 27.39
CA TYR E 1143 -13.21 4.12 26.51
C TYR E 1143 -12.84 3.74 25.09
N PHE E 1144 -11.74 4.29 24.60
CA PHE E 1144 -11.35 4.01 23.21
C PHE E 1144 -11.18 2.52 23.00
N ILE E 1145 -10.49 1.84 23.93
CA ILE E 1145 -10.36 0.40 23.81
C ILE E 1145 -11.73 -0.24 23.76
N GLN E 1146 -12.59 0.09 24.74
CA GLN E 1146 -13.91 -0.51 24.80
C GLN E 1146 -14.71 -0.24 23.54
N LYS E 1147 -14.34 0.79 22.79
CA LYS E 1147 -14.98 1.01 21.50
C LYS E 1147 -14.46 0.02 20.48
N TYR E 1148 -13.17 0.10 20.16
CA TYR E 1148 -12.69 -0.48 18.90
C TYR E 1148 -12.80 -1.99 18.91
N PHE E 1149 -12.36 -2.62 20.00
CA PHE E 1149 -12.56 -4.05 20.16
C PHE E 1149 -13.99 -4.45 19.84
N ARG E 1150 -14.95 -3.81 20.51
CA ARG E 1150 -16.33 -4.24 20.36
C ARG E 1150 -16.83 -4.10 18.93
N VAL E 1151 -16.24 -3.17 18.17
CA VAL E 1151 -16.63 -3.04 16.78
C VAL E 1151 -16.04 -4.15 15.94
N ALA E 1152 -14.76 -4.45 16.14
CA ALA E 1152 -14.12 -5.47 15.33
C ALA E 1152 -14.55 -6.86 15.76
N SER E 1153 -14.63 -7.09 17.07
CA SER E 1153 -14.89 -8.43 17.59
C SER E 1153 -16.10 -9.06 16.92
N LYS E 1154 -17.23 -8.35 16.91
CA LYS E 1154 -18.43 -8.88 16.30
C LYS E 1154 -18.13 -9.37 14.89
N ASP E 1155 -17.52 -8.50 14.08
CA ASP E 1155 -17.22 -8.89 12.70
C ASP E 1155 -16.40 -10.16 12.68
N LEU E 1156 -15.36 -10.23 13.50
CA LEU E 1156 -14.53 -11.42 13.52
C LEU E 1156 -15.35 -12.65 13.90
N GLN E 1157 -16.19 -12.53 14.92
CA GLN E 1157 -17.06 -13.65 15.27
C GLN E 1157 -17.98 -13.99 14.11
N GLU E 1158 -18.51 -12.96 13.44
CA GLU E 1158 -19.41 -13.19 12.33
C GLU E 1158 -18.73 -13.93 11.19
N LEU E 1159 -17.40 -13.99 11.18
CA LEU E 1159 -16.73 -14.84 10.22
C LEU E 1159 -16.57 -16.26 10.73
N ASP E 1160 -16.19 -16.43 11.99
CA ASP E 1160 -15.90 -17.78 12.50
C ASP E 1160 -17.11 -18.68 12.34
N ASP E 1161 -18.23 -18.29 12.95
CA ASP E 1161 -19.45 -19.08 12.84
C ASP E 1161 -19.91 -19.24 11.40
N SER E 1162 -19.47 -18.35 10.51
CA SER E 1162 -19.87 -18.44 9.12
C SER E 1162 -18.97 -19.33 8.29
N THR E 1163 -17.72 -19.54 8.72
CA THR E 1163 -16.79 -20.34 7.95
C THR E 1163 -16.72 -21.78 8.43
N GLN E 1164 -17.52 -22.15 9.42
CA GLN E 1164 -17.58 -23.53 9.89
C GLN E 1164 -18.75 -24.30 9.31
N LEU E 1165 -19.82 -23.61 8.91
CA LEU E 1165 -20.95 -24.31 8.33
C LEU E 1165 -20.60 -24.98 7.00
N PRO E 1166 -19.98 -24.30 6.02
CA PRO E 1166 -19.57 -25.03 4.81
C PRO E 1166 -18.57 -26.14 5.08
N LEU E 1167 -17.61 -25.91 5.97
CA LEU E 1167 -16.56 -26.91 6.20
C LEU E 1167 -17.15 -28.24 6.65
N LEU E 1168 -18.23 -28.20 7.43
CA LEU E 1168 -18.89 -29.45 7.78
C LEU E 1168 -19.66 -30.00 6.59
N CYS E 1169 -20.41 -29.15 5.90
CA CYS E 1169 -21.24 -29.60 4.77
C CYS E 1169 -20.41 -30.38 3.76
N HIS E 1170 -19.27 -29.82 3.37
CA HIS E 1170 -18.40 -30.47 2.40
C HIS E 1170 -18.14 -31.92 2.81
N PHE E 1171 -17.72 -32.11 4.06
CA PHE E 1171 -17.43 -33.47 4.52
C PHE E 1171 -18.60 -34.39 4.27
N SER E 1172 -19.80 -33.96 4.65
CA SER E 1172 -20.98 -34.81 4.49
C SER E 1172 -21.15 -35.23 3.04
N GLU E 1173 -20.99 -34.29 2.11
CA GLU E 1173 -21.08 -34.66 0.70
C GLU E 1173 -20.05 -35.72 0.37
N THR E 1174 -18.80 -35.48 0.71
CA THR E 1174 -17.78 -36.44 0.33
C THR E 1174 -17.86 -37.70 1.14
N ALA E 1175 -18.91 -37.83 1.95
CA ALA E 1175 -19.17 -39.07 2.65
C ALA E 1175 -20.39 -39.81 2.13
N GLU E 1176 -21.30 -39.12 1.45
CA GLU E 1176 -22.46 -39.78 0.86
C GLU E 1176 -22.26 -40.11 -0.61
N GLY E 1177 -21.26 -39.54 -1.25
CA GLY E 1177 -21.04 -39.77 -2.67
C GLY E 1177 -19.62 -40.16 -2.99
N LEU E 1178 -19.00 -40.96 -2.12
CA LEU E 1178 -17.61 -41.35 -2.34
C LEU E 1178 -17.49 -42.22 -3.59
N THR E 1179 -18.46 -43.11 -3.83
CA THR E 1179 -18.39 -43.96 -5.01
C THR E 1179 -18.43 -43.15 -6.29
N THR E 1180 -19.31 -42.14 -6.33
CA THR E 1180 -19.38 -41.29 -7.52
C THR E 1180 -18.06 -40.57 -7.76
N ILE E 1181 -17.47 -40.02 -6.71
CA ILE E 1181 -16.21 -39.29 -6.86
C ILE E 1181 -15.11 -40.21 -7.35
N ARG E 1182 -15.02 -41.40 -6.77
CA ARG E 1182 -13.99 -42.33 -7.22
C ARG E 1182 -14.28 -42.88 -8.62
N ALA E 1183 -15.54 -42.83 -9.05
CA ALA E 1183 -15.86 -43.14 -10.44
C ALA E 1183 -15.31 -42.06 -11.36
N PHE E 1184 -15.76 -40.81 -11.16
CA PHE E 1184 -15.28 -39.71 -11.97
C PHE E 1184 -13.80 -39.43 -11.80
N ARG E 1185 -13.15 -40.06 -10.81
CA ARG E 1185 -11.75 -39.81 -10.52
C ARG E 1185 -11.48 -38.31 -10.32
N HIS E 1186 -12.39 -37.66 -9.60
CA HIS E 1186 -12.30 -36.24 -9.29
C HIS E 1186 -11.80 -35.98 -7.88
N GLU E 1187 -10.92 -36.83 -7.36
CA GLU E 1187 -10.52 -36.73 -5.97
C GLU E 1187 -9.71 -35.47 -5.71
N THR E 1188 -8.70 -35.20 -6.53
CA THR E 1188 -7.86 -34.03 -6.26
C THR E 1188 -8.66 -32.75 -6.36
N ARG E 1189 -9.69 -32.73 -7.21
CA ARG E 1189 -10.53 -31.54 -7.32
C ARG E 1189 -11.26 -31.27 -6.01
N PHE E 1190 -11.53 -32.31 -5.22
CA PHE E 1190 -12.17 -32.13 -3.92
C PHE E 1190 -11.17 -31.85 -2.81
N LYS E 1191 -9.99 -32.46 -2.87
CA LYS E 1191 -8.99 -32.18 -1.85
C LYS E 1191 -8.50 -30.75 -1.93
N GLN E 1192 -8.24 -30.26 -3.14
CA GLN E 1192 -7.75 -28.89 -3.29
C GLN E 1192 -8.80 -27.86 -2.96
N ARG E 1193 -10.03 -28.29 -2.66
CA ARG E 1193 -11.09 -27.42 -2.17
C ARG E 1193 -11.23 -27.53 -0.66
N MET E 1194 -11.22 -28.76 -0.13
CA MET E 1194 -11.24 -28.93 1.31
C MET E 1194 -10.12 -28.17 1.97
N LEU E 1195 -8.92 -28.18 1.36
CA LEU E 1195 -7.82 -27.44 1.95
C LEU E 1195 -8.14 -25.95 2.02
N GLU E 1196 -8.72 -25.39 0.96
CA GLU E 1196 -9.06 -23.97 0.97
C GLU E 1196 -10.08 -23.66 2.05
N LEU E 1197 -11.11 -24.51 2.18
CA LEU E 1197 -12.12 -24.29 3.20
C LEU E 1197 -11.49 -24.26 4.58
N THR E 1198 -10.68 -25.27 4.88
CA THR E 1198 -10.10 -25.35 6.22
C THR E 1198 -9.13 -24.21 6.47
N ASP E 1199 -8.50 -23.68 5.41
CA ASP E 1199 -7.61 -22.55 5.62
C ASP E 1199 -8.38 -21.27 5.91
N THR E 1200 -9.52 -21.07 5.25
CA THR E 1200 -10.34 -19.91 5.60
C THR E 1200 -10.82 -20.01 7.04
N ASN E 1201 -11.25 -21.20 7.45
CA ASN E 1201 -11.70 -21.37 8.84
C ASN E 1201 -10.56 -21.10 9.82
N ASN E 1202 -9.38 -21.66 9.55
CA ASN E 1202 -8.26 -21.47 10.46
C ASN E 1202 -7.84 -20.02 10.56
N ILE E 1203 -7.85 -19.29 9.43
CA ILE E 1203 -7.45 -17.89 9.54
C ILE E 1203 -8.49 -17.08 10.29
N ALA E 1204 -9.77 -17.46 10.18
CA ALA E 1204 -10.77 -16.79 11.00
C ALA E 1204 -10.48 -16.97 12.48
N TYR E 1205 -10.16 -18.21 12.88
CA TYR E 1205 -9.81 -18.45 14.29
C TYR E 1205 -8.58 -17.65 14.70
N LEU E 1206 -7.56 -17.65 13.86
CA LEU E 1206 -6.31 -17.00 14.22
C LEU E 1206 -6.51 -15.51 14.42
N PHE E 1207 -7.27 -14.86 13.54
CA PHE E 1207 -7.49 -13.43 13.70
C PHE E 1207 -8.35 -13.14 14.91
N LEU E 1208 -9.32 -13.99 15.23
CA LEU E 1208 -10.07 -13.79 16.45
C LEU E 1208 -9.17 -13.87 17.68
N SER E 1209 -8.30 -14.88 17.73
CA SER E 1209 -7.42 -15.03 18.89
C SER E 1209 -6.43 -13.88 18.98
N ALA E 1210 -5.95 -13.39 17.85
CA ALA E 1210 -5.04 -12.26 17.88
C ALA E 1210 -5.74 -11.01 18.37
N ALA E 1211 -7.01 -10.81 18.01
CA ALA E 1211 -7.75 -9.67 18.54
C ALA E 1211 -7.91 -9.77 20.05
N ASN E 1212 -8.21 -10.97 20.55
CA ASN E 1212 -8.34 -11.15 21.99
C ASN E 1212 -7.03 -10.86 22.71
N ARG E 1213 -5.92 -11.31 22.15
CA ARG E 1213 -4.63 -11.05 22.78
C ARG E 1213 -4.28 -9.56 22.75
N TRP E 1214 -4.60 -8.88 21.65
CA TRP E 1214 -4.42 -7.43 21.58
C TRP E 1214 -5.16 -6.75 22.72
N LEU E 1215 -6.43 -7.10 22.90
CA LEU E 1215 -7.20 -6.50 23.98
C LEU E 1215 -6.58 -6.79 25.34
N GLU E 1216 -6.16 -8.04 25.56
CA GLU E 1216 -5.65 -8.40 26.88
C GLU E 1216 -4.36 -7.63 27.20
N VAL E 1217 -3.48 -7.48 26.21
CA VAL E 1217 -2.26 -6.73 26.44
C VAL E 1217 -2.56 -5.27 26.77
N ARG E 1218 -3.44 -4.66 25.97
CA ARG E 1218 -3.74 -3.24 26.21
C ARG E 1218 -4.31 -3.03 27.61
N THR E 1219 -5.29 -3.84 28.00
CA THR E 1219 -5.91 -3.64 29.30
C THR E 1219 -4.96 -3.99 30.43
N ASP E 1220 -4.04 -4.94 30.22
CA ASP E 1220 -3.06 -5.23 31.26
C ASP E 1220 -2.10 -4.06 31.46
N TYR E 1221 -1.70 -3.40 30.38
CA TYR E 1221 -0.85 -2.22 30.54
C TYR E 1221 -1.60 -1.08 31.23
N LEU E 1222 -2.89 -0.92 30.92
CA LEU E 1222 -3.67 0.07 31.65
C LEU E 1222 -3.72 -0.25 33.13
N GLY E 1223 -3.91 -1.52 33.47
CA GLY E 1223 -3.91 -1.91 34.87
C GLY E 1223 -2.58 -1.64 35.55
N ALA E 1224 -1.48 -1.90 34.85
CA ALA E 1224 -0.17 -1.63 35.43
C ALA E 1224 0.03 -0.13 35.65
N CYS E 1225 -0.42 0.70 34.72
CA CYS E 1225 -0.33 2.14 34.92
C CYS E 1225 -1.16 2.57 36.13
N ILE E 1226 -2.33 1.96 36.31
CA ILE E 1226 -3.14 2.23 37.49
C ILE E 1226 -2.37 1.86 38.75
N VAL E 1227 -1.72 0.70 38.74
CA VAL E 1227 -0.96 0.26 39.90
C VAL E 1227 0.12 1.28 40.24
N LEU E 1228 0.84 1.75 39.23
CA LEU E 1228 1.91 2.71 39.49
C LEU E 1228 1.36 4.01 40.05
N THR E 1229 0.34 4.58 39.41
CA THR E 1229 -0.16 5.88 39.84
C THR E 1229 -0.92 5.80 41.15
N ALA E 1230 -1.29 4.61 41.61
CA ALA E 1230 -1.84 4.48 42.95
C ALA E 1230 -0.75 4.24 44.00
N SER E 1231 0.24 3.42 43.67
CA SER E 1231 1.31 3.14 44.62
C SER E 1231 2.14 4.38 44.90
N ILE E 1232 2.39 5.20 43.88
CA ILE E 1232 3.20 6.40 44.10
C ILE E 1232 2.44 7.42 44.94
N ALA E 1233 1.14 7.55 44.70
CA ALA E 1233 0.34 8.44 45.54
C ALA E 1233 0.29 7.93 46.98
N SER E 1234 0.18 6.62 47.16
CA SER E 1234 0.06 6.08 48.52
C SER E 1234 1.39 6.10 49.26
N ILE E 1235 2.51 5.97 48.55
CA ILE E 1235 3.82 6.00 49.21
C ILE E 1235 4.04 7.35 49.86
N SER E 1236 3.76 8.42 49.12
CA SER E 1236 3.86 9.79 49.65
C SER E 1236 2.45 10.20 50.07
N GLY E 1237 2.07 9.84 51.28
CA GLY E 1237 0.77 10.20 51.81
C GLY E 1237 0.79 10.18 53.32
N SER E 1238 -0.27 10.73 53.90
CA SER E 1238 -0.43 10.80 55.35
C SER E 1238 -1.71 10.05 55.72
N SER E 1239 -1.58 8.74 55.92
CA SER E 1239 -2.71 7.90 56.28
C SER E 1239 -2.18 6.61 56.90
N ASN E 1240 -3.07 5.91 57.60
CA ASN E 1240 -2.69 4.67 58.25
C ASN E 1240 -2.18 3.67 57.23
N SER E 1241 -1.32 2.76 57.69
CA SER E 1241 -0.81 1.72 56.79
C SER E 1241 -1.92 0.82 56.28
N GLY E 1242 -3.05 0.77 56.99
CA GLY E 1242 -4.19 0.02 56.48
C GLY E 1242 -4.70 0.58 55.17
N LEU E 1243 -4.72 1.91 55.06
CA LEU E 1243 -5.20 2.55 53.84
C LEU E 1243 -4.12 2.67 52.77
N VAL E 1244 -2.91 2.21 53.07
CA VAL E 1244 -1.92 1.92 52.03
C VAL E 1244 -2.09 0.49 51.52
N GLY E 1245 -2.26 -0.46 52.44
CA GLY E 1245 -2.46 -1.84 52.03
C GLY E 1245 -3.73 -2.05 51.24
N LEU E 1246 -4.83 -1.43 51.67
CA LEU E 1246 -6.07 -1.52 50.91
C LEU E 1246 -5.89 -0.97 49.51
N GLY E 1247 -5.25 0.20 49.39
CA GLY E 1247 -5.02 0.77 48.09
C GLY E 1247 -4.20 -0.14 47.20
N LEU E 1248 -3.10 -0.68 47.74
CA LEU E 1248 -2.26 -1.57 46.95
C LEU E 1248 -3.06 -2.78 46.48
N LEU E 1249 -3.76 -3.44 47.40
CA LEU E 1249 -4.43 -4.68 47.03
C LEU E 1249 -5.53 -4.44 46.01
N TYR E 1250 -6.32 -3.40 46.19
CA TYR E 1250 -7.43 -3.19 45.26
C TYR E 1250 -6.94 -2.70 43.91
N ALA E 1251 -5.95 -1.81 43.88
CA ALA E 1251 -5.37 -1.42 42.61
C ALA E 1251 -4.67 -2.57 41.92
N LEU E 1252 -4.23 -3.58 42.66
CA LEU E 1252 -3.66 -4.76 42.03
C LEU E 1252 -4.75 -5.67 41.46
N THR E 1253 -5.88 -5.82 42.17
CA THR E 1253 -6.96 -6.65 41.64
C THR E 1253 -7.60 -6.03 40.41
N ILE E 1254 -7.62 -4.69 40.33
CA ILE E 1254 -8.17 -4.05 39.13
C ILE E 1254 -7.50 -4.59 37.89
N THR E 1255 -6.18 -4.78 37.96
CA THR E 1255 -5.44 -5.33 36.83
C THR E 1255 -6.03 -6.67 36.41
N ASN E 1256 -6.41 -7.49 37.38
CA ASN E 1256 -6.97 -8.79 37.09
C ASN E 1256 -8.41 -8.70 36.58
N TYR E 1257 -9.10 -7.60 36.85
CA TYR E 1257 -10.51 -7.51 36.51
C TYR E 1257 -10.84 -6.47 35.44
N LEU E 1258 -9.85 -5.78 34.89
CA LEU E 1258 -10.15 -4.74 33.92
C LEU E 1258 -10.35 -5.28 32.52
N ASN E 1259 -10.16 -6.59 32.32
CA ASN E 1259 -10.35 -7.23 31.04
C ASN E 1259 -11.70 -7.90 30.91
N TRP E 1260 -12.19 -8.51 32.00
CA TRP E 1260 -13.47 -9.18 31.95
C TRP E 1260 -14.59 -8.25 31.51
N VAL E 1261 -14.46 -6.95 31.81
CA VAL E 1261 -15.53 -6.01 31.51
C VAL E 1261 -15.76 -5.93 30.00
N VAL E 1262 -14.70 -5.62 29.25
CA VAL E 1262 -14.84 -5.45 27.81
C VAL E 1262 -15.27 -6.76 27.15
N ARG E 1263 -14.67 -7.87 27.57
CA ARG E 1263 -14.96 -9.15 26.94
C ARG E 1263 -16.41 -9.54 27.16
N ASN E 1264 -16.87 -9.52 28.41
CA ASN E 1264 -18.25 -9.87 28.70
C ASN E 1264 -19.21 -8.88 28.08
N LEU E 1265 -18.84 -7.60 27.99
CA LEU E 1265 -19.71 -6.61 27.37
C LEU E 1265 -19.89 -6.90 25.88
N ALA E 1266 -18.82 -7.25 25.18
CA ALA E 1266 -18.95 -7.62 23.78
C ALA E 1266 -19.80 -8.87 23.61
N ASP E 1267 -19.59 -9.86 24.48
CA ASP E 1267 -20.39 -11.07 24.40
C ASP E 1267 -21.86 -10.77 24.62
N LEU E 1268 -22.17 -9.93 25.60
CA LEU E 1268 -23.54 -9.55 25.86
C LEU E 1268 -24.11 -8.78 24.68
N GLU E 1269 -23.31 -7.95 24.02
CA GLU E 1269 -23.79 -7.25 22.84
C GLU E 1269 -24.20 -8.24 21.76
N VAL E 1270 -23.39 -9.27 21.52
CA VAL E 1270 -23.75 -10.27 20.53
C VAL E 1270 -25.04 -10.98 20.92
N GLN E 1271 -25.16 -11.36 22.18
CA GLN E 1271 -26.34 -12.12 22.59
C GLN E 1271 -27.60 -11.26 22.54
N MET E 1272 -27.51 -9.98 22.90
CA MET E 1272 -28.67 -9.11 22.78
C MET E 1272 -29.05 -8.92 21.32
N GLY E 1273 -28.05 -8.81 20.44
CA GLY E 1273 -28.36 -8.83 19.02
C GLY E 1273 -29.07 -10.09 18.60
N ALA E 1274 -28.81 -11.19 19.29
CA ALA E 1274 -29.55 -12.42 19.01
C ALA E 1274 -31.00 -12.31 19.47
N VAL E 1275 -31.23 -11.83 20.69
CA VAL E 1275 -32.61 -11.74 21.19
C VAL E 1275 -33.42 -10.70 20.41
N LYS E 1276 -32.73 -9.78 19.73
CA LYS E 1276 -33.42 -8.78 18.93
C LYS E 1276 -34.31 -9.43 17.87
N LYS E 1277 -33.95 -10.63 17.40
CA LYS E 1277 -34.78 -11.30 16.41
C LYS E 1277 -36.14 -11.66 17.00
N VAL E 1278 -36.17 -12.22 18.20
CA VAL E 1278 -37.44 -12.53 18.85
C VAL E 1278 -38.21 -11.26 19.16
N ASN E 1279 -37.49 -10.22 19.60
CA ASN E 1279 -38.14 -8.94 19.86
C ASN E 1279 -38.78 -8.39 18.60
N SER E 1280 -38.18 -8.64 17.44
CA SER E 1280 -38.77 -8.21 16.17
C SER E 1280 -39.99 -9.05 15.82
N PHE E 1281 -39.89 -10.37 16.02
CA PHE E 1281 -41.01 -11.24 15.68
C PHE E 1281 -42.24 -10.90 16.48
N LEU E 1282 -42.08 -10.68 17.79
CA LEU E 1282 -43.26 -10.43 18.63
C LEU E 1282 -44.00 -9.17 18.23
N THR E 1283 -43.36 -8.24 17.52
CA THR E 1283 -44.01 -7.00 17.13
C THR E 1283 -45.05 -7.24 16.04
N MET E 1284 -44.72 -8.05 15.04
CA MET E 1284 -45.62 -8.28 13.92
C MET E 1284 -46.80 -9.14 14.34
N GLU E 1285 -47.93 -8.92 13.67
CA GLU E 1285 -49.14 -9.69 13.89
C GLU E 1285 -50.13 -9.37 12.78
N SER E 1286 -50.90 -10.38 12.38
CA SER E 1286 -51.88 -10.24 11.30
C SER E 1286 -52.80 -11.45 11.35
N GLU E 1287 -53.68 -11.57 10.35
CA GLU E 1287 -54.66 -12.65 10.24
C GLU E 1287 -55.57 -12.68 11.46
N ASN E 1288 -56.37 -11.61 11.58
CA ASN E 1288 -57.23 -11.44 12.74
C ASN E 1288 -58.16 -12.62 12.92
N TYR E 1289 -58.21 -13.15 14.14
CA TYR E 1289 -59.08 -14.26 14.50
C TYR E 1289 -60.10 -13.74 15.49
N GLU E 1290 -61.36 -13.64 15.04
CA GLU E 1290 -62.41 -13.09 15.87
C GLU E 1290 -63.76 -13.51 15.30
N GLY E 1291 -64.80 -13.31 16.10
CA GLY E 1291 -66.16 -13.61 15.69
C GLY E 1291 -67.09 -12.42 15.80
N THR E 1292 -67.85 -12.17 14.73
CA THR E 1292 -68.73 -11.00 14.64
C THR E 1292 -70.07 -11.21 15.33
N MET E 1293 -70.18 -12.20 16.22
CA MET E 1293 -71.38 -12.44 17.02
C MET E 1293 -72.62 -12.56 16.14
N ASP E 1294 -72.61 -13.59 15.30
CA ASP E 1294 -73.74 -13.84 14.42
C ASP E 1294 -74.98 -14.19 15.24
N PRO E 1295 -76.16 -13.80 14.78
CA PRO E 1295 -77.39 -14.15 15.50
C PRO E 1295 -77.60 -15.66 15.54
N SER E 1296 -78.14 -16.14 16.66
CA SER E 1296 -78.42 -17.55 16.89
C SER E 1296 -77.18 -18.43 16.72
N GLN E 1297 -76.00 -17.82 16.76
CA GLN E 1297 -74.71 -18.48 16.56
C GLN E 1297 -74.59 -19.15 15.20
N VAL E 1298 -75.51 -18.87 14.28
CA VAL E 1298 -75.54 -19.51 12.96
C VAL E 1298 -75.48 -21.03 13.14
N PRO E 1299 -76.58 -21.66 13.56
CA PRO E 1299 -76.49 -23.05 14.05
C PRO E 1299 -75.90 -23.98 13.01
N GLU E 1300 -75.16 -24.98 13.49
CA GLU E 1300 -74.31 -25.80 12.64
C GLU E 1300 -75.07 -26.50 11.53
N HIS E 1301 -76.38 -26.69 11.69
CA HIS E 1301 -77.18 -27.23 10.60
C HIS E 1301 -77.28 -26.28 9.41
N TRP E 1302 -77.06 -24.97 9.63
CA TRP E 1302 -77.18 -24.01 8.56
C TRP E 1302 -75.93 -24.00 7.67
N PRO E 1303 -74.70 -23.82 8.22
CA PRO E 1303 -73.51 -24.00 7.37
C PRO E 1303 -73.05 -25.44 7.27
N GLN E 1304 -73.99 -26.36 7.07
CA GLN E 1304 -73.67 -27.75 6.80
C GLN E 1304 -74.36 -28.29 5.55
N GLU E 1305 -75.17 -27.48 4.87
CA GLU E 1305 -75.88 -27.91 3.67
C GLU E 1305 -75.71 -26.86 2.58
N GLY E 1306 -75.41 -27.31 1.37
CA GLY E 1306 -75.32 -26.46 0.20
C GLY E 1306 -74.24 -25.39 0.34
N GLU E 1307 -74.38 -24.36 -0.48
CA GLU E 1307 -73.46 -23.23 -0.46
C GLU E 1307 -74.14 -22.04 -1.12
N ILE E 1308 -73.57 -20.86 -0.91
CA ILE E 1308 -74.11 -19.61 -1.43
C ILE E 1308 -73.05 -18.93 -2.28
N LYS E 1309 -73.48 -18.40 -3.43
CA LYS E 1309 -72.57 -17.70 -4.32
C LYS E 1309 -72.18 -16.34 -3.73
N ILE E 1310 -70.96 -15.92 -4.05
CA ILE E 1310 -70.45 -14.62 -3.59
C ILE E 1310 -70.78 -13.57 -4.64
N HIS E 1311 -71.51 -12.54 -4.22
CA HIS E 1311 -71.87 -11.46 -5.13
C HIS E 1311 -70.66 -10.58 -5.39
N ASP E 1312 -70.38 -10.34 -6.68
CA ASP E 1312 -69.29 -9.45 -7.10
C ASP E 1312 -67.97 -9.81 -6.42
N LEU E 1313 -67.62 -11.10 -6.47
CA LEU E 1313 -66.39 -11.55 -5.84
C LEU E 1313 -65.20 -10.84 -6.49
N CYS E 1314 -64.57 -9.95 -5.74
CA CYS E 1314 -63.39 -9.21 -6.21
C CYS E 1314 -62.30 -9.45 -5.17
N VAL E 1315 -61.57 -10.55 -5.32
CA VAL E 1315 -60.53 -10.92 -4.37
C VAL E 1315 -59.26 -10.15 -4.71
N ARG E 1316 -58.69 -9.49 -3.71
CA ARG E 1316 -57.51 -8.65 -3.86
C ARG E 1316 -56.29 -9.25 -3.17
N TYR E 1317 -56.11 -10.57 -3.31
CA TYR E 1317 -55.03 -11.25 -2.60
C TYR E 1317 -53.72 -11.17 -3.37
N GLU E 1318 -53.34 -9.97 -3.79
CA GLU E 1318 -52.12 -9.74 -4.56
C GLU E 1318 -51.95 -8.23 -4.73
N ASN E 1319 -50.89 -7.86 -5.43
CA ASN E 1319 -50.70 -6.47 -5.85
C ASN E 1319 -51.09 -6.23 -7.30
N ASN E 1320 -51.02 -7.26 -8.14
CA ASN E 1320 -51.44 -7.18 -9.53
C ASN E 1320 -52.77 -7.90 -9.71
N LEU E 1321 -53.41 -7.65 -10.86
CA LEU E 1321 -54.70 -8.24 -11.17
C LEU E 1321 -54.59 -9.76 -11.24
N LYS E 1322 -55.24 -10.45 -10.31
CA LYS E 1322 -55.12 -11.90 -10.25
C LYS E 1322 -55.79 -12.55 -11.46
N PRO E 1323 -55.20 -13.61 -12.01
CA PRO E 1323 -55.86 -14.31 -13.12
C PRO E 1323 -57.15 -15.01 -12.73
N VAL E 1324 -57.39 -15.22 -11.44
CA VAL E 1324 -58.55 -15.99 -11.00
C VAL E 1324 -59.85 -15.22 -11.26
N LEU E 1325 -59.85 -13.92 -11.01
CA LEU E 1325 -61.08 -13.15 -11.18
C LEU E 1325 -60.72 -11.67 -11.30
N LYS E 1326 -61.16 -11.05 -12.39
CA LYS E 1326 -61.10 -9.60 -12.59
C LYS E 1326 -62.53 -9.11 -12.62
N HIS E 1327 -63.08 -8.83 -11.44
CA HIS E 1327 -64.51 -8.52 -11.27
C HIS E 1327 -65.36 -9.64 -11.85
N VAL E 1328 -64.90 -10.88 -11.69
CA VAL E 1328 -65.56 -12.06 -12.23
C VAL E 1328 -66.22 -12.80 -11.08
N LYS E 1329 -67.49 -13.16 -11.26
CA LYS E 1329 -68.27 -13.86 -10.25
C LYS E 1329 -68.25 -15.36 -10.53
N ALA E 1330 -69.11 -16.10 -9.84
CA ALA E 1330 -69.26 -17.53 -10.07
C ALA E 1330 -70.69 -17.94 -9.73
N TYR E 1331 -71.07 -19.12 -10.22
CA TYR E 1331 -72.40 -19.70 -10.00
C TYR E 1331 -72.24 -21.01 -9.27
N ILE E 1332 -72.24 -20.96 -7.94
CA ILE E 1332 -72.07 -22.14 -7.10
C ILE E 1332 -73.43 -22.49 -6.54
N LYS E 1333 -74.15 -23.35 -7.25
CA LYS E 1333 -75.48 -23.81 -6.89
C LYS E 1333 -75.40 -24.98 -5.93
N PRO E 1334 -76.49 -25.29 -5.22
CA PRO E 1334 -76.53 -26.51 -4.41
C PRO E 1334 -76.26 -27.73 -5.27
N GLY E 1335 -75.22 -28.47 -4.93
CA GLY E 1335 -74.80 -29.61 -5.71
C GLY E 1335 -74.10 -29.28 -7.00
N GLN E 1336 -73.66 -28.04 -7.19
CA GLN E 1336 -73.02 -27.61 -8.42
C GLN E 1336 -71.58 -28.12 -8.44
N LYS E 1337 -71.43 -29.38 -8.84
CA LYS E 1337 -70.11 -29.97 -9.00
C LYS E 1337 -69.32 -29.16 -10.02
N VAL E 1338 -68.16 -28.65 -9.62
CA VAL E 1338 -67.44 -27.69 -10.43
C VAL E 1338 -66.14 -28.29 -10.95
N GLY E 1339 -65.41 -27.53 -11.76
CA GLY E 1339 -64.15 -28.00 -12.31
C GLY E 1339 -63.22 -26.83 -12.59
N ILE E 1340 -61.98 -27.18 -12.91
CA ILE E 1340 -60.96 -26.21 -13.27
C ILE E 1340 -60.20 -26.74 -14.48
N CYS E 1341 -60.07 -25.91 -15.52
CA CYS E 1341 -59.37 -26.29 -16.73
C CYS E 1341 -58.42 -25.16 -17.12
N GLY E 1342 -57.15 -25.50 -17.32
CA GLY E 1342 -56.15 -24.55 -17.72
C GLY E 1342 -54.86 -24.78 -16.96
N ARG E 1343 -53.90 -23.87 -17.16
CA ARG E 1343 -52.61 -23.96 -16.50
C ARG E 1343 -52.36 -22.79 -15.56
N THR E 1344 -52.44 -21.55 -16.06
CA THR E 1344 -52.12 -20.36 -15.26
C THR E 1344 -53.32 -19.45 -15.06
N GLY E 1345 -54.06 -19.14 -16.12
CA GLY E 1345 -55.25 -18.31 -15.97
C GLY E 1345 -56.30 -18.96 -15.09
N SER E 1346 -56.34 -20.29 -15.07
CA SER E 1346 -57.20 -21.05 -14.17
C SER E 1346 -56.36 -21.64 -13.06
N GLY E 1347 -56.76 -21.40 -11.82
CA GLY E 1347 -56.04 -21.93 -10.69
C GLY E 1347 -56.99 -22.21 -9.54
N LYS E 1348 -56.45 -22.84 -8.50
CA LYS E 1348 -57.19 -23.12 -7.28
C LYS E 1348 -56.87 -22.14 -6.17
N SER E 1349 -56.15 -21.05 -6.46
CA SER E 1349 -55.82 -20.08 -5.43
C SER E 1349 -57.07 -19.41 -4.88
N SER E 1350 -57.90 -18.86 -5.77
CA SER E 1350 -59.12 -18.20 -5.32
C SER E 1350 -60.10 -19.19 -4.72
N LEU E 1351 -60.24 -20.36 -5.33
CA LEU E 1351 -61.19 -21.35 -4.83
C LEU E 1351 -60.85 -21.78 -3.41
N SER E 1352 -59.60 -22.21 -3.19
CA SER E 1352 -59.19 -22.61 -1.85
C SER E 1352 -59.19 -21.44 -0.88
N LEU E 1353 -58.75 -20.26 -1.34
CA LEU E 1353 -58.68 -19.10 -0.45
C LEU E 1353 -60.06 -18.70 0.05
N ALA E 1354 -61.01 -18.53 -0.86
CA ALA E 1354 -62.36 -18.10 -0.50
C ALA E 1354 -63.24 -19.26 -0.06
N PHE E 1355 -62.72 -20.49 -0.05
CA PHE E 1355 -63.48 -21.61 0.49
C PHE E 1355 -63.94 -21.31 1.91
N PHE E 1356 -63.02 -20.86 2.76
CA PHE E 1356 -63.34 -20.44 4.12
C PHE E 1356 -62.77 -19.07 4.42
N ARG E 1357 -62.65 -18.23 3.37
CA ARG E 1357 -62.12 -16.87 3.49
C ARG E 1357 -60.71 -16.88 4.09
N MET E 1358 -59.79 -17.51 3.36
CA MET E 1358 -58.45 -17.74 3.87
C MET E 1358 -57.43 -16.70 3.41
N VAL E 1359 -57.54 -16.19 2.18
CA VAL E 1359 -56.55 -15.27 1.61
C VAL E 1359 -57.29 -14.05 1.08
N ASP E 1360 -57.44 -13.03 1.92
CA ASP E 1360 -57.76 -11.66 1.50
C ASP E 1360 -59.07 -11.59 0.72
N ILE E 1361 -60.16 -11.90 1.41
CA ILE E 1361 -61.50 -11.66 0.87
C ILE E 1361 -61.85 -10.19 1.08
N PHE E 1362 -62.20 -9.50 -0.01
CA PHE E 1362 -62.42 -8.06 0.02
C PHE E 1362 -63.85 -7.65 -0.27
N ASP E 1363 -64.41 -8.06 -1.40
CA ASP E 1363 -65.71 -7.58 -1.86
C ASP E 1363 -66.74 -8.69 -1.70
N GLY E 1364 -67.35 -8.76 -0.53
CA GLY E 1364 -68.41 -9.72 -0.26
C GLY E 1364 -67.87 -11.11 0.03
N LYS E 1365 -68.81 -12.02 0.30
CA LYS E 1365 -68.48 -13.40 0.63
C LYS E 1365 -69.75 -14.23 0.49
N ILE E 1366 -69.68 -15.50 0.92
CA ILE E 1366 -70.79 -16.43 0.77
C ILE E 1366 -71.76 -16.23 1.92
N VAL E 1367 -72.96 -15.74 1.62
CA VAL E 1367 -74.00 -15.56 2.64
C VAL E 1367 -74.83 -16.83 2.63
N ILE E 1368 -74.34 -17.83 3.36
CA ILE E 1368 -75.00 -19.13 3.45
C ILE E 1368 -76.05 -19.07 4.55
N ASP E 1369 -77.27 -19.51 4.24
CA ASP E 1369 -78.40 -19.44 5.16
C ASP E 1369 -78.69 -18.00 5.59
N GLY E 1370 -78.35 -17.04 4.73
CA GLY E 1370 -78.55 -15.63 5.02
C GLY E 1370 -77.42 -14.97 5.78
N ILE E 1371 -76.50 -15.74 6.36
CA ILE E 1371 -75.39 -15.21 7.13
C ILE E 1371 -74.12 -15.40 6.32
N ASP E 1372 -73.27 -14.36 6.29
CA ASP E 1372 -72.06 -14.41 5.50
C ASP E 1372 -71.05 -15.38 6.11
N ILE E 1373 -70.17 -15.91 5.25
CA ILE E 1373 -69.06 -16.72 5.72
C ILE E 1373 -68.07 -15.88 6.52
N SER E 1374 -67.88 -14.62 6.11
CA SER E 1374 -66.86 -13.79 6.73
C SER E 1374 -67.16 -13.46 8.18
N LYS E 1375 -68.44 -13.30 8.53
CA LYS E 1375 -68.80 -12.89 9.90
C LYS E 1375 -68.96 -14.10 10.82
N LEU E 1376 -67.95 -14.97 10.83
CA LEU E 1376 -67.95 -16.16 11.66
C LEU E 1376 -66.59 -16.32 12.32
N PRO E 1377 -66.55 -16.81 13.56
CA PRO E 1377 -65.26 -17.05 14.21
C PRO E 1377 -64.41 -18.01 13.40
N LEU E 1378 -63.10 -17.75 13.38
CA LEU E 1378 -62.19 -18.53 12.55
C LEU E 1378 -62.26 -20.01 12.87
N HIS E 1379 -62.47 -20.36 14.14
CA HIS E 1379 -62.44 -21.76 14.55
C HIS E 1379 -63.52 -22.56 13.85
N THR E 1380 -64.79 -22.22 14.08
CA THR E 1380 -65.89 -22.98 13.50
C THR E 1380 -65.82 -22.98 11.99
N LEU E 1381 -65.53 -21.82 11.38
CA LEU E 1381 -65.47 -21.74 9.92
C LEU E 1381 -64.39 -22.65 9.36
N ARG E 1382 -63.22 -22.69 10.00
CA ARG E 1382 -62.18 -23.60 9.57
C ARG E 1382 -62.52 -25.05 9.88
N SER E 1383 -63.45 -25.29 10.79
CA SER E 1383 -63.89 -26.64 11.13
C SER E 1383 -65.23 -26.99 10.51
N ARG E 1384 -65.72 -26.19 9.56
CA ARG E 1384 -66.99 -26.42 8.88
C ARG E 1384 -66.84 -26.29 7.38
N LEU E 1385 -65.80 -26.90 6.84
CA LEU E 1385 -65.51 -26.88 5.41
C LEU E 1385 -64.59 -28.06 5.11
N SER E 1386 -63.96 -28.04 3.94
CA SER E 1386 -62.98 -29.07 3.60
C SER E 1386 -62.10 -28.57 2.47
N ILE E 1387 -61.02 -29.32 2.22
CA ILE E 1387 -60.09 -29.04 1.14
C ILE E 1387 -59.26 -30.28 0.93
N ILE E 1388 -58.63 -30.39 -0.23
CA ILE E 1388 -57.74 -31.51 -0.53
C ILE E 1388 -56.31 -31.00 -0.66
N LEU E 1389 -55.37 -31.89 -0.44
CA LEU E 1389 -53.97 -31.53 -0.29
C LEU E 1389 -53.22 -31.45 -1.62
N GLN E 1390 -53.45 -32.43 -2.50
CA GLN E 1390 -52.70 -32.61 -3.74
C GLN E 1390 -51.25 -33.00 -3.50
N ASP E 1391 -50.92 -33.44 -2.27
CA ASP E 1391 -49.60 -33.87 -1.89
C ASP E 1391 -49.70 -34.67 -0.61
N PRO E 1392 -48.99 -35.80 -0.49
CA PRO E 1392 -49.07 -36.62 0.74
C PRO E 1392 -48.48 -35.89 1.92
N ILE E 1393 -49.28 -35.68 2.95
CA ILE E 1393 -48.86 -35.02 4.18
C ILE E 1393 -49.07 -36.01 5.32
N LEU E 1394 -47.98 -36.59 5.81
CA LEU E 1394 -48.03 -37.52 6.92
C LEU E 1394 -47.68 -36.83 8.22
N PHE E 1395 -47.78 -37.59 9.31
CA PHE E 1395 -47.50 -37.06 10.64
C PHE E 1395 -46.83 -38.15 11.48
N SER E 1396 -46.50 -37.79 12.71
CA SER E 1396 -45.98 -38.73 13.69
C SER E 1396 -47.05 -39.06 14.71
N GLY E 1397 -46.89 -40.22 15.34
CA GLY E 1397 -47.87 -40.73 16.28
C GLY E 1397 -48.78 -41.76 15.64
N SER E 1398 -49.50 -42.47 16.52
CA SER E 1398 -50.37 -43.55 16.07
C SER E 1398 -51.49 -43.00 15.19
N ILE E 1399 -51.90 -43.81 14.21
CA ILE E 1399 -52.99 -43.42 13.31
C ILE E 1399 -54.33 -43.35 14.01
N ARG E 1400 -54.40 -43.75 15.28
CA ARG E 1400 -55.68 -43.73 16.00
C ARG E 1400 -56.22 -42.32 16.13
N PHE E 1401 -55.35 -41.35 16.42
CA PHE E 1401 -55.80 -39.98 16.70
C PHE E 1401 -55.73 -39.06 15.49
N ASN E 1402 -55.16 -39.51 14.37
CA ASN E 1402 -54.95 -38.60 13.25
C ASN E 1402 -56.28 -38.07 12.71
N LEU E 1403 -57.27 -38.94 12.55
CA LEU E 1403 -58.56 -38.51 12.01
C LEU E 1403 -59.22 -37.47 12.91
N ASP E 1404 -59.34 -37.79 14.20
CA ASP E 1404 -59.93 -36.87 15.17
C ASP E 1404 -59.68 -37.38 16.58
N PRO E 1405 -59.35 -36.49 17.53
CA PRO E 1405 -59.10 -36.93 18.91
C PRO E 1405 -60.37 -37.08 19.74
N GLU E 1406 -61.56 -36.87 19.16
CA GLU E 1406 -62.82 -37.08 19.89
C GLU E 1406 -63.88 -37.73 19.00
N CYS E 1407 -63.47 -38.48 17.98
CA CYS E 1407 -64.42 -39.16 17.09
C CYS E 1407 -64.85 -40.50 17.69
N LYS E 1408 -65.46 -40.41 18.88
CA LYS E 1408 -65.74 -41.60 19.67
C LYS E 1408 -66.77 -42.50 19.01
N CYS E 1409 -67.82 -41.93 18.42
CA CYS E 1409 -68.89 -42.74 17.84
C CYS E 1409 -68.44 -43.48 16.59
N THR E 1410 -67.87 -42.76 15.62
CA THR E 1410 -67.50 -43.39 14.36
C THR E 1410 -66.30 -44.32 14.51
N ASP E 1411 -65.25 -43.88 15.21
CA ASP E 1411 -64.05 -44.69 15.35
C ASP E 1411 -64.32 -45.98 16.11
N ASP E 1412 -65.09 -45.91 17.20
CA ASP E 1412 -65.45 -47.12 17.92
C ASP E 1412 -66.35 -48.02 17.10
N ARG E 1413 -67.37 -47.43 16.45
CA ARG E 1413 -68.28 -48.23 15.63
C ARG E 1413 -67.57 -48.82 14.42
N LEU E 1414 -66.67 -48.04 13.80
CA LEU E 1414 -65.88 -48.49 12.67
C LEU E 1414 -64.42 -48.50 13.10
N TRP E 1415 -64.00 -49.60 13.73
CA TRP E 1415 -62.64 -49.69 14.26
C TRP E 1415 -61.61 -49.67 13.15
N GLU E 1416 -61.76 -50.56 12.17
CA GLU E 1416 -60.97 -50.53 10.95
C GLU E 1416 -61.80 -50.21 9.72
N ALA E 1417 -63.12 -50.16 9.86
CA ALA E 1417 -63.99 -49.86 8.72
C ALA E 1417 -63.91 -48.40 8.32
N LEU E 1418 -63.73 -47.49 9.28
CA LEU E 1418 -63.68 -46.06 8.95
C LEU E 1418 -62.51 -45.78 8.01
N GLU E 1419 -61.33 -46.31 8.33
CA GLU E 1419 -60.21 -46.24 7.40
C GLU E 1419 -60.48 -47.10 6.16
N ILE E 1420 -61.14 -48.24 6.37
CA ILE E 1420 -61.45 -49.16 5.28
C ILE E 1420 -62.51 -48.61 4.35
N ALA E 1421 -63.39 -47.72 4.85
CA ALA E 1421 -64.53 -47.26 4.04
C ALA E 1421 -64.06 -46.62 2.74
N GLN E 1422 -63.08 -45.72 2.80
CA GLN E 1422 -62.50 -45.18 1.58
C GLN E 1422 -61.64 -46.21 0.87
N LEU E 1423 -60.85 -46.98 1.63
CA LEU E 1423 -60.00 -48.02 1.05
C LEU E 1423 -59.67 -49.00 2.15
N LYS E 1424 -60.02 -50.28 1.93
CA LYS E 1424 -59.86 -51.32 2.93
C LYS E 1424 -58.39 -51.72 3.03
N ASN E 1425 -57.71 -51.25 4.08
CA ASN E 1425 -56.39 -51.74 4.42
C ASN E 1425 -56.56 -52.94 5.35
N MET E 1426 -56.26 -54.13 4.85
CA MET E 1426 -56.59 -55.36 5.59
C MET E 1426 -55.66 -55.56 6.77
N VAL E 1427 -54.36 -55.30 6.60
CA VAL E 1427 -53.42 -55.50 7.70
C VAL E 1427 -53.40 -54.33 8.67
N LYS E 1428 -54.09 -53.24 8.34
CA LYS E 1428 -54.28 -52.17 9.32
C LYS E 1428 -55.20 -52.65 10.44
N SER E 1429 -56.20 -53.46 10.09
CA SER E 1429 -57.08 -54.04 11.09
C SER E 1429 -56.33 -54.95 12.06
N LEU E 1430 -55.29 -55.63 11.59
CA LEU E 1430 -54.46 -56.52 12.41
C LEU E 1430 -52.99 -56.20 12.21
N PRO E 1431 -52.53 -55.03 12.69
CA PRO E 1431 -51.14 -54.62 12.45
C PRO E 1431 -50.19 -55.08 13.54
N GLY E 1432 -48.90 -54.76 13.39
CA GLY E 1432 -47.96 -55.05 14.44
C GLY E 1432 -48.29 -54.33 15.74
N GLY E 1433 -48.71 -53.08 15.63
CA GLY E 1433 -49.15 -52.31 16.78
C GLY E 1433 -50.52 -51.69 16.52
N LEU E 1434 -51.42 -51.79 17.50
CA LEU E 1434 -52.81 -51.37 17.32
C LEU E 1434 -52.88 -49.91 16.87
N ASP E 1435 -53.29 -49.71 15.63
CA ASP E 1435 -53.35 -48.38 15.01
C ASP E 1435 -52.02 -47.66 15.06
N ALA E 1436 -50.92 -48.40 14.96
CA ALA E 1436 -49.61 -47.77 14.89
C ALA E 1436 -49.40 -47.13 13.52
N THR E 1437 -48.58 -46.09 13.49
CA THR E 1437 -48.30 -45.38 12.25
C THR E 1437 -46.80 -45.12 12.12
N VAL E 1438 -46.34 -45.09 10.87
CA VAL E 1438 -44.94 -44.82 10.56
C VAL E 1438 -44.80 -43.30 10.43
N THR E 1439 -44.05 -42.70 11.35
CA THR E 1439 -43.90 -41.25 11.37
C THR E 1439 -43.21 -40.75 10.11
N GLU E 1440 -43.83 -39.76 9.46
CA GLU E 1440 -43.23 -39.03 8.34
C GLU E 1440 -42.73 -39.97 7.25
N GLY E 1441 -43.56 -40.94 6.90
CA GLY E 1441 -43.16 -41.88 5.86
C GLY E 1441 -44.33 -42.70 5.38
N GLY E 1442 -44.01 -43.78 4.66
CA GLY E 1442 -45.01 -44.67 4.13
C GLY E 1442 -46.00 -43.99 3.20
N GLU E 1443 -45.48 -43.19 2.26
CA GLU E 1443 -46.32 -42.33 1.43
C GLU E 1443 -47.08 -43.10 0.34
N ASN E 1444 -46.63 -44.29 -0.04
CA ASN E 1444 -47.24 -45.03 -1.14
C ASN E 1444 -48.74 -45.25 -0.91
N PHE E 1445 -49.09 -46.04 0.11
CA PHE E 1445 -50.49 -46.18 0.47
C PHE E 1445 -51.03 -44.92 1.14
N SER E 1446 -50.15 -44.05 1.64
CA SER E 1446 -50.62 -42.79 2.22
C SER E 1446 -51.26 -41.89 1.17
N VAL E 1447 -50.98 -42.12 -0.11
CA VAL E 1447 -51.69 -41.38 -1.15
C VAL E 1447 -53.19 -41.57 -1.00
N GLY E 1448 -53.63 -42.83 -0.82
CA GLY E 1448 -55.03 -43.09 -0.57
C GLY E 1448 -55.44 -42.83 0.86
N GLN E 1449 -54.51 -42.97 1.81
CA GLN E 1449 -54.83 -42.67 3.20
C GLN E 1449 -55.16 -41.20 3.38
N ARG E 1450 -54.63 -40.33 2.53
CA ARG E 1450 -55.01 -38.92 2.57
C ARG E 1450 -56.51 -38.76 2.30
N GLN E 1451 -56.99 -39.39 1.22
CA GLN E 1451 -58.42 -39.35 0.91
C GLN E 1451 -59.23 -39.97 2.04
N LEU E 1452 -58.76 -41.11 2.58
CA LEU E 1452 -59.50 -41.77 3.65
C LEU E 1452 -59.62 -40.88 4.88
N PHE E 1453 -58.51 -40.23 5.26
CA PHE E 1453 -58.51 -39.39 6.45
C PHE E 1453 -59.36 -38.14 6.27
N CYS E 1454 -59.26 -37.51 5.09
CA CYS E 1454 -60.10 -36.34 4.82
C CYS E 1454 -61.57 -36.72 4.83
N LEU E 1455 -61.92 -37.85 4.22
CA LEU E 1455 -63.30 -38.31 4.22
C LEU E 1455 -63.78 -38.60 5.64
N ALA E 1456 -62.96 -39.25 6.44
CA ALA E 1456 -63.35 -39.55 7.82
C ALA E 1456 -63.58 -38.27 8.61
N ARG E 1457 -62.64 -37.33 8.49
CA ARG E 1457 -62.74 -36.08 9.27
C ARG E 1457 -63.97 -35.28 8.86
N ALA E 1458 -64.27 -35.22 7.57
CA ALA E 1458 -65.43 -34.45 7.13
C ALA E 1458 -66.74 -35.24 7.20
N PHE E 1459 -66.67 -36.55 7.45
CA PHE E 1459 -67.87 -37.36 7.56
C PHE E 1459 -68.35 -37.51 8.99
N VAL E 1460 -67.43 -37.68 9.94
CA VAL E 1460 -67.82 -37.68 11.35
C VAL E 1460 -68.47 -36.35 11.71
N ARG E 1461 -67.92 -35.25 11.21
CA ARG E 1461 -68.52 -33.94 11.38
C ARG E 1461 -69.73 -33.71 10.49
N LYS E 1462 -69.96 -34.58 9.49
CA LYS E 1462 -71.08 -34.46 8.57
C LYS E 1462 -71.08 -33.11 7.85
N SER E 1463 -69.92 -32.75 7.29
CA SER E 1463 -69.77 -31.49 6.56
C SER E 1463 -70.06 -31.67 5.07
N SER E 1464 -69.29 -32.52 4.41
CA SER E 1464 -69.46 -32.96 3.02
C SER E 1464 -69.20 -31.87 2.00
N ILE E 1465 -68.89 -30.64 2.41
CA ILE E 1465 -68.63 -29.54 1.49
C ILE E 1465 -67.12 -29.35 1.38
N LEU E 1466 -66.57 -29.59 0.20
CA LEU E 1466 -65.13 -29.60 0.00
C LEU E 1466 -64.77 -28.85 -1.29
N ILE E 1467 -63.47 -28.66 -1.49
CA ILE E 1467 -62.94 -28.19 -2.77
C ILE E 1467 -61.65 -28.94 -3.07
N MET E 1468 -61.73 -30.00 -3.87
CA MET E 1468 -60.57 -30.84 -4.13
C MET E 1468 -59.61 -30.12 -5.07
N ASP E 1469 -58.50 -30.79 -5.38
CA ASP E 1469 -57.49 -30.21 -6.28
C ASP E 1469 -56.45 -31.24 -6.66
N GLU E 1470 -56.03 -31.19 -7.92
CA GLU E 1470 -54.75 -31.69 -8.42
C GLU E 1470 -54.43 -33.10 -7.91
N ALA E 1471 -55.24 -34.06 -8.38
CA ALA E 1471 -54.91 -35.46 -8.16
C ALA E 1471 -53.57 -35.79 -8.79
N THR E 1472 -52.63 -36.26 -7.97
CA THR E 1472 -51.24 -36.40 -8.42
C THR E 1472 -51.04 -37.59 -9.35
N ALA E 1473 -51.64 -38.74 -9.03
CA ALA E 1473 -51.36 -39.98 -9.75
C ALA E 1473 -52.49 -40.41 -10.68
N SER E 1474 -53.72 -40.48 -10.18
CA SER E 1474 -54.87 -40.91 -10.98
C SER E 1474 -54.68 -42.32 -11.55
N ILE E 1475 -53.98 -43.17 -10.82
CA ILE E 1475 -53.71 -44.55 -11.24
C ILE E 1475 -54.99 -45.38 -11.15
N ASP E 1476 -54.95 -46.61 -11.66
CA ASP E 1476 -56.12 -47.47 -11.64
C ASP E 1476 -56.59 -47.75 -10.21
N MET E 1477 -55.65 -48.01 -9.30
CA MET E 1477 -56.02 -48.14 -7.89
C MET E 1477 -56.61 -46.83 -7.38
N ALA E 1478 -56.04 -45.70 -7.77
CA ALA E 1478 -56.64 -44.41 -7.44
C ALA E 1478 -58.01 -44.27 -8.07
N THR E 1479 -58.22 -44.81 -9.27
CA THR E 1479 -59.55 -44.77 -9.87
C THR E 1479 -60.56 -45.55 -9.05
N GLU E 1480 -60.18 -46.73 -8.57
CA GLU E 1480 -61.08 -47.51 -7.72
C GLU E 1480 -61.37 -46.77 -6.42
N ASN E 1481 -60.34 -46.13 -5.85
CA ASN E 1481 -60.55 -45.34 -4.64
C ASN E 1481 -61.49 -44.17 -4.91
N ILE E 1482 -61.37 -43.53 -6.07
CA ILE E 1482 -62.25 -42.44 -6.44
C ILE E 1482 -63.68 -42.93 -6.57
N LEU E 1483 -63.86 -44.11 -7.15
CA LEU E 1483 -65.20 -44.69 -7.27
C LEU E 1483 -65.80 -44.95 -5.89
N GLN E 1484 -64.99 -45.49 -4.97
CA GLN E 1484 -65.45 -45.70 -3.60
C GLN E 1484 -65.79 -44.38 -2.92
N LYS E 1485 -64.98 -43.35 -3.15
CA LYS E 1485 -65.26 -42.03 -2.58
C LYS E 1485 -66.58 -41.48 -3.12
N VAL E 1486 -66.79 -41.59 -4.43
CA VAL E 1486 -68.05 -41.14 -5.02
C VAL E 1486 -69.21 -41.90 -4.40
N VAL E 1487 -69.02 -43.20 -4.15
CA VAL E 1487 -70.02 -43.96 -3.40
C VAL E 1487 -70.21 -43.38 -2.01
N MET E 1488 -69.17 -42.76 -1.45
CA MET E 1488 -69.22 -42.26 -0.07
C MET E 1488 -69.23 -40.75 0.01
N THR E 1489 -68.23 -40.07 -0.57
CA THR E 1489 -68.09 -38.63 -0.38
C THR E 1489 -68.94 -37.85 -1.37
N ALA E 1490 -68.86 -38.19 -2.65
CA ALA E 1490 -69.62 -37.53 -3.70
C ALA E 1490 -71.03 -38.07 -3.85
N PHE E 1491 -71.40 -39.08 -3.06
CA PHE E 1491 -72.79 -39.55 -3.07
C PHE E 1491 -73.72 -38.44 -2.59
N ALA E 1492 -73.29 -37.65 -1.62
CA ALA E 1492 -74.03 -36.46 -1.23
C ALA E 1492 -74.00 -35.43 -2.34
N ASP E 1493 -75.03 -34.57 -2.37
CA ASP E 1493 -75.13 -33.57 -3.43
C ASP E 1493 -73.97 -32.59 -3.37
N ARG E 1494 -73.60 -32.15 -2.18
CA ARG E 1494 -72.55 -31.15 -2.01
C ARG E 1494 -71.22 -31.73 -2.48
N THR E 1495 -70.70 -31.21 -3.58
CA THR E 1495 -69.50 -31.72 -4.21
C THR E 1495 -68.44 -30.62 -4.31
N VAL E 1496 -67.23 -31.03 -4.66
CA VAL E 1496 -66.07 -30.16 -4.60
C VAL E 1496 -65.84 -29.50 -5.95
N VAL E 1497 -65.10 -28.39 -5.93
CA VAL E 1497 -64.68 -27.71 -7.17
C VAL E 1497 -63.36 -28.36 -7.56
N THR E 1498 -63.47 -29.50 -8.25
CA THR E 1498 -62.30 -30.31 -8.52
C THR E 1498 -61.36 -29.63 -9.52
N ILE E 1499 -60.06 -29.77 -9.28
CA ILE E 1499 -59.02 -29.31 -10.19
C ILE E 1499 -58.01 -30.44 -10.34
N ALA E 1500 -57.32 -30.46 -11.47
CA ALA E 1500 -56.32 -31.48 -11.74
C ALA E 1500 -55.49 -31.06 -12.95
N HIS E 1501 -54.30 -31.64 -13.06
CA HIS E 1501 -53.48 -31.40 -14.23
C HIS E 1501 -54.14 -31.97 -15.48
N ARG E 1502 -54.72 -33.16 -15.38
CA ARG E 1502 -55.50 -33.76 -16.45
C ARG E 1502 -56.98 -33.48 -16.23
N VAL E 1503 -57.67 -33.14 -17.30
CA VAL E 1503 -59.05 -32.65 -17.19
C VAL E 1503 -59.99 -33.84 -16.99
N HIS E 1504 -60.25 -34.18 -15.72
CA HIS E 1504 -61.22 -35.22 -15.38
C HIS E 1504 -62.32 -34.70 -14.46
N THR E 1505 -62.57 -33.39 -14.49
CA THR E 1505 -63.67 -32.78 -13.76
C THR E 1505 -64.94 -32.69 -14.59
N ILE E 1506 -64.88 -33.11 -15.86
CA ILE E 1506 -66.03 -32.98 -16.76
C ILE E 1506 -66.89 -34.23 -16.76
N LEU E 1507 -66.55 -35.26 -15.98
CA LEU E 1507 -67.40 -36.44 -15.90
C LEU E 1507 -68.77 -36.08 -15.32
N THR E 1508 -68.79 -35.22 -14.30
CA THR E 1508 -70.04 -34.73 -13.73
C THR E 1508 -69.94 -33.23 -13.45
N ALA E 1509 -69.40 -32.48 -14.41
CA ALA E 1509 -69.31 -31.02 -14.25
C ALA E 1509 -70.69 -30.39 -14.30
N ASP E 1510 -70.91 -29.39 -13.46
CA ASP E 1510 -72.20 -28.71 -13.50
C ASP E 1510 -72.12 -27.19 -13.60
N LEU E 1511 -71.20 -26.56 -12.88
CA LEU E 1511 -71.14 -25.09 -12.85
C LEU E 1511 -69.72 -24.68 -12.44
N VAL E 1512 -68.92 -24.26 -13.42
CA VAL E 1512 -67.54 -23.86 -13.21
C VAL E 1512 -67.24 -22.64 -14.07
N ILE E 1513 -65.98 -22.21 -14.05
CA ILE E 1513 -65.52 -21.05 -14.81
C ILE E 1513 -64.41 -21.49 -15.76
N VAL E 1514 -64.54 -21.12 -17.02
CA VAL E 1514 -63.52 -21.37 -18.04
C VAL E 1514 -62.50 -20.24 -17.97
N MET E 1515 -61.26 -20.56 -17.62
CA MET E 1515 -60.23 -19.58 -17.31
C MET E 1515 -58.91 -19.93 -17.99
N LYS E 1516 -58.96 -20.14 -19.31
CA LYS E 1516 -57.76 -20.50 -20.05
C LYS E 1516 -56.61 -19.53 -19.78
N ARG E 1517 -56.90 -18.23 -19.79
CA ARG E 1517 -55.88 -17.23 -19.50
C ARG E 1517 -56.55 -15.91 -19.13
N GLY E 1518 -55.88 -15.13 -18.30
CA GLY E 1518 -56.32 -13.78 -17.98
C GLY E 1518 -57.41 -13.67 -16.93
N ASN E 1519 -58.62 -14.13 -17.27
CA ASN E 1519 -59.76 -14.07 -16.39
C ASN E 1519 -60.48 -15.41 -16.41
N ILE E 1520 -61.55 -15.52 -15.62
CA ILE E 1520 -62.34 -16.74 -15.52
C ILE E 1520 -63.76 -16.42 -15.96
N LEU E 1521 -64.26 -17.16 -16.95
CA LEU E 1521 -65.62 -17.02 -17.45
C LEU E 1521 -66.48 -18.16 -16.92
N GLU E 1522 -67.48 -17.82 -16.10
CA GLU E 1522 -68.33 -18.82 -15.46
C GLU E 1522 -69.29 -19.40 -16.51
N TYR E 1523 -68.75 -20.32 -17.30
CA TYR E 1523 -69.51 -20.90 -18.42
C TYR E 1523 -69.51 -22.41 -18.47
N ASP E 1524 -68.67 -23.10 -17.71
CA ASP E 1524 -68.65 -24.56 -17.75
C ASP E 1524 -69.99 -25.13 -17.29
N THR E 1525 -70.39 -26.22 -17.91
CA THR E 1525 -71.72 -26.78 -17.77
C THR E 1525 -71.71 -28.23 -18.24
N PRO E 1526 -72.87 -28.91 -18.27
CA PRO E 1526 -72.93 -30.30 -18.75
C PRO E 1526 -72.17 -30.53 -20.06
N GLU E 1527 -71.88 -31.80 -20.34
CA GLU E 1527 -70.89 -32.21 -21.34
C GLU E 1527 -70.90 -31.37 -22.62
N SER E 1528 -72.06 -31.32 -23.30
CA SER E 1528 -72.12 -30.58 -24.55
C SER E 1528 -71.87 -29.10 -24.35
N LEU E 1529 -72.47 -28.52 -23.30
CA LEU E 1529 -72.29 -27.10 -23.03
C LEU E 1529 -70.85 -26.79 -22.62
N LEU E 1530 -70.23 -27.69 -21.85
CA LEU E 1530 -68.82 -27.51 -21.51
C LEU E 1530 -67.95 -27.55 -22.76
N ALA E 1531 -68.20 -28.51 -23.64
CA ALA E 1531 -67.41 -28.62 -24.87
C ALA E 1531 -67.58 -27.38 -25.74
N GLN E 1532 -68.81 -26.86 -25.84
CA GLN E 1532 -69.04 -25.65 -26.63
C GLN E 1532 -68.35 -24.45 -26.01
N GLU E 1533 -68.57 -24.21 -24.72
CA GLU E 1533 -68.02 -23.03 -24.07
C GLU E 1533 -66.51 -23.14 -23.91
N ASP E 1534 -66.03 -24.28 -23.43
CA ASP E 1534 -64.63 -24.49 -23.09
C ASP E 1534 -63.94 -25.42 -24.07
N GLY E 1535 -64.23 -25.25 -25.37
CA GLY E 1535 -63.60 -26.07 -26.39
C GLY E 1535 -62.09 -25.91 -26.44
N VAL E 1536 -61.60 -24.70 -26.17
CA VAL E 1536 -60.16 -24.46 -26.17
C VAL E 1536 -59.50 -25.23 -25.03
N PHE E 1537 -60.06 -25.12 -23.82
CA PHE E 1537 -59.45 -25.79 -22.67
C PHE E 1537 -59.57 -27.30 -22.75
N ALA E 1538 -60.69 -27.79 -23.28
CA ALA E 1538 -60.86 -29.23 -23.46
C ALA E 1538 -60.07 -29.79 -24.63
N SER E 1539 -59.73 -28.94 -25.61
CA SER E 1539 -58.96 -29.34 -26.79
C SER E 1539 -57.47 -29.07 -26.65
N PHE E 1540 -57.04 -28.40 -25.57
CA PHE E 1540 -55.61 -28.27 -25.32
C PHE E 1540 -54.96 -29.61 -24.99
N VAL E 1541 -55.65 -30.43 -24.20
CA VAL E 1541 -55.14 -31.74 -23.83
C VAL E 1541 -56.24 -32.78 -23.96
C1 NAG F . 35.55 17.75 50.75
C2 NAG F . 34.86 17.13 51.92
C3 NAG F . 35.81 16.58 52.88
C4 NAG F . 36.50 15.42 52.26
C5 NAG F . 37.20 15.74 50.91
C6 NAG F . 36.80 14.83 49.92
C7 NAG F . 34.15 19.38 53.22
C8 NAG F . 35.56 20.00 53.34
N2 NAG F . 33.86 18.09 52.58
O3 NAG F . 35.04 16.14 54.06
O4 NAG F . 37.46 14.85 53.15
O5 NAG F . 36.90 17.19 50.48
O6 NAG F . 37.89 14.05 49.54
O7 NAG F . 33.23 19.98 53.68
C1 NAG F . 38.20 15.85 53.88
C2 NAG F . 38.42 15.24 55.24
C3 NAG F . 39.64 15.61 55.96
C4 NAG F . 40.82 15.78 55.09
C5 NAG F . 40.54 16.83 53.99
C6 NAG F . 41.69 17.02 53.20
C7 NAG F . 36.20 14.63 56.46
C8 NAG F . 36.32 13.17 55.96
N2 NAG F . 37.22 15.62 56.11
O3 NAG F . 39.96 14.55 56.94
O4 NAG F . 41.92 16.22 55.88
O5 NAG F . 39.42 16.21 53.13
O6 NAG F . 41.58 18.26 52.56
O7 NAG F . 35.27 14.95 57.12
K K G . 36.19 39.08 17.63
K K H . 23.59 26.20 -12.12
K K I . 37.71 40.25 20.69
PG ATP J . -16.66 20.55 -14.89
O1G ATP J . -15.93 20.87 -13.60
O2G ATP J . -17.24 21.78 -15.55
O3G ATP J . -17.61 19.39 -14.82
PB ATP J . -14.58 18.77 -15.61
O1B ATP J . -13.16 19.23 -15.63
O2B ATP J . -15.02 17.67 -16.54
O3B ATP J . -15.50 20.06 -15.91
PA ATP J . -14.25 17.39 -13.14
O1A ATP J . -14.74 17.66 -11.74
O2A ATP J . -14.37 15.99 -13.70
O3A ATP J . -15.04 18.41 -14.11
O5' ATP J . -12.72 17.87 -13.20
C5' ATP J . -11.71 17.17 -13.94
C4' ATP J . -10.43 17.98 -13.86
O4' ATP J . -10.57 19.22 -14.54
C3' ATP J . -10.07 18.32 -12.42
O3' ATP J . -8.80 17.73 -12.11
C2' ATP J . -9.96 19.82 -12.35
O2' ATP J . -8.73 20.19 -11.73
C1' ATP J . -9.97 20.27 -13.79
N9 ATP J . -10.71 21.53 -13.97
C8 ATP J . -11.81 21.70 -14.71
N7 ATP J . -12.25 22.98 -14.69
C5 ATP J . -11.40 23.67 -13.91
C6 ATP J . -11.27 25.07 -13.46
N6 ATP J . -12.15 26.02 -13.85
N1 ATP J . -10.23 25.37 -12.67
C2 ATP J . -9.34 24.45 -12.27
N3 ATP J . -9.40 23.16 -12.64
C4 ATP J . -10.38 22.71 -13.45
N POV K . 31.19 25.30 40.00
P POV K . 30.60 22.02 36.58
C1 POV K . 28.13 22.46 35.80
C2 POV K . 26.91 21.65 35.38
C3 POV K . 27.27 20.87 34.11
C210 POV K . 19.85 19.12 26.31
C11 POV K . 31.82 23.72 38.18
O11 POV K . 29.07 21.52 36.22
C12 POV K . 31.62 23.91 39.70
O12 POV K . 30.58 23.29 37.64
C13 POV K . 32.37 26.15 39.76
O13 POV K . 31.37 20.88 37.20
C14 POV K . 30.08 25.91 39.24
O14 POV K . 31.27 22.44 35.31
C15 POV K . 30.79 25.33 41.41
C21 POV K . 24.78 22.05 34.39
O21 POV K . 25.87 22.55 35.16
C22 POV K . 24.30 22.85 33.15
O22 POV K . 24.25 21.03 34.71
C23 POV K . 22.83 22.51 32.77
C24 POV K . 22.73 21.21 31.92
C25 POV K . 23.62 21.30 30.66
C26 POV K . 23.09 20.42 29.49
C27 POV K . 21.92 21.12 28.73
C28 POV K . 21.73 20.55 27.29
C29 POV K . 20.25 20.50 26.87
C31 POV K . 26.91 18.82 32.94
O31 POV K . 26.67 19.59 34.12
C32 POV K . 25.74 18.37 32.04
O32 POV K . 28.01 18.50 32.65
C33 POV K . 26.24 18.00 30.61
C34 POV K . 25.11 17.31 29.80
C35 POV K . 25.12 17.65 28.29
C36 POV K . 23.76 17.35 27.63
C37 POV K . 23.86 16.99 26.13
C38 POV K . 22.49 16.60 25.53
C1 PTY L . 46.26 13.17 29.23
C2 PTY L . 48.74 18.64 33.41
C3 PTY L . 47.73 17.58 33.83
O4 PTY L . 45.75 12.55 28.08
C5 PTY L . 45.78 14.77 31.06
C6 PTY L . 45.16 14.01 29.89
O7 PTY L . 44.16 13.17 30.39
C8 PTY L . 43.18 12.82 29.47
O10 PTY L . 43.09 11.69 29.11
C11 PTY L . 42.22 13.88 28.93
C12 PTY L . 40.89 13.26 28.51
C13 PTY L . 39.87 14.31 28.06
C14 PTY L . 40.30 15.01 26.78
C15 PTY L . 39.49 14.53 25.58
C16 PTY L . 38.74 15.68 24.89
C17 PTY L . 38.57 15.43 23.39
C18 PTY L . 39.91 15.47 22.65
C19 PTY L . 39.73 15.31 21.15
C20 PTY L . 41.06 15.31 20.41
C30 PTY L . 46.18 13.11 26.88
C31 PTY L . 45.69 12.53 25.56
O30 PTY L . 46.93 14.03 26.89
C32 PTY L . 44.17 12.61 25.40
C33 PTY L . 43.60 11.36 24.76
C34 PTY L . 42.21 11.59 24.19
C35 PTY L . 42.27 12.17 22.78
P1 PTY L . 47.11 16.98 31.35
O11 PTY L . 46.72 17.52 32.86
O12 PTY L . 47.38 18.18 30.46
O13 PTY L . 48.34 16.11 31.41
O14 PTY L . 45.86 16.12 30.73
N1 PTY L . 49.26 19.31 34.59
N POV M . 63.44 26.05 21.24
P POV M . 60.73 23.79 24.72
C1 POV M . 58.53 22.48 24.01
C2 POV M . 57.00 22.55 24.07
C3 POV M . 56.49 21.45 25.02
C210 POV M . 47.31 19.10 15.67
C11 POV M . 62.61 25.16 23.46
O11 POV M . 59.08 23.68 24.53
C12 POV M . 63.57 24.94 22.24
O12 POV M . 61.47 24.32 23.33
C13 POV M . 63.64 27.31 21.98
O13 POV M . 61.27 22.42 25.06
C14 POV M . 64.32 26.11 20.06
O14 POV M . 61.04 24.74 25.85
C15 POV M . 62.07 25.94 20.72
C21 POV M . 55.30 23.09 22.50
O21 POV M . 56.47 22.35 22.80
C22 POV M . 54.58 22.88 21.14
O22 POV M . 54.87 23.87 23.29
C23 POV M . 53.06 22.57 21.23
C24 POV M . 52.51 21.99 19.89
C25 POV M . 51.21 22.71 19.42
C26 POV M . 50.68 22.17 18.06
C27 POV M . 49.56 21.11 18.22
C28 POV M . 48.93 20.69 16.86
C29 POV M . 48.11 19.38 16.94
C31 POV M . 54.87 19.88 24.24
O31 POV M . 55.13 21.19 24.72
C32 POV M . 54.72 19.62 22.71
O32 POV M . 54.77 18.98 25.01
C33 POV M . 54.48 18.12 22.39
C34 POV M . 54.20 17.90 20.88
C35 POV M . 52.69 17.88 20.57
C36 POV M . 52.34 17.02 19.32
C37 POV M . 50.97 16.30 19.45
C38 POV M . 50.58 15.54 18.18
C P5S N . 7.23 23.49 -2.37
N P5S N . 7.12 25.57 -1.12
O P5S N . 5.98 23.38 -2.34
C1 P5S N . 6.89 28.66 4.35
C2 P5S N . 7.65 27.97 3.22
C3 P5S N . 7.45 26.47 3.39
CA P5S N . 7.95 24.42 -1.39
CB P5S N . 8.28 23.68 -0.11
OG P5S N . 7.12 23.59 0.67
P12 P5S N . 7.17 24.19 2.20
O13 P5S N . 8.37 23.64 2.91
O15 P5S N . 5.94 23.79 2.96
O16 P5S N . 7.26 25.84 2.15
C17 P5S N . 7.52 28.15 6.54
O18 P5S N . 8.71 28.77 6.17
O19 P5S N . 6.82 27.75 5.41
C20 P5S N . 7.83 26.90 7.38
C21 P5S N . 7.44 27.08 8.85
C22 P5S N . 8.01 25.98 9.75
C23 P5S N . 8.75 26.56 10.95
C24 P5S N . 9.91 25.68 11.42
C25 P5S N . 10.99 26.50 12.11
C26 P5S N . 11.62 25.79 13.30
C27 P5S N . 12.85 26.54 13.82
C28 P5S N . 13.48 25.85 15.02
C29 P5S N . 13.30 24.34 14.99
C30 P5S N . 14.22 23.60 15.96
C31 P5S N . 13.65 22.22 16.32
C32 P5S N . 14.24 21.65 17.60
C33 P5S N . 15.74 21.39 17.50
C34 P5S N . 16.22 20.40 18.56
C35 P5S N . 17.74 20.21 18.52
C36 P5S N . 18.17 18.87 19.08
O37 P5S N . 9.00 28.30 3.35
C38 P5S N . 9.48 29.24 2.43
C39 P5S N . 10.84 29.91 2.62
C40 P5S N . 11.09 30.46 4.03
C41 P5S N . 12.38 31.27 4.07
C42 P5S N . 12.79 31.69 5.48
C43 P5S N . 12.71 33.21 5.67
C44 P5S N . 14.07 33.84 5.93
C45 P5S N . 14.02 35.36 5.84
C46 P5S N . 15.05 35.93 4.87
O47 P5S N . 8.83 29.53 1.48
C48 P5S N . 14.48 37.05 3.99
C49 P5S N . 14.53 38.41 4.67
C50 P5S N . 13.18 38.83 5.24
C51 P5S N . 13.32 39.62 6.54
C52 P5S N . 13.30 38.74 7.78
C53 P5S N . 13.54 39.53 9.06
C54 P5S N . 12.61 39.10 10.20
C55 P5S N . 12.89 39.85 11.49
C56 P5S N . 13.22 38.91 12.64
OXT P5S N . 7.89 22.83 -3.22
PG ATP O . 22.43 -12.45 -14.40
O1G ATP O . 22.11 -13.67 -13.57
O2G ATP O . 23.90 -12.22 -14.65
O3G ATP O . 21.68 -11.21 -14.01
PB ATP O . 20.31 -13.13 -16.11
O1B ATP O . 20.10 -14.62 -16.16
O2B ATP O . 19.51 -12.28 -15.15
O3B ATP O . 21.87 -12.83 -15.86
PA ATP O . 19.09 -11.35 -17.86
O1A ATP O . 17.82 -11.66 -17.12
O2A ATP O . 19.04 -11.10 -19.33
O3A ATP O . 20.14 -12.54 -17.60
O5' ATP O . 19.84 -10.13 -17.11
C5' ATP O . 20.17 -8.93 -17.80
C4' ATP O . 20.51 -7.85 -16.79
O4' ATP O . 19.33 -7.40 -16.15
C3' ATP O . 21.43 -8.36 -15.69
O3' ATP O . 22.75 -7.81 -15.87
C2' ATP O . 20.84 -7.84 -14.39
O2' ATP O . 21.73 -6.86 -13.85
C1' ATP O . 19.53 -7.19 -14.76
N9 ATP O . 18.42 -7.82 -14.03
C8 ATP O . 17.76 -8.93 -14.43
N7 ATP O . 16.78 -9.26 -13.56
C5 ATP O . 16.80 -8.35 -12.57
C6 ATP O . 16.04 -8.12 -11.34
N6 ATP O . 15.04 -8.95 -10.97
N1 ATP O . 16.37 -7.06 -10.59
C2 ATP O . 17.36 -6.23 -10.94
N3 ATP O . 18.10 -6.38 -12.04
C4 ATP O . 17.87 -7.41 -12.89
PG ATP P . 46.64 15.11 -41.77
O1G ATP P . 48.06 15.52 -41.46
O2G ATP P . 46.48 14.33 -43.04
O3G ATP P . 45.93 14.52 -40.57
PB ATP P . 46.57 17.75 -42.74
O1B ATP P . 46.99 17.33 -44.12
O2B ATP P . 47.60 18.36 -41.81
O3B ATP P . 45.86 16.49 -42.03
PA ATP P . 44.89 19.75 -41.68
O1A ATP P . 44.94 21.17 -42.19
O2A ATP P . 45.61 19.36 -40.42
O3A ATP P . 45.31 18.74 -42.86
O5' ATP P . 43.35 19.33 -41.50
C5' ATP P . 43.02 18.20 -40.71
C4' ATP P . 42.10 18.58 -39.57
O4' ATP P . 41.94 17.45 -38.72
C3' ATP P . 42.67 19.70 -38.72
O3' ATP P . 41.66 20.66 -38.50
C2' ATP P . 43.03 19.08 -37.39
O2' ATP P . 42.51 19.89 -36.34
C1' ATP P . 42.34 17.74 -37.38
N9 ATP P . 43.28 16.67 -37.00
C8 ATP P . 43.97 15.92 -37.87
N7 ATP P . 44.75 15.02 -37.23
C5 ATP P . 44.56 15.20 -35.92
C6 ATP P . 45.07 14.59 -34.70
N6 ATP P . 45.97 13.58 -34.76
N1 ATP P . 44.63 15.06 -33.51
C2 ATP P . 43.74 16.06 -33.44
N3 ATP P . 43.23 16.68 -34.52
C4 ATP P . 43.59 16.29 -35.76
N POV Q . 60.63 30.58 24.26
P POV Q . 60.52 29.40 20.00
C1 POV Q . 58.90 27.58 19.04
C2 POV Q . 59.22 26.14 18.61
C3 POV Q . 60.01 26.22 17.29
C210 POV Q . 50.15 21.33 12.75
C11 POV Q . 61.16 31.12 21.86
O11 POV Q . 59.72 27.95 20.13
C12 POV Q . 60.68 31.67 23.23
O12 POV Q . 60.10 30.41 21.23
C13 POV Q . 60.43 31.27 25.55
O13 POV Q . 62.00 29.15 20.06
C14 POV Q . 59.60 29.52 24.18
O14 POV Q . 60.21 30.03 18.68
C15 POV Q . 61.95 29.90 24.24
C21 POV Q . 58.15 24.04 18.55
O21 POV Q . 58.04 25.44 18.42
C22 POV Q . 57.63 23.10 17.43
O22 POV Q . 58.65 23.57 19.53
C23 POV Q . 56.34 23.65 16.76
C24 POV Q . 55.20 23.81 17.81
C25 POV Q . 53.82 24.12 17.16
C26 POV Q . 53.47 23.12 16.03
C27 POV Q . 52.29 23.63 15.15
C28 POV Q . 51.98 22.65 13.98
C29 POV Q . 50.53 22.13 14.02
C31 POV Q . 59.85 25.66 14.99
O31 POV Q . 59.28 25.52 16.28
C32 POV Q . 59.14 25.04 13.76
O32 POV Q . 60.87 26.25 14.86
C33 POV Q . 59.19 26.02 12.55
C34 POV Q . 59.04 25.30 11.19
C35 POV Q . 57.90 24.25 11.19
C36 POV Q . 57.37 23.96 9.75
C37 POV Q . 56.42 22.75 9.69
C38 POV Q . 55.29 22.85 10.74
C P5S R . 29.78 9.98 -5.42
N P5S R . 30.80 7.89 -4.73
O P5S R . 30.54 10.90 -5.84
C1 P5S R . 31.63 9.15 2.27
C2 P5S R . 32.66 8.13 1.77
C3 P5S R . 32.20 7.55 0.43
CA P5S R . 30.21 9.12 -4.24
CB P5S R . 31.18 9.88 -3.34
OG P5S R . 31.37 9.14 -2.16
P12 P5S R . 32.63 8.09 -2.09
O13 P5S R . 32.22 6.75 -2.65
O15 P5S R . 33.78 8.63 -2.90
O16 P5S R . 33.14 7.93 -0.53
C17 P5S R . 29.79 9.93 1.01
O18 P5S R . 29.49 9.33 -0.21
O19 P5S R . 31.17 9.92 1.19
C20 P5S R . 29.26 11.37 0.98
C21 P5S R . 28.78 11.83 2.35
C22 P5S R . 28.37 13.30 2.35
C23 P5S R . 29.17 14.12 3.36
C24 P5S R . 28.35 15.29 3.92
C25 P5S R . 29.16 16.12 4.92
C26 P5S R . 28.62 16.02 6.35
C27 P5S R . 27.49 17.02 6.61
C28 P5S R . 27.67 17.75 7.94
C29 P5S R . 26.38 18.43 8.41
C30 P5S R . 25.21 17.47 8.49
C31 P5S R . 24.61 17.43 9.89
C32 P5S R . 25.59 16.88 10.94
C33 P5S R . 25.80 17.85 12.10
C34 P5S R . 25.83 17.17 13.47
C35 P5S R . 27.10 16.36 13.69
C36 P5S R . 27.57 16.38 15.14
O37 P5S R . 32.75 7.06 2.68
C38 P5S R . 33.97 6.38 2.67
C39 P5S R . 35.00 6.65 3.76
C40 P5S R . 36.37 7.00 3.20
C41 P5S R . 36.91 8.31 3.75
C42 P5S R . 35.87 9.43 3.71
C43 P5S R . 36.16 10.53 4.74
C44 P5S R . 37.65 10.79 4.91
C45 P5S R . 37.96 11.76 6.05
C46 P5S R . 39.03 12.77 5.66
O47 P5S R . 34.22 5.58 1.83
C48 P5S R . 39.07 14.00 6.56
C49 P5S R . 37.81 14.20 7.40
C50 P5S R . 38.13 14.80 8.77
C51 P5S R . 37.98 16.32 8.79
C52 P5S R . 38.69 16.94 9.99
C53 P5S R . 40.21 16.83 9.89
C54 P5S R . 40.92 17.72 10.91
C55 P5S R . 42.43 17.54 10.92
C56 P5S R . 43.09 18.16 12.15
OXT P5S R . 28.68 9.76 -5.99
PG ATP S . 9.34 50.86 -36.94
O1G ATP S . 9.17 52.35 -36.89
O2G ATP S . 8.80 50.12 -35.74
O3G ATP S . 10.71 50.41 -37.36
PB ATP S . 8.94 49.84 -39.53
O1B ATP S . 7.76 49.58 -40.43
O2B ATP S . 10.08 50.71 -40.01
O3B ATP S . 8.37 50.39 -38.13
PA ATP S . 10.47 47.47 -39.88
O1A ATP S . 11.58 48.30 -40.45
O2A ATP S . 9.62 46.60 -40.78
O3A ATP S . 9.51 48.42 -39.01
O5' ATP S . 11.04 46.56 -38.69
C5' ATP S . 10.30 46.45 -37.49
C4' ATP S . 11.17 45.75 -36.46
O4' ATP S . 12.50 45.75 -36.96
C3' ATP S . 11.17 46.49 -35.13
O3' ATP S . 10.76 45.57 -34.12
C2' ATP S . 12.62 46.87 -34.89
O2' ATP S . 12.97 46.47 -33.56
C1' ATP S . 13.41 46.07 -35.91
N9 ATP S . 14.53 46.82 -36.50
C8 ATP S . 14.55 47.33 -37.73
N7 ATP S . 15.73 47.94 -37.99
C5 ATP S . 16.48 47.82 -36.89
C6 ATP S . 17.84 48.23 -36.50
N6 ATP S . 18.62 48.92 -37.35
N1 ATP S . 18.26 47.91 -35.27
C2 ATP S . 17.48 47.22 -34.41
N3 ATP S . 16.24 46.81 -34.72
C4 ATP S . 15.69 47.07 -35.92
N POV T . 50.48 61.28 15.34
P POV T . 48.21 61.35 11.12
C1 POV T . 49.79 59.98 9.54
C2 POV T . 49.75 59.85 8.01
C3 POV T . 48.35 60.19 7.51
C210 POV T . 47.62 50.21 0.63
C11 POV T . 49.29 62.18 13.34
O11 POV T . 48.48 60.14 10.03
C12 POV T . 49.16 61.76 14.83
O12 POV T . 49.04 61.05 12.52
C13 POV T . 50.26 60.87 16.73
O13 POV T . 48.71 62.66 10.56
C14 POV T . 51.16 60.15 14.66
O14 POV T . 46.74 61.46 11.43
C15 POV T . 51.40 62.42 15.27
C21 POV T . 50.68 58.41 6.36
O21 POV T . 50.09 58.54 7.65
C22 POV T . 50.13 57.34 5.37
O22 POV T . 51.57 59.11 6.05
C23 POV T . 49.59 56.09 6.11
C24 POV T . 49.25 54.91 5.15
C25 POV T . 48.61 53.72 5.93
C26 POV T . 48.49 52.41 5.11
C27 POV T . 47.85 52.60 3.70
C28 POV T . 47.63 51.24 2.98
C29 POV T . 47.22 51.42 1.50
C31 POV T . 47.16 60.70 5.53
O31 POV T . 48.40 60.34 6.10
C32 POV T . 46.70 60.16 4.15
O32 POV T . 46.45 61.45 6.12
C33 POV T . 45.21 60.46 3.86
C34 POV T . 44.75 59.93 2.48
C35 POV T . 45.56 58.68 2.02
C36 POV T . 45.30 58.30 0.55
C37 POV T . 44.05 57.40 0.39
C38 POV T . 43.89 56.88 -1.06
C P5S U . 40.39 29.21 -19.90
N P5S U . 40.98 29.58 -17.55
O P5S U . 39.33 28.89 -20.51
C1 P5S U . 44.18 29.75 -14.14
C2 P5S U . 44.76 31.18 -14.18
C3 P5S U . 44.63 31.74 -15.59
CA P5S U . 40.34 30.17 -18.71
CB P5S U . 41.02 31.49 -19.06
OG P5S U . 42.33 31.41 -18.59
P12 P5S U . 42.70 32.28 -17.26
O13 P5S U . 43.63 33.42 -17.63
O15 P5S U . 41.41 32.84 -16.68
O16 P5S U . 43.42 31.32 -16.13
C17 P5S U . 43.41 28.58 -12.27
O18 P5S U . 42.22 27.84 -12.23
O19 P5S U . 43.25 29.68 -13.10
C20 P5S U . 43.75 29.03 -10.85
C21 P5S U . 42.77 30.07 -10.31
C22 P5S U . 42.24 29.74 -8.92
C23 P5S U . 43.12 30.28 -7.79
C24 P5S U . 42.68 29.81 -6.41
C25 P5S U . 43.44 28.59 -5.91
C26 P5S U . 42.99 27.29 -6.59
C27 P5S U . 43.57 26.04 -5.93
C28 P5S U . 42.53 25.32 -5.08
C29 P5S U . 42.53 25.77 -3.63
C30 P5S U . 43.10 24.68 -2.73
C31 P5S U . 44.63 24.73 -2.67
C32 P5S U . 45.15 25.88 -1.82
C33 P5S U . 46.46 25.54 -1.15
C34 P5S U . 47.06 26.73 -0.40
C35 P5S U . 48.33 26.35 0.37
C36 P5S U . 49.31 27.51 0.46
O37 P5S U . 46.10 31.15 -13.83
C38 P5S U . 46.35 31.66 -12.55
C39 P5S U . 47.73 32.20 -12.19
C40 P5S U . 47.80 32.70 -10.75
C41 P5S U . 49.08 33.48 -10.47
C42 P5S U . 48.90 34.54 -9.38
C43 P5S U . 48.09 34.03 -8.20
C44 P5S U . 47.85 35.12 -7.15
C45 P5S U . 46.74 36.09 -7.56
C46 P5S U . 45.93 36.59 -6.37
O47 P5S U . 45.50 31.66 -11.74
C48 P5S U . 46.75 37.53 -5.48
C49 P5S U . 45.96 38.04 -4.27
C50 P5S U . 46.77 38.01 -2.98
C51 P5S U . 47.67 39.22 -2.80
C52 P5S U . 47.03 40.53 -3.25
C53 P5S U . 47.16 41.65 -2.21
C54 P5S U . 48.61 41.87 -1.77
C55 P5S U . 48.77 43.18 -1.00
C56 P5S U . 50.06 43.20 -0.17
OXT P5S U . 41.49 28.75 -20.29
N POV V . 21.50 61.23 22.71
P POV V . 21.34 57.81 19.37
C1 POV V . 21.69 55.38 18.35
C2 POV V . 21.10 55.14 16.95
C3 POV V . 20.40 53.77 16.93
C210 POV V . 23.12 54.34 5.96
C11 POV V . 21.78 58.97 21.70
O11 POV V . 20.82 56.26 19.05
C12 POV V . 21.03 59.82 22.76
O12 POV V . 20.84 58.30 20.87
C13 POV V . 22.92 61.23 23.10
O13 POV V . 22.84 57.84 19.31
C14 POV V . 21.44 61.98 21.42
O14 POV V . 20.76 58.74 18.32
C15 POV V . 20.69 61.99 23.69
C21 POV V . 21.82 55.90 14.84
O21 POV V . 22.12 55.15 16.00
C22 POV V . 21.31 55.19 13.54
O22 POV V . 21.96 57.07 14.85
C23 POV V . 21.98 55.76 12.26
C24 POV V . 21.02 55.72 11.03
C25 POV V . 20.73 54.26 10.57
C26 POV V . 19.64 54.20 9.47
C27 POV V . 20.20 54.45 8.05
C28 POV V . 21.43 53.56 7.75
C29 POV V . 22.69 54.40 7.45
C31 POV V . 18.39 53.03 15.91
O31 POV V . 19.62 53.72 15.75
C32 POV V . 17.36 52.99 14.75
O32 POV V . 18.15 52.47 16.93
C33 POV V . 18.03 53.14 13.36
C34 POV V . 17.01 53.05 12.18
C35 POV V . 15.53 53.20 12.65
C36 POV V . 14.73 54.20 11.79
C37 POV V . 13.20 53.91 11.79
C38 POV V . 12.40 55.02 11.08
N POV W . 54.45 61.26 10.03
P POV W . 55.41 56.92 11.05
C1 POV W . 54.11 55.72 9.07
C2 POV W . 54.43 54.53 8.17
C3 POV W . 55.80 54.76 7.51
C210 POV W . 49.65 46.89 -0.64
C11 POV W . 55.20 59.47 11.74
O11 POV W . 55.33 56.28 9.51
C12 POV W . 55.42 60.89 11.11
O12 POV W . 55.92 58.50 10.99
C13 POV W . 53.74 62.48 10.48
O13 POV W . 54.05 56.85 11.69
C14 POV W . 55.00 61.56 8.67
O14 POV W . 56.38 56.10 11.87
C15 POV W . 53.48 60.16 9.81
C21 POV W . 52.37 53.58 7.52
O21 POV W . 53.47 54.39 7.16
C22 POV W . 52.51 52.03 7.57
O22 POV W . 51.32 54.07 7.74
C23 POV W . 51.33 51.31 6.87
C24 POV W . 51.82 50.24 5.85
C25 POV W . 50.65 49.60 5.06
C26 POV W . 51.14 48.66 3.93
C27 POV W . 50.07 48.46 2.82
C28 POV W . 50.55 47.51 1.70
C29 POV W . 49.37 46.93 0.88
C31 POV W . 56.17 53.85 5.34
O31 POV W . 56.13 53.62 6.74
C32 POV W . 57.49 54.33 4.68
O32 POV W . 55.21 53.66 4.68
C33 POV W . 57.85 53.53 3.40
C34 POV W . 58.93 52.44 3.68
C35 POV W . 60.27 52.74 2.95
C36 POV W . 61.51 52.36 3.80
C37 POV W . 61.25 51.17 4.74
C38 POV W . 62.54 50.67 5.45
K K X . 33.93 36.91 12.76
C P5S Y . 18.12 43.96 -15.77
N P5S Y . 18.23 42.25 -14.05
O P5S Y . 17.49 44.91 -16.31
C1 P5S Y . 21.54 47.34 -12.42
C2 P5S Y . 20.91 48.21 -11.33
C3 P5S Y . 19.42 48.39 -11.60
CA P5S Y . 17.90 43.64 -14.29
CB P5S Y . 18.74 44.56 -13.42
OG P5S Y . 17.91 45.18 -12.47
P12 P5S Y . 17.64 46.79 -12.63
O13 P5S Y . 16.85 47.03 -13.90
O15 P5S Y . 16.85 47.30 -11.45
O16 P5S Y . 19.07 47.58 -12.69
C17 P5S Y . 23.49 46.63 -11.34
O18 P5S Y . 24.42 46.48 -12.36
O19 P5S Y . 22.22 46.28 -11.81
C20 P5S Y . 23.87 45.69 -10.19
C21 P5S Y . 25.32 45.86 -9.75
C22 P5S Y . 25.46 46.24 -8.29
C23 P5S Y . 26.83 45.87 -7.71
C24 P5S Y . 26.88 45.96 -6.19
C25 P5S Y . 28.17 45.34 -5.64
C26 P5S Y . 29.42 45.79 -6.39
C27 P5S Y . 30.59 44.83 -6.20
C28 P5S Y . 31.94 45.53 -6.29
C29 P5S Y . 31.92 46.92 -5.63
C30 P5S Y . 33.20 47.71 -5.84
C31 P5S Y . 33.75 48.26 -4.53
C32 P5S Y . 34.32 49.68 -4.68
C33 P5S Y . 34.92 50.21 -3.39
C34 P5S Y . 34.20 51.45 -2.86
C35 P5S Y . 32.68 51.30 -2.91
C36 P5S Y . 32.01 51.86 -1.66
O37 P5S Y . 21.52 49.46 -11.32
C38 P5S Y . 21.94 49.89 -10.06
C39 P5S Y . 20.94 50.48 -9.07
C40 P5S Y . 21.27 51.93 -8.72
C41 P5S Y . 20.11 52.62 -8.01
C42 P5S Y . 19.73 51.92 -6.71
C43 P5S Y . 19.00 52.86 -5.75
C44 P5S Y . 19.64 52.86 -4.36
C45 P5S Y . 20.08 51.47 -3.89
C46 P5S Y . 19.46 51.08 -2.56
O47 P5S Y . 23.09 49.79 -9.76
C48 P5S Y . 20.34 51.44 -1.35
C49 P5S Y . 21.82 51.19 -1.62
C50 P5S Y . 22.31 49.86 -1.03
C51 P5S Y . 23.82 49.83 -0.83
C52 P5S Y . 24.58 49.61 -2.14
C53 P5S Y . 26.08 49.46 -1.92
C54 P5S Y . 26.85 49.31 -3.24
C55 P5S Y . 28.37 49.33 -3.03
C56 P5S Y . 28.96 47.92 -3.02
OXT P5S Y . 18.93 43.27 -16.44
N POV Z . 20.95 56.15 31.09
P POV Z . 18.07 54.47 28.22
C1 POV Z . 17.40 54.99 25.77
C2 POV Z . 16.20 55.22 24.84
C3 POV Z . 15.35 53.95 24.77
C210 POV Z . 11.08 55.87 18.24
C11 POV Z . 18.90 54.78 30.67
O11 POV Z . 16.99 55.06 27.12
C12 POV Z . 19.49 56.04 31.38
O12 POV Z . 17.98 55.22 29.68
C13 POV Z . 21.07 56.47 29.66
O13 POV Z . 17.82 53.00 28.40
C14 POV Z . 21.76 57.18 31.80
O14 POV Z . 19.45 54.73 27.67
C15 POV Z . 21.54 54.85 31.42
C21 POV Z . 17.13 56.83 23.39
O21 POV Z . 16.68 55.50 23.56
C22 POV Z . 18.28 57.13 22.39
O22 POV Z . 16.64 57.70 24.01
C23 POV Z . 17.82 57.03 20.91
C24 POV Z . 17.85 55.57 20.37
C25 POV Z . 16.76 55.31 19.29
C26 POV Z . 15.33 55.29 19.89
C27 POV Z . 14.50 56.54 19.49
C28 POV Z . 13.01 56.38 19.87
C29 POV Z . 12.06 56.93 18.75
C31 POV Z . 13.78 52.91 23.32
O31 POV Z . 14.53 54.06 23.62
C32 POV Z . 13.04 52.78 21.97
O32 POV Z . 13.72 52.01 24.11
C33 POV Z . 12.73 51.32 21.58
C34 POV Z . 12.51 51.14 20.05
C35 POV Z . 13.04 52.34 19.24
C36 POV Z . 13.61 51.92 17.85
C37 POV Z . 12.66 50.97 17.08
C38 POV Z . 12.47 51.40 15.61
N POV AA . 22.38 28.01 38.49
P POV AA . 21.41 26.61 34.42
C1 POV AA . 23.05 26.62 32.32
C2 POV AA . 22.49 26.52 30.89
C3 POV AA . 23.62 26.25 29.88
C210 POV AA . 15.71 29.00 20.77
C11 POV AA . 23.20 27.29 36.24
O11 POV AA . 22.24 25.83 33.20
C12 POV AA . 23.41 27.19 37.78
O12 POV AA . 22.18 26.37 35.87
C13 POV AA . 23.09 28.77 39.54
O13 POV AA . 21.37 28.09 34.12
C14 POV AA . 21.58 28.99 37.74
O14 POV AA . 19.99 26.08 34.51
C15 POV AA . 21.43 27.05 39.10
C21 POV AA . 20.66 27.60 29.80
O21 POV AA . 21.87 27.73 30.55
C22 POV AA . 20.70 27.58 28.25
O22 POV AA . 19.62 27.52 30.37
C23 POV AA . 19.28 27.72 27.63
C24 POV AA . 19.27 27.39 26.10
C25 POV AA . 18.05 26.52 25.70
C26 POV AA . 17.23 27.16 24.54
C27 POV AA . 17.67 26.61 23.15
C28 POV AA . 16.64 26.97 22.05
C29 POV AA . 16.16 28.44 22.14
C31 POV AA . 22.61 24.57 28.48
O31 POV AA . 23.61 24.91 29.44
C32 POV AA . 22.98 24.30 27.00
O32 POV AA . 21.47 24.49 28.79
C33 POV AA . 21.91 24.86 26.02
C34 POV AA . 21.68 23.95 24.80
C35 POV AA . 20.17 23.75 24.50
C36 POV AA . 19.90 22.42 23.73
C37 POV AA . 18.41 22.00 23.81
C38 POV AA . 18.09 20.76 22.95
PG ATP BA . -31.73 -53.77 -7.29
O1G ATP BA . -31.56 -53.53 -8.77
O2G ATP BA . -31.03 -52.77 -6.41
O3G ATP BA . -33.14 -54.07 -6.88
PB ATP BA . -29.52 -55.44 -7.68
O1B ATP BA . -29.69 -56.65 -8.57
O2B ATP BA . -28.96 -54.17 -8.25
O3B ATP BA . -30.95 -55.13 -7.00
PA ATP BA . -27.17 -56.45 -6.54
O1A ATP BA . -26.21 -55.32 -6.77
O2A ATP BA . -27.24 -57.60 -7.52
O3A ATP BA . -28.66 -55.86 -6.40
O5' ATP BA . -26.95 -57.05 -5.07
C5' ATP BA . -26.43 -58.36 -4.87
C4' ATP BA . -26.64 -58.71 -3.40
O4' ATP BA . -25.65 -58.03 -2.63
C3' ATP BA . -28.00 -58.23 -2.94
O3' ATP BA . -28.68 -59.29 -2.28
C2' ATP BA . -27.75 -57.12 -1.96
O2' ATP BA . -28.50 -57.35 -0.77
C1' ATP BA . -26.26 -57.16 -1.66
N9 ATP BA . -25.68 -55.81 -1.81
C8 ATP BA . -26.02 -54.91 -2.74
N7 ATP BA . -25.31 -53.76 -2.61
C5 ATP BA . -24.49 -53.93 -1.56
C6 ATP BA . -23.47 -53.13 -0.87
N6 ATP BA . -23.18 -51.86 -1.29
N1 ATP BA . -22.83 -53.68 0.18
C2 ATP BA . -23.12 -54.92 0.61
N3 ATP BA . -24.03 -55.71 0.03
C4 ATP BA . -24.74 -55.28 -1.03
O3 GBM CA . -9.31 -17.25 21.98
O4 GBM CA . -10.47 -16.37 26.02
O5 GBM CA . -8.96 -15.71 23.87
O6 GBM CA . -4.66 -21.90 30.25
CL1 GBM CA . -3.93 -19.58 34.96
S2 GBM CA . -9.65 -16.94 24.70
O7 GBM CA . -7.28 -18.85 30.12
N8 GBM CA . -11.06 -18.54 21.28
N9 GBM CA . -10.69 -17.81 23.67
N10 GBM CA . -5.94 -20.67 28.85
C11 GBM CA . -10.59 -18.50 19.91
C12 GBM CA . -11.80 -18.61 18.97
C13 GBM CA . -9.52 -19.57 19.73
C14 GBM CA . -12.28 -20.01 18.60
C15 GBM CA . -9.84 -20.54 18.60
C16 GBM CA . -11.24 -21.10 18.82
C17 GBM CA . -10.29 -17.82 22.29
C18 GBM CA . -8.35 -18.08 25.24
C19 GBM CA . -6.37 -19.81 26.05
C20 GBM CA . -5.28 -20.76 26.51
C21 GBM CA . -8.13 -19.24 24.55
C22 GBM CA . -7.59 -17.77 26.35
C23 GBM CA . -7.13 -20.11 24.95
C24 GBM CA . -6.60 -18.64 26.75
C25 GBM CA . -5.71 -21.57 27.73
C26 GBM CA . -5.33 -20.94 30.12
C27 GBM CA . -5.55 -20.02 31.30
C28 GBM CA . -6.50 -19.02 31.25
C29 GBM CA . -4.77 -20.18 32.42
C30 GBM CA . -6.67 -18.19 32.34
C31 GBM CA . -4.94 -19.36 33.51
C32 GBM CA . -5.90 -18.35 33.46
C33 GBM CA . -7.70 -17.53 29.91
C1 PTY DA . 6.05 0.05 15.49
C2 PTY DA . 7.12 -3.33 9.09
C3 PTY DA . 7.53 -3.58 10.54
O4 PTY DA . 6.51 1.32 15.09
C5 PTY DA . 7.84 -1.54 14.94
C6 PTY DA . 7.21 -0.74 16.07
O7 PTY DA . 6.79 -1.65 17.04
C8 PTY DA . 6.03 -1.16 18.10
O10 PTY DA . 4.86 -1.12 18.02
C11 PTY DA . 6.68 -0.69 19.39
C12 PTY DA . 5.72 0.11 20.25
C13 PTY DA . 4.86 -0.73 21.20
C14 PTY DA . 4.67 -0.07 22.56
C15 PTY DA . 5.26 -0.92 23.69
C16 PTY DA . 5.31 -0.22 25.05
C17 PTY DA . 5.38 -1.20 26.20
C18 PTY DA . 6.50 -2.22 26.05
C19 PTY DA . 6.41 -3.37 27.06
C20 PTY DA . 7.43 -4.48 26.81
C30 PTY DA . 5.61 2.35 15.36
C31 PTY DA . 5.98 3.45 16.34
O30 PTY DA . 4.56 2.38 14.82
C32 PTY DA . 5.94 2.99 17.79
C33 PTY DA . 5.39 4.07 18.71
C34 PTY DA . 5.53 3.70 20.18
C35 PTY DA . 6.98 3.51 20.57
P1 PTY DA . 6.85 -2.82 12.90
O11 PTY DA . 7.05 -2.52 11.30
O12 PTY DA . 5.48 -3.38 13.16
O13 PTY DA . 7.89 -3.83 13.27
O14 PTY DA . 7.04 -1.45 13.79
N1 PTY DA . 7.34 -1.94 8.74
C1 PTY EA . 12.13 -23.76 21.22
C2 PTY EA . 15.26 -27.60 16.84
C3 PTY EA . 13.80 -27.42 16.43
O4 PTY EA . 12.49 -23.11 22.39
C5 PTY EA . 11.55 -23.39 18.82
C6 PTY EA . 12.01 -22.72 20.12
O7 PTY EA . 13.26 -22.14 19.90
C8 PTY EA . 13.36 -20.79 20.27
O10 PTY EA . 13.02 -19.94 19.51
C11 PTY EA . 13.93 -20.40 21.63
C12 PTY EA . 14.15 -18.91 21.76
C13 PTY EA . 14.93 -18.55 23.02
C14 PTY EA . 14.33 -19.23 24.26
C15 PTY EA . 15.35 -19.32 25.40
C16 PTY EA . 14.70 -19.83 26.68
C17 PTY EA . 15.36 -19.23 27.93
C18 PTY EA . 14.52 -19.43 29.19
C19 PTY EA . 15.33 -19.19 30.46
C20 PTY EA . 16.13 -17.89 30.40
C30 PTY EA . 12.91 -23.95 23.42
C31 PTY EA . 13.49 -23.38 24.70
O30 PTY EA . 12.82 -25.13 23.29
C32 PTY EA . 13.78 -24.48 25.73
C33 PTY EA . 13.62 -23.99 27.17
C34 PTY EA . 14.94 -23.50 27.76
C35 PTY EA . 14.85 -23.31 29.28
P1 PTY EA . 12.91 -25.16 17.43
O11 PTY EA . 13.11 -26.79 17.48
O12 PTY EA . 14.27 -24.49 17.39
O13 PTY EA . 12.11 -24.76 16.22
O14 PTY EA . 12.11 -24.67 18.79
N1 PTY EA . 16.14 -27.39 15.72
C1 PTY FA . 12.90 7.23 43.42
C2 PTY FA . 9.37 11.49 47.97
C3 PTY FA . 10.56 11.89 47.09
O4 PTY FA . 12.18 6.79 42.31
C5 PTY FA . 13.12 9.07 45.06
C6 PTY FA . 12.35 8.59 43.84
O7 PTY FA . 10.99 8.47 44.15
C8 PTY FA . 10.10 9.21 43.36
O10 PTY FA . 9.29 9.90 43.87
C11 PTY FA . 10.16 9.12 41.83
C12 PTY FA . 8.96 8.40 41.23
C13 PTY FA . 8.66 8.88 39.80
C14 PTY FA . 7.99 7.81 38.93
C15 PTY FA . 8.76 6.51 38.90
C16 PTY FA . 8.26 5.56 37.82
C17 PTY FA . 9.08 5.61 36.54
C18 PTY FA . 8.36 4.97 35.36
C19 PTY FA . 9.24 3.96 34.61
C20 PTY FA . 9.77 2.87 35.52
C30 PTY FA . 12.97 6.27 41.29
C31 PTY FA . 12.38 5.97 39.92
O30 PTY FA . 14.11 6.04 41.50
C32 PTY FA . 13.35 6.27 38.78
C33 PTY FA . 12.72 6.02 37.40
C34 PTY FA . 13.48 6.70 36.29
C35 PTY FA . 13.18 6.11 34.92
P1 PTY FA . 12.90 10.68 47.12
O11 PTY FA . 11.74 11.64 47.80
O12 PTY FA . 13.26 9.56 48.06
O13 PTY FA . 14.12 11.53 46.86
O14 PTY FA . 12.37 10.07 45.69
N1 PTY FA . 9.77 11.47 49.36
C1 PTY GA . -2.33 4.41 17.77
C2 PTY GA . 1.81 2.82 11.73
C3 PTY GA . 0.61 3.75 11.92
O4 PTY GA . -3.07 4.80 18.88
C5 PTY GA . -2.96 3.85 15.43
C6 PTY GA . -3.23 3.55 16.90
O7 PTY GA . -4.56 3.83 17.20
C8 PTY GA . -5.30 2.74 17.68
O10 PTY GA . -6.03 2.14 16.94
C11 PTY GA . -5.20 2.32 19.14
C12 PTY GA . -6.57 2.27 19.82
C13 PTY GA . -6.48 1.81 21.28
C14 PTY GA . -5.63 2.75 22.14
C15 PTY GA . -4.53 2.00 22.88
C16 PTY GA . -4.42 2.40 24.35
C17 PTY GA . -3.28 1.67 25.05
C18 PTY GA . -2.99 2.22 26.44
C19 PTY GA . -1.78 1.54 27.08
C20 PTY GA . -1.18 2.36 28.21
C30 PTY GA . -2.48 4.47 20.11
C31 PTY GA . -2.92 5.22 21.38
O30 PTY GA . -1.65 3.64 20.17
C32 PTY GA . -2.15 4.76 22.61
C33 PTY GA . -0.78 5.43 22.72
C34 PTY GA . 0.00 4.94 23.94
C35 PTY GA . -0.79 5.11 25.23
P1 PTY GA . -1.06 3.07 13.81
O11 PTY GA . 0.31 3.81 13.28
O12 PTY GA . -0.77 1.61 14.05
O13 PTY GA . -2.14 3.20 12.77
O14 PTY GA . -1.58 3.77 15.21
N1 PTY GA . 3.03 3.57 11.56
C P5S HA . 10.18 -16.43 14.55
N P5S HA . 8.49 -17.19 12.97
O P5S HA . 10.77 -15.95 13.55
C1 P5S HA . 8.67 -15.05 19.39
C2 P5S HA . 7.46 -15.96 19.21
C3 P5S HA . 6.81 -15.66 17.86
CA P5S HA . 8.86 -17.18 14.37
CB P5S HA . 8.98 -18.61 14.89
OG P5S HA . 7.87 -18.86 15.70
P12 P5S HA . 7.81 -18.09 17.15
O13 P5S HA . 7.22 -19.00 18.18
O15 P5S HA . 9.24 -17.76 17.50
O16 P5S HA . 6.89 -16.73 16.95
C17 P5S HA . 10.49 -16.33 20.11
O18 P5S HA . 11.78 -16.68 19.70
O19 P5S HA . 9.84 -15.72 19.04
C20 P5S HA . 10.61 -15.39 21.29
C21 P5S HA . 11.58 -15.95 22.32
C22 P5S HA . 12.18 -14.86 23.21
C23 P5S HA . 12.77 -15.44 24.48
C24 P5S HA . 12.95 -14.36 25.53
C25 P5S HA . 13.67 -14.88 26.76
C26 P5S HA . 13.09 -14.28 28.05
C27 P5S HA . 14.18 -13.69 28.92
C28 P5S HA . 13.61 -13.06 30.18
C29 P5S HA . 14.54 -13.25 31.38
C30 P5S HA . 13.75 -13.52 32.65
C31 P5S HA . 13.03 -12.28 33.18
C32 P5S HA . 12.37 -12.56 34.53
C33 P5S HA . 13.27 -13.37 35.47
C34 P5S HA . 12.71 -13.46 36.88
C35 P5S HA . 12.91 -12.16 37.67
C36 P5S HA . 14.36 -11.68 37.62
O37 P5S HA . 6.56 -15.78 20.27
C38 P5S HA . 5.68 -14.69 20.24
C39 P5S HA . 6.09 -13.35 20.85
C40 P5S HA . 6.89 -13.51 22.13
C41 P5S HA . 7.50 -12.19 22.58
C42 P5S HA . 7.82 -12.19 24.06
C43 P5S HA . 9.31 -11.90 24.26
C44 P5S HA . 9.58 -10.99 25.45
C45 P5S HA . 11.09 -10.75 25.60
C46 P5S HA . 11.41 -9.80 26.75
O47 P5S HA . 4.59 -14.79 19.78
C48 P5S HA . 12.89 -9.80 27.09
C49 P5S HA . 13.30 -8.55 27.86
C50 P5S HA . 13.50 -8.83 29.33
C51 P5S HA . 14.89 -9.38 29.59
C52 P5S HA . 15.35 -9.07 31.01
C53 P5S HA . 14.96 -7.66 31.44
C54 P5S HA . 14.58 -7.61 32.92
C55 P5S HA . 15.38 -8.60 33.77
C56 P5S HA . 14.53 -9.25 34.85
OXT P5S HA . 10.67 -16.28 15.70
C1 PTY IA . 9.54 12.24 11.18
C2 PTY IA . 11.41 13.26 3.61
C3 PTY IA . 10.79 13.73 4.92
O4 PTY IA . 9.31 13.46 10.52
C5 PTY IA . 10.37 11.87 8.88
C6 PTY IA . 10.53 11.45 10.33
O7 PTY IA . 10.28 10.08 10.46
C8 PTY IA . 11.41 9.27 10.35
O10 PTY IA . 12.12 9.37 9.41
C11 PTY IA . 11.76 8.27 11.45
C12 PTY IA . 10.98 8.51 12.75
C13 PTY IA . 11.89 8.69 13.96
C14 PTY IA . 12.83 9.90 13.83
C15 PTY IA . 12.79 10.82 15.04
C16 PTY IA . 14.05 10.75 15.90
C17 PTY IA . 14.12 9.47 16.72
C18 PTY IA . 13.58 9.62 18.14
C19 PTY IA . 13.91 8.42 19.02
C20 PTY IA . 13.96 8.77 20.51
C30 PTY IA . 8.29 14.24 11.10
C31 PTY IA . 8.59 15.03 12.38
O30 PTY IA . 7.22 14.30 10.61
C32 PTY IA . 9.35 16.33 12.11
C33 PTY IA . 8.41 17.48 11.73
C34 PTY IA . 8.93 18.84 12.17
C35 PTY IA . 7.90 19.95 11.98
P1 PTY IA . 11.33 13.85 7.48
O11 PTY IA . 11.65 13.33 5.95
O12 PTY IA . 12.28 14.95 7.85
O13 PTY IA . 9.93 14.36 7.57
O14 PTY IA . 11.51 12.58 8.52
N1 PTY IA . 12.32 12.15 3.85
C P5S JA . 13.90 -15.17 12.49
N P5S JA . 12.50 -13.26 13.14
O P5S JA . 14.15 -15.60 11.33
C1 P5S JA . 18.83 -17.15 16.05
C2 P5S JA . 17.33 -17.39 16.09
C3 P5S JA . 16.74 -17.05 14.72
CA P5S JA . 13.85 -13.67 12.75
CB P5S JA . 14.84 -13.27 13.83
OG P5S JA . 16.14 -13.50 13.33
P12 P5S JA . 17.12 -14.52 14.17
O13 P5S JA . 18.16 -15.08 13.23
O15 P5S JA . 17.80 -13.78 15.29
O16 P5S JA . 16.24 -15.75 14.80
C17 P5S JA . 20.49 -17.01 14.39
O18 P5S JA . 20.14 -15.71 14.00
O19 P5S JA . 19.35 -17.67 14.86
C20 P5S JA . 21.56 -16.96 15.47
C21 P5S JA . 22.02 -15.54 15.79
C22 P5S JA . 22.95 -15.50 17.00
C23 P5S JA . 23.63 -14.15 17.17
C24 P5S JA . 25.14 -14.26 17.34
C25 P5S JA . 25.65 -13.51 18.56
C26 P5S JA . 26.68 -14.33 19.34
C27 P5S JA . 27.17 -13.59 20.59
C28 P5S JA . 27.89 -14.52 21.56
C29 P5S JA . 29.41 -14.40 21.50
C30 P5S JA . 30.03 -14.00 22.84
C31 P5S JA . 31.26 -13.10 22.67
C32 P5S JA . 31.89 -12.72 24.01
C33 P5S JA . 30.90 -12.03 24.94
C34 P5S JA . 31.55 -10.87 25.69
C35 P5S JA . 31.10 -10.81 27.16
C36 P5S JA . 32.15 -10.17 28.05
O37 P5S JA . 16.75 -16.55 17.05
C38 P5S JA . 16.51 -17.17 18.28
C39 P5S JA . 16.34 -16.31 19.54
C40 P5S JA . 17.41 -16.63 20.58
C41 P5S JA . 17.24 -15.79 21.84
C42 P5S JA . 18.37 -16.07 22.82
C43 P5S JA . 18.22 -15.25 24.10
C44 P5S JA . 17.96 -16.11 25.33
C45 P5S JA . 17.29 -15.34 26.44
C46 P5S JA . 18.19 -15.21 27.67
O47 P5S JA . 16.44 -18.35 18.36
C48 P5S JA . 17.73 -14.07 28.59
C49 P5S JA . 18.86 -13.12 28.97
C50 P5S JA . 18.33 -11.72 29.28
C51 P5S JA . 19.42 -10.65 29.20
C52 P5S JA . 20.18 -10.49 30.51
C53 P5S JA . 19.25 -10.11 31.67
C54 P5S JA . 20.01 -9.43 32.82
C55 P5S JA . 19.05 -8.72 33.78
C56 P5S JA . 19.75 -7.69 34.65
OXT P5S JA . 13.70 -15.98 13.43
C1 PTY KA . 12.81 -9.67 46.58
C2 PTY KA . 15.06 -12.16 52.65
C3 PTY KA . 15.59 -11.25 51.54
O4 PTY KA . 13.41 -9.56 45.32
C5 PTY KA . 12.56 -8.26 48.59
C6 PTY KA . 12.41 -8.28 47.07
O7 PTY KA . 11.07 -8.01 46.74
C8 PTY KA . 10.73 -8.10 45.38
O10 PTY KA . 10.31 -9.11 44.93
C11 PTY KA . 10.90 -6.91 44.45
C12 PTY KA . 10.61 -7.31 43.00
C13 PTY KA . 11.83 -7.19 42.11
C14 PTY KA . 11.83 -8.20 40.96
C15 PTY KA . 10.55 -8.15 40.15
C16 PTY KA . 10.83 -7.95 38.65
C17 PTY KA . 11.79 -6.79 38.42
C18 PTY KA . 11.55 -6.08 37.09
C19 PTY KA . 11.83 -6.96 35.88
C20 PTY KA . 11.72 -6.18 34.57
C30 PTY KA . 13.84 -10.79 44.81
C31 PTY KA . 12.84 -11.74 44.15
O30 PTY KA . 14.98 -11.09 44.89
C32 PTY KA . 12.45 -11.30 42.74
C33 PTY KA . 11.83 -12.41 41.91
C34 PTY KA . 10.36 -12.65 42.26
C35 PTY KA . 9.46 -11.51 41.81
P1 PTY KA . 13.87 -9.58 50.47
O11 PTY KA . 14.58 -11.06 50.60
O12 PTY KA . 12.75 -9.47 51.49
O13 PTY KA . 14.88 -8.49 50.71
O14 PTY KA . 13.24 -9.43 48.95
N1 PTY KA . 15.98 -13.25 52.89
C1 PTY LA . 9.03 5.58 15.36
C2 PTY LA . 7.71 2.45 7.96
C3 PTY LA . 7.61 1.51 9.15
O4 PTY LA . 10.01 5.85 16.32
C5 PTY LA . 8.83 4.54 13.14
C6 PTY LA . 9.44 4.36 14.52
O7 PTY LA . 8.95 3.19 15.10
C8 PTY LA . 9.90 2.35 15.69
O10 PTY LA . 10.62 1.70 15.01
C11 PTY LA . 10.05 2.24 17.20
C12 PTY LA . 10.62 0.90 17.63
C13 PTY LA . 11.09 0.90 19.07
C14 PTY LA . 10.10 1.60 19.99
C15 PTY LA . 10.76 2.10 21.28
C16 PTY LA . 11.41 0.97 22.09
C17 PTY LA . 12.03 1.48 23.38
C18 PTY LA . 11.00 1.70 24.47
C19 PTY LA . 11.59 2.43 25.67
C20 PTY LA . 10.75 2.28 26.94
C30 PTY LA . 9.49 6.19 17.56
C31 PTY LA . 10.27 5.91 18.84
O30 PTY LA . 8.43 6.71 17.64
C32 PTY LA . 9.53 6.34 20.09
C33 PTY LA . 10.31 6.04 21.37
C34 PTY LA . 9.54 6.41 22.63
C35 PTY LA . 10.32 6.13 23.91
P1 PTY LA . 7.87 3.21 11.11
O11 PTY LA . 8.43 1.98 10.17
O12 PTY LA . 8.01 4.52 10.36
O13 PTY LA . 6.42 2.97 11.42
O14 PTY LA . 8.75 3.30 12.50
N1 PTY LA . 8.96 3.18 8.00
#